data_8IXN
#
_entry.id   8IXN
#
_cell.length_a   1.00
_cell.length_b   1.00
_cell.length_c   1.00
_cell.angle_alpha   90.00
_cell.angle_beta   90.00
_cell.angle_gamma   90.00
#
_symmetry.space_group_name_H-M   'P 1'
#
loop_
_entity.id
_entity.type
_entity.pdbx_description
1 polymer 'Piezo-type mechanosensitive ion channel component 1'
2 non-polymer (9R,11S)-9-({[(1S)-1-HYDROXYHEXADECYL]OXY}METHYL)-2,2-DIMETHYL-5,7,10-TRIOXA-2LAMBDA~5~-AZA-6LAMBDA~5~-PHOSPHAOCTACOSANE-6,6,11-TRIOL
3 non-polymer 1,2-dioleoyl-sn-glycero-3-phosphoethanolamine
4 non-polymer O-[(R)-{[(2R)-2,3-bis(octadecanoyloxy)propyl]oxy}(hydroxy)phosphoryl]-L-serine
#
_entity_poly.entity_id   1
_entity_poly.type   'polypeptide(L)'
_entity_poly.pdbx_seq_one_letter_code
;MEPHVLGAGLYWLLLPCTLLAASLLRFNALSLVYLLFLLLLPWLPGPSRHSIPGHTGRLLRALLCLSLLFLVAHLAFQIC
LHTVPHLDQFLGQNGSLWVKVSQHIGVTRLDLKDIFNTTRLVAPDLGVLLASSLCLGLCGRLTRKAGQSRRTQELQDDDD
DDDDDDEDIDAAPAVGLKGAPALATKRRLWLASRFRVTAHWLLMTSGRTLVIVLLALAGIAHPSAFSSIYLVVFLAICTW
WSCHFPLSPLGFNTLCVMVSCFGAGHLICLYCYQTPFIQDMLPPGNIWARLFGLKNFVDLPNYSSPNALVLNTKHAWPIY
VSPGILLLLYYTATSLLKLHKSCPSELRKETPREDEEHELELDHLEPEPQARDATQGEMPMTTEPDLDNCTVHVLTSQSP
VRQRPVRPRLAELKEMSPLHGLGHLIMDQSYVCALIAMMVWSIMYHSWLTFVLLLWACLIWTVRSRHQLAMLCSPCILLY
GLTLCCLRYVWAMELPELPTTLGPVSLHQLGLEHTRYPCLDLGAMLLYLLTFWLLLRQFVKEKLLKKQKVPAALLEVTVA
DTEPTQTQTLLRSLGELVTGIYVKYWIYVCAGMFIVVSFAGRLVVYKIVYMFLFLLCLTLFQVYYTLWRKLLRVFWWLVV
AYTMLVLIAVYTFQFQDFPTYWRNLTGFTDEQLGDLGLEQFSVSELFSSILIPGFFLLACILQLHYFHRPFMQLTDLEHV
PPPGTRHPRWAHRQDAVSEAPLLEHQEEEEVFREDGQSMDGPHQATQVPEGTASKWGLVADRLLDLAASFSAVLTRIQVF
VRRLLELHVFKLVALYTVWVALKEVSVMNLLLVVLWAFALPYPRFRPMASCLSTVWTCIIIVCKMLYQLKIVNPHEYSSN
CTEPFPNNTNLQPLEINQSLLYRGPVDPANWFGVRKGYPNLGYIQNHLQILLLLVFEAVVYRRQEHYRRQHQQAPLPAQA
VCADGTRQRLDQDLLSCLKYFINFFFYKFGLEICFLMAVNVIGQRMNFMVILHGCWLVAILTRRRREAIARLWPNYCLFL
TLFLLYQYLLCLGMPPALCIDYPWRWSKAIPMNSALIKWLYLPDFFRAPNSTNLISDFLLLLCASQQWQVFSAERTEEWQ
RMAGINTDHLEPLRGEPNPIPNFIHCRSYLDMLKVAVFRYLFWLVLVVVFVAGATRISIFGLGYLLACFYLLLFGTTLLQ
KDTRAQLVLWDCLILYNVTVIISKNMLSLLSCVFVEQMQSNFCWVIQLFSLVCTVKGYYDPKEMMTRDRDCLLPVEEAGI
IWDSICFFFLLLQRRIFLSHYFLHVSADLKATALQASRGFALYNAANLKSINFHRQIEEKSLAQLKRQMKRIRAKQEKYR
QSQASRGQLQSKDPQDPSQEPGPDSPGGSSPPRRQWWRPWLDHATVIHSGDYFLFESDSEEEEEALPEDPRPAAQSAFQM
AYQAWVTNAQTVLRQRRERARQERAEQLASGGDLNPDVEPVDVPEDEMAGRSHMMQRVLSTMQFLWVLGQATVDGLTRWL
RAFTKHHRTMSDVLCAERYLLTQELLRVGEVRRGVLDQLYVGEDEATLSGPVETRDGPSTASSGLGAEEPLSSMTDDTSS
PLSTGYNTRSGSEEIVTDAGDLQAGTSLHGSQELLANARTRMRTASELLLDRRLHIPELEEAERFEAQQGRTLRLLRAGY
QCVAAHSELLCYFIIILNHMVTASAASLVLPVLVFLWAMLTIPRPSKRFWMTAIVFTEVMVVTKYLFQFGFFPWNSYVVL
RRYENKPYFPPRILGLEKTDSYIKYDLVQLMALFFHRSQLLCYGLWDHEEDRYPKDHCRSSVKDREAKEEPEAKLESQSE
TGTGHPKEPVLAGTPRDHIQGKGSIRSKDVIQDPPEDLKPRHTRHISIRFRRRKETPGPKGTAVMETEHEEGEGKETTER
KRPRHTQEKSKFRERMKAAGRRLQSFCVSLAQSFYQPLQRFFHDILHTKYRAATDVYALMFLADIVDIIIIIFGFWAFGK
HSAATDIASSLSDDQVPQAFLFMLLVQFGTMVIDRALYLRKTVLGKLAFQVVLVVAIHIWMFFILPAVTERMFSQNAVAQ
LWYFVKCIYFALSAYQIRCGYPTRILGNFLTKKYNHLNLFLFQGFRLVPFLVELRAVMDWVWTDTTLSLSNWMCVEDIYA
NIFIIKCSRETEKKYPQPKGQKKKKIVKYGMGGLIILFLIAIIWFPLLFMSLIRSVVGVVNQPIDVTVTLKLGGYEPLFT
MSAQQPSIVPFTPQAYEELSQQFDPYPLAMQFISQYSPEDIVTAQIEGSSGALWRISPPSRAQMKQELYNGTADITLRFT
WNFQRDLAKGGTVEYTNEKHTLELAPNSTARRQLAQLLEGRPDQSVVIPHLFPKYIRAPNGPEANPVKQLQPDEEEDYLG
VRIQLRREQVGTGASGEQAGTKASDFLEWWVIELQDCKADCNLLPMVIFSDKVSPPSLGFLAGYGIVGLYVEIVLVVGKF
VRGFFSEISHSIMFEELPCVDRILKLCQDIFLVRETRELELEEELYAKLIFLYRSPETMIKWTRERE
;
_entity_poly.pdbx_strand_id   C,A,D
#
loop_
_chem_comp.id
_chem_comp.type
_chem_comp.name
_chem_comp.formula
P5S non-polymer O-[(R)-{[(2R)-2,3-bis(octadecanoyloxy)propyl]oxy}(hydroxy)phosphoryl]-L-serine 'C42 H82 N O10 P'
PEE non-polymer 1,2-dioleoyl-sn-glycero-3-phosphoethanolamine 'C41 H78 N O8 P'
PLX non-polymer (9R,11S)-9-({[(1S)-1-HYDROXYHEXADECYL]OXY}METHYL)-2,2-DIMETHYL-5,7,10-TRIOXA-2LAMBDA~5~-AZA-6LAMBDA~5~-PHOSPHAOCTACOSANE-6,6,11-TRIOL 'C42 H89 N O8 P 1'
#
# COMPACT_ATOMS: atom_id res chain seq x y z
N GLU A 576 -39.10 40.53 -84.23
CA GLU A 576 -38.42 41.77 -84.56
C GLU A 576 -37.94 42.48 -83.30
N LEU A 577 -37.90 41.74 -82.19
CA LEU A 577 -37.44 42.31 -80.92
C LEU A 577 -35.96 42.70 -81.01
N VAL A 578 -35.15 41.87 -81.66
CA VAL A 578 -33.73 42.19 -81.82
C VAL A 578 -33.56 43.45 -82.68
N THR A 579 -34.41 43.60 -83.69
CA THR A 579 -34.36 44.81 -84.51
C THR A 579 -34.66 46.06 -83.67
N GLY A 580 -35.67 45.98 -82.80
CA GLY A 580 -35.96 47.11 -81.93
C GLY A 580 -34.85 47.39 -80.95
N ILE A 581 -34.23 46.34 -80.41
CA ILE A 581 -33.12 46.53 -79.49
C ILE A 581 -31.95 47.20 -80.19
N TYR A 582 -31.65 46.78 -81.42
CA TYR A 582 -30.60 47.42 -82.20
C TYR A 582 -30.94 48.87 -82.51
N VAL A 583 -32.20 49.14 -82.85
CA VAL A 583 -32.61 50.51 -83.15
C VAL A 583 -32.50 51.39 -81.91
N LYS A 584 -32.71 50.82 -80.73
CA LYS A 584 -32.64 51.59 -79.49
C LYS A 584 -31.19 51.77 -79.03
N TYR A 585 -30.48 50.67 -78.79
CA TYR A 585 -29.14 50.72 -78.22
C TYR A 585 -28.07 50.71 -79.32
N TRP A 586 -28.13 51.73 -80.17
CA TRP A 586 -27.12 51.94 -81.20
C TRP A 586 -26.44 53.29 -81.10
N ILE A 587 -27.18 54.36 -80.79
CA ILE A 587 -26.56 55.67 -80.62
C ILE A 587 -25.60 55.66 -79.45
N TYR A 588 -25.98 55.01 -78.35
CA TYR A 588 -25.08 54.88 -77.21
C TYR A 588 -23.82 54.10 -77.56
N VAL A 589 -23.97 53.02 -78.33
CA VAL A 589 -22.82 52.24 -78.75
C VAL A 589 -21.91 53.07 -79.65
N CYS A 590 -22.50 53.83 -80.57
CA CYS A 590 -21.70 54.68 -81.45
C CYS A 590 -20.95 55.74 -80.66
N ALA A 591 -21.62 56.35 -79.68
CA ALA A 591 -20.97 57.36 -78.84
C ALA A 591 -19.83 56.74 -78.02
N GLY A 592 -20.05 55.54 -77.49
CA GLY A 592 -18.99 54.86 -76.77
C GLY A 592 -17.80 54.53 -77.65
N MET A 593 -18.06 54.09 -78.89
CA MET A 593 -16.97 53.85 -79.83
C MET A 593 -16.22 55.13 -80.15
N PHE A 594 -16.95 56.24 -80.34
CA PHE A 594 -16.30 57.51 -80.61
C PHE A 594 -15.43 57.95 -79.43
N ILE A 595 -15.92 57.75 -78.21
CA ILE A 595 -15.12 58.09 -77.03
C ILE A 595 -13.89 57.20 -76.94
N VAL A 596 -14.04 55.90 -77.23
CA VAL A 596 -12.92 54.97 -77.15
C VAL A 596 -11.89 55.27 -78.23
N VAL A 597 -12.31 55.86 -79.35
CA VAL A 597 -11.37 56.20 -80.41
C VAL A 597 -10.33 57.18 -79.91
N SER A 598 -10.78 58.20 -79.18
CA SER A 598 -9.85 59.10 -78.51
C SER A 598 -9.24 58.40 -77.30
N PHE A 599 -7.97 58.69 -77.03
CA PHE A 599 -7.24 58.08 -75.92
C PHE A 599 -7.25 56.56 -75.98
N LEU A 603 -0.89 58.74 -77.46
CA LEU A 603 -2.03 59.06 -78.29
C LEU A 603 -1.69 60.18 -79.29
N VAL A 604 -2.21 60.07 -80.50
CA VAL A 604 -1.99 61.10 -81.51
C VAL A 604 -2.74 62.35 -81.13
N VAL A 605 -2.17 63.51 -81.47
CA VAL A 605 -2.73 64.78 -81.02
C VAL A 605 -3.92 65.19 -81.88
N TYR A 606 -3.69 65.34 -83.18
CA TYR A 606 -4.67 66.00 -84.05
C TYR A 606 -5.96 65.19 -84.15
N LYS A 607 -5.86 63.90 -84.47
CA LYS A 607 -7.05 63.09 -84.69
C LYS A 607 -7.87 62.96 -83.41
N ILE A 608 -7.20 62.67 -82.28
CA ILE A 608 -7.91 62.52 -81.02
C ILE A 608 -8.55 63.84 -80.60
N VAL A 609 -7.83 64.95 -80.80
CA VAL A 609 -8.39 66.25 -80.45
C VAL A 609 -9.62 66.56 -81.28
N TYR A 610 -9.56 66.29 -82.59
CA TYR A 610 -10.71 66.56 -83.44
C TYR A 610 -11.91 65.69 -83.04
N MET A 611 -11.66 64.40 -82.78
CA MET A 611 -12.75 63.51 -82.40
C MET A 611 -13.37 63.93 -81.07
N PHE A 612 -12.53 64.29 -80.10
CA PHE A 612 -13.05 64.73 -78.80
C PHE A 612 -13.84 66.02 -78.94
N LEU A 613 -13.35 66.96 -79.76
CA LEU A 613 -14.09 68.20 -79.97
C LEU A 613 -15.44 67.94 -80.62
N PHE A 614 -15.49 67.05 -81.61
CA PHE A 614 -16.76 66.71 -82.24
C PHE A 614 -17.72 66.08 -81.25
N LEU A 615 -17.22 65.14 -80.44
CA LEU A 615 -18.08 64.49 -79.44
C LEU A 615 -18.59 65.49 -78.42
N LEU A 616 -17.72 66.39 -77.95
CA LEU A 616 -18.14 67.39 -76.97
C LEU A 616 -19.17 68.34 -77.56
N CYS A 617 -18.99 68.75 -78.81
CA CYS A 617 -19.96 69.62 -79.46
C CYS A 617 -21.31 68.91 -79.59
N LEU A 618 -21.30 67.65 -79.98
CA LEU A 618 -22.55 66.90 -80.09
C LEU A 618 -23.24 66.78 -78.74
N THR A 619 -22.47 66.47 -77.69
CA THR A 619 -23.06 66.35 -76.35
C THR A 619 -23.61 67.68 -75.86
N LEU A 620 -22.91 68.78 -76.13
CA LEU A 620 -23.40 70.09 -75.73
C LEU A 620 -24.68 70.46 -76.47
N PHE A 621 -24.74 70.14 -77.77
CA PHE A 621 -25.95 70.39 -78.54
C PHE A 621 -27.11 69.56 -78.00
N GLN A 622 -26.84 68.30 -77.64
CA GLN A 622 -27.89 67.46 -77.05
C GLN A 622 -28.37 68.03 -75.72
N VAL A 623 -27.43 68.53 -74.90
CA VAL A 623 -27.81 69.15 -73.63
C VAL A 623 -28.68 70.37 -73.86
N TYR A 624 -28.31 71.19 -74.86
CA TYR A 624 -29.16 72.31 -75.24
C TYR A 624 -30.45 71.86 -75.90
N TYR A 625 -30.49 70.62 -76.40
CA TYR A 625 -31.68 70.05 -77.04
C TYR A 625 -32.16 70.87 -78.22
N THR A 626 -31.23 71.53 -78.91
CA THR A 626 -31.57 72.35 -80.07
C THR A 626 -31.33 71.64 -81.39
N LEU A 627 -30.40 70.69 -81.44
CA LEU A 627 -30.10 69.95 -82.66
C LEU A 627 -30.48 68.48 -82.54
N TRP A 628 -29.95 67.78 -81.53
CA TRP A 628 -30.29 66.38 -81.36
C TRP A 628 -31.75 66.17 -80.95
N ARG A 629 -32.40 67.21 -80.44
CA ARG A 629 -33.79 67.11 -80.01
C ARG A 629 -34.73 68.09 -80.69
N LYS A 630 -34.22 69.07 -81.44
CA LYS A 630 -35.06 70.04 -82.13
C LYS A 630 -34.69 70.27 -83.59
N LEU A 631 -33.50 69.90 -84.02
CA LEU A 631 -33.03 70.09 -85.39
C LEU A 631 -32.37 68.82 -85.91
N LEU A 632 -33.08 67.69 -85.76
CA LEU A 632 -32.51 66.38 -86.06
C LEU A 632 -31.78 66.33 -87.40
N ARG A 633 -32.14 67.21 -88.34
CA ARG A 633 -31.35 67.35 -89.56
C ARG A 633 -29.90 67.70 -89.23
N VAL A 634 -29.70 68.52 -88.18
CA VAL A 634 -28.34 68.83 -87.75
C VAL A 634 -27.66 67.58 -87.19
N PHE A 635 -28.42 66.70 -86.52
CA PHE A 635 -27.85 65.45 -86.04
C PHE A 635 -27.40 64.58 -87.20
N TRP A 636 -28.23 64.47 -88.25
CA TRP A 636 -27.84 63.70 -89.43
C TRP A 636 -26.62 64.31 -90.10
N TRP A 637 -26.57 65.64 -90.20
CA TRP A 637 -25.42 66.30 -90.80
C TRP A 637 -24.17 66.07 -89.97
N LEU A 638 -24.29 66.05 -88.64
CA LEU A 638 -23.15 65.78 -87.78
C LEU A 638 -22.67 64.35 -87.95
N VAL A 639 -23.60 63.40 -88.10
CA VAL A 639 -23.20 62.01 -88.35
C VAL A 639 -22.46 61.90 -89.67
N VAL A 640 -22.97 62.57 -90.71
CA VAL A 640 -22.31 62.55 -92.02
C VAL A 640 -20.93 63.19 -91.93
N ALA A 641 -20.81 64.30 -91.19
CA ALA A 641 -19.53 64.97 -91.04
C ALA A 641 -18.54 64.10 -90.28
N TYR A 642 -19.01 63.39 -89.25
CA TYR A 642 -18.13 62.46 -88.53
C TYR A 642 -17.66 61.35 -89.45
N THR A 643 -18.56 60.81 -90.28
CA THR A 643 -18.15 59.78 -91.23
C THR A 643 -17.11 60.31 -92.21
N MET A 644 -17.33 61.54 -92.72
CA MET A 644 -16.37 62.14 -93.64
C MET A 644 -15.02 62.37 -92.98
N LEU A 645 -15.03 62.84 -91.73
CA LEU A 645 -13.78 63.04 -91.01
C LEU A 645 -13.05 61.72 -90.80
N VAL A 646 -13.79 60.65 -90.48
CA VAL A 646 -13.17 59.34 -90.31
C VAL A 646 -12.57 58.87 -91.63
N LEU A 647 -13.27 59.10 -92.73
CA LEU A 647 -12.76 58.71 -94.04
C LEU A 647 -11.64 59.60 -94.54
N ILE A 648 -11.46 60.78 -93.95
CA ILE A 648 -10.40 61.70 -94.35
C ILE A 648 -9.11 61.35 -93.63
N ALA A 649 -9.09 60.20 -92.97
CA ALA A 649 -7.88 59.74 -92.28
C ALA A 649 -6.77 59.33 -93.24
N VAL A 650 -7.06 59.21 -94.53
CA VAL A 650 -6.06 58.84 -95.52
C VAL A 650 -6.34 59.54 -96.84
N SER A 684 5.97 54.72 -90.43
CA SER A 684 4.87 54.63 -89.47
C SER A 684 4.65 53.18 -89.03
N GLU A 685 5.05 52.87 -87.80
CA GLU A 685 4.91 51.53 -87.25
C GLU A 685 3.57 51.30 -86.59
N LEU A 686 2.68 52.29 -86.58
CA LEU A 686 1.36 52.15 -85.98
C LEU A 686 0.36 51.57 -86.99
N PHE A 687 0.67 50.35 -87.43
CA PHE A 687 -0.19 49.68 -88.41
C PHE A 687 -1.56 49.37 -87.80
N SER A 688 -1.60 48.95 -86.54
CA SER A 688 -2.85 48.57 -85.91
C SER A 688 -3.72 49.76 -85.51
N SER A 689 -3.17 50.97 -85.52
CA SER A 689 -3.96 52.14 -85.11
C SER A 689 -5.14 52.35 -86.04
N ILE A 690 -4.92 52.22 -87.35
CA ILE A 690 -6.01 52.37 -88.31
C ILE A 690 -7.07 51.28 -88.13
N LEU A 691 -6.73 50.20 -87.41
CA LEU A 691 -7.73 49.20 -87.08
C LEU A 691 -8.83 49.77 -86.19
N ILE A 692 -8.51 50.76 -85.37
CA ILE A 692 -9.51 51.38 -84.50
C ILE A 692 -10.40 52.30 -85.32
N PRO A 693 -9.83 53.14 -86.19
CA PRO A 693 -10.69 54.05 -86.98
C PRO A 693 -11.68 53.32 -87.87
N GLY A 694 -11.23 52.28 -88.57
CA GLY A 694 -12.11 51.58 -89.48
C GLY A 694 -13.33 51.01 -88.78
N PHE A 695 -13.12 50.36 -87.64
CA PHE A 695 -14.25 49.89 -86.84
C PHE A 695 -15.19 51.04 -86.53
N PHE A 696 -14.63 52.18 -86.09
CA PHE A 696 -15.46 53.35 -85.85
C PHE A 696 -16.25 53.71 -87.10
N LEU A 697 -15.56 53.77 -88.24
CA LEU A 697 -16.26 54.06 -89.49
C LEU A 697 -17.37 53.05 -89.72
N LEU A 698 -17.06 51.77 -89.52
CA LEU A 698 -18.09 50.75 -89.72
C LEU A 698 -19.28 51.03 -88.82
N ALA A 699 -19.02 51.33 -87.55
CA ALA A 699 -20.12 51.62 -86.63
C ALA A 699 -20.94 52.78 -87.18
N CYS A 700 -20.28 53.86 -87.59
CA CYS A 700 -21.01 55.00 -88.12
C CYS A 700 -21.86 54.57 -89.31
N ILE A 701 -21.27 53.79 -90.21
CA ILE A 701 -22.03 53.35 -91.38
C ILE A 701 -23.26 52.61 -90.94
N LEU A 702 -23.11 51.68 -89.98
CA LEU A 702 -24.26 50.93 -89.50
C LEU A 702 -25.30 51.88 -88.93
N GLN A 703 -24.86 52.84 -88.12
CA GLN A 703 -25.80 53.77 -87.52
C GLN A 703 -26.50 54.59 -88.60
N LEU A 704 -25.79 54.90 -89.69
CA LEU A 704 -26.39 55.65 -90.78
C LEU A 704 -27.17 54.79 -91.74
N HIS A 705 -27.03 53.46 -91.67
CA HIS A 705 -27.69 52.59 -92.65
C HIS A 705 -29.20 52.56 -92.42
N TYR A 706 -29.63 52.02 -91.28
CA TYR A 706 -31.04 51.96 -90.94
C TYR A 706 -31.33 52.38 -89.51
N PHE A 707 -30.31 52.55 -88.66
CA PHE A 707 -30.53 52.89 -87.27
C PHE A 707 -30.95 54.35 -87.09
N HIS A 708 -30.44 55.25 -87.92
CA HIS A 708 -30.75 56.67 -87.76
C HIS A 708 -32.25 56.93 -87.93
N ARG A 709 -32.82 56.46 -89.05
CA ARG A 709 -34.25 56.63 -89.28
C ARG A 709 -35.09 55.95 -88.22
N PRO A 710 -34.81 54.70 -87.82
CA PRO A 710 -35.62 54.08 -86.76
C PRO A 710 -35.52 54.81 -85.43
N PHE A 711 -34.32 55.22 -85.04
CA PHE A 711 -34.15 55.93 -83.77
C PHE A 711 -34.90 57.25 -83.80
N MET A 712 -34.79 58.00 -84.91
CA MET A 712 -35.50 59.27 -85.01
C MET A 712 -37.01 59.07 -85.01
N GLN A 713 -37.50 58.04 -85.71
CA GLN A 713 -38.93 57.81 -85.78
C GLN A 713 -39.49 57.33 -84.44
N LEU A 714 -38.71 56.58 -83.67
CA LEU A 714 -39.19 56.06 -82.40
C LEU A 714 -38.99 57.02 -81.24
N THR A 715 -38.05 57.96 -81.35
CA THR A 715 -37.82 58.91 -80.27
C THR A 715 -38.89 60.01 -80.24
N ASP A 716 -39.37 60.43 -81.40
CA ASP A 716 -40.32 61.53 -81.46
C ASP A 716 -41.67 61.14 -80.85
N LEU A 717 -42.33 62.12 -80.25
CA LEU A 717 -43.65 61.93 -79.65
C LEU A 717 -44.76 62.60 -80.45
N GLU A 718 -44.46 63.08 -81.66
CA GLU A 718 -45.45 63.74 -82.49
C GLU A 718 -45.38 63.24 -83.93
N LEU A 784 -43.65 26.49 -64.00
CA LEU A 784 -43.65 27.91 -63.66
C LEU A 784 -43.71 28.79 -64.91
N ASP A 785 -44.87 29.41 -65.14
CA ASP A 785 -45.09 30.28 -66.29
C ASP A 785 -45.33 31.72 -65.84
N LEU A 786 -44.55 32.18 -64.87
CA LEU A 786 -44.76 33.46 -64.20
C LEU A 786 -44.26 34.66 -65.01
N ALA A 787 -44.04 34.52 -66.32
CA ALA A 787 -43.46 35.61 -67.10
C ALA A 787 -44.35 36.84 -67.14
N ALA A 788 -45.67 36.67 -67.04
CA ALA A 788 -46.58 37.81 -67.10
C ALA A 788 -46.52 38.65 -65.83
N SER A 789 -46.53 38.00 -64.67
CA SER A 789 -46.41 38.73 -63.41
C SER A 789 -45.08 39.46 -63.32
N PHE A 790 -44.00 38.79 -63.72
CA PHE A 790 -42.70 39.45 -63.73
C PHE A 790 -42.67 40.63 -64.70
N SER A 791 -43.27 40.48 -65.87
CA SER A 791 -43.27 41.59 -66.83
C SER A 791 -44.04 42.78 -66.27
N ALA A 792 -45.19 42.52 -65.64
CA ALA A 792 -45.93 43.61 -65.00
C ALA A 792 -45.11 44.24 -63.88
N VAL A 793 -44.36 43.42 -63.13
CA VAL A 793 -43.54 43.95 -62.05
C VAL A 793 -42.45 44.87 -62.60
N LEU A 794 -41.80 44.46 -63.69
CA LEU A 794 -40.82 45.34 -64.32
C LEU A 794 -41.46 46.63 -64.81
N THR A 795 -42.68 46.56 -65.38
CA THR A 795 -43.32 47.78 -65.84
C THR A 795 -43.57 48.75 -64.68
N ARG A 796 -44.14 48.25 -63.58
CA ARG A 796 -44.44 49.14 -62.46
C ARG A 796 -43.17 49.67 -61.81
N ILE A 797 -42.13 48.82 -61.71
CA ILE A 797 -40.87 49.28 -61.16
C ILE A 797 -40.23 50.33 -62.06
N GLN A 798 -40.38 50.19 -63.38
CA GLN A 798 -39.89 51.20 -64.31
C GLN A 798 -40.60 52.52 -64.08
N VAL A 799 -41.92 52.48 -63.88
CA VAL A 799 -42.66 53.72 -63.60
C VAL A 799 -42.18 54.35 -62.29
N PHE A 800 -41.98 53.53 -61.27
CA PHE A 800 -41.51 54.03 -59.97
C PHE A 800 -40.14 54.69 -60.12
N VAL A 801 -39.23 54.03 -60.86
CA VAL A 801 -37.89 54.56 -61.05
C VAL A 801 -37.93 55.86 -61.84
N ARG A 802 -38.79 55.93 -62.87
CA ARG A 802 -38.97 57.18 -63.58
C ARG A 802 -39.37 58.30 -62.64
N ARG A 803 -40.38 58.05 -61.80
CA ARG A 803 -40.86 59.10 -60.90
C ARG A 803 -39.78 59.52 -59.90
N LEU A 804 -39.03 58.56 -59.36
CA LEU A 804 -37.99 58.90 -58.40
C LEU A 804 -36.87 59.69 -59.06
N LEU A 805 -36.38 59.22 -60.21
CA LEU A 805 -35.21 59.83 -60.83
C LEU A 805 -35.52 61.18 -61.47
N GLU A 806 -36.78 61.42 -61.87
CA GLU A 806 -37.07 62.72 -62.46
C GLU A 806 -37.02 63.86 -61.45
N LEU A 807 -36.93 63.55 -60.16
CA LEU A 807 -36.89 64.56 -59.11
C LEU A 807 -35.62 64.49 -58.27
N HIS A 808 -34.74 63.52 -58.51
CA HIS A 808 -33.54 63.37 -57.70
C HIS A 808 -32.25 63.31 -58.51
N VAL A 809 -32.32 63.39 -59.84
CA VAL A 809 -31.09 63.39 -60.64
C VAL A 809 -30.28 64.65 -60.39
N PHE A 810 -30.97 65.78 -60.19
CA PHE A 810 -30.28 67.05 -59.97
C PHE A 810 -29.44 67.00 -58.70
N LYS A 811 -29.96 66.40 -57.64
CA LYS A 811 -29.22 66.32 -56.39
C LYS A 811 -27.95 65.49 -56.56
N LEU A 812 -28.04 64.34 -57.23
CA LEU A 812 -26.86 63.52 -57.47
C LEU A 812 -25.85 64.25 -58.33
N VAL A 813 -26.32 64.96 -59.37
CA VAL A 813 -25.40 65.68 -60.24
C VAL A 813 -24.65 66.75 -59.45
N ALA A 814 -25.39 67.52 -58.65
CA ALA A 814 -24.75 68.57 -57.86
C ALA A 814 -23.76 67.98 -56.86
N LEU A 815 -24.14 66.88 -56.21
CA LEU A 815 -23.25 66.25 -55.23
C LEU A 815 -21.98 65.75 -55.91
N TYR A 816 -22.10 65.16 -57.10
CA TYR A 816 -20.91 64.64 -57.77
C TYR A 816 -20.00 65.75 -58.25
N THR A 817 -20.56 66.84 -58.77
CA THR A 817 -19.72 67.99 -59.12
C THR A 817 -19.02 68.56 -57.90
N VAL A 818 -19.73 68.65 -56.77
CA VAL A 818 -19.10 69.14 -55.55
C VAL A 818 -17.95 68.24 -55.14
N TRP A 819 -18.17 66.93 -55.22
CA TRP A 819 -17.13 65.97 -54.83
C TRP A 819 -15.91 66.09 -55.74
N VAL A 820 -16.14 66.21 -57.05
CA VAL A 820 -15.03 66.35 -58.00
C VAL A 820 -14.27 67.64 -57.72
N ALA A 821 -15.00 68.72 -57.44
CA ALA A 821 -14.34 69.99 -57.16
C ALA A 821 -13.51 69.92 -55.88
N LEU A 822 -14.01 69.25 -54.85
CA LEU A 822 -13.30 69.22 -53.58
C LEU A 822 -12.08 68.31 -53.63
N LYS A 823 -12.19 67.16 -54.31
CA LYS A 823 -11.05 66.26 -54.39
C LYS A 823 -9.93 66.85 -55.24
N GLU A 824 -10.24 67.73 -56.19
CA GLU A 824 -9.26 68.42 -57.02
C GLU A 824 -9.44 69.92 -56.78
N VAL A 825 -8.75 70.45 -55.77
CA VAL A 825 -8.84 71.87 -55.45
C VAL A 825 -7.96 72.64 -56.43
N SER A 826 -8.58 73.46 -57.27
CA SER A 826 -7.86 74.20 -58.29
C SER A 826 -8.78 75.26 -58.89
N VAL A 827 -8.18 76.21 -59.60
CA VAL A 827 -8.97 77.16 -60.37
C VAL A 827 -9.67 76.42 -61.53
N MET A 828 -10.65 77.10 -62.12
CA MET A 828 -11.50 76.58 -63.19
C MET A 828 -12.44 75.51 -62.63
N ASN A 829 -12.28 75.17 -61.35
CA ASN A 829 -13.23 74.35 -60.63
C ASN A 829 -14.08 75.14 -59.66
N LEU A 830 -13.61 76.31 -59.23
CA LEU A 830 -14.43 77.18 -58.37
C LEU A 830 -15.67 77.65 -59.09
N LEU A 831 -15.62 77.77 -60.41
CA LEU A 831 -16.79 78.19 -61.17
C LEU A 831 -17.94 77.20 -61.01
N LEU A 832 -17.64 75.91 -61.12
CA LEU A 832 -18.68 74.89 -60.96
C LEU A 832 -19.21 74.85 -59.52
N VAL A 833 -18.31 74.97 -58.54
CA VAL A 833 -18.71 74.93 -57.14
C VAL A 833 -19.64 76.10 -56.84
N VAL A 834 -19.29 77.30 -57.30
CA VAL A 834 -20.12 78.47 -57.07
C VAL A 834 -21.46 78.32 -57.80
N LEU A 835 -21.42 77.83 -59.04
CA LEU A 835 -22.65 77.67 -59.81
C LEU A 835 -23.62 76.73 -59.11
N TRP A 836 -23.12 75.61 -58.58
CA TRP A 836 -24.01 74.65 -57.93
C TRP A 836 -24.43 75.12 -56.55
N ALA A 837 -23.55 75.78 -55.81
CA ALA A 837 -23.91 76.31 -54.49
C ALA A 837 -24.92 77.44 -54.60
N PHE A 838 -25.00 78.10 -55.75
CA PHE A 838 -26.09 79.05 -55.98
C PHE A 838 -27.31 78.41 -56.64
N ALA A 839 -27.12 77.28 -57.34
CA ALA A 839 -28.25 76.63 -58.00
C ALA A 839 -29.13 75.91 -57.00
N LEU A 840 -28.54 75.28 -55.98
CA LEU A 840 -29.35 74.54 -55.01
C LEU A 840 -30.33 75.40 -54.25
N PRO A 841 -29.94 76.55 -53.65
CA PRO A 841 -30.93 77.33 -52.87
C PRO A 841 -32.03 77.93 -53.73
N TYR A 842 -31.66 78.64 -54.80
CA TYR A 842 -32.64 79.30 -55.64
C TYR A 842 -32.94 78.40 -56.82
N PRO A 843 -34.18 77.91 -56.97
CA PRO A 843 -34.43 76.88 -57.99
C PRO A 843 -34.42 77.39 -59.42
N ARG A 844 -34.67 78.68 -59.64
CA ARG A 844 -34.78 79.19 -61.01
C ARG A 844 -33.46 79.09 -61.77
N PHE A 845 -32.35 78.88 -61.08
CA PHE A 845 -31.06 78.70 -61.75
C PHE A 845 -30.92 77.31 -62.37
N ARG A 846 -31.68 76.32 -61.88
CA ARG A 846 -31.42 74.92 -62.18
C ARG A 846 -31.29 74.61 -63.67
N PRO A 847 -32.16 75.08 -64.57
CA PRO A 847 -31.89 74.84 -66.00
C PRO A 847 -30.63 75.52 -66.49
N MET A 848 -30.58 76.86 -66.40
CA MET A 848 -29.42 77.58 -66.93
C MET A 848 -28.14 77.10 -66.30
N ALA A 849 -28.11 76.96 -64.96
CA ALA A 849 -26.93 76.47 -64.29
C ALA A 849 -26.47 75.15 -64.90
N SER A 850 -27.40 74.20 -65.06
CA SER A 850 -27.03 72.93 -65.65
C SER A 850 -26.39 73.14 -67.01
N CYS A 851 -27.04 73.94 -67.86
CA CYS A 851 -26.48 74.24 -69.18
C CYS A 851 -25.09 74.84 -69.01
N LEU A 852 -24.98 75.87 -68.15
CA LEU A 852 -23.68 76.49 -67.96
C LEU A 852 -22.67 75.46 -67.50
N SER A 853 -23.06 74.63 -66.52
CA SER A 853 -22.12 73.63 -66.02
C SER A 853 -21.65 72.75 -67.15
N THR A 854 -22.59 72.27 -67.97
CA THR A 854 -22.19 71.41 -69.09
C THR A 854 -21.17 72.12 -69.96
N VAL A 855 -21.48 73.35 -70.36
CA VAL A 855 -20.57 74.08 -71.23
C VAL A 855 -19.22 74.20 -70.55
N TRP A 856 -19.23 74.56 -69.26
CA TRP A 856 -17.98 74.74 -68.54
C TRP A 856 -17.18 73.44 -68.55
N THR A 857 -17.86 72.32 -68.29
CA THR A 857 -17.14 71.05 -68.28
C THR A 857 -16.52 70.80 -69.65
N CYS A 858 -17.29 71.06 -70.72
CA CYS A 858 -16.73 70.88 -72.06
C CYS A 858 -15.45 71.68 -72.22
N ILE A 859 -15.46 72.93 -71.75
CA ILE A 859 -14.28 73.78 -71.89
C ILE A 859 -13.11 73.16 -71.14
N ILE A 860 -13.35 72.72 -69.91
CA ILE A 860 -12.24 72.20 -69.11
C ILE A 860 -11.82 70.83 -69.63
N ILE A 861 -12.65 70.20 -70.48
CA ILE A 861 -12.28 68.95 -71.13
C ILE A 861 -11.11 69.19 -72.07
N VAL A 862 -10.72 70.45 -72.23
CA VAL A 862 -9.57 70.81 -73.04
C VAL A 862 -8.28 70.45 -72.32
N CYS A 863 -8.40 69.89 -71.11
CA CYS A 863 -7.22 69.52 -70.34
C CYS A 863 -6.30 68.59 -71.12
N LYS A 864 -6.87 67.73 -71.96
CA LYS A 864 -6.05 66.81 -72.76
C LYS A 864 -5.08 67.58 -73.65
N MET A 865 -5.53 68.70 -74.23
CA MET A 865 -4.63 69.51 -75.04
C MET A 865 -3.45 70.01 -74.23
N LEU A 866 -3.69 70.37 -72.96
CA LEU A 866 -2.59 70.74 -72.08
C LEU A 866 -1.70 69.55 -71.77
N TYR A 867 -2.29 68.35 -71.67
CA TYR A 867 -1.50 67.16 -71.35
C TYR A 867 -0.59 66.78 -72.52
N GLN A 868 -1.07 66.95 -73.75
CA GLN A 868 -0.30 66.58 -74.93
C GLN A 868 0.69 67.66 -75.35
N LEU A 869 0.76 68.76 -74.62
CA LEU A 869 1.66 69.85 -74.98
C LEU A 869 3.10 69.52 -74.59
N LYS A 870 4.03 70.30 -75.13
CA LYS A 870 5.45 70.17 -74.86
C LYS A 870 6.01 71.46 -74.29
N ILE A 871 5.30 72.04 -73.32
CA ILE A 871 5.64 73.35 -72.77
C ILE A 871 6.02 73.19 -71.30
N VAL A 872 6.62 72.05 -70.95
CA VAL A 872 7.02 71.81 -69.57
C VAL A 872 8.01 72.87 -69.11
N ASN A 873 8.99 73.18 -69.96
CA ASN A 873 10.01 74.18 -69.67
C ASN A 873 10.69 73.92 -68.32
N PRO A 874 11.18 72.69 -68.07
CA PRO A 874 11.82 72.31 -66.81
C PRO A 874 12.71 71.08 -66.98
N ASN A 910 -4.15 74.70 -58.59
CA ASN A 910 -3.30 75.66 -59.28
C ASN A 910 -4.10 76.48 -60.28
N TRP A 911 -3.67 77.73 -60.48
CA TRP A 911 -4.34 78.60 -61.44
C TRP A 911 -4.19 78.10 -62.87
N PHE A 912 -3.19 77.25 -63.13
CA PHE A 912 -3.05 76.66 -64.45
C PHE A 912 -4.22 75.73 -64.77
N GLY A 913 -4.70 75.00 -63.76
CA GLY A 913 -5.79 74.06 -63.96
C GLY A 913 -5.42 72.88 -64.84
N VAL A 914 -4.23 72.31 -64.65
CA VAL A 914 -3.78 71.16 -65.41
C VAL A 914 -2.87 70.33 -64.53
N ARG A 915 -2.88 69.01 -64.76
CA ARG A 915 -2.09 68.10 -63.96
C ARG A 915 -1.19 67.17 -64.76
N LYS A 916 -1.28 67.18 -66.10
CA LYS A 916 -0.46 66.33 -66.97
C LYS A 916 -0.59 64.86 -66.58
N GLY A 917 -1.82 64.35 -66.73
CA GLY A 917 -2.14 62.99 -66.36
C GLY A 917 -1.28 61.93 -67.05
N TYR A 918 -0.77 60.98 -66.28
CA TYR A 918 0.08 59.93 -66.84
C TYR A 918 -0.63 59.09 -67.88
N PRO A 919 -1.85 58.61 -67.65
CA PRO A 919 -2.53 57.75 -68.64
C PRO A 919 -3.34 58.51 -69.67
N ASN A 920 -3.35 59.84 -69.63
CA ASN A 920 -4.06 60.68 -70.59
C ASN A 920 -5.57 60.46 -70.53
N LEU A 921 -6.02 59.66 -69.58
CA LEU A 921 -7.44 59.38 -69.41
C LEU A 921 -7.93 59.64 -67.99
N GLY A 922 -7.12 59.31 -66.98
CA GLY A 922 -7.53 59.53 -65.60
C GLY A 922 -7.75 60.99 -65.28
N TYR A 923 -6.93 61.87 -65.86
CA TYR A 923 -7.04 63.31 -65.61
C TYR A 923 -8.25 63.93 -66.30
N ILE A 924 -8.99 63.17 -67.10
CA ILE A 924 -10.18 63.68 -67.77
C ILE A 924 -11.36 62.75 -67.48
N GLN A 925 -11.09 61.65 -66.77
CA GLN A 925 -12.13 60.66 -66.49
C GLN A 925 -13.22 61.24 -65.60
N ASN A 926 -12.84 61.99 -64.57
CA ASN A 926 -13.85 62.57 -63.68
C ASN A 926 -14.74 63.55 -64.43
N HIS A 927 -14.16 64.36 -65.30
CA HIS A 927 -14.94 65.34 -66.04
C HIS A 927 -15.82 64.67 -67.09
N LEU A 928 -15.33 63.58 -67.70
CA LEU A 928 -16.18 62.79 -68.58
C LEU A 928 -17.35 62.21 -67.82
N GLN A 929 -17.12 61.74 -66.60
CA GLN A 929 -18.20 61.20 -65.77
C GLN A 929 -19.21 62.29 -65.43
N ILE A 930 -18.73 63.50 -65.14
CA ILE A 930 -19.63 64.61 -64.82
C ILE A 930 -20.49 64.96 -66.02
N LEU A 931 -19.87 65.04 -67.21
CA LEU A 931 -20.62 65.31 -68.42
C LEU A 931 -21.64 64.20 -68.70
N LEU A 932 -21.24 62.95 -68.44
CA LEU A 932 -22.16 61.83 -68.62
C LEU A 932 -23.35 61.94 -67.67
N LEU A 933 -23.10 62.34 -66.43
CA LEU A 933 -24.19 62.51 -65.47
C LEU A 933 -25.14 63.62 -65.91
N LEU A 934 -24.58 64.73 -66.39
CA LEU A 934 -25.44 65.83 -66.87
C LEU A 934 -26.28 65.37 -68.06
N VAL A 935 -25.66 64.65 -69.01
CA VAL A 935 -26.41 64.16 -70.16
C VAL A 935 -27.46 63.15 -69.71
N PHE A 936 -27.15 62.36 -68.69
CA PHE A 936 -28.11 61.40 -68.16
C PHE A 936 -29.32 62.12 -67.57
N GLU A 937 -29.08 63.20 -66.81
CA GLU A 937 -30.19 63.96 -66.26
C GLU A 937 -31.04 64.57 -67.36
N ALA A 938 -30.39 65.13 -68.38
CA ALA A 938 -31.15 65.72 -69.49
C ALA A 938 -31.97 64.67 -70.21
N VAL A 939 -31.39 63.49 -70.46
CA VAL A 939 -32.10 62.42 -71.16
C VAL A 939 -33.25 61.90 -70.30
N VAL A 940 -33.05 61.83 -68.98
CA VAL A 940 -34.12 61.39 -68.09
C VAL A 940 -35.28 62.36 -68.13
N TYR A 941 -34.99 63.67 -68.10
CA TYR A 941 -36.05 64.66 -68.19
C TYR A 941 -36.78 64.55 -69.53
N ARG A 942 -36.03 64.39 -70.62
CA ARG A 942 -36.65 64.29 -71.93
C ARG A 942 -37.54 63.05 -72.03
N ARG A 943 -37.06 61.91 -71.51
CA ARG A 943 -37.85 60.68 -71.56
C ARG A 943 -39.09 60.80 -70.69
N GLN A 944 -38.97 61.45 -69.53
CA GLN A 944 -40.14 61.66 -68.68
C GLN A 944 -41.18 62.50 -69.41
N GLU A 945 -40.74 63.58 -70.07
CA GLU A 945 -41.67 64.41 -70.83
C GLU A 945 -42.33 63.61 -71.95
N HIS A 946 -41.56 62.81 -72.68
CA HIS A 946 -42.10 62.04 -73.79
C HIS A 946 -43.10 61.00 -73.29
N TYR A 947 -42.74 60.24 -72.25
CA TYR A 947 -43.60 59.19 -71.74
C TYR A 947 -44.80 59.73 -70.96
N ARG A 948 -44.77 61.00 -70.55
CA ARG A 948 -45.93 61.62 -69.93
C ARG A 948 -46.83 62.33 -70.92
N ARG A 949 -46.31 62.74 -72.07
CA ARG A 949 -47.16 63.30 -73.11
C ARG A 949 -48.17 62.27 -73.60
N GLN A 950 -47.71 61.05 -73.84
CA GLN A 950 -48.60 59.96 -74.21
C GLN A 950 -49.27 59.37 -72.98
N HIS A 951 -50.54 59.05 -73.10
CA HIS A 951 -51.33 58.50 -72.00
C HIS A 951 -51.31 59.41 -70.78
N GLY A 965 -51.86 65.02 -50.01
CA GLY A 965 -51.88 63.73 -50.68
C GLY A 965 -52.61 62.67 -49.89
N THR A 966 -51.87 61.66 -49.42
CA THR A 966 -52.43 60.58 -48.63
C THR A 966 -52.48 60.89 -47.14
N ARG A 967 -52.39 62.17 -46.78
CA ARG A 967 -52.43 62.56 -45.38
C ARG A 967 -53.75 62.19 -44.72
N GLN A 968 -54.81 62.03 -45.50
CA GLN A 968 -56.09 61.56 -44.97
C GLN A 968 -56.24 60.05 -45.05
N ARG A 969 -55.56 59.39 -45.99
CA ARG A 969 -55.54 57.94 -46.05
C ARG A 969 -54.46 57.36 -45.13
N LEU A 970 -53.85 58.24 -44.32
CA LEU A 970 -52.70 57.88 -43.50
C LEU A 970 -52.98 56.69 -42.60
N ASP A 971 -54.24 56.51 -42.17
CA ASP A 971 -54.58 55.51 -41.18
C ASP A 971 -55.33 54.31 -41.76
N GLN A 972 -55.50 54.25 -43.08
CA GLN A 972 -56.22 53.12 -43.68
C GLN A 972 -55.51 51.81 -43.42
N ASP A 973 -54.20 51.78 -43.62
CA ASP A 973 -53.39 50.58 -43.41
C ASP A 973 -51.93 51.00 -43.31
N LEU A 974 -51.07 50.03 -43.01
CA LEU A 974 -49.65 50.31 -42.89
C LEU A 974 -49.01 50.63 -44.24
N LEU A 975 -49.53 50.03 -45.33
CA LEU A 975 -49.01 50.36 -46.65
C LEU A 975 -49.29 51.82 -47.00
N SER A 976 -50.48 52.31 -46.66
CA SER A 976 -50.77 53.73 -46.89
C SER A 976 -49.86 54.63 -46.07
N CYS A 977 -49.59 54.22 -44.82
CA CYS A 977 -48.71 55.02 -43.97
C CYS A 977 -47.29 55.09 -44.55
N LEU A 978 -46.76 53.95 -44.99
CA LEU A 978 -45.42 53.98 -45.57
C LEU A 978 -45.40 54.71 -46.90
N LYS A 979 -46.49 54.66 -47.68
CA LYS A 979 -46.57 55.47 -48.88
C LYS A 979 -46.53 56.95 -48.55
N TYR A 980 -47.27 57.36 -47.51
CA TYR A 980 -47.22 58.75 -47.08
C TYR A 980 -45.83 59.15 -46.64
N PHE A 981 -45.13 58.26 -45.93
CA PHE A 981 -43.76 58.56 -45.54
C PHE A 981 -42.84 58.70 -46.74
N ILE A 982 -42.94 57.78 -47.69
CA ILE A 982 -42.10 57.88 -48.90
C ILE A 982 -42.39 59.19 -49.62
N ASN A 983 -43.64 59.64 -49.62
CA ASN A 983 -43.98 60.86 -50.33
C ASN A 983 -43.57 62.13 -49.60
N PHE A 984 -43.64 62.16 -48.27
CA PHE A 984 -43.46 63.42 -47.54
C PHE A 984 -42.60 63.25 -46.29
N PHE A 985 -41.57 62.41 -46.36
CA PHE A 985 -40.66 62.28 -45.22
C PHE A 985 -39.99 63.61 -44.91
N PHE A 986 -39.41 64.24 -45.92
CA PHE A 986 -38.82 65.55 -45.69
C PHE A 986 -39.88 66.59 -45.38
N TYR A 987 -41.02 66.56 -46.08
CA TYR A 987 -42.07 67.53 -45.82
C TYR A 987 -42.53 67.46 -44.36
N LYS A 988 -42.36 66.31 -43.72
CA LYS A 988 -42.68 66.15 -42.30
C LYS A 988 -41.54 66.57 -41.39
N PHE A 989 -40.34 66.03 -41.59
CA PHE A 989 -39.25 66.18 -40.64
C PHE A 989 -38.02 66.86 -41.25
N GLY A 990 -38.26 67.86 -42.11
CA GLY A 990 -37.15 68.53 -42.75
C GLY A 990 -36.31 69.36 -41.80
N LEU A 991 -36.95 70.03 -40.85
CA LEU A 991 -36.19 70.76 -39.85
C LEU A 991 -35.29 69.82 -39.07
N GLU A 992 -35.84 68.67 -38.66
CA GLU A 992 -35.03 67.69 -37.94
C GLU A 992 -33.87 67.21 -38.78
N ILE A 993 -34.11 66.90 -40.06
CA ILE A 993 -33.04 66.44 -40.92
C ILE A 993 -31.95 67.49 -41.03
N CYS A 994 -32.35 68.76 -41.16
CA CYS A 994 -31.37 69.84 -41.26
C CYS A 994 -30.55 69.98 -39.98
N PHE A 995 -31.20 69.95 -38.81
CA PHE A 995 -30.44 70.09 -37.57
C PHE A 995 -29.48 68.93 -37.39
N LEU A 996 -29.92 67.70 -37.70
CA LEU A 996 -29.02 66.56 -37.54
C LEU A 996 -27.87 66.59 -38.54
N MET A 997 -28.14 67.05 -39.77
CA MET A 997 -27.04 67.20 -40.72
C MET A 997 -26.04 68.23 -40.22
N ALA A 998 -26.52 69.31 -39.61
CA ALA A 998 -25.62 70.30 -39.06
C ALA A 998 -24.80 69.73 -37.90
N VAL A 999 -25.44 68.93 -37.05
CA VAL A 999 -24.71 68.30 -35.95
C VAL A 999 -23.65 67.35 -36.49
N ASN A 1000 -23.98 66.59 -37.53
CA ASN A 1000 -23.01 65.70 -38.14
C ASN A 1000 -21.84 66.48 -38.73
N VAL A 1001 -22.13 67.61 -39.38
CA VAL A 1001 -21.06 68.42 -39.98
C VAL A 1001 -20.15 69.00 -38.91
N ILE A 1002 -20.73 69.52 -37.83
CA ILE A 1002 -19.91 70.09 -36.76
C ILE A 1002 -19.07 69.02 -36.08
N GLY A 1003 -19.64 67.82 -35.88
CA GLY A 1003 -18.86 66.76 -35.30
C GLY A 1003 -17.83 66.16 -36.25
N GLN A 1004 -18.01 66.35 -37.56
CA GLN A 1004 -17.07 65.84 -38.54
C GLN A 1004 -15.90 66.77 -38.76
N ARG A 1005 -16.15 68.07 -38.88
CA ARG A 1005 -15.09 69.02 -39.17
C ARG A 1005 -14.21 69.26 -37.95
N MET A 1006 -14.81 69.62 -36.82
CA MET A 1006 -14.14 69.93 -35.56
C MET A 1006 -13.21 71.13 -35.68
N ASN A 1007 -13.35 71.91 -36.74
CA ASN A 1007 -12.55 73.10 -36.99
C ASN A 1007 -13.31 74.34 -36.55
N PHE A 1008 -12.71 75.49 -36.85
CA PHE A 1008 -13.33 76.76 -36.49
C PHE A 1008 -14.54 77.05 -37.35
N MET A 1009 -14.53 76.59 -38.59
CA MET A 1009 -15.76 76.57 -39.37
C MET A 1009 -16.87 75.84 -38.62
N VAL A 1010 -16.52 74.73 -37.97
CA VAL A 1010 -17.51 74.00 -37.17
C VAL A 1010 -18.00 74.86 -36.03
N ILE A 1011 -17.09 75.63 -35.40
CA ILE A 1011 -17.49 76.49 -34.29
C ILE A 1011 -18.50 77.55 -34.76
N LEU A 1012 -18.24 78.17 -35.91
CA LEU A 1012 -19.19 79.15 -36.44
C LEU A 1012 -20.52 78.51 -36.79
N HIS A 1013 -20.49 77.31 -37.40
CA HIS A 1013 -21.73 76.59 -37.68
C HIS A 1013 -22.53 76.34 -36.39
N GLY A 1014 -21.86 75.89 -35.33
CA GLY A 1014 -22.56 75.63 -34.09
C GLY A 1014 -23.11 76.89 -33.46
N CYS A 1015 -22.36 77.98 -33.53
CA CYS A 1015 -22.84 79.25 -33.01
C CYS A 1015 -24.12 79.67 -33.71
N TRP A 1016 -24.13 79.63 -35.05
CA TRP A 1016 -25.34 80.05 -35.74
C TRP A 1016 -26.47 79.05 -35.54
N LEU A 1017 -26.16 77.77 -35.38
CA LEU A 1017 -27.20 76.79 -35.10
C LEU A 1017 -27.88 77.08 -33.78
N VAL A 1018 -27.09 77.41 -32.76
CA VAL A 1018 -27.68 77.79 -31.47
C VAL A 1018 -28.51 79.06 -31.64
N ALA A 1019 -28.01 80.01 -32.42
CA ALA A 1019 -28.76 81.25 -32.63
C ALA A 1019 -30.10 80.97 -33.31
N ILE A 1020 -30.12 80.10 -34.31
CA ILE A 1020 -31.35 79.77 -35.02
C ILE A 1020 -32.30 79.00 -34.10
N LEU A 1021 -31.74 78.12 -33.26
CA LEU A 1021 -32.57 77.31 -32.37
C LEU A 1021 -33.19 78.13 -31.24
N THR A 1022 -32.62 79.31 -30.94
CA THR A 1022 -33.20 80.15 -29.89
C THR A 1022 -34.65 80.53 -30.20
N ARG A 1023 -35.00 80.63 -31.48
CA ARG A 1023 -36.37 80.96 -31.84
C ARG A 1023 -37.31 79.84 -31.43
N ARG A 1024 -38.53 80.22 -31.00
CA ARG A 1024 -39.43 79.27 -30.38
C ARG A 1024 -40.17 78.41 -31.40
N ARG A 1025 -41.00 79.04 -32.22
CA ARG A 1025 -41.87 78.34 -33.14
C ARG A 1025 -41.28 78.35 -34.56
N ARG A 1026 -42.05 77.82 -35.50
CA ARG A 1026 -41.61 77.75 -36.88
C ARG A 1026 -41.72 79.08 -37.61
N GLU A 1027 -42.40 80.07 -37.03
CA GLU A 1027 -42.59 81.35 -37.71
C GLU A 1027 -41.32 82.20 -37.68
N ALA A 1028 -40.69 82.30 -36.51
CA ALA A 1028 -39.43 83.03 -36.41
C ALA A 1028 -38.34 82.33 -37.21
N ILE A 1029 -38.32 80.99 -37.17
CA ILE A 1029 -37.38 80.24 -37.99
C ILE A 1029 -37.66 80.48 -39.47
N ALA A 1030 -38.94 80.60 -39.83
CA ALA A 1030 -39.29 80.96 -41.20
C ALA A 1030 -38.71 82.32 -41.58
N ARG A 1031 -38.83 83.29 -40.68
CA ARG A 1031 -38.29 84.61 -40.95
C ARG A 1031 -36.76 84.57 -41.11
N LEU A 1032 -36.09 83.76 -40.29
CA LEU A 1032 -34.63 83.74 -40.28
C LEU A 1032 -34.02 82.79 -41.32
N TRP A 1033 -34.82 81.93 -41.93
CA TRP A 1033 -34.26 80.89 -42.82
C TRP A 1033 -33.56 81.43 -44.06
N PRO A 1034 -34.13 82.37 -44.84
CA PRO A 1034 -33.45 82.79 -46.07
C PRO A 1034 -32.06 83.35 -45.82
N ASN A 1035 -31.89 84.12 -44.75
CA ASN A 1035 -30.56 84.59 -44.39
C ASN A 1035 -29.64 83.42 -44.09
N TYR A 1036 -30.15 82.43 -43.38
CA TYR A 1036 -29.35 81.26 -43.03
C TYR A 1036 -28.82 80.58 -44.28
N CYS A 1037 -29.69 80.34 -45.26
CA CYS A 1037 -29.26 79.73 -46.51
C CYS A 1037 -28.26 80.61 -47.24
N LEU A 1038 -28.51 81.92 -47.26
CA LEU A 1038 -27.64 82.83 -48.01
C LEU A 1038 -26.21 82.78 -47.47
N PHE A 1039 -26.03 82.95 -46.16
CA PHE A 1039 -24.63 82.93 -45.75
C PHE A 1039 -24.10 81.51 -45.62
N LEU A 1040 -24.95 80.49 -45.61
CA LEU A 1040 -24.43 79.13 -45.74
C LEU A 1040 -23.75 78.95 -47.09
N THR A 1041 -24.41 79.41 -48.15
CA THR A 1041 -23.79 79.41 -49.48
C THR A 1041 -22.52 80.23 -49.48
N LEU A 1042 -22.58 81.43 -48.89
CA LEU A 1042 -21.41 82.30 -48.86
C LEU A 1042 -20.26 81.64 -48.11
N PHE A 1043 -20.54 80.94 -47.01
CA PHE A 1043 -19.48 80.37 -46.20
C PHE A 1043 -18.88 79.15 -46.87
N LEU A 1044 -19.70 78.36 -47.56
CA LEU A 1044 -19.13 77.29 -48.40
C LEU A 1044 -18.21 77.85 -49.47
N LEU A 1045 -18.64 78.91 -50.15
CA LEU A 1045 -17.78 79.49 -51.17
C LEU A 1045 -16.48 80.01 -50.55
N TYR A 1046 -16.57 80.66 -49.39
CA TYR A 1046 -15.38 81.19 -48.73
C TYR A 1046 -14.44 80.08 -48.28
N GLN A 1047 -14.99 79.00 -47.72
CA GLN A 1047 -14.17 77.88 -47.29
C GLN A 1047 -13.46 77.22 -48.46
N TYR A 1048 -14.17 77.03 -49.59
CA TYR A 1048 -13.54 76.47 -50.76
C TYR A 1048 -12.45 77.42 -51.30
N LEU A 1049 -12.71 78.72 -51.27
CA LEU A 1049 -11.71 79.68 -51.71
C LEU A 1049 -10.46 79.60 -50.85
N LEU A 1050 -10.64 79.49 -49.54
CA LEU A 1050 -9.49 79.33 -48.65
C LEU A 1050 -8.74 78.04 -48.93
N CYS A 1051 -9.47 76.95 -49.15
CA CYS A 1051 -8.83 75.66 -49.43
C CYS A 1051 -8.12 75.66 -50.78
N LEU A 1052 -8.54 76.55 -51.69
CA LEU A 1052 -7.90 76.64 -53.03
C LEU A 1052 -6.86 77.77 -53.01
N PRO A 1055 -2.58 79.75 -53.88
CA PRO A 1055 -1.86 78.54 -54.26
C PRO A 1055 -0.41 78.52 -53.75
N PRO A 1056 0.19 77.35 -53.48
CA PRO A 1056 1.59 77.27 -53.04
C PRO A 1056 2.50 77.88 -54.10
N ALA A 1057 2.16 77.69 -55.38
CA ALA A 1057 2.96 78.28 -56.48
C ALA A 1057 3.04 79.79 -56.29
N LEU A 1058 1.93 80.42 -55.87
CA LEU A 1058 1.92 81.88 -55.60
C LEU A 1058 2.91 82.17 -54.48
N CYS A 1059 3.69 83.24 -54.63
CA CYS A 1059 4.70 83.62 -53.59
C CYS A 1059 3.98 83.97 -52.29
N ILE A 1060 2.67 84.23 -52.36
CA ILE A 1060 1.87 84.59 -51.16
C ILE A 1060 2.14 83.54 -50.06
N ASP A 1061 2.46 84.00 -48.85
CA ASP A 1061 2.72 83.07 -47.71
C ASP A 1061 2.86 83.90 -46.43
N TYR A 1062 2.68 83.26 -45.26
CA TYR A 1062 2.84 83.99 -43.97
C TYR A 1062 4.25 84.59 -43.92
N PRO A 1063 4.40 85.92 -43.78
CA PRO A 1063 5.73 86.53 -43.81
C PRO A 1063 6.59 86.03 -42.63
N TRP A 1064 6.02 86.01 -41.42
CA TRP A 1064 6.76 85.52 -40.24
C TRP A 1064 7.16 84.05 -40.46
N ARG A 1065 6.22 83.25 -40.97
CA ARG A 1065 6.54 81.82 -41.27
C ARG A 1065 7.64 81.79 -42.34
N TRP A 1066 7.57 82.69 -43.32
CA TRP A 1066 8.60 82.75 -44.39
C TRP A 1066 9.96 83.08 -43.77
N ALA A 1069 10.08 84.83 -35.81
CA ALA A 1069 9.02 84.47 -36.74
C ALA A 1069 7.65 84.69 -36.12
N ILE A 1070 6.76 83.71 -36.28
CA ILE A 1070 5.42 83.77 -35.71
C ILE A 1070 5.33 82.77 -34.56
N PRO A 1071 4.52 83.04 -33.54
CA PRO A 1071 4.35 82.08 -32.44
C PRO A 1071 3.33 80.98 -32.73
N MET A 1072 2.86 80.86 -33.95
CA MET A 1072 1.88 79.85 -34.34
C MET A 1072 2.62 78.72 -35.06
N ASN A 1073 2.62 77.54 -34.45
CA ASN A 1073 3.28 76.39 -35.05
C ASN A 1073 2.41 75.78 -36.15
N SER A 1074 2.87 74.64 -36.70
CA SER A 1074 2.17 74.03 -37.82
C SER A 1074 0.89 73.32 -37.37
N ALA A 1075 0.86 72.78 -36.16
CA ALA A 1075 -0.34 72.07 -35.70
C ALA A 1075 -1.52 73.01 -35.59
N LEU A 1076 -1.30 74.20 -35.05
CA LEU A 1076 -2.38 75.18 -34.92
C LEU A 1076 -2.84 75.66 -36.30
N ILE A 1077 -1.89 75.85 -37.22
CA ILE A 1077 -2.23 76.23 -38.58
C ILE A 1077 -3.02 75.14 -39.28
N LYS A 1078 -2.80 73.88 -38.89
CA LYS A 1078 -3.56 72.76 -39.42
C LYS A 1078 -4.88 72.55 -38.68
N TRP A 1079 -5.05 73.19 -37.51
CA TRP A 1079 -6.31 73.16 -36.78
C TRP A 1079 -7.23 74.31 -37.23
N LEU A 1080 -6.70 75.55 -37.29
CA LEU A 1080 -7.36 76.64 -37.99
C LEU A 1080 -7.51 76.32 -39.46
N TYR A 1081 -8.60 76.77 -40.05
CA TYR A 1081 -8.76 76.61 -41.48
C TYR A 1081 -8.00 77.69 -42.23
N LEU A 1082 -6.73 77.85 -41.90
CA LEU A 1082 -5.94 78.84 -42.62
C LEU A 1082 -5.31 78.22 -43.86
N PRO A 1083 -5.22 78.99 -44.95
CA PRO A 1083 -4.60 78.49 -46.18
C PRO A 1083 -3.09 78.40 -46.03
N ASP A 1084 -2.59 77.18 -45.88
CA ASP A 1084 -1.16 76.94 -45.87
C ASP A 1084 -0.69 76.61 -47.29
N PHE A 1085 0.59 76.84 -47.54
CA PHE A 1085 1.16 76.67 -48.87
C PHE A 1085 2.11 75.48 -48.96
N PHE A 1086 2.56 74.94 -47.83
CA PHE A 1086 3.27 73.67 -47.78
C PHE A 1086 2.43 72.56 -47.19
N ARG A 1087 1.60 72.86 -46.21
CA ARG A 1087 0.57 71.95 -45.71
C ARG A 1087 -0.76 72.27 -46.39
N ALA A 1088 -1.68 71.32 -46.33
CA ALA A 1088 -2.97 71.51 -46.98
C ALA A 1088 -4.10 71.04 -46.08
N PRO A 1089 -5.06 71.92 -45.77
CA PRO A 1089 -6.24 71.47 -45.03
C PRO A 1089 -7.03 70.46 -45.85
N ASN A 1090 -7.57 69.45 -45.17
CA ASN A 1090 -8.30 68.38 -45.84
C ASN A 1090 -9.63 68.91 -46.32
N SER A 1091 -9.69 69.30 -47.58
CA SER A 1091 -10.91 69.90 -48.15
C SER A 1091 -11.90 68.84 -48.61
N THR A 1092 -12.21 67.90 -47.72
CA THR A 1092 -13.25 66.92 -47.97
C THR A 1092 -14.39 66.96 -46.97
N ASN A 1093 -14.19 67.50 -45.76
CA ASN A 1093 -15.32 67.77 -44.89
C ASN A 1093 -16.24 68.84 -45.47
N LEU A 1094 -15.73 69.58 -46.46
CA LEU A 1094 -16.59 70.49 -47.20
C LEU A 1094 -17.71 69.76 -47.92
N ILE A 1095 -17.57 68.45 -48.18
CA ILE A 1095 -18.73 67.72 -48.70
C ILE A 1095 -19.80 67.60 -47.62
N SER A 1096 -19.38 67.46 -46.35
CA SER A 1096 -20.36 67.46 -45.27
C SER A 1096 -21.04 68.81 -45.17
N ASP A 1097 -20.28 69.90 -45.29
CA ASP A 1097 -20.91 71.21 -45.25
C ASP A 1097 -21.83 71.43 -46.45
N PHE A 1098 -21.45 70.90 -47.62
CA PHE A 1098 -22.30 71.00 -48.81
C PHE A 1098 -23.56 70.16 -48.65
N LEU A 1099 -23.46 69.02 -47.97
CA LEU A 1099 -24.65 68.23 -47.65
C LEU A 1099 -25.57 69.00 -46.72
N LEU A 1100 -24.99 69.69 -45.74
CA LEU A 1100 -25.77 70.61 -44.92
C LEU A 1100 -26.46 71.65 -45.80
N LEU A 1101 -25.73 72.21 -46.76
CA LEU A 1101 -26.29 73.24 -47.61
C LEU A 1101 -27.45 72.72 -48.46
N LEU A 1102 -27.31 71.52 -49.02
CA LEU A 1102 -28.39 70.97 -49.83
C LEU A 1102 -29.59 70.65 -48.96
N CYS A 1103 -29.36 70.16 -47.74
CA CYS A 1103 -30.47 69.92 -46.82
C CYS A 1103 -31.20 71.22 -46.51
N ALA A 1104 -30.45 72.30 -46.24
CA ALA A 1104 -31.08 73.58 -45.93
C ALA A 1104 -31.84 74.12 -47.14
N SER A 1105 -31.26 73.98 -48.34
CA SER A 1105 -31.93 74.46 -49.54
C SER A 1105 -33.22 73.69 -49.81
N GLN A 1106 -33.17 72.36 -49.65
CA GLN A 1106 -34.37 71.56 -49.82
C GLN A 1106 -35.43 71.91 -48.78
N GLN A 1107 -34.98 72.19 -47.55
CA GLN A 1107 -35.93 72.62 -46.52
C GLN A 1107 -36.59 73.93 -46.91
N TRP A 1108 -35.80 74.88 -47.42
CA TRP A 1108 -36.35 76.16 -47.85
C TRP A 1108 -37.34 75.98 -49.00
N GLN A 1109 -37.03 75.08 -49.93
CA GLN A 1109 -37.94 74.81 -51.04
C GLN A 1109 -39.28 74.28 -50.54
N VAL A 1110 -39.24 73.32 -49.62
CA VAL A 1110 -40.46 72.69 -49.11
C VAL A 1110 -41.01 73.49 -47.94
N PHE A 1111 -40.41 74.65 -47.65
CA PHE A 1111 -40.81 75.38 -46.46
C PHE A 1111 -42.05 76.22 -46.71
N SER A 1112 -42.16 76.84 -47.88
CA SER A 1112 -43.25 77.75 -48.18
C SER A 1112 -44.45 77.08 -48.80
N ALA A 1113 -44.41 75.77 -49.01
CA ALA A 1113 -45.56 75.05 -49.55
C ALA A 1113 -46.73 75.13 -48.60
N GLU A 1114 -47.77 75.87 -48.97
CA GLU A 1114 -48.92 76.11 -48.11
C GLU A 1114 -50.21 76.01 -48.91
N ARG A 1115 -50.31 74.99 -49.76
CA ARG A 1115 -51.52 74.78 -50.54
C ARG A 1115 -52.37 73.63 -50.01
N THR A 1116 -51.87 72.85 -49.06
CA THR A 1116 -52.64 71.77 -48.46
C THR A 1116 -52.79 72.00 -46.95
N GLU A 1136 -61.06 65.98 -30.58
CA GLU A 1136 -61.97 66.05 -31.72
C GLU A 1136 -61.21 66.23 -33.02
N PRO A 1137 -60.15 67.04 -32.98
CA PRO A 1137 -59.35 67.25 -34.21
C PRO A 1137 -58.76 65.96 -34.77
N ASN A 1138 -58.39 65.01 -33.91
CA ASN A 1138 -57.88 63.73 -34.36
C ASN A 1138 -59.05 62.75 -34.45
N PRO A 1139 -59.46 62.34 -35.66
CA PRO A 1139 -60.60 61.41 -35.77
C PRO A 1139 -60.30 60.02 -35.23
N ILE A 1140 -59.04 59.67 -35.02
CA ILE A 1140 -58.68 58.32 -34.60
C ILE A 1140 -58.00 58.35 -33.24
N PRO A 1141 -58.73 58.22 -32.13
CA PRO A 1141 -58.11 58.03 -30.81
C PRO A 1141 -57.99 56.58 -30.38
N ASN A 1142 -58.25 55.62 -31.28
CA ASN A 1142 -58.38 54.21 -30.90
C ASN A 1142 -57.07 53.45 -30.94
N PHE A 1143 -55.95 54.06 -31.34
CA PHE A 1143 -54.72 53.29 -31.43
C PHE A 1143 -54.24 52.84 -30.06
N ILE A 1144 -54.78 53.42 -28.98
CA ILE A 1144 -54.60 52.82 -27.66
C ILE A 1144 -55.31 51.47 -27.59
N HIS A 1145 -56.48 51.36 -28.23
CA HIS A 1145 -57.23 50.11 -28.19
C HIS A 1145 -56.55 48.99 -28.96
N CYS A 1146 -55.70 49.32 -29.94
CA CYS A 1146 -54.91 48.34 -30.68
C CYS A 1146 -55.79 47.30 -31.39
N ARG A 1147 -56.53 47.79 -32.38
CA ARG A 1147 -57.40 46.92 -33.17
C ARG A 1147 -56.82 46.55 -34.54
N SER A 1148 -55.71 47.14 -34.95
CA SER A 1148 -55.12 46.83 -36.25
C SER A 1148 -53.60 46.86 -36.15
N TYR A 1149 -52.94 46.32 -37.18
CA TYR A 1149 -51.49 46.21 -37.19
C TYR A 1149 -50.80 47.57 -37.09
N LEU A 1150 -51.43 48.62 -37.61
CA LEU A 1150 -50.88 49.96 -37.43
C LEU A 1150 -50.99 50.44 -35.99
N ASP A 1151 -51.96 49.91 -35.23
CA ASP A 1151 -52.31 50.51 -33.95
C ASP A 1151 -51.25 50.23 -32.88
N MET A 1152 -50.73 49.00 -32.81
CA MET A 1152 -49.71 48.73 -31.80
C MET A 1152 -48.40 49.45 -32.14
N LEU A 1153 -48.09 49.60 -33.42
CA LEU A 1153 -46.95 50.45 -33.79
C LEU A 1153 -47.17 51.87 -33.32
N LYS A 1154 -48.38 52.41 -33.52
CA LYS A 1154 -48.67 53.76 -33.08
C LYS A 1154 -48.53 53.90 -31.57
N VAL A 1155 -49.06 52.93 -30.81
CA VAL A 1155 -48.97 53.03 -29.36
C VAL A 1155 -47.53 52.89 -28.89
N ALA A 1156 -46.74 52.05 -29.56
CA ALA A 1156 -45.33 51.91 -29.21
C ALA A 1156 -44.57 53.21 -29.44
N VAL A 1157 -44.78 53.86 -30.59
CA VAL A 1157 -44.02 55.07 -30.86
C VAL A 1157 -44.49 56.22 -29.98
N PHE A 1158 -45.79 56.36 -29.78
CA PHE A 1158 -46.31 57.51 -29.04
C PHE A 1158 -46.37 57.31 -27.53
N ARG A 1159 -46.09 56.11 -27.01
CA ARG A 1159 -46.26 55.94 -25.57
C ARG A 1159 -45.05 55.30 -24.89
N TYR A 1160 -44.35 54.40 -25.58
CA TYR A 1160 -43.20 53.70 -25.02
C TYR A 1160 -41.87 54.28 -25.46
N LEU A 1161 -41.87 55.48 -26.03
CA LEU A 1161 -40.65 56.10 -26.53
C LEU A 1161 -40.02 57.07 -25.55
N PHE A 1162 -40.81 57.59 -24.61
CA PHE A 1162 -40.28 58.44 -23.55
C PHE A 1162 -39.25 57.70 -22.71
N TRP A 1163 -39.60 56.49 -22.26
CA TRP A 1163 -38.66 55.71 -21.46
C TRP A 1163 -37.45 55.31 -22.28
N LEU A 1164 -37.64 55.06 -23.57
CA LEU A 1164 -36.51 54.74 -24.44
C LEU A 1164 -35.55 55.93 -24.56
N VAL A 1165 -36.08 57.15 -24.72
CA VAL A 1165 -35.17 58.29 -24.79
C VAL A 1165 -34.49 58.52 -23.46
N LEU A 1166 -35.17 58.22 -22.35
CA LEU A 1166 -34.50 58.31 -21.05
C LEU A 1166 -33.34 57.33 -20.96
N VAL A 1167 -33.54 56.10 -21.44
CA VAL A 1167 -32.46 55.10 -21.46
C VAL A 1167 -31.33 55.58 -22.36
N VAL A 1168 -31.66 56.19 -23.50
CA VAL A 1168 -30.63 56.71 -24.40
C VAL A 1168 -29.80 57.79 -23.71
N VAL A 1169 -30.47 58.69 -22.99
CA VAL A 1169 -29.75 59.72 -22.24
C VAL A 1169 -28.81 59.08 -21.22
N PHE A 1170 -29.30 58.07 -20.49
CA PHE A 1170 -28.46 57.43 -19.48
C PHE A 1170 -27.25 56.78 -20.13
N VAL A 1171 -27.44 56.07 -21.24
CA VAL A 1171 -26.34 55.37 -21.88
C VAL A 1171 -25.35 56.36 -22.47
N ALA A 1172 -25.83 57.46 -23.05
CA ALA A 1172 -24.92 58.48 -23.57
C ALA A 1172 -24.09 59.10 -22.46
N GLY A 1173 -24.70 59.35 -21.30
CA GLY A 1173 -23.94 59.86 -20.17
C GLY A 1173 -22.93 58.86 -19.65
N ALA A 1174 -23.29 57.58 -19.62
CA ALA A 1174 -22.41 56.58 -19.04
C ALA A 1174 -21.24 56.25 -19.96
N THR A 1175 -21.48 56.19 -21.27
CA THR A 1175 -20.44 55.79 -22.21
C THR A 1175 -19.26 56.76 -22.19
N ARG A 1176 -19.54 58.06 -22.16
CA ARG A 1176 -18.50 59.06 -22.07
C ARG A 1176 -18.08 59.22 -20.61
N ILE A 1177 -16.77 59.11 -20.36
CA ILE A 1177 -16.28 59.14 -18.99
C ILE A 1177 -15.98 60.56 -18.50
N SER A 1178 -15.68 61.49 -19.41
CA SER A 1178 -15.41 62.87 -19.02
C SER A 1178 -16.58 63.45 -18.23
N ILE A 1179 -16.31 64.53 -17.51
CA ILE A 1179 -17.35 65.16 -16.67
C ILE A 1179 -18.09 66.12 -17.59
N PHE A 1180 -18.94 65.55 -18.43
CA PHE A 1180 -20.01 66.26 -19.12
C PHE A 1180 -21.29 65.45 -19.18
N GLY A 1181 -21.20 64.12 -19.12
CA GLY A 1181 -22.35 63.25 -19.02
C GLY A 1181 -22.90 63.10 -17.61
N LEU A 1182 -22.20 63.62 -16.61
CA LEU A 1182 -22.76 63.67 -15.27
C LEU A 1182 -24.06 64.46 -15.28
N GLY A 1183 -24.14 65.51 -16.09
CA GLY A 1183 -25.40 66.18 -16.31
C GLY A 1183 -26.44 65.25 -16.93
N TYR A 1184 -26.00 64.37 -17.84
CA TYR A 1184 -26.90 63.38 -18.40
C TYR A 1184 -27.44 62.44 -17.33
N LEU A 1185 -26.57 61.98 -16.42
CA LEU A 1185 -27.04 61.11 -15.33
C LEU A 1185 -28.01 61.85 -14.42
N LEU A 1186 -27.71 63.11 -14.08
CA LEU A 1186 -28.61 63.88 -13.23
C LEU A 1186 -29.96 64.07 -13.89
N ALA A 1187 -29.96 64.41 -15.19
CA ALA A 1187 -31.21 64.59 -15.92
C ALA A 1187 -31.96 63.27 -16.01
N CYS A 1188 -31.25 62.16 -16.21
CA CYS A 1188 -31.90 60.87 -16.26
C CYS A 1188 -32.60 60.56 -14.95
N PHE A 1189 -31.91 60.79 -13.82
CA PHE A 1189 -32.54 60.54 -12.53
C PHE A 1189 -33.76 61.42 -12.30
N TYR A 1190 -33.64 62.72 -12.62
CA TYR A 1190 -34.75 63.63 -12.39
C TYR A 1190 -35.96 63.27 -13.26
N LEU A 1191 -35.73 63.03 -14.55
CA LEU A 1191 -36.83 62.67 -15.44
C LEU A 1191 -37.41 61.31 -15.05
N LEU A 1192 -36.56 60.36 -14.67
CA LEU A 1192 -37.05 59.04 -14.29
C LEU A 1192 -37.92 59.12 -13.05
N LEU A 1193 -37.63 60.05 -12.15
CA LEU A 1193 -38.49 60.27 -10.99
C LEU A 1193 -39.79 60.98 -11.37
N PHE A 1194 -39.70 62.04 -12.17
CA PHE A 1194 -40.81 62.96 -12.36
C PHE A 1194 -41.56 62.79 -13.67
N GLY A 1195 -41.31 61.70 -14.42
CA GLY A 1195 -41.96 61.57 -15.72
C GLY A 1195 -43.47 61.47 -15.64
N THR A 1196 -43.98 60.73 -14.66
CA THR A 1196 -45.42 60.54 -14.54
C THR A 1196 -46.13 61.88 -14.32
N THR A 1197 -45.69 62.64 -13.32
CA THR A 1197 -46.29 63.95 -13.09
C THR A 1197 -45.96 64.94 -14.20
N LEU A 1198 -44.89 64.69 -14.96
CA LEU A 1198 -44.56 65.58 -16.07
C LEU A 1198 -45.53 65.40 -17.23
N LEU A 1199 -45.89 64.15 -17.53
CA LEU A 1199 -46.77 63.89 -18.67
C LEU A 1199 -48.17 64.44 -18.45
N GLN A 1200 -48.61 64.57 -17.20
CA GLN A 1200 -49.96 65.04 -16.93
C GLN A 1200 -50.10 66.55 -16.95
N LYS A 1201 -49.00 67.31 -16.91
CA LYS A 1201 -49.11 68.76 -16.82
C LYS A 1201 -49.39 69.35 -18.20
N ASP A 1202 -49.52 70.68 -18.23
CA ASP A 1202 -49.89 71.38 -19.45
C ASP A 1202 -48.70 71.45 -20.41
N THR A 1203 -49.00 71.36 -21.70
CA THR A 1203 -47.98 71.15 -22.73
C THR A 1203 -46.85 72.17 -22.63
N ARG A 1204 -47.16 73.43 -22.27
CA ARG A 1204 -46.16 74.48 -22.23
C ARG A 1204 -45.03 74.13 -21.27
N ALA A 1205 -45.36 73.54 -20.11
CA ALA A 1205 -44.34 73.19 -19.14
C ALA A 1205 -43.34 72.20 -19.72
N GLN A 1206 -43.84 71.11 -20.32
CA GLN A 1206 -42.94 70.13 -20.90
C GLN A 1206 -42.16 70.71 -22.07
N LEU A 1207 -42.80 71.53 -22.91
CA LEU A 1207 -42.08 72.11 -24.04
C LEU A 1207 -40.93 72.97 -23.56
N VAL A 1208 -41.16 73.77 -22.51
CA VAL A 1208 -40.08 74.59 -21.95
C VAL A 1208 -38.98 73.72 -21.35
N LEU A 1209 -39.36 72.70 -20.58
CA LEU A 1209 -38.35 71.86 -19.93
C LEU A 1209 -37.50 71.13 -20.95
N TRP A 1210 -38.12 70.60 -22.00
CA TRP A 1210 -37.37 69.87 -23.02
C TRP A 1210 -36.59 70.82 -23.92
N ASP A 1211 -37.08 72.06 -24.10
CA ASP A 1211 -36.24 73.06 -24.76
C ASP A 1211 -34.98 73.33 -23.94
N CYS A 1212 -35.13 73.39 -22.62
CA CYS A 1212 -33.95 73.56 -21.76
C CYS A 1212 -33.00 72.37 -21.90
N LEU A 1213 -33.54 71.15 -21.93
CA LEU A 1213 -32.67 69.99 -22.09
C LEU A 1213 -31.96 69.99 -23.45
N ILE A 1214 -32.66 70.39 -24.51
CA ILE A 1214 -32.04 70.49 -25.83
C ILE A 1214 -30.97 71.58 -25.84
N LEU A 1215 -31.21 72.67 -25.12
CA LEU A 1215 -30.17 73.70 -24.98
C LEU A 1215 -28.95 73.14 -24.28
N TYR A 1216 -29.15 72.33 -23.24
CA TYR A 1216 -28.02 71.68 -22.58
C TYR A 1216 -27.27 70.77 -23.54
N ASN A 1217 -28.00 70.04 -24.37
CA ASN A 1217 -27.35 69.15 -25.34
C ASN A 1217 -26.51 69.97 -26.32
N VAL A 1218 -27.07 71.04 -26.88
CA VAL A 1218 -26.31 71.78 -27.88
C VAL A 1218 -25.12 72.47 -27.23
N THR A 1219 -25.26 72.93 -25.98
CA THR A 1219 -24.12 73.59 -25.35
C THR A 1219 -23.01 72.60 -25.03
N VAL A 1220 -23.35 71.36 -24.66
CA VAL A 1220 -22.27 70.40 -24.42
C VAL A 1220 -21.58 70.05 -25.73
N ILE A 1221 -22.34 69.95 -26.83
CA ILE A 1221 -21.69 69.66 -28.12
C ILE A 1221 -20.77 70.81 -28.54
N ILE A 1222 -21.23 72.06 -28.43
CA ILE A 1222 -20.39 73.17 -28.86
C ILE A 1222 -19.19 73.30 -27.93
N SER A 1223 -19.37 72.98 -26.65
CA SER A 1223 -18.24 72.98 -25.73
C SER A 1223 -17.19 71.95 -26.14
N LYS A 1224 -17.61 70.75 -26.53
CA LYS A 1224 -16.65 69.76 -26.99
C LYS A 1224 -15.97 70.22 -28.28
N ASN A 1225 -16.73 70.83 -29.19
CA ASN A 1225 -16.15 71.29 -30.45
C ASN A 1225 -15.07 72.33 -30.20
N MET A 1226 -15.35 73.30 -29.34
CA MET A 1226 -14.34 74.32 -29.04
C MET A 1226 -13.20 73.75 -28.20
N LEU A 1227 -13.49 72.76 -27.37
CA LEU A 1227 -12.48 72.11 -26.54
C LEU A 1227 -11.53 71.25 -27.35
N SER A 1228 -11.94 70.82 -28.55
CA SER A 1228 -11.02 70.10 -29.43
C SER A 1228 -9.77 70.92 -29.74
N LEU A 1229 -9.88 72.25 -29.78
CA LEU A 1229 -8.72 73.09 -30.03
C LEU A 1229 -7.67 72.91 -28.94
N LEU A 1230 -8.08 73.06 -27.68
CA LEU A 1230 -7.16 72.81 -26.58
C LEU A 1230 -6.73 71.35 -26.51
N SER A 1231 -7.57 70.44 -27.03
CA SER A 1231 -7.17 69.04 -27.10
C SER A 1231 -5.98 68.86 -28.03
N CYS A 1232 -5.96 69.57 -29.16
CA CYS A 1232 -4.90 69.43 -30.14
C CYS A 1232 -3.75 70.40 -29.95
N VAL A 1233 -3.75 71.18 -28.86
CA VAL A 1233 -2.61 72.03 -28.52
C VAL A 1233 -2.16 71.55 -27.14
N PHE A 1234 -2.48 70.29 -26.83
CA PHE A 1234 -2.15 69.73 -25.52
C PHE A 1234 -0.68 69.36 -25.38
N VAL A 1235 -0.02 69.00 -26.48
CA VAL A 1235 1.35 68.50 -26.39
C VAL A 1235 2.30 69.57 -25.86
N GLU A 1236 2.08 70.82 -26.27
CA GLU A 1236 3.00 71.89 -25.89
C GLU A 1236 2.82 72.27 -24.42
N GLN A 1237 1.60 72.61 -24.02
CA GLN A 1237 1.33 73.12 -22.68
C GLN A 1237 0.65 72.09 -21.78
N MET A 1238 -0.46 71.52 -22.24
CA MET A 1238 -1.27 70.66 -21.38
C MET A 1238 -0.57 69.35 -21.01
N GLN A 1239 0.41 68.92 -21.80
CA GLN A 1239 1.13 67.70 -21.45
C GLN A 1239 2.02 67.94 -20.24
N SER A 1240 1.94 67.04 -19.27
CA SER A 1240 2.70 67.12 -18.02
C SER A 1240 2.42 68.41 -17.26
N ASN A 1241 1.20 68.94 -17.39
CA ASN A 1241 0.81 70.14 -16.68
C ASN A 1241 -0.71 70.19 -16.58
N PHE A 1242 -1.21 70.58 -15.41
CA PHE A 1242 -2.65 70.67 -15.17
C PHE A 1242 -3.34 69.34 -15.48
N CYS A 1243 -2.76 68.25 -14.97
CA CYS A 1243 -3.27 66.92 -15.28
C CYS A 1243 -4.69 66.73 -14.75
N TRP A 1244 -5.03 67.36 -13.63
CA TRP A 1244 -6.37 67.21 -13.08
C TRP A 1244 -7.45 67.72 -14.04
N VAL A 1245 -7.17 68.79 -14.77
CA VAL A 1245 -8.17 69.33 -15.69
C VAL A 1245 -8.28 68.48 -16.95
N ILE A 1246 -7.16 67.97 -17.47
CA ILE A 1246 -7.24 67.13 -18.66
C ILE A 1246 -7.92 65.81 -18.32
N GLN A 1247 -7.80 65.34 -17.07
CA GLN A 1247 -8.59 64.18 -16.67
C GLN A 1247 -10.06 64.55 -16.47
N LEU A 1248 -10.33 65.76 -15.97
CA LEU A 1248 -11.71 66.17 -15.73
C LEU A 1248 -12.50 66.25 -17.04
N PHE A 1249 -11.96 66.99 -18.02
CA PHE A 1249 -12.68 67.21 -19.27
C PHE A 1249 -12.32 66.21 -20.37
N SER A 1250 -11.27 65.42 -20.19
CA SER A 1250 -10.82 64.42 -21.16
C SER A 1250 -10.55 65.05 -22.53
N LEU A 1251 -9.55 65.94 -22.55
CA LEU A 1251 -9.14 66.61 -23.77
C LEU A 1251 -8.39 65.63 -24.67
N VAL A 1252 -9.03 65.17 -25.73
CA VAL A 1252 -8.40 64.27 -26.70
C VAL A 1252 -8.84 64.67 -28.10
N CYS A 1253 -7.89 64.68 -29.03
CA CYS A 1253 -8.20 64.96 -30.42
C CYS A 1253 -8.90 63.76 -31.07
N THR A 1254 -9.48 64.00 -32.25
CA THR A 1254 -10.12 62.94 -33.01
C THR A 1254 -9.22 62.38 -34.11
N VAL A 1255 -8.55 63.23 -34.87
CA VAL A 1255 -7.66 62.78 -35.94
C VAL A 1255 -6.81 63.95 -36.44
N ALA A 1278 -17.69 61.31 -35.27
CA ALA A 1278 -16.79 60.17 -35.10
C ALA A 1278 -16.93 59.55 -33.71
N GLY A 1279 -16.35 60.22 -32.72
CA GLY A 1279 -16.41 59.78 -31.34
C GLY A 1279 -17.44 60.47 -30.49
N ILE A 1280 -18.39 61.19 -31.09
CA ILE A 1280 -19.40 61.94 -30.36
C ILE A 1280 -20.78 61.50 -30.84
N ILE A 1281 -20.88 60.26 -31.31
CA ILE A 1281 -22.11 59.78 -31.92
C ILE A 1281 -23.26 59.74 -30.92
N TRP A 1282 -22.97 59.33 -29.68
CA TRP A 1282 -24.05 59.14 -28.72
C TRP A 1282 -24.78 60.44 -28.41
N ASP A 1283 -24.07 61.55 -28.29
CA ASP A 1283 -24.73 62.80 -27.97
C ASP A 1283 -25.61 63.29 -29.11
N SER A 1284 -25.14 63.14 -30.35
CA SER A 1284 -25.96 63.48 -31.50
C SER A 1284 -27.20 62.59 -31.56
N ILE A 1285 -27.05 61.31 -31.25
CA ILE A 1285 -28.19 60.40 -31.20
C ILE A 1285 -29.19 60.86 -30.14
N CYS A 1286 -28.67 61.27 -28.97
CA CYS A 1286 -29.53 61.79 -27.92
C CYS A 1286 -30.28 63.03 -28.38
N PHE A 1287 -29.60 63.92 -29.10
CA PHE A 1287 -30.24 65.13 -29.61
C PHE A 1287 -31.36 64.77 -30.61
N PHE A 1288 -31.10 63.80 -31.49
CA PHE A 1288 -32.13 63.34 -32.42
C PHE A 1288 -33.33 62.79 -31.68
N PHE A 1289 -33.08 61.97 -30.66
CA PHE A 1289 -34.19 61.39 -29.89
C PHE A 1289 -34.96 62.48 -29.14
N LEU A 1290 -34.26 63.48 -28.61
CA LEU A 1290 -34.92 64.60 -27.97
C LEU A 1290 -35.86 65.32 -28.94
N LEU A 1291 -35.36 65.61 -30.15
CA LEU A 1291 -36.19 66.33 -31.12
C LEU A 1291 -37.40 65.49 -31.51
N LEU A 1292 -37.20 64.19 -31.76
CA LEU A 1292 -38.33 63.37 -32.18
C LEU A 1292 -39.36 63.24 -31.07
N GLN A 1293 -38.92 63.14 -29.81
CA GLN A 1293 -39.90 63.10 -28.73
C GLN A 1293 -40.61 64.43 -28.56
N ARG A 1294 -39.92 65.54 -28.83
CA ARG A 1294 -40.61 66.84 -28.81
C ARG A 1294 -41.69 66.91 -29.88
N ARG A 1295 -41.36 66.43 -31.09
CA ARG A 1295 -42.37 66.38 -32.16
C ARG A 1295 -43.53 65.49 -31.78
N ILE A 1296 -43.25 64.38 -31.08
CA ILE A 1296 -44.33 63.53 -30.57
C ILE A 1296 -45.19 64.30 -29.58
N PHE A 1297 -44.56 65.06 -28.70
CA PHE A 1297 -45.30 65.89 -27.74
C PHE A 1297 -46.23 66.86 -28.44
N LEU A 1298 -45.81 67.40 -29.59
CA LEU A 1298 -46.66 68.34 -30.32
C LEU A 1298 -47.93 67.67 -30.85
N SER A 1299 -47.92 66.35 -31.06
CA SER A 1299 -49.00 65.69 -31.77
C SER A 1299 -50.26 65.56 -30.90
N HIS A 1300 -51.39 65.34 -31.58
CA HIS A 1300 -52.67 65.09 -30.89
C HIS A 1300 -52.72 63.69 -30.31
N TYR A 1301 -51.99 62.76 -30.91
CA TYR A 1301 -51.88 61.42 -30.36
C TYR A 1301 -51.42 61.48 -28.92
N PHE A 1302 -50.38 62.27 -28.64
CA PHE A 1302 -49.96 62.48 -27.27
C PHE A 1302 -51.04 63.16 -26.44
N LEU A 1303 -51.89 63.97 -27.06
CA LEU A 1303 -52.97 64.60 -26.32
C LEU A 1303 -53.93 63.55 -25.74
N HIS A 1304 -54.44 62.66 -26.59
CA HIS A 1304 -55.38 61.69 -26.02
C HIS A 1304 -54.67 60.64 -25.20
N VAL A 1305 -53.39 60.40 -25.47
CA VAL A 1305 -52.61 59.52 -24.59
C VAL A 1305 -52.50 60.13 -23.21
N SER A 1306 -52.30 61.45 -23.13
CA SER A 1306 -52.26 62.12 -21.83
C SER A 1306 -53.61 62.03 -21.14
N ALA A 1307 -54.69 62.13 -21.90
CA ALA A 1307 -56.01 61.90 -21.31
C ALA A 1307 -56.11 60.50 -20.70
N ASP A 1308 -55.61 59.50 -21.42
CA ASP A 1308 -55.63 58.13 -20.91
C ASP A 1308 -54.80 58.01 -19.63
N LEU A 1309 -53.62 58.62 -19.60
CA LEU A 1309 -52.81 58.60 -18.39
C LEU A 1309 -53.50 59.31 -17.22
N LYS A 1310 -54.23 60.39 -17.51
CA LYS A 1310 -55.00 61.04 -16.46
C LYS A 1310 -56.06 60.11 -15.89
N ALA A 1311 -56.75 59.37 -16.76
CA ALA A 1311 -57.73 58.41 -16.29
C ALA A 1311 -57.09 57.31 -15.44
N THR A 1312 -55.93 56.83 -15.87
CA THR A 1312 -55.23 55.80 -15.09
C THR A 1312 -54.80 56.33 -13.73
N ALA A 1313 -54.36 57.59 -13.67
CA ALA A 1313 -54.03 58.19 -12.38
C ALA A 1313 -55.27 58.31 -11.51
N LEU A 1314 -56.42 58.61 -12.11
CA LEU A 1314 -57.65 58.77 -11.34
C LEU A 1314 -58.11 57.44 -10.74
N GLN A 1315 -58.05 56.36 -11.51
CA GLN A 1315 -58.68 55.09 -11.07
C GLN A 1315 -57.83 54.33 -10.03
N ALA A 1316 -56.80 54.94 -9.48
CA ALA A 1316 -55.90 54.24 -8.56
C ALA A 1316 -56.62 53.79 -7.30
N SER A 1317 -57.45 54.66 -6.72
CA SER A 1317 -58.15 54.31 -5.48
C SER A 1317 -59.15 53.18 -5.71
N ARG A 1318 -59.84 53.19 -6.85
CA ARG A 1318 -60.76 52.11 -7.16
C ARG A 1318 -60.02 50.79 -7.31
N GLY A 1319 -58.87 50.81 -8.00
CA GLY A 1319 -58.07 49.60 -8.09
C GLY A 1319 -57.62 49.11 -6.73
N PHE A 1320 -57.20 50.03 -5.86
CA PHE A 1320 -56.79 49.67 -4.51
C PHE A 1320 -57.93 49.00 -3.74
N ALA A 1321 -59.14 49.57 -3.83
CA ALA A 1321 -60.28 49.00 -3.13
C ALA A 1321 -60.60 47.61 -3.66
N LEU A 1322 -60.53 47.43 -4.98
CA LEU A 1322 -60.79 46.11 -5.56
C LEU A 1322 -59.78 45.08 -5.06
N TYR A 1323 -58.50 45.45 -5.03
CA TYR A 1323 -57.47 44.54 -4.54
C TYR A 1323 -57.70 44.20 -3.08
N ASN A 1324 -58.06 45.19 -2.26
CA ASN A 1324 -58.35 44.94 -0.86
C ASN A 1324 -59.51 43.97 -0.70
N ALA A 1325 -60.58 44.16 -1.47
CA ALA A 1325 -61.71 43.25 -1.38
C ALA A 1325 -61.30 41.83 -1.75
N ALA A 1326 -60.50 41.68 -2.81
CA ALA A 1326 -60.07 40.35 -3.23
C ALA A 1326 -59.26 39.66 -2.13
N ASN A 1327 -58.29 40.37 -1.55
CA ASN A 1327 -57.45 39.72 -0.55
C ASN A 1327 -58.23 39.41 0.71
N LEU A 1328 -59.18 40.29 1.10
CA LEU A 1328 -60.02 39.99 2.25
C LEU A 1328 -60.86 38.74 2.02
N LYS A 1329 -61.43 38.61 0.81
CA LYS A 1329 -62.21 37.42 0.50
C LYS A 1329 -61.35 36.15 0.58
N SER A 1330 -60.13 36.21 0.04
CA SER A 1330 -59.24 35.05 0.12
C SER A 1330 -58.92 34.70 1.57
N ILE A 1331 -58.66 35.71 2.40
CA ILE A 1331 -58.35 35.46 3.81
C ILE A 1331 -59.54 34.83 4.51
N ASN A 1332 -60.76 35.31 4.22
CA ASN A 1332 -61.94 34.73 4.83
C ASN A 1332 -62.12 33.27 4.43
N PHE A 1333 -61.88 32.96 3.16
CA PHE A 1333 -61.99 31.58 2.69
C PHE A 1333 -61.00 30.68 3.43
N HIS A 1334 -59.74 31.13 3.56
CA HIS A 1334 -58.75 30.35 4.28
C HIS A 1334 -59.16 30.16 5.74
N ARG A 1335 -59.70 31.21 6.36
CA ARG A 1335 -60.15 31.12 7.74
C ARG A 1335 -61.24 30.07 7.89
N GLN A 1336 -62.21 30.05 6.98
CA GLN A 1336 -63.28 29.07 7.07
C GLN A 1336 -62.75 27.64 6.88
N ILE A 1337 -61.82 27.46 5.95
CA ILE A 1337 -61.24 26.13 5.76
C ILE A 1337 -60.53 25.66 7.02
N GLU A 1338 -59.75 26.56 7.64
CA GLU A 1338 -59.08 26.21 8.89
C GLU A 1338 -60.09 25.90 9.98
N GLU A 1339 -61.19 26.66 10.04
CA GLU A 1339 -62.20 26.43 11.06
C GLU A 1339 -62.81 25.03 10.93
N LYS A 1340 -63.15 24.64 9.70
CA LYS A 1340 -63.73 23.31 9.53
C LYS A 1340 -62.71 22.22 9.85
N SER A 1341 -61.43 22.45 9.53
CA SER A 1341 -60.40 21.47 9.88
C SER A 1341 -60.31 21.29 11.39
N LEU A 1342 -60.30 22.39 12.15
CA LEU A 1342 -60.27 22.30 13.60
C LEU A 1342 -61.53 21.63 14.15
N ALA A 1343 -62.69 21.89 13.53
CA ALA A 1343 -63.91 21.22 13.96
C ALA A 1343 -63.78 19.71 13.79
N GLN A 1344 -63.24 19.26 12.66
CA GLN A 1344 -63.02 17.82 12.46
C GLN A 1344 -62.03 17.27 13.48
N LEU A 1345 -60.99 18.02 13.79
CA LEU A 1345 -60.02 17.58 14.79
C LEU A 1345 -60.70 17.39 16.15
N LYS A 1346 -61.55 18.36 16.54
CA LYS A 1346 -62.27 18.25 17.80
C LYS A 1346 -63.19 17.04 17.80
N ARG A 1347 -63.86 16.78 16.67
CA ARG A 1347 -64.71 15.59 16.59
C ARG A 1347 -63.90 14.31 16.77
N GLN A 1348 -62.73 14.23 16.14
CA GLN A 1348 -61.89 13.05 16.30
C GLN A 1348 -61.45 12.88 17.75
N MET A 1349 -61.07 13.99 18.40
CA MET A 1349 -60.65 13.90 19.79
C MET A 1349 -61.80 13.43 20.69
N LYS A 1350 -63.00 13.94 20.44
CA LYS A 1350 -64.16 13.49 21.19
C LYS A 1350 -64.39 12.00 20.99
N ARG A 1351 -64.26 11.53 19.74
CA ARG A 1351 -64.47 10.11 19.45
C ARG A 1351 -63.47 9.25 20.22
N ILE A 1352 -62.20 9.63 20.19
CA ILE A 1352 -61.19 8.80 20.84
C ILE A 1352 -61.34 8.84 22.36
N ARG A 1353 -61.68 9.99 22.92
CA ARG A 1353 -61.92 10.07 24.35
C ARG A 1353 -63.11 9.20 24.75
N ALA A 1354 -64.18 9.22 23.95
CA ALA A 1354 -65.34 8.39 24.24
C ALA A 1354 -64.98 6.91 24.19
N LYS A 1355 -64.20 6.50 23.18
CA LYS A 1355 -63.81 5.10 23.08
C LYS A 1355 -62.98 4.67 24.28
N GLN A 1356 -62.01 5.50 24.69
CA GLN A 1356 -61.16 5.12 25.81
C GLN A 1356 -61.94 5.08 27.11
N GLU A 1357 -62.87 6.02 27.32
CA GLU A 1357 -63.65 5.98 28.56
C GLU A 1357 -64.62 4.81 28.57
N LYS A 1358 -65.18 4.45 27.42
CA LYS A 1358 -66.02 3.26 27.36
C LYS A 1358 -65.22 2.00 27.67
N TYR A 1359 -63.99 1.93 27.16
CA TYR A 1359 -63.11 0.81 27.52
C TYR A 1359 -62.85 0.78 29.01
N ARG A 1360 -62.66 1.96 29.62
CA ARG A 1360 -62.44 2.03 31.06
C ARG A 1360 -63.65 1.49 31.82
N GLN A 1361 -64.86 1.90 31.41
CA GLN A 1361 -66.06 1.39 32.08
C GLN A 1361 -66.21 -0.11 31.89
N SER A 1362 -65.88 -0.61 30.69
CA SER A 1362 -65.95 -2.04 30.46
C SER A 1362 -64.99 -2.81 31.36
N GLN A 1363 -63.78 -2.26 31.55
CA GLN A 1363 -62.81 -2.90 32.43
C GLN A 1363 -63.11 -2.67 33.91
N ALA A 1364 -63.99 -1.72 34.23
CA ALA A 1364 -64.30 -1.46 35.64
C ALA A 1364 -64.95 -2.68 36.31
N SER A 1365 -65.64 -3.51 35.55
CA SER A 1365 -66.27 -4.70 36.11
C SER A 1365 -65.29 -5.87 36.16
N THR A 1405 -45.43 0.16 33.85
CA THR A 1405 -46.58 0.78 34.49
C THR A 1405 -47.86 0.50 33.71
N VAL A 1406 -48.51 1.58 33.25
CA VAL A 1406 -49.71 1.43 32.44
C VAL A 1406 -49.39 0.88 31.07
N ILE A 1407 -48.16 1.08 30.59
CA ILE A 1407 -47.78 0.60 29.27
C ILE A 1407 -47.88 -0.92 29.19
N HIS A 1408 -47.53 -1.61 30.28
CA HIS A 1408 -47.61 -3.06 30.29
C HIS A 1408 -49.05 -3.55 30.22
N SER A 1409 -50.00 -2.73 30.64
CA SER A 1409 -51.40 -3.15 30.66
C SER A 1409 -51.92 -3.32 29.23
N GLY A 1410 -52.95 -4.15 29.10
CA GLY A 1410 -53.54 -4.45 27.81
C GLY A 1410 -54.13 -5.85 27.76
N ASP A 1411 -55.32 -5.99 27.18
CA ASP A 1411 -56.02 -7.26 27.20
C ASP A 1411 -56.95 -7.33 25.99
N TYR A 1412 -57.40 -8.56 25.69
CA TYR A 1412 -58.23 -8.80 24.51
C TYR A 1412 -59.53 -8.01 24.52
N PHE A 1413 -59.99 -7.56 25.69
CA PHE A 1413 -61.25 -6.83 25.75
C PHE A 1413 -61.19 -5.51 24.99
N LEU A 1414 -59.99 -4.98 24.76
CA LEU A 1414 -59.83 -3.79 23.93
C LEU A 1414 -60.08 -4.07 22.46
N PHE A 1415 -60.21 -5.33 22.06
CA PHE A 1415 -60.28 -5.72 20.66
C PHE A 1415 -61.64 -6.26 20.26
N GLU A 1416 -62.70 -5.88 20.98
CA GLU A 1416 -64.04 -6.33 20.63
C GLU A 1416 -64.45 -5.77 19.27
N SER A 1417 -65.05 -6.63 18.45
CA SER A 1417 -65.45 -6.25 17.09
C SER A 1417 -66.78 -5.48 17.16
N ASP A 1418 -66.69 -4.26 17.66
CA ASP A 1418 -67.86 -3.39 17.81
C ASP A 1418 -67.57 -1.99 17.28
N PHE A 1504 -46.53 16.36 -39.81
CA PHE A 1504 -47.03 16.35 -38.44
C PHE A 1504 -45.91 16.65 -37.43
N LEU A 1505 -45.16 17.71 -37.71
CA LEU A 1505 -44.05 18.12 -36.85
C LEU A 1505 -44.18 19.54 -36.32
N TRP A 1506 -44.73 20.46 -37.13
CA TRP A 1506 -44.96 21.81 -36.63
C TRP A 1506 -46.03 21.83 -35.54
N VAL A 1507 -47.01 20.93 -35.64
CA VAL A 1507 -48.09 20.88 -34.66
C VAL A 1507 -47.55 20.57 -33.27
N LEU A 1508 -46.50 19.75 -33.19
CA LEU A 1508 -45.93 19.42 -31.89
C LEU A 1508 -45.40 20.66 -31.19
N GLY A 1509 -44.56 21.43 -31.87
CA GLY A 1509 -44.02 22.64 -31.28
C GLY A 1509 -45.08 23.68 -31.00
N GLN A 1510 -46.02 23.84 -31.92
CA GLN A 1510 -47.08 24.82 -31.72
C GLN A 1510 -47.97 24.43 -30.53
N ALA A 1511 -48.26 23.14 -30.37
CA ALA A 1511 -49.05 22.71 -29.22
C ALA A 1511 -48.29 22.89 -27.92
N THR A 1512 -46.98 22.61 -27.92
CA THR A 1512 -46.20 22.82 -26.72
C THR A 1512 -46.16 24.29 -26.32
N VAL A 1513 -45.97 25.18 -27.30
CA VAL A 1513 -45.94 26.61 -26.96
C VAL A 1513 -47.34 27.10 -26.58
N ASP A 1514 -48.40 26.52 -27.14
CA ASP A 1514 -49.74 26.85 -26.71
C ASP A 1514 -49.97 26.44 -25.26
N GLY A 1515 -49.47 25.25 -24.88
CA GLY A 1515 -49.54 24.85 -23.49
C GLY A 1515 -48.77 25.78 -22.57
N LEU A 1516 -47.58 26.20 -23.00
CA LEU A 1516 -46.78 27.14 -22.21
C LEU A 1516 -47.52 28.46 -22.02
N THR A 1517 -48.08 29.00 -23.10
CA THR A 1517 -48.78 30.28 -22.96
C THR A 1517 -50.08 30.13 -22.19
N ARG A 1518 -50.72 28.96 -22.25
CA ARG A 1518 -51.89 28.71 -21.41
C ARG A 1518 -51.50 28.67 -19.94
N TRP A 1519 -50.36 28.06 -19.62
CA TRP A 1519 -49.86 28.08 -18.25
C TRP A 1519 -49.55 29.50 -17.79
N LEU A 1520 -48.98 30.31 -18.69
CA LEU A 1520 -48.73 31.71 -18.35
C LEU A 1520 -50.02 32.46 -18.09
N ARG A 1521 -51.04 32.24 -18.91
CA ARG A 1521 -52.34 32.87 -18.68
C ARG A 1521 -52.94 32.41 -17.35
N ALA A 1522 -52.81 31.12 -17.03
CA ALA A 1522 -53.30 30.63 -15.76
C ALA A 1522 -52.60 31.30 -14.59
N PHE A 1523 -51.28 31.48 -14.71
CA PHE A 1523 -50.53 32.18 -13.67
C PHE A 1523 -50.96 33.64 -13.54
N THR A 1524 -51.30 34.28 -14.66
CA THR A 1524 -51.60 35.70 -14.67
C THR A 1524 -53.10 36.02 -14.50
N LYS A 1525 -53.96 35.00 -14.38
CA LYS A 1525 -55.40 35.19 -14.48
C LYS A 1525 -55.92 36.33 -13.60
N HIS A 1526 -55.50 36.38 -12.34
CA HIS A 1526 -56.02 37.40 -11.43
C HIS A 1526 -55.66 38.80 -11.90
N HIS A 1527 -54.39 39.00 -12.27
CA HIS A 1527 -53.96 40.30 -12.78
C HIS A 1527 -54.67 40.63 -14.08
N ARG A 1528 -54.87 39.62 -14.94
CA ARG A 1528 -55.60 39.84 -16.18
C ARG A 1528 -57.01 40.35 -15.90
N THR A 1529 -57.70 39.72 -14.95
CA THR A 1529 -59.06 40.14 -14.62
C THR A 1529 -59.08 41.56 -14.09
N MET A 1530 -58.17 41.86 -13.14
CA MET A 1530 -58.14 43.20 -12.56
C MET A 1530 -57.82 44.26 -13.61
N SER A 1531 -56.82 43.98 -14.45
CA SER A 1531 -56.46 44.94 -15.50
C SER A 1531 -57.60 45.13 -16.49
N ASP A 1532 -58.30 44.05 -16.85
CA ASP A 1532 -59.39 44.17 -17.80
C ASP A 1532 -60.52 45.02 -17.24
N VAL A 1533 -60.94 44.75 -16.00
CA VAL A 1533 -62.03 45.54 -15.44
C VAL A 1533 -61.62 47.00 -15.27
N LEU A 1534 -60.38 47.23 -14.80
CA LEU A 1534 -59.93 48.60 -14.62
C LEU A 1534 -59.82 49.35 -15.94
N CYS A 1535 -59.33 48.67 -17.00
CA CYS A 1535 -59.19 49.32 -18.29
C CYS A 1535 -60.55 49.59 -18.92
N ALA A 1536 -61.51 48.69 -18.73
CA ALA A 1536 -62.87 48.97 -19.20
C ALA A 1536 -63.46 50.18 -18.48
N GLU A 1537 -63.25 50.26 -17.16
CA GLU A 1537 -63.73 51.41 -16.41
C GLU A 1537 -63.08 52.70 -16.90
N ARG A 1538 -61.77 52.67 -17.15
CA ARG A 1538 -61.07 53.85 -17.64
C ARG A 1538 -61.56 54.24 -19.04
N TYR A 1539 -61.81 53.24 -19.89
CA TYR A 1539 -62.28 53.52 -21.24
C TYR A 1539 -63.64 54.21 -21.21
N LEU A 1540 -64.56 53.68 -20.41
CA LEU A 1540 -65.87 54.31 -20.31
C LEU A 1540 -65.78 55.69 -19.66
N LEU A 1541 -64.86 55.85 -18.70
CA LEU A 1541 -64.68 57.14 -18.05
C LEU A 1541 -64.18 58.20 -19.04
N THR A 1542 -63.22 57.84 -19.89
CA THR A 1542 -62.71 58.78 -20.87
C THR A 1542 -63.69 59.03 -22.00
N GLN A 1543 -64.47 58.02 -22.39
CA GLN A 1543 -65.53 58.24 -23.36
C GLN A 1543 -66.59 59.19 -22.80
N GLU A 1544 -66.86 59.09 -21.50
CA GLU A 1544 -67.78 60.02 -20.86
C GLU A 1544 -67.17 61.41 -20.73
N LEU A 1545 -65.85 61.50 -20.61
CA LEU A 1545 -65.21 62.76 -20.25
C LEU A 1545 -65.24 63.76 -21.40
N LEU A 1546 -66.28 64.60 -21.43
CA LEU A 1546 -66.38 65.68 -22.40
C LEU A 1546 -65.72 66.94 -21.87
N ARG A 1547 -66.15 67.41 -20.69
CA ARG A 1547 -65.59 68.60 -20.07
C ARG A 1547 -65.63 68.49 -18.55
N ARG A 1552 -69.17 62.67 -9.50
CA ARG A 1552 -68.66 61.82 -8.44
C ARG A 1552 -68.61 60.36 -8.89
N ARG A 1553 -68.69 59.43 -7.94
CA ARG A 1553 -68.71 58.02 -8.28
C ARG A 1553 -70.02 57.61 -8.96
N GLY A 1554 -71.05 58.43 -8.85
CA GLY A 1554 -72.34 58.07 -9.42
C GLY A 1554 -72.30 57.88 -10.92
N VAL A 1555 -71.49 58.68 -11.62
CA VAL A 1555 -71.36 58.54 -13.06
C VAL A 1555 -70.68 57.24 -13.46
N LEU A 1556 -70.04 56.56 -12.52
CA LEU A 1556 -69.39 55.28 -12.79
C LEU A 1556 -70.34 54.10 -12.65
N ASP A 1557 -71.60 54.33 -12.30
CA ASP A 1557 -72.59 53.28 -12.14
C ASP A 1557 -73.39 53.01 -13.42
N GLN A 1558 -72.79 53.29 -14.58
CA GLN A 1558 -73.50 53.07 -15.84
C GLN A 1558 -73.85 51.60 -16.04
N LEU A 1559 -73.05 50.69 -15.48
CA LEU A 1559 -73.31 49.27 -15.59
C LEU A 1559 -74.56 48.86 -14.81
N GLU A 1647 -67.52 44.52 -2.75
CA GLU A 1647 -67.05 44.40 -4.12
C GLU A 1647 -66.46 43.02 -4.38
N LEU A 1648 -66.41 42.63 -5.65
CA LEU A 1648 -65.89 41.33 -6.04
C LEU A 1648 -65.49 41.38 -7.51
N LEU A 1649 -64.83 40.30 -7.96
CA LEU A 1649 -64.44 40.18 -9.36
C LEU A 1649 -65.68 39.83 -10.18
N LEU A 1650 -66.47 40.86 -10.46
CA LEU A 1650 -67.75 40.71 -11.15
C LEU A 1650 -67.64 41.31 -12.55
N ASP A 1651 -68.03 40.53 -13.55
CA ASP A 1651 -68.06 40.97 -14.94
C ASP A 1651 -69.46 41.39 -15.38
N ARG A 1652 -70.42 41.43 -14.47
CA ARG A 1652 -71.80 41.77 -14.80
C ARG A 1652 -71.87 43.26 -15.11
N ARG A 1653 -71.91 43.60 -16.39
CA ARG A 1653 -71.93 45.00 -16.82
C ARG A 1653 -72.39 45.04 -18.28
N LEU A 1654 -72.52 46.26 -18.80
CA LEU A 1654 -72.82 46.45 -20.20
C LEU A 1654 -71.59 46.18 -21.05
N HIS A 1655 -71.74 46.24 -22.36
CA HIS A 1655 -70.66 45.94 -23.29
C HIS A 1655 -70.44 47.11 -24.24
N ILE A 1656 -69.18 47.31 -24.61
CA ILE A 1656 -68.78 48.32 -25.58
C ILE A 1656 -68.19 47.60 -26.78
N PRO A 1657 -68.69 47.85 -28.00
CA PRO A 1657 -68.21 47.09 -29.16
C PRO A 1657 -66.73 47.24 -29.44
N GLU A 1658 -66.15 48.42 -29.15
CA GLU A 1658 -64.73 48.63 -29.45
C GLU A 1658 -63.84 47.70 -28.64
N LEU A 1659 -64.15 47.52 -27.35
CA LEU A 1659 -63.35 46.61 -26.53
C LEU A 1659 -63.49 45.18 -27.00
N GLU A 1660 -64.70 44.77 -27.40
CA GLU A 1660 -64.89 43.43 -27.92
C GLU A 1660 -64.10 43.21 -29.21
N GLU A 1661 -64.10 44.21 -30.09
CA GLU A 1661 -63.33 44.11 -31.32
C GLU A 1661 -61.83 44.06 -31.03
N ALA A 1662 -61.37 44.83 -30.04
CA ALA A 1662 -59.97 44.78 -29.66
C ALA A 1662 -59.60 43.40 -29.12
N GLU A 1663 -60.47 42.82 -28.29
CA GLU A 1663 -60.21 41.47 -27.78
C GLU A 1663 -60.16 40.45 -28.91
N ARG A 1664 -61.10 40.55 -29.86
CA ARG A 1664 -61.07 39.66 -31.01
C ARG A 1664 -59.79 39.81 -31.81
N PHE A 1665 -59.35 41.05 -32.02
CA PHE A 1665 -58.14 41.28 -32.81
C PHE A 1665 -56.90 40.75 -32.10
N GLU A 1666 -56.78 40.98 -30.79
CA GLU A 1666 -55.65 40.43 -30.06
C GLU A 1666 -55.72 38.91 -29.99
N ALA A 1667 -56.91 38.32 -30.12
CA ALA A 1667 -56.99 36.88 -30.33
C ALA A 1667 -56.50 36.49 -31.72
N GLN A 1668 -56.72 37.36 -32.71
CA GLN A 1668 -56.29 37.06 -34.08
C GLN A 1668 -54.77 36.98 -34.19
N GLN A 1669 -54.04 37.73 -33.35
CA GLN A 1669 -52.59 37.83 -33.46
C GLN A 1669 -51.86 36.84 -32.56
N GLY A 1670 -52.44 35.67 -32.31
CA GLY A 1670 -51.80 34.68 -31.48
C GLY A 1670 -50.82 33.78 -32.18
N ARG A 1671 -50.50 34.05 -33.45
CA ARG A 1671 -49.65 33.15 -34.22
C ARG A 1671 -48.24 33.10 -33.68
N THR A 1672 -47.61 34.26 -33.46
CA THR A 1672 -46.21 34.32 -33.08
C THR A 1672 -45.90 35.20 -31.89
N LEU A 1673 -46.78 36.13 -31.52
CA LEU A 1673 -46.53 37.00 -30.38
C LEU A 1673 -47.28 36.57 -29.13
N ARG A 1674 -48.05 35.48 -29.19
CA ARG A 1674 -48.82 35.04 -28.04
C ARG A 1674 -47.92 34.71 -26.85
N LEU A 1675 -46.84 33.97 -27.11
CA LEU A 1675 -45.96 33.58 -26.02
C LEU A 1675 -45.20 34.78 -25.45
N LEU A 1676 -44.70 35.67 -26.30
CA LEU A 1676 -44.00 36.84 -25.80
C LEU A 1676 -44.96 37.80 -25.10
N ARG A 1677 -46.17 37.96 -25.63
CA ARG A 1677 -47.15 38.81 -24.96
C ARG A 1677 -47.51 38.24 -23.59
N ALA A 1678 -47.68 36.92 -23.50
CA ALA A 1678 -47.96 36.29 -22.22
C ALA A 1678 -46.80 36.46 -21.25
N GLY A 1679 -45.57 36.33 -21.74
CA GLY A 1679 -44.43 36.54 -20.87
C GLY A 1679 -44.32 37.97 -20.36
N TYR A 1680 -44.56 38.94 -21.25
CA TYR A 1680 -44.56 40.34 -20.83
C TYR A 1680 -45.66 40.61 -19.81
N GLN A 1681 -46.85 40.04 -20.03
CA GLN A 1681 -47.93 40.20 -19.07
C GLN A 1681 -47.56 39.56 -17.73
N CYS A 1682 -46.86 38.43 -17.77
CA CYS A 1682 -46.42 37.78 -16.53
C CYS A 1682 -45.43 38.64 -15.78
N VAL A 1683 -44.44 39.18 -16.48
CA VAL A 1683 -43.44 40.02 -15.83
C VAL A 1683 -44.06 41.31 -15.32
N ALA A 1684 -45.10 41.81 -15.99
CA ALA A 1684 -45.79 43.00 -15.48
C ALA A 1684 -46.66 42.65 -14.27
N ALA A 1685 -47.30 41.48 -14.28
CA ALA A 1685 -48.15 41.08 -13.17
C ALA A 1685 -47.33 40.84 -11.91
N HIS A 1686 -46.19 40.18 -12.02
CA HIS A 1686 -45.34 39.98 -10.85
C HIS A 1686 -44.58 41.26 -10.54
N SER A 1687 -43.68 41.67 -11.44
CA SER A 1687 -43.01 42.97 -11.43
C SER A 1687 -42.25 43.25 -10.13
N GLU A 1688 -42.14 42.28 -9.25
CA GLU A 1688 -41.46 42.51 -7.98
C GLU A 1688 -40.41 41.46 -7.67
N LEU A 1689 -40.67 40.20 -8.01
CA LEU A 1689 -39.68 39.15 -7.75
C LEU A 1689 -38.46 39.29 -8.64
N LEU A 1690 -38.63 39.82 -9.86
CA LEU A 1690 -37.48 40.06 -10.72
C LEU A 1690 -36.64 41.22 -10.22
N CYS A 1691 -37.22 42.15 -9.46
CA CYS A 1691 -36.40 43.15 -8.78
C CYS A 1691 -35.47 42.48 -7.78
N TYR A 1692 -35.99 41.53 -7.00
CA TYR A 1692 -35.14 40.72 -6.14
C TYR A 1692 -34.12 39.94 -6.95
N PHE A 1693 -34.54 39.43 -8.11
CA PHE A 1693 -33.62 38.68 -8.95
C PHE A 1693 -32.44 39.55 -9.35
N ILE A 1694 -32.71 40.74 -9.89
CA ILE A 1694 -31.64 41.60 -10.36
C ILE A 1694 -30.80 42.12 -9.20
N ILE A 1695 -31.41 42.38 -8.04
CA ILE A 1695 -30.63 42.86 -6.90
C ILE A 1695 -29.63 41.79 -6.48
N ILE A 1696 -30.08 40.53 -6.42
CA ILE A 1696 -29.19 39.44 -6.01
C ILE A 1696 -28.13 39.18 -7.07
N LEU A 1697 -28.47 39.30 -8.35
CA LEU A 1697 -27.48 39.10 -9.41
C LEU A 1697 -26.42 40.20 -9.40
N ASN A 1698 -26.83 41.47 -9.27
CA ASN A 1698 -25.85 42.54 -9.24
C ASN A 1698 -24.96 42.44 -8.01
N HIS A 1699 -25.53 42.12 -6.86
CA HIS A 1699 -24.70 41.86 -5.68
C HIS A 1699 -23.80 40.64 -5.89
N MET A 1700 -24.25 39.69 -6.71
CA MET A 1700 -23.48 38.48 -6.95
C MET A 1700 -22.45 38.68 -8.05
N VAL A 1701 -22.73 39.52 -9.04
CA VAL A 1701 -21.87 39.67 -10.21
C VAL A 1701 -20.87 40.79 -9.91
N THR A 1702 -19.74 40.39 -9.34
CA THR A 1702 -18.52 41.21 -9.30
C THR A 1702 -18.68 42.45 -8.40
N ALA A 1703 -19.90 42.69 -7.90
CA ALA A 1703 -20.13 43.80 -6.98
C ALA A 1703 -20.16 43.35 -5.53
N SER A 1704 -19.32 42.36 -5.19
CA SER A 1704 -19.27 41.84 -3.84
C SER A 1704 -18.75 42.87 -2.84
N ALA A 1705 -18.15 43.96 -3.31
CA ALA A 1705 -17.53 44.91 -2.40
C ALA A 1705 -18.58 45.65 -1.56
N ALA A 1706 -19.48 46.37 -2.23
CA ALA A 1706 -20.41 47.25 -1.53
C ALA A 1706 -21.88 46.98 -1.84
N SER A 1707 -22.20 46.12 -2.81
CA SER A 1707 -23.60 45.88 -3.12
C SER A 1707 -24.28 45.01 -2.07
N LEU A 1708 -23.51 44.16 -1.39
CA LEU A 1708 -24.09 43.12 -0.54
C LEU A 1708 -24.93 43.69 0.60
N VAL A 1709 -24.74 44.96 0.96
CA VAL A 1709 -25.56 45.55 2.02
C VAL A 1709 -27.02 45.59 1.60
N LEU A 1710 -27.29 45.86 0.33
CA LEU A 1710 -28.66 46.07 -0.12
C LEU A 1710 -29.50 44.79 -0.12
N PRO A 1711 -28.99 43.63 -0.56
CA PRO A 1711 -29.79 42.40 -0.38
C PRO A 1711 -30.11 42.07 1.06
N VAL A 1712 -29.18 42.32 1.98
CA VAL A 1712 -29.45 42.04 3.40
C VAL A 1712 -30.69 42.80 3.84
N LEU A 1713 -30.75 44.09 3.53
CA LEU A 1713 -31.94 44.88 3.82
C LEU A 1713 -33.18 44.17 3.29
N VAL A 1714 -33.14 43.74 2.03
CA VAL A 1714 -34.27 43.01 1.46
C VAL A 1714 -34.63 41.85 2.36
N PHE A 1715 -33.65 40.96 2.62
CA PHE A 1715 -33.93 39.73 3.34
C PHE A 1715 -34.47 40.01 4.73
N LEU A 1716 -34.21 41.20 5.27
CA LEU A 1716 -34.69 41.55 6.59
C LEU A 1716 -35.80 42.59 6.58
N TRP A 1717 -35.98 43.32 5.48
CA TRP A 1717 -36.93 44.44 5.55
C TRP A 1717 -38.04 44.32 4.51
N ALA A 1718 -37.71 43.94 3.28
CA ALA A 1718 -38.73 43.88 2.24
C ALA A 1718 -39.72 42.75 2.48
N MET A 1719 -39.21 41.57 2.86
CA MET A 1719 -40.00 40.35 2.89
C MET A 1719 -40.40 39.93 4.30
N LEU A 1720 -40.37 40.83 5.28
CA LEU A 1720 -40.79 40.47 6.63
C LEU A 1720 -41.86 41.40 7.19
N THR A 1721 -41.84 42.67 6.79
CA THR A 1721 -42.72 43.66 7.42
C THR A 1721 -44.20 43.42 7.11
N ILE A 1722 -44.56 43.55 5.85
CA ILE A 1722 -45.96 43.58 5.40
C ILE A 1722 -45.99 43.00 3.99
N PRO A 1723 -47.08 42.35 3.56
CA PRO A 1723 -47.19 41.90 2.17
C PRO A 1723 -46.86 42.97 1.14
N ARG A 1724 -46.93 44.24 1.54
CA ARG A 1724 -46.41 45.33 0.72
C ARG A 1724 -45.14 45.86 1.38
N PRO A 1725 -43.95 45.56 0.84
CA PRO A 1725 -42.72 46.13 1.41
C PRO A 1725 -42.71 47.65 1.41
N SER A 1726 -43.35 48.26 0.42
CA SER A 1726 -43.83 49.64 0.43
C SER A 1726 -42.81 50.73 0.08
N LYS A 1727 -43.33 51.96 0.10
CA LYS A 1727 -42.66 53.09 -0.52
C LYS A 1727 -41.34 53.39 0.15
N ARG A 1728 -41.27 53.28 1.47
CA ARG A 1728 -40.03 53.57 2.18
C ARG A 1728 -38.91 52.66 1.71
N PHE A 1729 -39.19 51.36 1.60
CA PHE A 1729 -38.14 50.44 1.17
C PHE A 1729 -37.76 50.69 -0.30
N TRP A 1730 -38.75 50.90 -1.17
CA TRP A 1730 -38.39 51.16 -2.57
C TRP A 1730 -37.56 52.44 -2.71
N MET A 1731 -37.95 53.53 -2.02
CA MET A 1731 -37.22 54.76 -2.16
C MET A 1731 -35.80 54.63 -1.60
N THR A 1732 -35.64 53.95 -0.47
CA THR A 1732 -34.30 53.75 0.08
C THR A 1732 -33.43 52.94 -0.87
N ALA A 1733 -33.98 51.83 -1.41
CA ALA A 1733 -33.19 51.01 -2.32
C ALA A 1733 -32.80 51.80 -3.57
N ILE A 1734 -33.74 52.56 -4.13
CA ILE A 1734 -33.44 53.25 -5.38
C ILE A 1734 -32.47 54.41 -5.17
N VAL A 1735 -32.61 55.15 -4.06
CA VAL A 1735 -31.65 56.22 -3.81
C VAL A 1735 -30.28 55.62 -3.55
N PHE A 1736 -30.23 54.44 -2.93
CA PHE A 1736 -28.95 53.75 -2.76
C PHE A 1736 -28.34 53.39 -4.12
N THR A 1737 -29.15 52.87 -5.03
CA THR A 1737 -28.61 52.50 -6.35
C THR A 1737 -28.12 53.74 -7.10
N GLU A 1738 -28.88 54.84 -7.05
CA GLU A 1738 -28.48 56.04 -7.75
C GLU A 1738 -27.19 56.62 -7.17
N VAL A 1739 -27.09 56.67 -5.84
CA VAL A 1739 -25.87 57.19 -5.25
C VAL A 1739 -24.70 56.25 -5.55
N MET A 1740 -24.94 54.95 -5.58
CA MET A 1740 -23.86 54.01 -5.91
C MET A 1740 -23.36 54.23 -7.33
N VAL A 1741 -24.27 54.41 -8.29
CA VAL A 1741 -23.82 54.58 -9.67
C VAL A 1741 -23.10 55.92 -9.84
N VAL A 1742 -23.57 56.97 -9.17
CA VAL A 1742 -22.90 58.26 -9.33
C VAL A 1742 -21.53 58.25 -8.66
N THR A 1743 -21.40 57.57 -7.51
CA THR A 1743 -20.07 57.43 -6.90
C THR A 1743 -19.15 56.58 -7.75
N LYS A 1744 -19.69 55.55 -8.40
CA LYS A 1744 -18.88 54.78 -9.33
C LYS A 1744 -18.39 55.66 -10.48
N TYR A 1745 -19.28 56.51 -11.01
CA TYR A 1745 -18.88 57.41 -12.09
C TYR A 1745 -17.79 58.39 -11.64
N LEU A 1746 -17.94 58.96 -10.43
CA LEU A 1746 -16.93 59.90 -9.96
C LEU A 1746 -15.60 59.21 -9.70
N PHE A 1747 -15.63 58.00 -9.15
CA PHE A 1747 -14.41 57.26 -8.87
C PHE A 1747 -13.79 56.63 -10.11
N GLN A 1748 -14.51 56.58 -11.23
CA GLN A 1748 -13.91 56.08 -12.46
C GLN A 1748 -12.94 57.07 -13.09
N PHE A 1749 -13.00 58.34 -12.69
CA PHE A 1749 -12.10 59.33 -13.25
C PHE A 1749 -10.72 59.23 -12.61
N GLY A 1750 -9.75 59.87 -13.25
CA GLY A 1750 -8.38 59.89 -12.76
C GLY A 1750 -8.04 61.04 -11.85
N PHE A 1751 -9.02 61.87 -11.48
CA PHE A 1751 -8.77 63.02 -10.63
C PHE A 1751 -8.59 62.64 -9.16
N PHE A 1752 -8.88 61.40 -8.79
CA PHE A 1752 -8.73 60.96 -7.40
C PHE A 1752 -7.91 59.67 -7.32
N TYR A 1782 -20.44 47.33 -14.26
CA TYR A 1782 -20.69 48.52 -13.44
C TYR A 1782 -21.98 49.21 -13.87
N ILE A 1783 -21.87 50.06 -14.89
CA ILE A 1783 -23.03 50.77 -15.41
C ILE A 1783 -24.01 49.78 -16.02
N LYS A 1784 -23.51 48.80 -16.76
CA LYS A 1784 -24.38 47.86 -17.46
C LYS A 1784 -25.25 47.06 -16.49
N TYR A 1785 -24.66 46.59 -15.38
CA TYR A 1785 -25.43 45.83 -14.41
C TYR A 1785 -26.40 46.71 -13.64
N ASP A 1786 -25.98 47.93 -13.30
CA ASP A 1786 -26.78 48.80 -12.44
C ASP A 1786 -27.94 49.45 -13.18
N LEU A 1787 -27.79 49.74 -14.48
CA LEU A 1787 -28.89 50.38 -15.20
C LEU A 1787 -30.11 49.47 -15.23
N VAL A 1788 -29.90 48.16 -15.26
CA VAL A 1788 -31.03 47.24 -15.20
C VAL A 1788 -31.75 47.34 -13.86
N GLN A 1789 -31.00 47.46 -12.76
CA GLN A 1789 -31.62 47.69 -11.46
C GLN A 1789 -32.44 48.97 -11.44
N LEU A 1790 -31.86 50.05 -11.96
CA LEU A 1790 -32.58 51.33 -12.00
C LEU A 1790 -33.87 51.19 -12.80
N MET A 1791 -33.79 50.61 -13.99
CA MET A 1791 -34.98 50.50 -14.84
C MET A 1791 -36.02 49.60 -14.17
N ALA A 1792 -35.59 48.50 -13.56
CA ALA A 1792 -36.54 47.58 -12.93
C ALA A 1792 -37.23 48.25 -11.74
N LEU A 1793 -36.46 48.96 -10.90
CA LEU A 1793 -37.03 49.58 -9.72
C LEU A 1793 -38.03 50.68 -10.10
N PHE A 1794 -37.66 51.53 -11.07
CA PHE A 1794 -38.61 52.53 -11.55
C PHE A 1794 -39.82 51.91 -12.22
N PHE A 1795 -39.64 50.83 -13.00
CA PHE A 1795 -40.79 50.22 -13.64
C PHE A 1795 -41.73 49.63 -12.61
N HIS A 1796 -41.18 49.00 -11.57
CA HIS A 1796 -42.00 48.43 -10.51
C HIS A 1796 -42.73 49.53 -9.74
N ARG A 1797 -42.03 50.63 -9.43
CA ARG A 1797 -42.66 51.74 -8.73
C ARG A 1797 -43.79 52.34 -9.56
N SER A 1798 -43.57 52.50 -10.87
CA SER A 1798 -44.63 52.98 -11.75
C SER A 1798 -45.79 52.01 -11.80
N GLN A 1799 -45.51 50.71 -11.82
CA GLN A 1799 -46.57 49.71 -11.84
C GLN A 1799 -47.40 49.77 -10.57
N LEU A 1800 -46.76 49.97 -9.42
CA LEU A 1800 -47.49 50.06 -8.16
C LEU A 1800 -48.46 51.24 -8.17
N LEU A 1801 -47.95 52.43 -8.49
CA LEU A 1801 -48.74 53.64 -8.73
C LEU A 1801 -49.76 53.92 -7.62
N CYS A 1802 -49.57 53.36 -6.43
CA CYS A 1802 -50.48 53.60 -5.33
C CYS A 1802 -49.72 53.46 -4.01
N TYR A 1803 -49.99 54.37 -3.08
CA TYR A 1803 -49.32 54.40 -1.79
C TYR A 1803 -50.32 54.41 -0.64
N GLN A 1956 -37.23 55.93 16.56
CA GLN A 1956 -36.56 54.96 17.43
C GLN A 1956 -37.47 53.79 17.88
N PRO A 1957 -38.67 54.08 18.41
CA PRO A 1957 -39.54 52.97 18.82
C PRO A 1957 -40.27 52.30 17.66
N LEU A 1958 -40.19 52.86 16.45
CA LEU A 1958 -40.86 52.23 15.32
C LEU A 1958 -40.23 50.89 14.96
N GLN A 1959 -38.94 50.71 15.28
CA GLN A 1959 -38.32 49.40 15.06
C GLN A 1959 -38.96 48.34 15.95
N ARG A 1960 -39.16 48.65 17.24
CA ARG A 1960 -39.86 47.73 18.13
C ARG A 1960 -41.31 47.56 17.72
N PHE A 1961 -41.94 48.61 17.20
CA PHE A 1961 -43.30 48.48 16.68
C PHE A 1961 -43.35 47.48 15.52
N PHE A 1962 -42.40 47.59 14.59
CA PHE A 1962 -42.36 46.65 13.47
C PHE A 1962 -42.05 45.24 13.94
N HIS A 1963 -41.19 45.10 14.95
CA HIS A 1963 -40.94 43.78 15.53
C HIS A 1963 -42.20 43.19 16.13
N ASP A 1964 -43.01 44.03 16.78
CA ASP A 1964 -44.31 43.58 17.28
C ASP A 1964 -45.22 43.15 16.14
N ILE A 1965 -45.22 43.91 15.05
CA ILE A 1965 -46.02 43.55 13.88
C ILE A 1965 -45.58 42.20 13.33
N LEU A 1966 -44.29 41.87 13.47
CA LEU A 1966 -43.80 40.57 13.03
C LEU A 1966 -44.34 39.42 13.86
N HIS A 1967 -44.91 39.69 15.03
CA HIS A 1967 -45.52 38.67 15.89
C HIS A 1967 -46.93 39.13 16.26
N THR A 1968 -47.89 38.81 15.40
CA THR A 1968 -49.28 39.20 15.63
C THR A 1968 -50.21 37.99 15.57
N LYS A 1969 -49.85 37.00 14.75
CA LYS A 1969 -50.65 35.79 14.54
C LYS A 1969 -52.04 36.13 14.01
N TYR A 1970 -52.04 36.78 12.85
CA TYR A 1970 -53.29 37.15 12.19
C TYR A 1970 -53.24 36.93 10.68
N ARG A 1971 -52.28 36.17 10.17
CA ARG A 1971 -52.11 35.96 8.74
C ARG A 1971 -52.77 34.65 8.32
N ALA A 1972 -52.59 34.30 7.05
CA ALA A 1972 -53.16 33.07 6.52
C ALA A 1972 -52.57 31.85 7.23
N ALA A 1973 -51.30 31.94 7.66
CA ALA A 1973 -50.65 30.91 8.48
C ALA A 1973 -50.66 29.56 7.76
N THR A 1974 -49.87 29.50 6.69
CA THR A 1974 -49.58 28.26 6.01
C THR A 1974 -48.13 27.86 6.25
N ASP A 1975 -47.86 26.56 6.22
CA ASP A 1975 -46.53 26.04 6.46
C ASP A 1975 -46.03 25.32 5.21
N VAL A 1976 -44.84 25.70 4.77
CA VAL A 1976 -44.16 25.01 3.66
C VAL A 1976 -42.74 24.72 4.13
N TYR A 1977 -42.53 23.50 4.60
CA TYR A 1977 -41.23 23.13 5.16
C TYR A 1977 -40.42 22.23 4.23
N ALA A 1978 -41.10 21.39 3.44
CA ALA A 1978 -40.38 20.53 2.50
C ALA A 1978 -39.54 21.35 1.53
N LEU A 1979 -39.97 22.56 1.20
CA LEU A 1979 -39.21 23.38 0.25
C LEU A 1979 -37.85 23.77 0.82
N MET A 1980 -37.78 24.16 2.09
CA MET A 1980 -36.48 24.51 2.66
C MET A 1980 -35.57 23.28 2.75
N PHE A 1981 -36.14 22.13 3.08
CA PHE A 1981 -35.33 20.93 3.19
C PHE A 1981 -34.77 20.52 1.82
N LEU A 1982 -35.60 20.58 0.78
CA LEU A 1982 -35.10 20.30 -0.57
C LEU A 1982 -34.10 21.34 -1.03
N ALA A 1983 -34.30 22.61 -0.68
CA ALA A 1983 -33.32 23.62 -1.04
C ALA A 1983 -31.98 23.32 -0.39
N ASP A 1984 -32.00 22.94 0.89
CA ASP A 1984 -30.76 22.60 1.60
C ASP A 1984 -30.12 21.34 1.01
N ILE A 1985 -30.94 20.36 0.62
CA ILE A 1985 -30.40 19.14 0.02
C ILE A 1985 -29.73 19.46 -1.31
N VAL A 1986 -30.36 20.29 -2.14
CA VAL A 1986 -29.75 20.72 -3.39
C VAL A 1986 -28.47 21.48 -3.10
N ASP A 1987 -28.46 22.27 -2.01
CA ASP A 1987 -27.25 22.98 -1.61
C ASP A 1987 -26.13 21.99 -1.29
N ILE A 1988 -26.46 20.89 -0.63
CA ILE A 1988 -25.47 19.84 -0.36
C ILE A 1988 -24.96 19.24 -1.65
N ILE A 1989 -25.85 18.92 -2.59
CA ILE A 1989 -25.41 18.36 -3.86
C ILE A 1989 -24.47 19.32 -4.56
N ILE A 1990 -24.77 20.62 -4.51
CA ILE A 1990 -23.95 21.63 -5.17
C ILE A 1990 -22.57 21.71 -4.51
N ILE A 1991 -22.55 21.78 -3.18
CA ILE A 1991 -21.26 21.92 -2.50
C ILE A 1991 -20.42 20.66 -2.66
N ILE A 1992 -21.06 19.50 -2.81
CA ILE A 1992 -20.33 18.27 -3.08
C ILE A 1992 -19.75 18.31 -4.50
N PHE A 1993 -20.56 18.73 -5.46
CA PHE A 1993 -20.10 18.80 -6.84
C PHE A 1993 -19.08 19.92 -7.07
N GLY A 1994 -18.94 20.85 -6.14
CA GLY A 1994 -18.03 21.96 -6.30
C GLY A 1994 -16.57 21.61 -6.04
N PHE A 1995 -16.09 20.54 -6.67
CA PHE A 1995 -14.70 20.13 -6.55
C PHE A 1995 -14.02 19.85 -7.88
N TRP A 1996 -14.77 19.58 -8.95
CA TRP A 1996 -14.19 19.25 -10.23
C TRP A 1996 -15.20 19.48 -11.36
N GLN A 2015 -8.19 28.07 0.83
CA GLN A 2015 -8.63 27.38 -0.38
C GLN A 2015 -10.13 27.14 -0.35
N VAL A 2016 -10.78 27.33 -1.51
CA VAL A 2016 -12.22 27.10 -1.60
C VAL A 2016 -12.58 25.66 -1.26
N PRO A 2017 -11.88 24.64 -1.76
CA PRO A 2017 -12.20 23.27 -1.33
C PRO A 2017 -12.02 23.05 0.16
N GLN A 2018 -11.05 23.71 0.79
CA GLN A 2018 -10.88 23.60 2.23
C GLN A 2018 -12.05 24.23 2.97
N ALA A 2019 -12.51 25.39 2.51
CA ALA A 2019 -13.65 26.03 3.14
C ALA A 2019 -14.95 25.27 2.89
N PHE A 2020 -15.03 24.49 1.82
CA PHE A 2020 -16.25 23.75 1.52
C PHE A 2020 -16.64 22.83 2.67
N LEU A 2021 -15.64 22.22 3.33
CA LEU A 2021 -15.92 21.38 4.48
C LEU A 2021 -16.61 22.16 5.58
N PHE A 2022 -16.12 23.38 5.85
CA PHE A 2022 -16.73 24.19 6.90
C PHE A 2022 -18.15 24.62 6.52
N MET A 2023 -18.36 25.00 5.25
CA MET A 2023 -19.74 25.35 4.87
C MET A 2023 -20.67 24.14 4.99
N LEU A 2024 -20.20 22.94 4.63
CA LEU A 2024 -21.08 21.79 4.73
C LEU A 2024 -21.36 21.43 6.18
N LEU A 2025 -20.37 21.56 7.07
CA LEU A 2025 -20.66 21.28 8.48
C LEU A 2025 -21.65 22.29 9.04
N VAL A 2026 -21.49 23.58 8.70
CA VAL A 2026 -22.42 24.56 9.24
C VAL A 2026 -23.81 24.37 8.64
N GLN A 2027 -23.90 23.89 7.40
CA GLN A 2027 -25.23 23.73 6.82
C GLN A 2027 -25.92 22.49 7.38
N PHE A 2028 -25.16 21.43 7.71
CA PHE A 2028 -25.73 20.33 8.50
C PHE A 2028 -26.22 20.84 9.86
N GLY A 2029 -25.43 21.69 10.51
CA GLY A 2029 -25.88 22.28 11.77
C GLY A 2029 -27.15 23.08 11.61
N THR A 2030 -27.25 23.83 10.51
CA THR A 2030 -28.47 24.60 10.26
C THR A 2030 -29.66 23.69 10.02
N MET A 2031 -29.43 22.54 9.37
CA MET A 2031 -30.51 21.57 9.22
C MET A 2031 -31.00 21.07 10.57
N VAL A 2032 -30.06 20.70 11.45
CA VAL A 2032 -30.44 20.25 12.78
C VAL A 2032 -31.24 21.33 13.50
N ILE A 2033 -30.76 22.56 13.44
CA ILE A 2033 -31.36 23.64 14.21
C ILE A 2033 -32.69 24.11 13.63
N ASP A 2034 -32.89 24.08 12.30
CA ASP A 2034 -34.20 24.50 11.83
C ASP A 2034 -35.23 23.38 11.97
N ARG A 2035 -34.79 22.11 11.96
CA ARG A 2035 -35.68 21.07 12.47
C ARG A 2035 -36.09 21.36 13.92
N ALA A 2036 -35.12 21.75 14.74
CA ALA A 2036 -35.43 22.10 16.13
C ALA A 2036 -36.46 23.22 16.21
N LEU A 2037 -36.24 24.29 15.46
CA LEU A 2037 -37.14 25.44 15.50
C LEU A 2037 -38.52 25.09 14.97
N TYR A 2038 -38.59 24.32 13.89
CA TYR A 2038 -39.87 23.96 13.31
C TYR A 2038 -40.68 23.06 14.24
N LEU A 2039 -40.03 22.08 14.86
CA LEU A 2039 -40.77 21.09 15.63
C LEU A 2039 -41.44 21.70 16.86
N ARG A 2040 -40.89 22.78 17.40
CA ARG A 2040 -41.49 23.44 18.56
C ARG A 2040 -42.41 24.60 18.18
N LYS A 2041 -42.64 24.82 16.89
CA LYS A 2041 -43.58 25.82 16.38
C LYS A 2041 -43.20 27.24 16.77
N THR A 2042 -41.94 27.48 17.16
CA THR A 2042 -41.52 28.82 17.52
C THR A 2042 -41.39 29.69 16.27
N VAL A 2043 -41.66 30.98 16.43
CA VAL A 2043 -41.61 31.94 15.33
C VAL A 2043 -40.56 33.02 15.57
N LEU A 2044 -40.48 33.55 16.80
CA LEU A 2044 -39.46 34.56 17.09
C LEU A 2044 -38.06 33.98 16.99
N GLY A 2045 -37.89 32.75 17.48
CA GLY A 2045 -36.62 32.06 17.29
C GLY A 2045 -36.28 31.89 15.82
N LYS A 2046 -37.30 31.63 14.99
CA LYS A 2046 -37.07 31.53 13.56
C LYS A 2046 -36.61 32.86 12.98
N LEU A 2047 -37.18 33.98 13.44
CA LEU A 2047 -36.75 35.28 12.97
C LEU A 2047 -35.30 35.56 13.36
N ALA A 2048 -34.94 35.27 14.61
CA ALA A 2048 -33.57 35.47 15.05
C ALA A 2048 -32.62 34.59 14.26
N PHE A 2049 -32.99 33.33 14.03
CA PHE A 2049 -32.19 32.45 13.20
C PHE A 2049 -32.01 32.99 11.80
N GLN A 2050 -33.10 33.48 11.19
CA GLN A 2050 -33.02 34.02 9.85
C GLN A 2050 -32.05 35.19 9.78
N VAL A 2051 -32.19 36.14 10.70
CA VAL A 2051 -31.34 37.32 10.63
C VAL A 2051 -29.88 36.96 10.86
N VAL A 2052 -29.60 36.11 11.85
CA VAL A 2052 -28.19 35.81 12.15
C VAL A 2052 -27.56 35.00 11.02
N LEU A 2053 -28.29 34.04 10.45
CA LEU A 2053 -27.73 33.27 9.33
C LEU A 2053 -27.55 34.13 8.09
N VAL A 2054 -28.49 35.02 7.78
CA VAL A 2054 -28.31 35.82 6.57
C VAL A 2054 -27.13 36.77 6.75
N VAL A 2055 -26.98 37.38 7.92
CA VAL A 2055 -25.86 38.30 8.12
C VAL A 2055 -24.55 37.52 8.11
N ALA A 2056 -24.54 36.31 8.68
CA ALA A 2056 -23.31 35.52 8.72
C ALA A 2056 -22.90 35.07 7.32
N ILE A 2057 -23.85 34.53 6.55
CA ILE A 2057 -23.53 34.08 5.20
C ILE A 2057 -23.18 35.25 4.28
N HIS A 2058 -23.72 36.45 4.55
CA HIS A 2058 -23.35 37.60 3.74
C HIS A 2058 -21.98 38.15 4.11
N ILE A 2059 -21.63 38.20 5.40
CA ILE A 2059 -20.29 38.66 5.77
C ILE A 2059 -19.26 37.58 5.48
N TRP A 2060 -19.69 36.34 5.23
CA TRP A 2060 -18.75 35.27 4.92
C TRP A 2060 -18.06 35.48 3.58
N MET A 2061 -18.60 36.35 2.73
CA MET A 2061 -17.99 36.62 1.43
C MET A 2061 -16.73 37.44 1.52
N PHE A 2062 -16.22 37.71 2.73
CA PHE A 2062 -14.89 38.30 2.87
C PHE A 2062 -13.79 37.30 2.61
N PHE A 2063 -14.09 36.01 2.58
CA PHE A 2063 -13.12 34.97 2.26
C PHE A 2063 -13.35 34.39 0.87
N ILE A 2064 -14.22 34.98 0.06
CA ILE A 2064 -14.49 34.49 -1.28
C ILE A 2064 -13.36 34.92 -2.22
N ARG A 2071 -10.21 30.50 -12.38
CA ARG A 2071 -10.59 30.06 -11.04
C ARG A 2071 -11.74 30.88 -10.50
N MET A 2072 -11.61 32.20 -10.54
CA MET A 2072 -12.69 33.08 -10.10
C MET A 2072 -13.93 32.88 -10.95
N PHE A 2073 -13.76 32.81 -12.27
CA PHE A 2073 -14.88 32.57 -13.18
C PHE A 2073 -15.05 31.09 -13.52
N SER A 2074 -13.99 30.28 -13.41
CA SER A 2074 -14.05 28.87 -13.74
C SER A 2074 -14.42 28.02 -12.53
N GLN A 2075 -13.59 28.10 -11.48
CA GLN A 2075 -13.85 27.31 -10.28
C GLN A 2075 -14.79 28.01 -9.31
N ASN A 2076 -14.63 29.32 -9.11
CA ASN A 2076 -15.51 30.07 -8.22
C ASN A 2076 -16.77 30.54 -8.93
N ALA A 2077 -17.40 29.60 -9.63
CA ALA A 2077 -18.70 29.82 -10.27
C ALA A 2077 -19.78 28.88 -9.75
N VAL A 2078 -19.40 27.72 -9.23
CA VAL A 2078 -20.35 26.90 -8.50
C VAL A 2078 -20.72 27.55 -7.18
N ALA A 2079 -19.78 28.29 -6.58
CA ALA A 2079 -20.03 28.93 -5.29
C ALA A 2079 -21.14 29.98 -5.41
N GLN A 2080 -21.15 30.74 -6.50
CA GLN A 2080 -22.19 31.76 -6.67
C GLN A 2080 -23.56 31.13 -6.89
N LEU A 2081 -23.62 29.98 -7.57
CA LEU A 2081 -24.90 29.29 -7.74
C LEU A 2081 -25.36 28.69 -6.41
N TRP A 2082 -24.41 28.17 -5.62
CA TRP A 2082 -24.71 27.75 -4.26
C TRP A 2082 -25.28 28.90 -3.45
N TYR A 2083 -24.72 30.09 -3.62
CA TYR A 2083 -25.22 31.26 -2.92
C TYR A 2083 -26.63 31.62 -3.39
N PHE A 2084 -26.90 31.47 -4.68
CA PHE A 2084 -28.24 31.73 -5.20
C PHE A 2084 -29.25 30.76 -4.57
N VAL A 2085 -28.86 29.50 -4.43
CA VAL A 2085 -29.73 28.53 -3.75
C VAL A 2085 -29.93 28.92 -2.29
N LYS A 2086 -28.88 29.41 -1.64
CA LYS A 2086 -29.06 29.90 -0.28
C LYS A 2086 -30.05 31.06 -0.24
N CYS A 2087 -30.01 31.94 -1.25
CA CYS A 2087 -30.95 33.06 -1.31
C CYS A 2087 -32.38 32.57 -1.48
N ILE A 2088 -32.60 31.55 -2.33
CA ILE A 2088 -33.97 31.05 -2.49
C ILE A 2088 -34.45 30.42 -1.20
N TYR A 2089 -33.54 29.74 -0.47
CA TYR A 2089 -33.89 29.21 0.84
C TYR A 2089 -34.27 30.34 1.79
N PHE A 2090 -33.51 31.43 1.78
CA PHE A 2090 -33.83 32.57 2.64
C PHE A 2090 -35.19 33.15 2.30
N ALA A 2091 -35.49 33.26 1.00
CA ALA A 2091 -36.78 33.81 0.58
C ALA A 2091 -37.93 32.95 1.06
N LEU A 2092 -37.84 31.63 0.88
CA LEU A 2092 -38.93 30.76 1.33
C LEU A 2092 -39.05 30.79 2.85
N SER A 2093 -37.92 30.84 3.58
CA SER A 2093 -37.97 30.89 5.02
C SER A 2093 -38.63 32.17 5.51
N ALA A 2094 -38.33 33.30 4.87
CA ALA A 2094 -38.98 34.55 5.22
C ALA A 2094 -40.47 34.50 4.92
N TYR A 2095 -40.85 33.87 3.80
CA TYR A 2095 -42.27 33.70 3.51
C TYR A 2095 -42.94 32.88 4.61
N GLN A 2096 -42.29 31.81 5.06
CA GLN A 2096 -42.82 31.01 6.15
C GLN A 2096 -42.97 31.83 7.43
N ILE A 2097 -41.99 32.67 7.72
CA ILE A 2097 -42.08 33.55 8.90
C ILE A 2097 -43.28 34.47 8.77
N ARG A 2098 -43.49 35.03 7.58
CA ARG A 2098 -44.65 35.90 7.37
C ARG A 2098 -45.95 35.14 7.56
N CYS A 2099 -45.99 33.87 7.15
CA CYS A 2099 -47.21 33.09 7.29
C CYS A 2099 -47.49 32.76 8.75
N GLY A 2100 -46.60 32.00 9.39
CA GLY A 2100 -46.70 31.81 10.83
C GLY A 2100 -47.17 30.46 11.37
N TYR A 2101 -46.69 29.35 10.80
CA TYR A 2101 -46.78 28.04 11.42
C TYR A 2101 -48.19 27.62 11.85
N PRO A 2102 -49.05 27.21 10.91
CA PRO A 2102 -50.38 26.71 11.31
C PRO A 2102 -50.28 25.52 12.24
N THR A 2103 -51.26 25.42 13.13
CA THR A 2103 -51.35 24.28 14.04
C THR A 2103 -51.62 22.99 13.26
N ARG A 2104 -51.46 21.86 13.96
CA ARG A 2104 -51.64 20.54 13.38
C ARG A 2104 -50.69 20.32 12.20
N ILE A 2105 -49.40 20.46 12.49
CA ILE A 2105 -48.35 20.26 11.51
C ILE A 2105 -47.41 19.21 12.07
N LEU A 2106 -47.67 17.95 11.74
CA LEU A 2106 -46.87 16.83 12.25
C LEU A 2106 -47.09 15.64 11.33
N GLY A 2107 -46.24 14.62 11.52
CA GLY A 2107 -46.31 13.42 10.71
C GLY A 2107 -45.39 13.47 9.52
N ASN A 2108 -45.47 12.41 8.72
CA ASN A 2108 -44.63 12.27 7.54
C ASN A 2108 -45.32 12.93 6.36
N PHE A 2109 -44.62 13.88 5.72
CA PHE A 2109 -45.19 14.58 4.57
C PHE A 2109 -45.41 13.64 3.39
N LEU A 2110 -44.48 12.72 3.17
CA LEU A 2110 -44.59 11.79 2.04
C LEU A 2110 -45.78 10.85 2.19
N THR A 2111 -46.29 10.66 3.40
CA THR A 2111 -47.44 9.79 3.63
C THR A 2111 -48.72 10.64 3.69
N LYS A 2112 -49.08 11.16 2.52
CA LYS A 2112 -50.31 11.92 2.35
C LYS A 2112 -51.35 11.19 1.50
N LYS A 2113 -50.91 10.51 0.45
CA LYS A 2113 -51.77 9.68 -0.37
C LYS A 2113 -51.11 8.32 -0.55
N TYR A 2114 -51.94 7.28 -0.68
CA TYR A 2114 -51.44 5.92 -0.81
C TYR A 2114 -51.34 5.51 -2.28
N ASN A 2115 -50.61 6.31 -3.05
CA ASN A 2115 -50.39 6.06 -4.46
C ASN A 2115 -49.03 5.42 -4.68
N HIS A 2116 -48.81 4.95 -5.90
CA HIS A 2116 -47.55 4.30 -6.26
C HIS A 2116 -46.38 5.27 -6.14
N LEU A 2117 -46.57 6.52 -6.58
CA LEU A 2117 -45.50 7.50 -6.50
C LEU A 2117 -45.10 7.77 -5.05
N ASN A 2118 -46.07 7.90 -4.16
CA ASN A 2118 -45.75 8.14 -2.75
C ASN A 2118 -45.01 6.95 -2.16
N LEU A 2119 -45.41 5.72 -2.52
CA LEU A 2119 -44.67 4.53 -2.08
C LEU A 2119 -43.23 4.58 -2.56
N PHE A 2120 -43.02 4.90 -3.84
CA PHE A 2120 -41.67 4.88 -4.40
C PHE A 2120 -40.80 5.95 -3.75
N LEU A 2121 -41.33 7.15 -3.58
CA LEU A 2121 -40.56 8.21 -2.91
C LEU A 2121 -40.28 7.86 -1.45
N PHE A 2122 -41.24 7.23 -0.77
CA PHE A 2122 -41.00 6.85 0.62
C PHE A 2122 -39.89 5.82 0.73
N GLN A 2123 -39.90 4.82 -0.15
CA GLN A 2123 -38.81 3.85 -0.14
C GLN A 2123 -37.49 4.52 -0.47
N GLY A 2124 -37.46 5.40 -1.47
CA GLY A 2124 -36.23 6.09 -1.80
C GLY A 2124 -35.69 6.91 -0.64
N PHE A 2125 -36.59 7.54 0.11
CA PHE A 2125 -36.17 8.25 1.32
C PHE A 2125 -35.64 7.28 2.35
N ARG A 2126 -36.24 6.08 2.45
CA ARG A 2126 -35.74 5.09 3.39
C ARG A 2126 -34.42 4.48 2.95
N LEU A 2127 -34.02 4.67 1.69
CA LEU A 2127 -32.79 4.06 1.19
C LEU A 2127 -31.54 4.91 1.40
N VAL A 2128 -31.67 6.13 1.90
CA VAL A 2128 -30.52 6.99 2.14
C VAL A 2128 -30.04 6.73 3.58
N PRO A 2129 -28.78 6.36 3.78
CA PRO A 2129 -28.32 6.00 5.12
C PRO A 2129 -28.27 7.21 6.05
N PHE A 2130 -28.42 6.93 7.34
CA PHE A 2130 -28.27 7.92 8.41
C PHE A 2130 -29.25 9.08 8.24
N LEU A 2131 -30.44 8.82 7.72
CA LEU A 2131 -31.48 9.84 7.59
C LEU A 2131 -32.73 9.50 8.37
N VAL A 2132 -33.32 8.33 8.15
CA VAL A 2132 -34.61 8.02 8.76
C VAL A 2132 -34.47 7.83 10.27
N GLU A 2133 -33.42 7.14 10.71
CA GLU A 2133 -33.17 7.02 12.15
C GLU A 2133 -32.84 8.38 12.75
N LEU A 2134 -32.05 9.18 12.02
CA LEU A 2134 -31.76 10.53 12.49
C LEU A 2134 -33.03 11.36 12.58
N ARG A 2135 -33.92 11.24 11.59
CA ARG A 2135 -35.14 12.05 11.62
C ARG A 2135 -36.05 11.62 12.76
N ALA A 2136 -36.13 10.30 13.01
CA ALA A 2136 -36.91 9.82 14.15
C ALA A 2136 -36.34 10.35 15.45
N VAL A 2137 -35.00 10.31 15.59
CA VAL A 2137 -34.38 10.78 16.82
C VAL A 2137 -34.61 12.27 17.00
N MET A 2138 -34.47 13.06 15.93
CA MET A 2138 -34.69 14.50 16.04
C MET A 2138 -36.13 14.82 16.42
N ASP A 2139 -37.09 14.13 15.79
CA ASP A 2139 -38.49 14.36 16.13
C ASP A 2139 -38.76 14.00 17.58
N TRP A 2140 -38.23 12.88 18.06
CA TRP A 2140 -38.37 12.52 19.46
C TRP A 2140 -37.65 13.52 20.36
N VAL A 2141 -36.59 14.15 19.84
CA VAL A 2141 -35.84 15.14 20.62
C VAL A 2141 -36.66 16.41 20.84
N TRP A 2142 -37.35 16.88 19.80
CA TRP A 2142 -37.95 18.20 19.96
C TRP A 2142 -39.45 18.17 20.28
N THR A 2143 -40.15 17.06 19.98
CA THR A 2143 -41.56 16.99 20.32
C THR A 2143 -41.75 16.62 21.79
N ASP A 2144 -42.99 16.79 22.27
CA ASP A 2144 -43.34 16.59 23.68
C ASP A 2144 -44.23 15.37 23.84
N THR A 2145 -43.73 14.33 24.52
CA THR A 2145 -44.47 13.09 24.70
C THR A 2145 -44.09 12.42 26.02
N THR A 2146 -44.25 11.08 26.04
CA THR A 2146 -43.97 10.27 27.22
C THR A 2146 -42.99 9.14 26.96
N LEU A 2147 -42.94 8.63 25.74
CA LEU A 2147 -42.29 7.35 25.48
C LEU A 2147 -40.78 7.47 25.58
N SER A 2148 -40.14 6.40 26.04
CA SER A 2148 -38.69 6.32 25.92
C SER A 2148 -38.31 6.16 24.45
N LEU A 2149 -37.05 6.48 24.14
CA LEU A 2149 -36.62 6.54 22.75
C LEU A 2149 -36.81 5.20 22.04
N SER A 2150 -36.68 4.09 22.77
CA SER A 2150 -36.88 2.78 22.16
C SER A 2150 -38.33 2.59 21.72
N ASN A 2151 -39.28 2.99 22.56
CA ASN A 2151 -40.69 2.91 22.17
C ASN A 2151 -40.97 3.79 20.96
N TRP A 2152 -40.34 4.96 20.89
CA TRP A 2152 -40.41 5.80 19.70
C TRP A 2152 -39.88 5.08 18.46
N MET A 2153 -38.74 4.40 18.59
CA MET A 2153 -38.22 3.66 17.45
C MET A 2153 -39.20 2.58 17.02
N CYS A 2154 -39.79 1.88 17.98
CA CYS A 2154 -40.76 0.85 17.65
C CYS A 2154 -41.95 1.43 16.91
N VAL A 2155 -42.55 2.50 17.43
CA VAL A 2155 -43.73 3.08 16.80
C VAL A 2155 -43.41 3.59 15.41
N GLU A 2156 -42.27 4.25 15.24
CA GLU A 2156 -41.94 4.78 13.91
C GLU A 2156 -41.73 3.66 12.89
N ASP A 2157 -41.00 2.61 13.29
CA ASP A 2157 -40.80 1.48 12.38
C ASP A 2157 -42.13 0.82 12.05
N ILE A 2158 -42.99 0.68 13.05
CA ILE A 2158 -44.31 0.09 12.86
C ILE A 2158 -45.13 0.88 11.86
N TYR A 2159 -45.15 2.21 12.03
CA TYR A 2159 -45.90 3.06 11.12
C TYR A 2159 -45.38 2.95 9.70
N ALA A 2160 -44.06 2.95 9.54
CA ALA A 2160 -43.48 2.83 8.19
C ALA A 2160 -43.86 1.50 7.54
N ASN A 2161 -43.75 0.40 8.29
CA ASN A 2161 -44.06 -0.92 7.72
C ASN A 2161 -45.53 -0.99 7.32
N ILE A 2162 -46.42 -0.54 8.19
CA ILE A 2162 -47.83 -0.72 7.89
C ILE A 2162 -48.24 0.26 6.80
N PHE A 2163 -47.55 1.41 6.70
CA PHE A 2163 -47.80 2.33 5.60
C PHE A 2163 -47.42 1.72 4.25
N ILE A 2164 -46.26 1.07 4.17
CA ILE A 2164 -45.87 0.47 2.90
C ILE A 2164 -46.81 -0.69 2.56
N ILE A 2165 -47.26 -1.44 3.58
CA ILE A 2165 -48.23 -2.50 3.32
C ILE A 2165 -49.53 -1.92 2.78
N LYS A 2166 -50.01 -0.83 3.37
CA LYS A 2166 -51.24 -0.20 2.90
C LYS A 2166 -51.11 0.30 1.48
N CYS A 2167 -49.98 0.92 1.15
CA CYS A 2167 -49.79 1.42 -0.20
C CYS A 2167 -49.74 0.27 -1.20
N SER A 2168 -49.11 -0.85 -0.81
CA SER A 2168 -49.13 -2.04 -1.67
C SER A 2168 -50.55 -2.53 -1.89
N ARG A 2169 -51.35 -2.55 -0.83
CA ARG A 2169 -52.74 -2.98 -0.96
C ARG A 2169 -53.52 -2.07 -1.90
N GLU A 2170 -53.31 -0.75 -1.77
CA GLU A 2170 -54.01 0.19 -2.63
C GLU A 2170 -53.61 0.04 -4.09
N THR A 2171 -52.30 -0.14 -4.36
CA THR A 2171 -51.88 -0.31 -5.73
C THR A 2171 -52.34 -1.66 -6.29
N GLU A 2172 -52.55 -2.65 -5.41
CA GLU A 2172 -53.20 -3.88 -5.86
C GLU A 2172 -54.66 -3.63 -6.24
N LYS A 2173 -55.36 -2.82 -5.44
CA LYS A 2173 -56.75 -2.49 -5.75
C LYS A 2173 -56.87 -1.73 -7.06
N LYS A 2174 -55.90 -0.85 -7.34
CA LYS A 2174 -55.97 -0.03 -8.55
C LYS A 2174 -55.99 -0.89 -9.80
N TYR A 2175 -55.13 -1.91 -9.86
CA TYR A 2175 -55.05 -2.82 -11.00
C TYR A 2175 -55.17 -4.24 -10.48
N PRO A 2176 -56.39 -4.73 -10.26
CA PRO A 2176 -56.57 -6.09 -9.72
C PRO A 2176 -56.42 -7.13 -10.82
N GLN A 2177 -55.34 -7.91 -10.73
CA GLN A 2177 -55.11 -8.96 -11.71
C GLN A 2177 -56.16 -10.06 -11.55
N PRO A 2178 -56.62 -10.66 -12.63
CA PRO A 2178 -57.65 -11.70 -12.52
C PRO A 2178 -57.08 -12.98 -11.95
N LYS A 2179 -57.99 -13.94 -11.70
CA LYS A 2179 -57.58 -15.27 -11.27
C LYS A 2179 -56.71 -15.99 -12.31
N GLY A 2180 -56.78 -15.58 -13.58
CA GLY A 2180 -55.94 -16.13 -14.62
C GLY A 2180 -54.47 -15.98 -14.29
N GLN A 2181 -53.70 -17.05 -14.45
CA GLN A 2181 -52.42 -17.12 -13.77
C GLN A 2181 -51.27 -16.41 -14.50
N LYS A 2182 -50.72 -17.02 -15.55
CA LYS A 2182 -49.75 -16.47 -16.50
C LYS A 2182 -48.51 -15.84 -15.82
N LYS A 2183 -48.53 -15.80 -14.48
CA LYS A 2183 -47.47 -15.29 -13.63
C LYS A 2183 -46.62 -14.25 -14.37
N LYS A 2184 -47.23 -13.12 -14.73
CA LYS A 2184 -46.48 -11.93 -15.09
C LYS A 2184 -45.29 -12.29 -15.99
N LYS A 2185 -45.59 -13.07 -17.04
CA LYS A 2185 -44.51 -13.64 -17.87
C LYS A 2185 -43.43 -12.60 -18.19
N ILE A 2186 -43.81 -11.54 -18.92
CA ILE A 2186 -42.82 -10.60 -19.44
C ILE A 2186 -42.06 -9.91 -18.31
N VAL A 2187 -42.78 -9.44 -17.30
CA VAL A 2187 -42.12 -8.84 -16.14
C VAL A 2187 -41.14 -9.83 -15.54
N LYS A 2188 -41.57 -11.09 -15.42
CA LYS A 2188 -40.69 -12.17 -15.04
C LYS A 2188 -39.39 -12.13 -15.83
N TYR A 2189 -39.50 -12.20 -17.16
CA TYR A 2189 -38.31 -12.23 -18.00
C TYR A 2189 -37.43 -11.02 -17.74
N GLY A 2190 -38.04 -9.86 -17.49
CA GLY A 2190 -37.23 -8.71 -17.15
C GLY A 2190 -36.52 -8.89 -15.82
N MET A 2191 -37.28 -9.15 -14.76
CA MET A 2191 -36.70 -9.05 -13.42
C MET A 2191 -35.61 -10.07 -13.23
N GLY A 2192 -35.90 -11.33 -13.53
CA GLY A 2192 -34.87 -12.35 -13.44
C GLY A 2192 -33.65 -11.96 -14.26
N GLY A 2193 -33.88 -11.46 -15.47
CA GLY A 2193 -32.76 -11.01 -16.28
C GLY A 2193 -31.89 -10.01 -15.53
N LEU A 2194 -32.51 -8.95 -15.00
CA LEU A 2194 -31.70 -7.98 -14.28
C LEU A 2194 -30.97 -8.65 -13.15
N ILE A 2195 -31.69 -9.47 -12.38
CA ILE A 2195 -31.06 -10.15 -11.26
C ILE A 2195 -29.85 -10.93 -11.75
N ILE A 2196 -30.05 -11.74 -12.78
CA ILE A 2196 -28.96 -12.63 -13.17
C ILE A 2196 -27.78 -11.82 -13.66
N LEU A 2197 -28.03 -10.74 -14.42
CA LEU A 2197 -26.90 -9.99 -14.92
C LEU A 2197 -26.12 -9.41 -13.76
N PHE A 2198 -26.84 -8.90 -12.76
CA PHE A 2198 -26.20 -8.36 -11.58
C PHE A 2198 -25.31 -9.41 -10.95
N LEU A 2199 -25.83 -10.64 -10.80
CA LEU A 2199 -25.03 -11.70 -10.19
C LEU A 2199 -23.81 -12.02 -11.06
N ILE A 2200 -24.00 -12.08 -12.39
CA ILE A 2200 -22.86 -12.28 -13.26
C ILE A 2200 -21.98 -11.03 -13.26
N ALA A 2201 -22.57 -9.86 -13.11
CA ALA A 2201 -21.80 -8.62 -13.15
C ALA A 2201 -20.76 -8.63 -12.04
N ILE A 2202 -21.23 -8.64 -10.79
CA ILE A 2202 -20.36 -8.42 -9.65
C ILE A 2202 -19.11 -9.29 -9.73
N ILE A 2203 -19.26 -10.61 -9.86
CA ILE A 2203 -18.10 -11.49 -9.77
C ILE A 2203 -17.17 -11.29 -10.96
N TRP A 2204 -17.73 -11.02 -12.13
CA TRP A 2204 -16.86 -10.75 -13.28
C TRP A 2204 -15.97 -9.53 -13.06
N PHE A 2205 -16.41 -8.56 -12.24
CA PHE A 2205 -15.66 -7.32 -12.13
C PHE A 2205 -14.33 -7.50 -11.40
N PRO A 2206 -14.28 -7.97 -10.15
CA PRO A 2206 -12.98 -8.05 -9.47
C PRO A 2206 -12.08 -9.11 -10.03
N LEU A 2207 -12.58 -9.99 -10.92
CA LEU A 2207 -11.69 -10.80 -11.74
C LEU A 2207 -11.10 -9.96 -12.89
N LEU A 2208 -11.97 -9.33 -13.69
CA LEU A 2208 -11.52 -8.41 -14.73
C LEU A 2208 -10.54 -7.40 -14.16
N PHE A 2209 -10.97 -6.65 -13.14
CA PHE A 2209 -10.09 -5.69 -12.49
C PHE A 2209 -8.85 -6.38 -11.91
N MET A 2210 -9.01 -7.63 -11.45
CA MET A 2210 -7.85 -8.39 -10.99
C MET A 2210 -6.86 -8.61 -12.12
N SER A 2211 -7.38 -8.95 -13.31
CA SER A 2211 -6.52 -9.33 -14.42
C SER A 2211 -5.91 -8.12 -15.12
N LEU A 2212 -6.74 -7.10 -15.41
CA LEU A 2212 -6.25 -5.94 -16.13
C LEU A 2212 -5.18 -5.20 -15.33
N ILE A 2213 -5.37 -5.08 -14.02
CA ILE A 2213 -4.39 -4.43 -13.15
C ILE A 2213 -3.08 -5.21 -13.19
N ARG A 2214 -3.12 -6.46 -13.66
CA ARG A 2214 -1.93 -7.29 -13.78
C ARG A 2214 -1.33 -7.27 -15.17
N SER A 2215 -2.10 -6.89 -16.19
CA SER A 2215 -1.56 -6.79 -17.54
C SER A 2215 -0.54 -5.67 -17.63
N VAL A 2216 0.58 -5.95 -18.29
CA VAL A 2216 1.67 -4.99 -18.44
C VAL A 2216 2.21 -5.08 -19.86
N VAL A 2217 2.45 -3.93 -20.47
CA VAL A 2217 3.08 -3.87 -21.80
C VAL A 2217 4.59 -3.97 -21.62
N GLY A 2218 5.23 -4.80 -22.44
CA GLY A 2218 6.66 -5.00 -22.36
C GLY A 2218 7.48 -3.88 -22.95
N VAL A 2219 7.21 -2.65 -22.51
CA VAL A 2219 7.96 -1.46 -22.96
C VAL A 2219 9.45 -1.67 -22.67
N VAL A 2220 10.27 -1.62 -23.71
CA VAL A 2220 11.70 -1.79 -23.54
C VAL A 2220 12.31 -0.51 -22.96
N ASN A 2221 13.33 -0.69 -22.14
CA ASN A 2221 14.12 0.41 -21.58
C ASN A 2221 15.53 0.31 -22.14
N GLN A 2222 15.83 1.18 -23.10
CA GLN A 2222 17.12 1.19 -23.76
C GLN A 2222 18.02 2.24 -23.13
N PRO A 2223 19.18 1.87 -22.57
CA PRO A 2223 20.08 2.87 -21.96
C PRO A 2223 20.50 3.95 -22.93
N ILE A 2224 20.26 5.21 -22.58
CA ILE A 2224 20.67 6.32 -23.44
C ILE A 2224 22.19 6.39 -23.55
N ASP A 2225 22.89 6.14 -22.45
CA ASP A 2225 24.34 6.28 -22.43
C ASP A 2225 24.97 5.02 -21.87
N VAL A 2226 26.24 4.79 -22.21
CA VAL A 2226 27.00 3.68 -21.68
C VAL A 2226 28.42 4.17 -21.39
N THR A 2227 29.01 3.64 -20.33
CA THR A 2227 30.40 3.96 -19.98
C THR A 2227 31.15 2.70 -19.62
N VAL A 2228 32.40 2.65 -20.02
CA VAL A 2228 33.33 1.58 -19.68
C VAL A 2228 34.62 2.21 -19.18
N THR A 2229 35.25 1.54 -18.22
CA THR A 2229 36.53 2.00 -17.72
C THR A 2229 37.47 0.82 -17.54
N LEU A 2230 38.76 1.12 -17.64
CA LEU A 2230 39.84 0.15 -17.48
C LEU A 2230 40.81 0.77 -16.49
N LYS A 2231 40.90 0.16 -15.31
CA LYS A 2231 41.72 0.64 -14.22
C LYS A 2231 42.65 -0.48 -13.76
N LEU A 2232 43.88 -0.11 -13.43
CA LEU A 2232 44.86 -1.06 -12.92
C LEU A 2232 45.30 -0.62 -11.53
N GLY A 2233 45.30 -1.55 -10.60
CA GLY A 2233 45.61 -1.24 -9.21
C GLY A 2233 44.60 -0.26 -8.61
N GLY A 2234 44.98 0.23 -7.43
CA GLY A 2234 44.14 1.17 -6.70
C GLY A 2234 44.57 2.61 -6.91
N TYR A 2235 45.29 2.87 -7.99
CA TYR A 2235 45.99 4.14 -8.18
C TYR A 2235 45.24 5.10 -9.10
N GLU A 2236 44.91 4.70 -10.32
CA GLU A 2236 44.12 5.57 -11.18
C GLU A 2236 43.56 4.76 -12.34
N PRO A 2237 42.44 5.18 -12.91
CA PRO A 2237 41.98 4.58 -14.17
C PRO A 2237 42.96 4.87 -15.31
N LEU A 2238 43.36 3.82 -16.01
CA LEU A 2238 44.23 4.00 -17.17
C LEU A 2238 43.44 4.50 -18.37
N PHE A 2239 42.17 4.11 -18.49
CA PHE A 2239 41.42 4.36 -19.71
C PHE A 2239 39.93 4.38 -19.37
N THR A 2240 39.14 5.15 -20.11
CA THR A 2240 37.68 5.13 -19.91
C THR A 2240 36.95 5.81 -21.06
N MET A 2241 36.00 5.08 -21.68
CA MET A 2241 35.20 5.60 -22.78
C MET A 2241 33.71 5.65 -22.43
N SER A 2242 32.97 6.34 -23.30
CA SER A 2242 31.53 6.51 -23.17
C SER A 2242 30.94 6.72 -24.57
N ALA A 2243 30.40 5.65 -25.15
CA ALA A 2243 29.69 5.77 -26.42
C ALA A 2243 28.35 6.47 -26.20
N GLN A 2244 28.07 7.53 -26.97
CA GLN A 2244 27.00 8.39 -26.50
C GLN A 2244 25.61 8.20 -27.13
N GLN A 2245 25.31 8.82 -28.31
CA GLN A 2245 24.21 8.37 -29.15
C GLN A 2245 24.63 7.55 -30.37
N PRO A 2246 25.51 8.08 -31.24
CA PRO A 2246 25.70 7.45 -32.56
C PRO A 2246 26.50 6.16 -32.50
N SER A 2247 27.22 5.91 -31.42
CA SER A 2247 27.89 4.64 -31.21
C SER A 2247 27.01 3.63 -30.51
N ILE A 2248 25.79 4.02 -30.15
CA ILE A 2248 24.79 3.10 -29.61
C ILE A 2248 23.84 2.78 -30.76
N VAL A 2249 23.99 1.61 -31.36
CA VAL A 2249 23.12 1.15 -32.43
C VAL A 2249 22.11 0.18 -31.82
N PRO A 2250 20.83 0.53 -31.76
CA PRO A 2250 19.81 -0.49 -31.49
C PRO A 2250 19.70 -1.44 -32.67
N PHE A 2251 19.45 -2.71 -32.37
CA PHE A 2251 19.28 -3.65 -33.46
C PHE A 2251 17.99 -3.38 -34.21
N THR A 2252 18.12 -3.28 -35.53
CA THR A 2252 16.99 -3.43 -36.42
C THR A 2252 16.52 -4.88 -36.35
N PRO A 2253 15.31 -5.18 -36.85
CA PRO A 2253 14.91 -6.59 -36.90
C PRO A 2253 15.92 -7.46 -37.62
N GLN A 2254 16.50 -6.95 -38.73
CA GLN A 2254 17.42 -7.76 -39.53
C GLN A 2254 18.64 -8.19 -38.73
N ALA A 2255 19.21 -7.27 -37.95
CA ALA A 2255 20.29 -7.65 -37.05
C ALA A 2255 19.83 -8.72 -36.06
N TYR A 2256 18.57 -8.66 -35.65
CA TYR A 2256 18.04 -9.65 -34.72
C TYR A 2256 18.02 -11.04 -35.34
N GLU A 2257 17.53 -11.17 -36.58
CA GLU A 2257 17.65 -12.48 -37.22
C GLU A 2257 19.11 -12.87 -37.35
N GLU A 2258 20.00 -11.92 -37.66
CA GLU A 2258 21.41 -12.26 -37.82
C GLU A 2258 21.99 -12.89 -36.57
N LEU A 2259 21.75 -12.24 -35.42
CA LEU A 2259 22.08 -12.86 -34.13
C LEU A 2259 21.43 -14.23 -34.00
N SER A 2260 20.22 -14.39 -34.56
CA SER A 2260 19.54 -15.67 -34.45
C SER A 2260 20.27 -16.78 -35.22
N GLN A 2261 20.61 -16.56 -36.50
CA GLN A 2261 21.17 -17.69 -37.23
C GLN A 2261 22.59 -17.95 -36.78
N GLN A 2262 23.30 -16.91 -36.33
CA GLN A 2262 24.67 -17.14 -35.89
C GLN A 2262 24.70 -18.13 -34.74
N PHE A 2263 23.70 -18.07 -33.86
CA PHE A 2263 23.58 -18.98 -32.73
C PHE A 2263 22.39 -19.93 -32.90
N ASP A 2264 22.15 -20.35 -34.15
CA ASP A 2264 20.97 -21.16 -34.49
C ASP A 2264 21.06 -22.58 -33.95
N PRO A 2265 22.19 -23.30 -34.08
CA PRO A 2265 22.24 -24.66 -33.51
C PRO A 2265 21.92 -24.73 -32.03
N TYR A 2266 22.36 -23.75 -31.25
CA TYR A 2266 22.23 -23.82 -29.80
C TYR A 2266 20.82 -23.42 -29.39
N PRO A 2267 20.09 -24.29 -28.69
CA PRO A 2267 18.68 -23.97 -28.35
C PRO A 2267 18.53 -22.89 -27.29
N LEU A 2268 19.40 -22.93 -26.29
CA LEU A 2268 19.36 -21.92 -25.23
C LEU A 2268 19.53 -20.52 -25.81
N ALA A 2269 20.46 -20.37 -26.75
CA ALA A 2269 20.64 -19.08 -27.41
C ALA A 2269 19.37 -18.65 -28.12
N MET A 2270 18.70 -19.56 -28.83
CA MET A 2270 17.47 -19.19 -29.52
C MET A 2270 16.38 -18.74 -28.55
N GLN A 2271 16.18 -19.46 -27.45
CA GLN A 2271 15.12 -19.01 -26.55
C GLN A 2271 15.49 -17.68 -25.91
N PHE A 2272 16.76 -17.50 -25.56
CA PHE A 2272 17.20 -16.28 -24.90
C PHE A 2272 17.08 -15.08 -25.84
N ILE A 2273 17.36 -15.27 -27.12
CA ILE A 2273 17.14 -14.21 -28.10
C ILE A 2273 15.64 -13.99 -28.34
N SER A 2274 14.88 -15.07 -28.48
CA SER A 2274 13.45 -15.00 -28.70
C SER A 2274 12.75 -14.23 -27.60
N GLN A 2275 13.32 -14.20 -26.40
CA GLN A 2275 12.72 -13.40 -25.33
C GLN A 2275 13.01 -11.92 -25.50
N TYR A 2276 14.28 -11.56 -25.70
CA TYR A 2276 14.69 -10.16 -25.79
C TYR A 2276 14.64 -9.71 -27.25
N SER A 2277 13.55 -9.02 -27.61
CA SER A 2277 13.25 -8.50 -28.95
C SER A 2277 14.39 -7.66 -29.50
N PRO A 2278 14.43 -7.40 -30.82
CA PRO A 2278 15.52 -6.56 -31.37
C PRO A 2278 15.63 -5.20 -30.69
N GLU A 2279 14.50 -4.60 -30.33
CA GLU A 2279 14.53 -3.36 -29.55
C GLU A 2279 15.09 -3.58 -28.16
N ASP A 2280 15.07 -4.82 -27.66
CA ASP A 2280 15.56 -5.13 -26.32
C ASP A 2280 17.05 -5.42 -26.30
N ILE A 2281 17.72 -5.39 -27.45
CA ILE A 2281 19.14 -5.71 -27.51
C ILE A 2281 19.80 -4.67 -28.40
N VAL A 2282 20.86 -4.05 -27.91
CA VAL A 2282 21.55 -2.97 -28.61
C VAL A 2282 23.04 -3.27 -28.56
N THR A 2283 23.82 -2.53 -29.34
CA THR A 2283 25.28 -2.65 -29.31
C THR A 2283 25.94 -1.28 -29.24
N ALA A 2284 26.91 -1.15 -28.33
CA ALA A 2284 27.70 0.06 -28.21
C ALA A 2284 28.98 -0.08 -29.02
N GLN A 2285 29.25 0.91 -29.87
CA GLN A 2285 30.49 0.95 -30.65
C GLN A 2285 31.50 1.83 -29.92
N ILE A 2286 32.05 1.30 -28.82
CA ILE A 2286 32.94 2.11 -28.00
C ILE A 2286 34.22 2.39 -28.77
N GLU A 2287 34.63 3.66 -28.79
CA GLU A 2287 35.80 4.07 -29.56
C GLU A 2287 37.06 3.68 -28.80
N GLY A 2288 37.72 2.61 -29.25
CA GLY A 2288 38.87 2.11 -28.51
C GLY A 2288 40.02 3.09 -28.46
N SER A 2289 40.36 3.69 -29.60
CA SER A 2289 41.53 4.56 -29.69
C SER A 2289 41.23 6.03 -29.41
N SER A 2290 39.96 6.42 -29.43
CA SER A 2290 39.59 7.83 -29.26
C SER A 2290 39.61 8.23 -27.79
N GLY A 2291 40.79 8.16 -27.16
CA GLY A 2291 40.90 8.40 -25.74
C GLY A 2291 41.15 9.86 -25.40
N ALA A 2292 41.31 10.09 -24.10
CA ALA A 2292 41.87 11.32 -23.56
C ALA A 2292 43.23 11.02 -22.95
N LEU A 2293 43.98 12.09 -22.66
CA LEU A 2293 45.30 11.91 -22.07
C LEU A 2293 45.18 11.18 -20.73
N TRP A 2294 45.99 10.13 -20.57
CA TRP A 2294 46.09 9.40 -19.33
C TRP A 2294 47.15 10.04 -18.45
N ARG A 2295 46.72 10.98 -17.63
CA ARG A 2295 47.62 11.60 -16.66
C ARG A 2295 48.02 10.58 -15.60
N ILE A 2296 49.29 10.62 -15.20
CA ILE A 2296 49.83 9.76 -14.15
C ILE A 2296 50.78 10.59 -13.30
N SER A 2297 50.44 10.73 -12.01
CA SER A 2297 51.39 11.33 -11.08
C SER A 2297 52.66 10.49 -11.06
N PRO A 2298 53.81 11.12 -11.36
CA PRO A 2298 55.07 10.40 -11.49
C PRO A 2298 55.42 9.54 -10.29
N PRO A 2299 55.15 9.98 -9.03
CA PRO A 2299 55.30 9.04 -7.91
C PRO A 2299 54.59 7.72 -8.19
N SER A 2300 53.31 7.82 -8.55
CA SER A 2300 52.55 6.62 -8.90
C SER A 2300 53.22 5.86 -10.03
N ARG A 2301 53.70 6.57 -11.06
CA ARG A 2301 54.37 5.91 -12.18
C ARG A 2301 55.60 5.14 -11.73
N ALA A 2302 56.46 5.78 -10.93
CA ALA A 2302 57.67 5.16 -10.45
C ALA A 2302 57.37 3.92 -9.63
N GLN A 2303 56.38 4.02 -8.74
CA GLN A 2303 56.03 2.88 -7.91
C GLN A 2303 55.42 1.77 -8.76
N MET A 2304 54.58 2.13 -9.74
CA MET A 2304 54.18 1.19 -10.80
C MET A 2304 55.38 0.41 -11.30
N LYS A 2305 56.36 1.13 -11.83
CA LYS A 2305 57.46 0.47 -12.53
C LYS A 2305 58.29 -0.37 -11.56
N GLN A 2306 58.60 0.17 -10.40
CA GLN A 2306 59.43 -0.54 -9.43
C GLN A 2306 58.75 -1.83 -8.96
N GLU A 2307 57.45 -1.75 -8.65
CA GLU A 2307 56.72 -2.94 -8.20
C GLU A 2307 56.60 -3.95 -9.34
N LEU A 2308 56.20 -3.48 -10.53
CA LEU A 2308 56.09 -4.37 -11.69
C LEU A 2308 57.41 -5.05 -12.00
N TYR A 2309 58.53 -4.41 -11.69
CA TYR A 2309 59.83 -4.94 -12.06
C TYR A 2309 60.39 -5.89 -11.00
N ASN A 2310 60.34 -5.50 -9.72
CA ASN A 2310 60.80 -6.36 -8.64
C ASN A 2310 59.73 -6.76 -7.63
N GLY A 2311 58.72 -5.94 -7.39
CA GLY A 2311 57.71 -6.31 -6.42
C GLY A 2311 56.94 -7.55 -6.86
N THR A 2312 57.20 -8.68 -6.21
CA THR A 2312 56.54 -9.93 -6.55
C THR A 2312 55.21 -10.09 -5.82
N ALA A 2313 54.39 -9.05 -5.92
CA ALA A 2313 53.04 -9.08 -5.37
C ALA A 2313 52.04 -9.36 -6.49
N ASP A 2314 50.77 -9.38 -6.13
CA ASP A 2314 49.69 -9.66 -7.07
C ASP A 2314 48.86 -8.40 -7.24
N ILE A 2315 48.84 -7.86 -8.45
CA ILE A 2315 48.10 -6.64 -8.78
C ILE A 2315 47.04 -6.99 -9.82
N THR A 2316 45.85 -6.42 -9.63
CA THR A 2316 44.66 -6.79 -10.40
C THR A 2316 44.07 -5.56 -11.07
N LEU A 2317 43.37 -5.79 -12.19
CA LEU A 2317 42.64 -4.71 -12.83
C LEU A 2317 41.27 -4.53 -12.18
N ARG A 2318 40.62 -3.42 -12.49
CA ARG A 2318 39.31 -3.09 -11.94
C ARG A 2318 38.32 -2.72 -13.03
N PHE A 2319 38.31 -3.53 -14.09
CA PHE A 2319 37.60 -3.17 -15.31
C PHE A 2319 36.08 -3.18 -15.10
N THR A 2320 35.40 -2.08 -15.43
CA THR A 2320 33.99 -1.95 -15.02
C THR A 2320 33.12 -1.33 -16.10
N TRP A 2321 31.86 -1.79 -16.18
CA TRP A 2321 30.86 -1.26 -17.12
C TRP A 2321 29.65 -0.70 -16.39
N ASN A 2322 29.24 0.51 -16.77
CA ASN A 2322 28.01 1.14 -16.30
C ASN A 2322 27.08 1.43 -17.48
N PHE A 2323 25.79 1.21 -17.28
CA PHE A 2323 24.77 1.50 -18.29
C PHE A 2323 23.80 2.54 -17.75
N GLN A 2324 23.68 3.67 -18.44
CA GLN A 2324 22.82 4.77 -18.03
C GLN A 2324 21.56 4.77 -18.86
N ARG A 2325 20.42 4.63 -18.19
CA ARG A 2325 19.14 4.43 -18.83
C ARG A 2325 18.48 5.76 -19.18
N ASP A 2326 17.39 5.66 -19.94
CA ASP A 2326 16.74 6.84 -20.50
C ASP A 2326 16.15 7.72 -19.42
N LEU A 2327 15.66 7.12 -18.33
CA LEU A 2327 15.11 7.83 -17.17
C LEU A 2327 13.76 8.44 -17.51
N ALA A 2328 13.42 8.47 -18.80
CA ALA A 2328 12.02 8.63 -19.19
C ALA A 2328 11.37 7.28 -19.43
N LYS A 2329 12.15 6.29 -19.88
CA LYS A 2329 11.69 4.92 -20.02
C LYS A 2329 11.77 4.16 -18.70
N GLY A 2330 11.86 4.87 -17.58
CA GLY A 2330 11.95 4.23 -16.28
C GLY A 2330 13.27 3.51 -16.11
N GLY A 2331 13.20 2.23 -15.79
CA GLY A 2331 14.38 1.42 -15.59
C GLY A 2331 14.85 1.31 -14.15
N THR A 2332 14.03 1.75 -13.19
CA THR A 2332 14.40 1.79 -11.76
C THR A 2332 15.78 2.42 -11.66
N VAL A 2333 16.75 1.79 -10.99
CA VAL A 2333 18.12 2.30 -11.02
C VAL A 2333 18.62 2.36 -12.45
N GLU A 2334 19.14 3.52 -12.83
CA GLU A 2334 19.52 3.80 -14.21
C GLU A 2334 21.02 4.00 -14.36
N TYR A 2335 21.79 3.40 -13.47
CA TYR A 2335 23.25 3.45 -13.51
C TYR A 2335 23.82 2.08 -13.21
N THR A 2336 23.08 1.05 -13.61
CA THR A 2336 23.48 -0.32 -13.34
C THR A 2336 24.86 -0.60 -13.92
N ASN A 2337 25.68 -1.28 -13.12
CA ASN A 2337 27.08 -1.47 -13.47
C ASN A 2337 27.59 -2.74 -12.80
N GLU A 2338 28.60 -3.34 -13.41
CA GLU A 2338 29.28 -4.48 -12.84
C GLU A 2338 30.77 -4.37 -13.04
N LYS A 2339 31.50 -4.84 -12.02
CA LYS A 2339 32.95 -4.81 -11.95
C LYS A 2339 33.53 -6.19 -12.28
N HIS A 2340 34.72 -6.17 -12.89
CA HIS A 2340 35.44 -7.32 -13.41
C HIS A 2340 36.90 -7.17 -12.95
N THR A 2341 37.18 -7.79 -11.82
CA THR A 2341 38.51 -7.78 -11.20
C THR A 2341 39.13 -9.18 -11.33
N LEU A 2342 40.22 -9.29 -12.07
CA LEU A 2342 40.89 -10.56 -12.31
C LEU A 2342 42.38 -10.41 -12.05
N GLU A 2343 42.89 -11.20 -11.10
CA GLU A 2343 44.29 -11.07 -10.69
C GLU A 2343 45.22 -11.57 -11.79
N LEU A 2344 46.38 -10.92 -11.89
CA LEU A 2344 47.41 -11.29 -12.85
C LEU A 2344 48.47 -12.15 -12.18
N ALA A 2345 49.54 -12.46 -12.91
CA ALA A 2345 50.57 -13.38 -12.44
C ALA A 2345 51.91 -12.68 -12.35
N PRO A 2346 52.53 -12.62 -11.17
CA PRO A 2346 53.91 -12.13 -11.10
C PRO A 2346 54.88 -13.12 -11.70
N ASN A 2347 56.07 -12.62 -12.04
CA ASN A 2347 57.12 -13.40 -12.70
C ASN A 2347 56.61 -14.01 -14.00
N SER A 2348 55.66 -13.33 -14.64
CA SER A 2348 55.04 -13.81 -15.86
C SER A 2348 55.14 -12.74 -16.93
N THR A 2349 55.05 -13.18 -18.19
CA THR A 2349 55.21 -12.26 -19.30
C THR A 2349 54.11 -11.21 -19.38
N ALA A 2350 52.94 -11.46 -18.77
CA ALA A 2350 51.89 -10.46 -18.78
C ALA A 2350 52.34 -9.20 -18.04
N ARG A 2351 52.80 -9.37 -16.79
CA ARG A 2351 53.30 -8.24 -16.02
C ARG A 2351 54.54 -7.64 -16.67
N ARG A 2352 55.39 -8.48 -17.26
CA ARG A 2352 56.59 -7.99 -17.92
C ARG A 2352 56.25 -7.07 -19.09
N GLN A 2353 55.30 -7.49 -19.93
CA GLN A 2353 54.90 -6.65 -21.06
C GLN A 2353 54.17 -5.40 -20.61
N LEU A 2354 53.39 -5.49 -19.53
CA LEU A 2354 52.76 -4.30 -18.98
C LEU A 2354 53.81 -3.29 -18.51
N ALA A 2355 54.84 -3.78 -17.82
CA ALA A 2355 55.93 -2.91 -17.38
C ALA A 2355 56.67 -2.32 -18.57
N GLN A 2356 56.93 -3.13 -19.59
CA GLN A 2356 57.60 -2.64 -20.79
C GLN A 2356 56.79 -1.55 -21.47
N LEU A 2357 55.47 -1.72 -21.52
CA LEU A 2357 54.60 -0.69 -22.08
C LEU A 2357 54.69 0.59 -21.27
N LEU A 2358 54.59 0.49 -19.95
CA LEU A 2358 54.62 1.71 -19.15
C LEU A 2358 56.03 2.27 -18.99
N GLU A 2359 57.06 1.58 -19.48
CA GLU A 2359 58.42 2.04 -19.30
C GLU A 2359 58.85 3.08 -20.33
N GLY A 2360 59.15 2.60 -21.54
CA GLY A 2360 59.34 3.42 -22.72
C GLY A 2360 60.02 2.55 -23.75
N ARG A 2361 59.50 2.49 -24.98
CA ARG A 2361 60.11 1.66 -26.02
C ARG A 2361 59.27 1.80 -27.29
N PRO A 2362 59.66 1.19 -28.41
CA PRO A 2362 58.77 1.17 -29.57
C PRO A 2362 57.48 0.42 -29.27
N ASP A 2363 56.52 0.59 -30.18
CA ASP A 2363 55.18 0.02 -30.00
C ASP A 2363 55.23 -1.47 -29.76
N GLN A 2364 54.49 -1.92 -28.74
CA GLN A 2364 54.41 -3.33 -28.42
C GLN A 2364 53.18 -3.56 -27.53
N SER A 2365 52.52 -4.71 -27.72
CA SER A 2365 51.24 -4.99 -27.09
C SER A 2365 51.44 -5.66 -25.73
N VAL A 2366 50.35 -6.16 -25.14
CA VAL A 2366 50.38 -6.77 -23.82
C VAL A 2366 49.73 -8.14 -23.86
N VAL A 2367 49.64 -8.78 -22.70
CA VAL A 2367 49.00 -10.09 -22.57
C VAL A 2367 47.73 -9.87 -21.75
N ILE A 2368 46.62 -9.66 -22.44
CA ILE A 2368 45.30 -9.63 -21.84
C ILE A 2368 44.49 -10.78 -22.43
N PRO A 2369 44.39 -11.90 -21.71
CA PRO A 2369 43.80 -13.14 -22.27
C PRO A 2369 42.27 -13.24 -22.19
N HIS A 2370 41.61 -12.46 -23.05
CA HIS A 2370 40.17 -12.60 -23.30
C HIS A 2370 39.37 -12.55 -22.01
N LEU A 2371 39.38 -11.37 -21.40
CA LEU A 2371 38.62 -11.09 -20.19
C LEU A 2371 37.32 -10.37 -20.46
N PHE A 2372 36.97 -10.12 -21.73
CA PHE A 2372 35.96 -9.14 -22.06
C PHE A 2372 34.76 -9.87 -22.62
N PRO A 2373 33.70 -10.15 -21.85
CA PRO A 2373 32.52 -10.79 -22.44
C PRO A 2373 31.78 -9.87 -23.39
N LYS A 2374 31.43 -10.42 -24.56
CA LYS A 2374 30.72 -9.65 -25.59
C LYS A 2374 29.26 -9.41 -25.20
N TYR A 2375 28.51 -10.48 -24.93
CA TYR A 2375 27.07 -10.39 -24.75
C TYR A 2375 26.74 -10.16 -23.29
N ILE A 2376 26.13 -9.01 -22.98
CA ILE A 2376 25.88 -8.63 -21.60
C ILE A 2376 24.40 -8.29 -21.47
N ARG A 2377 23.85 -8.43 -20.26
CA ARG A 2377 22.43 -8.26 -20.03
C ARG A 2377 22.19 -7.21 -18.96
N ALA A 2378 21.25 -6.28 -19.21
CA ALA A 2378 21.01 -5.15 -18.32
C ALA A 2378 19.58 -5.23 -17.79
N PRO A 2379 19.36 -6.00 -16.73
CA PRO A 2379 18.03 -6.04 -16.13
C PRO A 2379 17.72 -4.74 -15.39
N ASN A 2380 16.46 -4.57 -15.04
CA ASN A 2380 16.06 -3.50 -14.13
C ASN A 2380 16.64 -3.77 -12.75
N GLY A 2381 17.30 -4.91 -12.59
CA GLY A 2381 17.95 -5.26 -11.36
C GLY A 2381 19.04 -4.28 -11.02
N PRO A 2382 19.53 -4.36 -9.78
CA PRO A 2382 20.46 -3.34 -9.29
C PRO A 2382 21.71 -3.17 -10.14
N GLU A 2383 22.23 -4.26 -10.68
CA GLU A 2383 23.41 -4.33 -11.51
C GLU A 2383 23.02 -4.90 -12.87
N ALA A 2384 24.01 -5.24 -13.70
CA ALA A 2384 23.72 -5.75 -15.03
C ALA A 2384 24.75 -6.83 -15.35
N ASN A 2385 24.30 -8.08 -15.36
CA ASN A 2385 25.16 -9.24 -15.49
C ASN A 2385 25.44 -9.57 -16.95
N PRO A 2386 26.49 -10.33 -17.22
CA PRO A 2386 26.69 -10.87 -18.56
C PRO A 2386 25.70 -11.99 -18.85
N VAL A 2387 25.84 -12.65 -19.98
CA VAL A 2387 24.88 -13.69 -20.39
C VAL A 2387 25.56 -15.04 -20.20
N LYS A 2388 24.95 -15.90 -19.38
CA LYS A 2388 25.52 -17.20 -19.08
C LYS A 2388 25.37 -18.14 -20.27
N GLN A 2389 24.20 -18.13 -20.92
CA GLN A 2389 23.95 -19.06 -22.01
C GLN A 2389 24.85 -18.77 -23.22
N LEU A 2390 24.99 -17.48 -23.58
CA LEU A 2390 25.82 -17.13 -24.72
C LEU A 2390 27.32 -17.23 -24.39
N GLN A 2391 27.70 -17.07 -23.12
CA GLN A 2391 29.06 -17.31 -22.67
C GLN A 2391 29.07 -18.46 -21.66
N PRO A 2392 28.80 -19.70 -22.11
CA PRO A 2392 28.89 -20.82 -21.17
C PRO A 2392 30.29 -21.05 -20.67
N ASP A 2393 31.29 -20.90 -21.54
CA ASP A 2393 32.69 -21.07 -21.16
C ASP A 2393 33.23 -19.91 -20.35
N GLU A 2394 32.46 -18.84 -20.19
CA GLU A 2394 32.85 -17.64 -19.43
C GLU A 2394 34.11 -17.09 -20.08
N GLU A 2395 35.22 -16.92 -19.34
CA GLU A 2395 36.39 -16.19 -19.86
C GLU A 2395 36.88 -16.75 -21.19
N GLU A 2396 36.69 -18.06 -21.41
CA GLU A 2396 37.05 -18.65 -22.68
C GLU A 2396 36.26 -18.03 -23.83
N ASP A 2397 34.95 -17.82 -23.62
CA ASP A 2397 34.10 -17.18 -24.62
C ASP A 2397 34.24 -15.67 -24.63
N TYR A 2398 34.95 -15.09 -23.66
CA TYR A 2398 35.19 -13.66 -23.65
C TYR A 2398 36.24 -13.34 -24.72
N LEU A 2399 36.21 -12.11 -25.22
CA LEU A 2399 37.28 -11.67 -26.10
C LEU A 2399 38.27 -10.79 -25.34
N GLY A 2400 39.41 -10.53 -26.00
CA GLY A 2400 40.47 -9.76 -25.38
C GLY A 2400 40.88 -8.55 -26.17
N VAL A 2401 41.70 -7.70 -25.56
CA VAL A 2401 42.20 -6.48 -26.17
C VAL A 2401 43.67 -6.33 -25.82
N ARG A 2402 44.31 -5.32 -26.42
CA ARG A 2402 45.71 -5.01 -26.15
C ARG A 2402 45.83 -3.55 -25.75
N ILE A 2403 46.55 -3.29 -24.68
CA ILE A 2403 46.84 -1.92 -24.25
C ILE A 2403 47.92 -1.34 -25.17
N GLN A 2404 47.72 -0.08 -25.59
CA GLN A 2404 48.69 0.63 -26.39
C GLN A 2404 48.95 1.99 -25.75
N LEU A 2405 50.24 2.31 -25.58
CA LEU A 2405 50.65 3.57 -24.97
C LEU A 2405 51.34 4.40 -26.04
N ARG A 2406 50.62 5.38 -26.58
CA ARG A 2406 51.15 6.26 -27.63
C ARG A 2406 51.78 7.47 -26.97
N ARG A 2407 53.09 7.62 -27.14
CA ARG A 2407 53.84 8.72 -26.57
C ARG A 2407 53.70 9.99 -27.40
N GLU A 2408 53.91 11.14 -26.74
CA GLU A 2408 53.77 12.46 -27.38
C GLU A 2408 54.84 13.48 -26.93
N GLN A 2409 55.85 13.68 -27.77
CA GLN A 2409 56.86 14.72 -27.53
C GLN A 2409 56.26 16.10 -27.30
N VAL A 2410 56.80 16.81 -26.31
CA VAL A 2410 56.43 18.19 -26.01
C VAL A 2410 57.69 18.98 -25.70
N GLY A 2411 57.79 20.19 -26.24
CA GLY A 2411 58.90 21.07 -25.94
C GLY A 2411 60.11 20.84 -26.81
N GLY A 2420 62.75 8.84 -17.77
CA GLY A 2420 61.89 9.38 -16.74
C GLY A 2420 61.35 10.75 -17.10
N THR A 2421 62.21 11.77 -17.03
CA THR A 2421 61.82 13.10 -17.46
C THR A 2421 61.46 13.11 -18.93
N LYS A 2422 62.22 12.38 -19.75
CA LYS A 2422 61.82 12.19 -21.15
C LYS A 2422 60.55 11.35 -21.25
N ALA A 2423 60.41 10.36 -20.36
CA ALA A 2423 59.15 9.60 -20.30
C ALA A 2423 58.00 10.50 -19.86
N SER A 2424 58.24 11.37 -18.88
CA SER A 2424 57.21 12.32 -18.47
C SER A 2424 56.93 13.33 -19.58
N ASP A 2425 57.91 13.55 -20.45
CA ASP A 2425 57.76 14.47 -21.56
C ASP A 2425 56.69 13.96 -22.53
N PHE A 2426 56.88 12.74 -23.03
CA PHE A 2426 55.85 12.07 -23.78
C PHE A 2426 54.55 12.04 -22.98
N LEU A 2427 53.43 12.26 -23.67
CA LEU A 2427 52.12 12.10 -23.07
C LEU A 2427 51.66 10.66 -23.30
N GLU A 2428 51.25 9.99 -22.24
CA GLU A 2428 50.80 8.61 -22.31
C GLU A 2428 49.29 8.52 -22.16
N TRP A 2429 48.70 7.59 -22.91
CA TRP A 2429 47.28 7.28 -22.78
C TRP A 2429 47.03 5.85 -23.24
N TRP A 2430 46.46 5.05 -22.35
CA TRP A 2430 46.15 3.66 -22.69
C TRP A 2430 45.17 3.60 -23.85
N VAL A 2431 45.44 2.71 -24.80
CA VAL A 2431 44.57 2.51 -25.95
C VAL A 2431 44.30 1.02 -26.10
N ILE A 2432 43.04 0.65 -26.30
CA ILE A 2432 42.61 -0.74 -26.43
C ILE A 2432 42.30 -1.06 -27.88
N GLU A 2433 42.66 -2.29 -28.30
CA GLU A 2433 42.37 -2.80 -29.63
C GLU A 2433 42.00 -4.28 -29.48
N LEU A 2434 40.94 -4.71 -30.18
CA LEU A 2434 40.62 -6.14 -30.25
C LEU A 2434 41.85 -6.99 -30.48
N GLN A 2435 41.94 -8.09 -29.71
CA GLN A 2435 43.02 -9.05 -29.91
C GLN A 2435 43.00 -9.60 -31.34
N ASP A 2436 41.82 -9.92 -31.85
CA ASP A 2436 41.64 -10.41 -33.21
C ASP A 2436 40.86 -9.32 -33.97
N CYS A 2437 41.59 -8.38 -34.54
CA CYS A 2437 41.02 -7.24 -35.24
C CYS A 2437 41.55 -7.18 -36.67
N LYS A 2438 40.67 -6.86 -37.61
CA LYS A 2438 41.01 -6.82 -39.02
C LYS A 2438 40.95 -5.42 -39.62
N ALA A 2439 39.79 -4.76 -39.56
CA ALA A 2439 39.61 -3.45 -40.17
C ALA A 2439 38.98 -2.41 -39.26
N ASP A 2440 38.26 -2.81 -38.21
CA ASP A 2440 37.64 -1.87 -37.27
C ASP A 2440 38.49 -1.72 -36.01
N CYS A 2441 39.80 -1.64 -36.19
CA CYS A 2441 40.74 -1.64 -35.06
C CYS A 2441 40.45 -0.52 -34.07
N ASN A 2442 39.88 0.59 -34.54
CA ASN A 2442 39.63 1.77 -33.70
C ASN A 2442 38.22 1.77 -33.12
N LEU A 2443 37.60 0.60 -32.96
CA LEU A 2443 36.23 0.53 -32.48
C LEU A 2443 35.93 -0.87 -31.94
N LEU A 2444 35.25 -0.93 -30.80
CA LEU A 2444 34.93 -2.18 -30.14
C LEU A 2444 33.42 -2.30 -30.04
N PRO A 2445 32.79 -3.19 -30.81
CA PRO A 2445 31.35 -3.45 -30.63
C PRO A 2445 31.12 -4.32 -29.40
N MET A 2446 30.25 -3.85 -28.51
CA MET A 2446 29.92 -4.55 -27.27
C MET A 2446 28.41 -4.70 -27.20
N VAL A 2447 27.92 -5.95 -27.25
CA VAL A 2447 26.48 -6.17 -27.25
C VAL A 2447 25.91 -6.15 -25.84
N ILE A 2448 24.83 -5.36 -25.67
CA ILE A 2448 24.13 -5.18 -24.41
C ILE A 2448 22.68 -5.56 -24.65
N PHE A 2449 22.02 -6.11 -23.64
CA PHE A 2449 20.64 -6.56 -23.71
C PHE A 2449 19.79 -5.63 -22.85
N SER A 2450 19.09 -4.70 -23.49
CA SER A 2450 18.28 -3.71 -22.79
C SER A 2450 16.93 -4.35 -22.44
N ASP A 2451 16.79 -4.77 -21.19
CA ASP A 2451 15.57 -5.44 -20.77
C ASP A 2451 14.42 -4.45 -20.62
N LYS A 2452 13.22 -4.98 -20.39
CA LYS A 2452 12.02 -4.16 -20.34
C LYS A 2452 11.87 -3.45 -19.01
N VAL A 2453 10.71 -2.82 -18.80
CA VAL A 2453 10.33 -2.23 -17.53
C VAL A 2453 8.85 -2.48 -17.30
N SER A 2454 8.50 -2.88 -16.08
CA SER A 2454 7.12 -3.10 -15.72
C SER A 2454 6.75 -2.26 -14.50
N PRO A 2455 5.56 -1.67 -14.48
CA PRO A 2455 5.13 -0.89 -13.32
C PRO A 2455 5.04 -1.77 -12.08
N PRO A 2456 5.40 -1.24 -10.92
CA PRO A 2456 5.29 -2.01 -9.67
C PRO A 2456 3.90 -1.99 -9.03
N SER A 2457 2.87 -1.57 -9.76
CA SER A 2457 1.51 -1.58 -9.23
C SER A 2457 1.04 -2.98 -8.89
N LEU A 2458 1.71 -4.02 -9.41
CA LEU A 2458 1.33 -5.39 -9.09
C LEU A 2458 1.39 -5.63 -7.59
N GLY A 2459 2.51 -5.26 -6.96
CA GLY A 2459 2.66 -5.33 -5.52
C GLY A 2459 2.17 -6.61 -4.89
N PHE A 2460 1.10 -6.52 -4.11
CA PHE A 2460 0.43 -7.69 -3.57
C PHE A 2460 -0.35 -8.40 -4.66
N LEU A 2461 0.35 -9.16 -5.51
CA LEU A 2461 -0.25 -9.82 -6.66
C LEU A 2461 -1.14 -10.97 -6.19
N ALA A 2462 -1.73 -11.67 -7.16
CA ALA A 2462 -2.62 -12.79 -6.87
C ALA A 2462 -1.86 -13.95 -6.24
N GLY A 2463 -2.64 -14.83 -5.60
CA GLY A 2463 -2.12 -15.91 -4.82
C GLY A 2463 -1.96 -15.61 -3.34
N TYR A 2464 -1.58 -14.39 -2.97
CA TYR A 2464 -1.49 -14.03 -1.56
C TYR A 2464 -2.28 -12.79 -1.14
N GLY A 2465 -1.97 -11.62 -1.68
CA GLY A 2465 -2.64 -10.39 -1.23
C GLY A 2465 -4.01 -10.03 -1.78
N ILE A 2466 -4.02 -9.58 -3.04
CA ILE A 2466 -5.24 -9.07 -3.66
C ILE A 2466 -6.27 -10.18 -3.81
N VAL A 2467 -5.81 -11.40 -4.12
CA VAL A 2467 -6.71 -12.55 -4.15
C VAL A 2467 -7.38 -12.72 -2.79
N GLY A 2468 -6.62 -12.53 -1.71
CA GLY A 2468 -7.24 -12.49 -0.39
C GLY A 2468 -8.35 -11.46 -0.32
N LEU A 2469 -7.98 -10.18 -0.46
CA LEU A 2469 -8.98 -9.11 -0.32
C LEU A 2469 -10.24 -9.43 -1.11
N TYR A 2470 -10.07 -9.94 -2.34
CA TYR A 2470 -11.18 -10.43 -3.13
C TYR A 2470 -11.99 -11.48 -2.39
N VAL A 2471 -11.32 -12.49 -1.81
CA VAL A 2471 -12.10 -13.58 -1.24
C VAL A 2471 -12.88 -13.11 -0.01
N GLU A 2472 -12.27 -12.25 0.83
CA GLU A 2472 -13.07 -11.72 1.95
C GLU A 2472 -14.28 -10.94 1.44
N ILE A 2473 -14.09 -10.07 0.45
CA ILE A 2473 -15.22 -9.23 0.04
C ILE A 2473 -16.32 -10.09 -0.58
N VAL A 2474 -15.95 -11.11 -1.35
CA VAL A 2474 -16.97 -11.96 -1.95
C VAL A 2474 -17.69 -12.76 -0.87
N LEU A 2475 -16.98 -13.21 0.17
CA LEU A 2475 -17.67 -13.94 1.24
C LEU A 2475 -18.63 -13.03 2.00
N VAL A 2476 -18.22 -11.79 2.29
CA VAL A 2476 -19.10 -10.91 3.05
C VAL A 2476 -20.34 -10.54 2.23
N VAL A 2477 -20.17 -10.25 0.94
CA VAL A 2477 -21.34 -9.90 0.13
C VAL A 2477 -22.24 -11.11 -0.06
N GLY A 2478 -21.66 -12.30 -0.24
CA GLY A 2478 -22.46 -13.49 -0.35
C GLY A 2478 -23.25 -13.78 0.91
N LYS A 2479 -22.63 -13.59 2.07
CA LYS A 2479 -23.34 -13.79 3.32
C LYS A 2479 -24.48 -12.79 3.47
N PHE A 2480 -24.23 -11.52 3.11
CA PHE A 2480 -25.29 -10.52 3.19
C PHE A 2480 -26.47 -10.90 2.30
N VAL A 2481 -26.19 -11.28 1.05
CA VAL A 2481 -27.28 -11.62 0.13
C VAL A 2481 -28.01 -12.87 0.60
N ARG A 2482 -27.28 -13.88 1.08
CA ARG A 2482 -27.92 -15.11 1.53
C ARG A 2482 -28.80 -14.84 2.75
N GLY A 2483 -28.34 -13.99 3.67
CA GLY A 2483 -29.18 -13.62 4.79
C GLY A 2483 -30.41 -12.84 4.36
N PHE A 2484 -30.25 -11.98 3.35
CA PHE A 2484 -31.39 -11.21 2.87
C PHE A 2484 -32.43 -12.10 2.21
N PHE A 2485 -32.00 -13.10 1.45
CA PHE A 2485 -32.94 -13.89 0.65
C PHE A 2485 -33.48 -15.13 1.37
N SER A 2486 -32.69 -15.74 2.24
CA SER A 2486 -33.08 -17.02 2.84
C SER A 2486 -33.84 -16.84 4.14
N GLU A 2487 -33.49 -15.85 4.94
CA GLU A 2487 -34.06 -15.71 6.28
C GLU A 2487 -35.51 -15.27 6.26
N ILE A 2488 -36.06 -14.89 5.12
CA ILE A 2488 -37.40 -14.31 5.11
C ILE A 2488 -38.45 -15.42 5.11
N SER A 2489 -38.63 -16.02 6.27
CA SER A 2489 -39.73 -16.92 6.61
C SER A 2489 -40.37 -16.57 7.94
N HIS A 2490 -39.57 -16.07 8.90
CA HIS A 2490 -40.03 -15.85 10.27
C HIS A 2490 -40.94 -14.65 10.40
N SER A 2491 -40.89 -13.71 9.46
CA SER A 2491 -41.57 -12.43 9.61
C SER A 2491 -42.95 -12.40 8.97
N ILE A 2492 -43.34 -13.51 8.32
CA ILE A 2492 -44.56 -13.52 7.49
C ILE A 2492 -45.79 -13.16 8.31
N MET A 2493 -45.71 -13.32 9.63
CA MET A 2493 -46.77 -12.83 10.52
C MET A 2493 -46.95 -11.33 10.39
N PHE A 2494 -45.94 -10.61 9.90
CA PHE A 2494 -46.01 -9.16 9.78
C PHE A 2494 -46.16 -8.65 8.35
N GLU A 2495 -46.18 -9.52 7.33
CA GLU A 2495 -46.47 -9.06 5.98
C GLU A 2495 -47.73 -9.65 5.36
N GLU A 2496 -48.15 -10.83 5.78
CA GLU A 2496 -49.34 -11.40 5.14
C GLU A 2496 -50.66 -10.67 5.61
N LEU A 2497 -50.52 -9.54 6.30
CA LEU A 2497 -51.64 -8.72 6.76
C LEU A 2497 -52.54 -8.33 5.59
N PRO A 2498 -53.77 -8.85 5.52
CA PRO A 2498 -54.62 -8.53 4.36
C PRO A 2498 -55.18 -7.12 4.44
N CYS A 2499 -55.64 -6.73 5.62
CA CYS A 2499 -56.21 -5.42 5.86
C CYS A 2499 -55.50 -4.79 7.05
N VAL A 2500 -55.19 -3.50 6.93
CA VAL A 2500 -54.38 -2.82 7.94
C VAL A 2500 -55.05 -1.51 8.35
N ASP A 2501 -56.30 -1.32 7.97
CA ASP A 2501 -56.95 -0.03 8.18
C ASP A 2501 -57.09 0.29 9.67
N ARG A 2502 -57.40 -0.71 10.49
CA ARG A 2502 -57.55 -0.47 11.92
C ARG A 2502 -56.26 0.02 12.54
N ILE A 2503 -55.14 -0.62 12.20
CA ILE A 2503 -53.85 -0.23 12.78
C ILE A 2503 -53.38 1.13 12.27
N LEU A 2504 -53.61 1.44 10.98
CA LEU A 2504 -53.36 2.80 10.51
C LEU A 2504 -54.18 3.82 11.29
N LYS A 2505 -55.46 3.53 11.51
CA LYS A 2505 -56.27 4.47 12.28
C LYS A 2505 -55.70 4.63 13.69
N LEU A 2506 -55.30 3.53 14.33
CA LEU A 2506 -54.77 3.60 15.68
C LEU A 2506 -53.49 4.43 15.73
N CYS A 2507 -52.56 4.18 14.81
CA CYS A 2507 -51.30 4.92 14.83
C CYS A 2507 -51.51 6.40 14.50
N GLN A 2508 -52.44 6.68 13.58
CA GLN A 2508 -52.78 8.07 13.29
C GLN A 2508 -53.39 8.75 14.50
N ASP A 2509 -54.21 8.04 15.27
CA ASP A 2509 -54.71 8.60 16.52
C ASP A 2509 -53.58 8.86 17.50
N ILE A 2510 -52.59 7.96 17.56
CA ILE A 2510 -51.43 8.20 18.42
C ILE A 2510 -50.76 9.51 18.03
N PHE A 2511 -50.50 9.67 16.72
CA PHE A 2511 -49.83 10.89 16.26
C PHE A 2511 -50.66 12.14 16.55
N LEU A 2512 -51.98 12.08 16.30
CA LEU A 2512 -52.78 13.29 16.47
C LEU A 2512 -52.95 13.64 17.95
N VAL A 2513 -53.14 12.63 18.82
CA VAL A 2513 -53.22 12.93 20.25
C VAL A 2513 -51.88 13.43 20.75
N ARG A 2514 -50.78 13.01 20.12
CA ARG A 2514 -49.49 13.62 20.42
C ARG A 2514 -49.46 15.09 20.02
N GLU A 2515 -49.94 15.41 18.82
CA GLU A 2515 -49.85 16.78 18.34
C GLU A 2515 -50.78 17.74 19.07
N THR A 2516 -51.75 17.24 19.84
CA THR A 2516 -52.59 18.08 20.67
C THR A 2516 -52.07 18.19 22.10
N ARG A 2517 -50.91 17.61 22.40
CA ARG A 2517 -50.28 17.71 23.72
C ARG A 2517 -51.21 17.18 24.82
N GLU A 2518 -51.98 16.15 24.50
CA GLU A 2518 -52.83 15.49 25.51
C GLU A 2518 -52.16 14.16 25.84
N LEU A 2519 -51.09 14.25 26.62
CA LEU A 2519 -50.17 13.13 26.81
C LEU A 2519 -50.76 11.99 27.64
N GLU A 2520 -51.88 12.20 28.32
CA GLU A 2520 -52.46 11.17 29.17
C GLU A 2520 -53.25 10.11 28.40
N LEU A 2521 -53.27 10.18 27.07
CA LEU A 2521 -53.79 9.10 26.23
C LEU A 2521 -52.70 8.40 25.42
N GLU A 2522 -51.52 9.01 25.29
CA GLU A 2522 -50.44 8.39 24.55
C GLU A 2522 -50.05 7.05 25.15
N GLU A 2523 -49.97 6.97 26.48
CA GLU A 2523 -49.61 5.71 27.11
C GLU A 2523 -50.65 4.64 26.85
N GLU A 2524 -51.94 5.01 26.88
CA GLU A 2524 -53.00 4.03 26.65
C GLU A 2524 -52.98 3.52 25.21
N LEU A 2525 -52.89 4.43 24.23
CA LEU A 2525 -52.82 3.98 22.84
C LEU A 2525 -51.56 3.17 22.57
N TYR A 2526 -50.43 3.59 23.15
CA TYR A 2526 -49.19 2.82 22.96
C TYR A 2526 -49.32 1.44 23.57
N ALA A 2527 -49.97 1.34 24.74
CA ALA A 2527 -50.18 0.03 25.35
C ALA A 2527 -51.08 -0.84 24.49
N LYS A 2528 -52.13 -0.26 23.91
CA LYS A 2528 -53.02 -1.05 23.06
C LYS A 2528 -52.27 -1.56 21.84
N LEU A 2529 -51.49 -0.70 21.18
CA LEU A 2529 -50.70 -1.13 20.03
C LEU A 2529 -49.67 -2.19 20.43
N ILE A 2530 -49.00 -1.98 21.56
CA ILE A 2530 -47.88 -2.83 21.94
C ILE A 2530 -48.41 -4.21 22.32
N PHE A 2531 -49.62 -4.26 22.87
CA PHE A 2531 -50.30 -5.53 23.09
C PHE A 2531 -50.76 -6.16 21.78
N LEU A 2532 -51.22 -5.34 20.83
CA LEU A 2532 -51.65 -5.87 19.55
C LEU A 2532 -50.52 -6.65 18.89
N TYR A 2533 -49.31 -6.09 18.95
CA TYR A 2533 -48.13 -6.74 18.40
C TYR A 2533 -47.56 -7.82 19.31
N ARG A 2534 -48.12 -8.01 20.50
CA ARG A 2534 -47.70 -9.05 21.43
C ARG A 2534 -48.35 -10.40 21.18
N SER A 2535 -49.39 -10.46 20.36
CA SER A 2535 -50.08 -11.72 20.15
C SER A 2535 -50.56 -11.80 18.71
N PRO A 2536 -49.96 -12.67 17.89
CA PRO A 2536 -50.39 -12.77 16.49
C PRO A 2536 -51.84 -13.16 16.32
N GLU A 2537 -52.41 -13.87 17.30
CA GLU A 2537 -53.81 -14.29 17.21
C GLU A 2537 -54.74 -13.08 17.16
N THR A 2538 -54.50 -12.10 18.02
CA THR A 2538 -55.31 -10.88 17.99
C THR A 2538 -55.06 -10.10 16.70
N MET A 2539 -53.82 -10.11 16.21
CA MET A 2539 -53.52 -9.46 14.94
C MET A 2539 -54.34 -10.06 13.82
N ILE A 2540 -54.47 -11.39 13.80
CA ILE A 2540 -55.33 -12.04 12.84
C ILE A 2540 -56.79 -11.65 13.08
N LYS A 2541 -57.20 -11.64 14.35
CA LYS A 2541 -58.56 -11.26 14.71
C LYS A 2541 -58.84 -9.80 14.37
N TRP A 2542 -57.82 -8.95 14.40
CA TRP A 2542 -57.98 -7.53 14.17
C TRP A 2542 -57.92 -7.14 12.70
N THR A 2543 -57.60 -8.08 11.81
CA THR A 2543 -57.32 -7.75 10.41
C THR A 2543 -58.13 -8.62 9.46
N ARG A 2544 -59.41 -8.84 9.78
CA ARG A 2544 -60.30 -9.51 8.85
C ARG A 2544 -60.75 -8.53 7.77
N GLU A 2545 -61.61 -9.01 6.87
CA GLU A 2545 -62.04 -8.23 5.71
C GLU A 2545 -63.47 -7.75 5.90
N ARG A 2546 -63.71 -6.47 5.63
CA ARG A 2546 -65.03 -5.89 5.78
C ARG A 2546 -65.96 -6.36 4.68
N GLU A 2547 -67.26 -6.27 4.96
CA GLU A 2547 -68.29 -6.77 4.05
C GLU A 2547 -69.19 -5.64 3.56
N GLU B 576 39.71 -93.17 -3.16
CA GLU B 576 40.55 -93.33 -4.34
C GLU B 576 40.04 -92.47 -5.49
N LEU B 577 39.16 -91.52 -5.17
CA LEU B 577 38.62 -90.62 -6.19
C LEU B 577 39.73 -89.76 -6.79
N VAL B 578 40.65 -89.28 -5.95
CA VAL B 578 41.77 -88.47 -6.46
C VAL B 578 42.65 -89.30 -7.37
N THR B 579 42.84 -90.59 -7.04
CA THR B 579 43.62 -91.46 -7.90
C THR B 579 42.96 -91.61 -9.27
N GLY B 580 41.63 -91.78 -9.30
CA GLY B 580 40.93 -91.87 -10.58
C GLY B 580 41.01 -90.57 -11.36
N ILE B 581 40.91 -89.43 -10.67
CA ILE B 581 41.02 -88.14 -11.35
C ILE B 581 42.41 -87.98 -11.96
N TYR B 582 43.45 -88.37 -11.22
CA TYR B 582 44.80 -88.30 -11.76
C TYR B 582 44.97 -89.24 -12.94
N VAL B 583 44.41 -90.45 -12.86
CA VAL B 583 44.51 -91.40 -13.95
C VAL B 583 43.79 -90.88 -15.20
N LYS B 584 42.70 -90.12 -15.00
CA LYS B 584 41.97 -89.59 -16.14
C LYS B 584 42.63 -88.35 -16.72
N TYR B 585 42.78 -87.31 -15.90
CA TYR B 585 43.29 -86.02 -16.38
C TYR B 585 44.81 -85.93 -16.19
N TRP B 586 45.51 -86.82 -16.86
CA TRP B 586 46.98 -86.79 -16.91
C TRP B 586 47.52 -86.71 -18.32
N ILE B 587 46.94 -87.44 -19.26
CA ILE B 587 47.40 -87.37 -20.65
C ILE B 587 47.18 -85.97 -21.20
N TYR B 588 46.05 -85.34 -20.87
CA TYR B 588 45.81 -83.96 -21.30
C TYR B 588 46.83 -83.02 -20.68
N VAL B 589 47.16 -83.22 -19.40
CA VAL B 589 48.15 -82.36 -18.74
C VAL B 589 49.51 -82.54 -19.39
N CYS B 590 49.89 -83.79 -19.69
CA CYS B 590 51.18 -84.04 -20.34
C CYS B 590 51.22 -83.41 -21.73
N ALA B 591 50.14 -83.51 -22.49
CA ALA B 591 50.10 -82.88 -23.81
C ALA B 591 50.18 -81.38 -23.71
N GLY B 592 49.51 -80.78 -22.72
CA GLY B 592 49.61 -79.35 -22.53
C GLY B 592 51.02 -78.92 -22.16
N MET B 593 51.69 -79.70 -21.30
CA MET B 593 53.07 -79.40 -20.95
C MET B 593 53.98 -79.50 -22.18
N PHE B 594 53.77 -80.53 -23.01
CA PHE B 594 54.56 -80.67 -24.22
C PHE B 594 54.35 -79.49 -25.17
N ILE B 595 53.10 -79.04 -25.30
CA ILE B 595 52.83 -77.87 -26.14
C ILE B 595 53.47 -76.62 -25.56
N VAL B 596 53.42 -76.46 -24.25
CA VAL B 596 54.01 -75.28 -23.61
C VAL B 596 55.52 -75.30 -23.71
N VAL B 597 56.13 -76.49 -23.82
CA VAL B 597 57.59 -76.58 -23.96
C VAL B 597 58.03 -75.86 -25.23
N SER B 598 57.33 -76.11 -26.33
CA SER B 598 57.58 -75.35 -27.55
C SER B 598 57.02 -73.94 -27.41
N PHE B 599 57.72 -72.97 -27.98
CA PHE B 599 57.34 -71.57 -27.93
C PHE B 599 57.18 -71.09 -26.49
N LEU B 603 62.83 -68.20 -29.15
CA LEU B 603 62.70 -69.65 -29.01
C LEU B 603 63.79 -70.39 -29.77
N VAL B 604 64.31 -71.47 -29.19
CA VAL B 604 65.34 -72.27 -29.84
C VAL B 604 64.70 -73.03 -31.00
N VAL B 605 65.47 -73.22 -32.07
CA VAL B 605 64.92 -73.79 -33.29
C VAL B 605 64.79 -75.31 -33.18
N TYR B 606 65.92 -75.98 -32.94
CA TYR B 606 65.96 -77.44 -33.10
C TYR B 606 65.05 -78.14 -32.08
N LYS B 607 65.20 -77.80 -30.79
CA LYS B 607 64.45 -78.51 -29.76
C LYS B 607 62.94 -78.28 -29.90
N ILE B 608 62.55 -77.02 -30.12
CA ILE B 608 61.14 -76.70 -30.27
C ILE B 608 60.57 -77.37 -31.51
N VAL B 609 61.33 -77.36 -32.60
CA VAL B 609 60.87 -78.00 -33.83
C VAL B 609 60.65 -79.49 -33.62
N TYR B 610 61.62 -80.15 -32.96
CA TYR B 610 61.49 -81.58 -32.71
C TYR B 610 60.29 -81.89 -31.82
N MET B 611 60.11 -81.11 -30.75
CA MET B 611 58.98 -81.34 -29.85
C MET B 611 57.65 -81.13 -30.56
N PHE B 612 57.56 -80.06 -31.38
CA PHE B 612 56.33 -79.80 -32.12
C PHE B 612 56.04 -80.91 -33.12
N LEU B 613 57.09 -81.39 -33.81
CA LEU B 613 56.90 -82.49 -34.75
C LEU B 613 56.41 -83.74 -34.05
N PHE B 614 56.99 -84.06 -32.89
CA PHE B 614 56.55 -85.24 -32.14
C PHE B 614 55.10 -85.09 -31.71
N LEU B 615 54.73 -83.92 -31.19
CA LEU B 615 53.36 -83.70 -30.75
C LEU B 615 52.38 -83.80 -31.91
N LEU B 616 52.74 -83.21 -33.06
CA LEU B 616 51.87 -83.26 -34.22
C LEU B 616 51.71 -84.68 -34.74
N CYS B 617 52.81 -85.45 -34.75
CA CYS B 617 52.72 -86.84 -35.17
C CYS B 617 51.82 -87.65 -34.24
N LEU B 618 51.95 -87.42 -32.93
CA LEU B 618 51.10 -88.13 -31.98
C LEU B 618 49.63 -87.76 -32.18
N THR B 619 49.34 -86.47 -32.37
CA THR B 619 47.97 -86.04 -32.58
C THR B 619 47.40 -86.61 -33.89
N LEU B 620 48.21 -86.64 -34.95
CA LEU B 620 47.75 -87.21 -36.21
C LEU B 620 47.48 -88.70 -36.07
N PHE B 621 48.33 -89.42 -35.35
CA PHE B 621 48.09 -90.83 -35.11
C PHE B 621 46.82 -91.05 -34.30
N GLN B 622 46.57 -90.20 -33.30
CA GLN B 622 45.34 -90.28 -32.53
C GLN B 622 44.12 -90.02 -33.41
N VAL B 623 44.22 -89.04 -34.30
CA VAL B 623 43.12 -88.75 -35.21
C VAL B 623 42.86 -89.94 -36.13
N TYR B 624 43.93 -90.57 -36.63
CA TYR B 624 43.78 -91.80 -37.40
C TYR B 624 43.33 -92.96 -36.53
N TYR B 625 43.52 -92.86 -35.21
CA TYR B 625 43.09 -93.88 -34.26
C TYR B 625 43.73 -95.24 -34.55
N THR B 626 44.93 -95.23 -35.11
CA THR B 626 45.64 -96.46 -35.43
C THR B 626 46.68 -96.84 -34.38
N LEU B 627 47.21 -95.87 -33.64
CA LEU B 627 48.22 -96.13 -32.62
C LEU B 627 47.70 -95.82 -31.22
N TRP B 628 47.23 -94.60 -30.98
CA TRP B 628 46.71 -94.24 -29.67
C TRP B 628 45.40 -94.95 -29.36
N ARG B 629 44.71 -95.48 -30.38
CA ARG B 629 43.45 -96.17 -30.19
C ARG B 629 43.43 -97.60 -30.71
N LYS B 630 44.44 -98.02 -31.46
CA LYS B 630 44.49 -99.39 -31.98
C LYS B 630 45.82 -100.08 -31.78
N LEU B 631 46.91 -99.36 -31.51
CA LEU B 631 48.24 -99.93 -31.33
C LEU B 631 48.90 -99.33 -30.10
N LEU B 632 48.18 -99.36 -28.97
CA LEU B 632 48.62 -98.67 -27.75
C LEU B 632 50.08 -98.94 -27.40
N ARG B 633 50.63 -100.08 -27.86
CA ARG B 633 52.06 -100.30 -27.73
C ARG B 633 52.85 -99.19 -28.43
N VAL B 634 52.34 -98.71 -29.57
CA VAL B 634 52.97 -97.57 -30.23
C VAL B 634 52.87 -96.32 -29.37
N PHE B 635 51.77 -96.15 -28.65
CA PHE B 635 51.65 -95.01 -27.73
C PHE B 635 52.69 -95.09 -26.63
N TRP B 636 52.88 -96.28 -26.04
CA TRP B 636 53.91 -96.44 -25.02
C TRP B 636 55.29 -96.19 -25.58
N TRP B 637 55.55 -96.69 -26.80
CA TRP B 637 56.84 -96.46 -27.43
C TRP B 637 57.07 -94.98 -27.69
N LEU B 638 56.02 -94.26 -28.10
CA LEU B 638 56.14 -92.82 -28.33
C LEU B 638 56.40 -92.08 -27.03
N VAL B 639 55.76 -92.50 -25.93
CA VAL B 639 56.05 -91.88 -24.63
C VAL B 639 57.49 -92.11 -24.25
N VAL B 640 57.99 -93.34 -24.44
CA VAL B 640 59.38 -93.64 -24.12
C VAL B 640 60.33 -92.83 -24.98
N ALA B 641 60.00 -92.69 -26.27
CA ALA B 641 60.83 -91.92 -27.18
C ALA B 641 60.86 -90.45 -26.79
N TYR B 642 59.71 -89.91 -26.38
CA TYR B 642 59.66 -88.52 -25.91
C TYR B 642 60.52 -88.34 -24.66
N THR B 643 60.45 -89.30 -23.73
CA THR B 643 61.29 -89.24 -22.54
C THR B 643 62.77 -89.28 -22.92
N MET B 644 63.13 -90.16 -23.85
CA MET B 644 64.53 -90.25 -24.28
C MET B 644 64.99 -88.97 -24.95
N LEU B 645 64.13 -88.38 -25.79
CA LEU B 645 64.49 -87.12 -26.44
C LEU B 645 64.67 -86.00 -25.41
N VAL B 646 63.81 -85.97 -24.39
CA VAL B 646 63.94 -84.97 -23.34
C VAL B 646 65.24 -85.17 -22.57
N LEU B 647 65.59 -86.43 -22.31
CA LEU B 647 66.84 -86.72 -21.61
C LEU B 647 68.07 -86.54 -22.48
N ILE B 648 67.91 -86.47 -23.80
CA ILE B 648 69.03 -86.29 -24.71
C ILE B 648 69.36 -84.80 -24.84
N ALA B 649 68.75 -83.97 -23.99
CA ALA B 649 69.00 -82.55 -24.02
C ALA B 649 70.40 -82.18 -23.53
N VAL B 650 71.12 -83.13 -22.94
CA VAL B 650 72.48 -82.87 -22.47
C VAL B 650 73.34 -84.12 -22.62
N SER B 684 76.39 -69.73 -22.50
CA SER B 684 74.95 -69.91 -22.51
C SER B 684 74.31 -69.30 -21.26
N GLU B 685 73.65 -68.16 -21.44
CA GLU B 685 72.99 -67.46 -20.35
C GLU B 685 71.57 -67.93 -20.11
N LEU B 686 71.10 -68.92 -20.86
CA LEU B 686 69.74 -69.45 -20.70
C LEU B 686 69.73 -70.56 -19.65
N PHE B 687 70.11 -70.18 -18.42
CA PHE B 687 70.13 -71.14 -17.33
C PHE B 687 68.74 -71.66 -17.00
N SER B 688 67.75 -70.77 -17.02
CA SER B 688 66.39 -71.14 -16.64
C SER B 688 65.67 -71.95 -17.71
N SER B 689 66.19 -71.99 -18.94
CA SER B 689 65.50 -72.71 -20.01
C SER B 689 65.41 -74.20 -19.68
N ILE B 690 66.50 -74.79 -19.17
CA ILE B 690 66.47 -76.19 -18.80
C ILE B 690 65.49 -76.45 -17.66
N LEU B 691 65.07 -75.40 -16.96
CA LEU B 691 64.03 -75.56 -15.95
C LEU B 691 62.71 -76.02 -16.56
N ILE B 692 62.45 -75.63 -17.82
CA ILE B 692 61.22 -76.02 -18.48
C ILE B 692 61.33 -77.49 -18.93
N PRO B 693 62.46 -77.90 -19.51
CA PRO B 693 62.56 -79.31 -19.94
C PRO B 693 62.44 -80.30 -18.80
N GLY B 694 63.12 -80.04 -17.68
CA GLY B 694 63.10 -80.99 -16.58
C GLY B 694 61.69 -81.23 -16.07
N PHE B 695 60.92 -80.16 -15.88
CA PHE B 695 59.52 -80.32 -15.50
C PHE B 695 58.80 -81.19 -16.51
N PHE B 696 59.01 -80.93 -17.81
CA PHE B 696 58.41 -81.78 -18.82
C PHE B 696 58.84 -83.23 -18.61
N LEU B 697 60.14 -83.46 -18.41
CA LEU B 697 60.62 -84.81 -18.15
C LEU B 697 59.90 -85.39 -16.93
N LEU B 698 59.81 -84.59 -15.86
CA LEU B 698 59.13 -85.08 -14.67
C LEU B 698 57.70 -85.50 -15.01
N ALA B 699 56.99 -84.65 -15.75
CA ALA B 699 55.63 -84.99 -16.12
C ALA B 699 55.60 -86.31 -16.86
N CYS B 700 56.49 -86.47 -17.85
CA CYS B 700 56.51 -87.72 -18.60
C CYS B 700 56.75 -88.89 -17.67
N ILE B 701 57.71 -88.74 -16.75
CA ILE B 701 58.00 -89.83 -15.82
C ILE B 701 56.75 -90.19 -15.05
N LEU B 702 56.04 -89.17 -14.53
CA LEU B 702 54.83 -89.45 -13.77
C LEU B 702 53.82 -90.17 -14.65
N GLN B 703 53.64 -89.70 -15.89
CA GLN B 703 52.69 -90.34 -16.78
C GLN B 703 53.10 -91.76 -17.07
N LEU B 704 54.40 -92.03 -17.13
CA LEU B 704 54.89 -93.38 -17.38
C LEU B 704 54.95 -94.22 -16.12
N HIS B 705 54.83 -93.62 -14.93
CA HIS B 705 54.99 -94.39 -13.70
C HIS B 705 53.80 -95.32 -13.47
N TYR B 706 52.62 -94.75 -13.27
CA TYR B 706 51.40 -95.52 -13.06
C TYR B 706 50.22 -95.00 -13.86
N PHE B 707 50.32 -93.83 -14.48
CA PHE B 707 49.19 -93.27 -15.21
C PHE B 707 48.95 -93.96 -16.53
N HIS B 708 50.02 -94.42 -17.20
CA HIS B 708 49.86 -95.05 -18.51
C HIS B 708 49.01 -96.31 -18.42
N ARG B 709 49.37 -97.22 -17.52
CA ARG B 709 48.59 -98.44 -17.34
C ARG B 709 47.16 -98.15 -16.90
N PRO B 710 46.92 -97.28 -15.92
CA PRO B 710 45.52 -97.00 -15.55
C PRO B 710 44.72 -96.37 -16.67
N PHE B 711 45.30 -95.42 -17.40
CA PHE B 711 44.59 -94.78 -18.51
C PHE B 711 44.26 -95.80 -19.60
N MET B 712 45.22 -96.65 -19.94
CA MET B 712 44.96 -97.67 -20.96
C MET B 712 43.91 -98.66 -20.50
N GLN B 713 43.97 -99.08 -19.24
CA GLN B 713 43.02 -100.06 -18.73
C GLN B 713 41.62 -99.49 -18.61
N LEU B 714 41.49 -98.19 -18.31
CA LEU B 714 40.18 -97.58 -18.16
C LEU B 714 39.60 -97.09 -19.47
N THR B 715 40.43 -96.80 -20.47
CA THR B 715 39.92 -96.33 -21.75
C THR B 715 39.30 -97.45 -22.58
N ASP B 716 39.87 -98.66 -22.50
CA ASP B 716 39.41 -99.76 -23.33
C ASP B 716 38.01 -100.21 -22.92
N LEU B 717 37.24 -100.66 -23.90
CA LEU B 717 35.89 -101.17 -23.68
C LEU B 717 35.80 -102.69 -23.84
N GLU B 718 36.93 -103.36 -23.97
CA GLU B 718 36.94 -104.82 -24.13
C GLU B 718 37.97 -105.47 -23.21
N LEU B 784 20.18 -79.24 4.11
CA LEU B 784 20.10 -79.53 2.68
C LEU B 784 21.08 -80.63 2.28
N ASP B 785 20.55 -81.82 1.99
CA ASP B 785 21.34 -82.97 1.60
C ASP B 785 21.02 -83.39 0.16
N LEU B 786 20.90 -82.40 -0.72
CA LEU B 786 20.43 -82.59 -2.09
C LEU B 786 21.49 -83.16 -3.03
N ALA B 787 22.58 -83.73 -2.51
CA ALA B 787 23.67 -84.17 -3.38
C ALA B 787 23.25 -85.27 -4.35
N ALA B 788 22.26 -86.09 -3.99
CA ALA B 788 21.84 -87.18 -4.86
C ALA B 788 21.05 -86.66 -6.06
N SER B 789 20.13 -85.73 -5.83
CA SER B 789 19.37 -85.15 -6.94
C SER B 789 20.30 -84.40 -7.89
N PHE B 790 21.26 -83.65 -7.34
CA PHE B 790 22.22 -82.94 -8.19
C PHE B 790 23.08 -83.93 -8.96
N SER B 791 23.51 -85.02 -8.33
CA SER B 791 24.33 -85.99 -9.05
C SER B 791 23.55 -86.62 -10.20
N ALA B 792 22.29 -86.97 -9.96
CA ALA B 792 21.45 -87.49 -11.04
C ALA B 792 21.27 -86.45 -12.15
N VAL B 793 21.15 -85.17 -11.76
CA VAL B 793 20.99 -84.11 -12.74
C VAL B 793 22.24 -83.99 -13.62
N LEU B 794 23.42 -84.04 -13.01
CA LEU B 794 24.65 -84.04 -13.80
C LEU B 794 24.72 -85.25 -14.72
N THR B 795 24.30 -86.42 -14.25
CA THR B 795 24.35 -87.60 -15.11
C THR B 795 23.46 -87.42 -16.35
N ARG B 796 22.22 -86.97 -16.13
CA ARG B 796 21.31 -86.83 -17.26
C ARG B 796 21.75 -85.71 -18.19
N ILE B 797 22.28 -84.62 -17.63
CA ILE B 797 22.79 -83.54 -18.47
C ILE B 797 24.00 -84.00 -19.27
N GLN B 798 24.84 -84.85 -18.67
CA GLN B 798 25.97 -85.42 -19.40
C GLN B 798 25.49 -86.26 -20.58
N VAL B 799 24.46 -87.07 -20.37
CA VAL B 799 23.91 -87.86 -21.47
C VAL B 799 23.36 -86.95 -22.57
N PHE B 800 22.64 -85.90 -22.17
CA PHE B 800 22.10 -84.95 -23.15
C PHE B 800 23.22 -84.29 -23.94
N VAL B 801 24.28 -83.86 -23.27
CA VAL B 801 25.38 -83.19 -23.93
C VAL B 801 26.09 -84.15 -24.88
N ARG B 802 26.25 -85.41 -24.46
CA ARG B 802 26.82 -86.42 -25.35
C ARG B 802 25.99 -86.52 -26.63
N ARG B 803 24.67 -86.66 -26.49
CA ARG B 803 23.82 -86.83 -27.66
C ARG B 803 23.87 -85.62 -28.57
N LEU B 804 23.87 -84.41 -27.99
CA LEU B 804 23.93 -83.20 -28.81
C LEU B 804 25.27 -83.08 -29.51
N LEU B 805 26.37 -83.31 -28.80
CA LEU B 805 27.70 -83.06 -29.35
C LEU B 805 28.11 -84.11 -30.36
N GLU B 806 27.60 -85.34 -30.25
CA GLU B 806 27.98 -86.35 -31.23
C GLU B 806 27.38 -86.08 -32.61
N LEU B 807 26.45 -85.14 -32.73
CA LEU B 807 25.83 -84.80 -33.99
C LEU B 807 26.03 -83.36 -34.42
N HIS B 808 26.77 -82.56 -33.65
CA HIS B 808 26.96 -81.15 -33.98
C HIS B 808 28.42 -80.69 -33.91
N VAL B 809 29.35 -81.58 -33.56
CA VAL B 809 30.76 -81.19 -33.52
C VAL B 809 31.28 -80.91 -34.92
N PHE B 810 30.83 -81.69 -35.90
CA PHE B 810 31.29 -81.51 -37.27
C PHE B 810 30.93 -80.13 -37.80
N LYS B 811 29.72 -79.65 -37.49
CA LYS B 811 29.31 -78.33 -37.94
C LYS B 811 30.20 -77.25 -37.33
N LEU B 812 30.50 -77.35 -36.04
CA LEU B 812 31.36 -76.37 -35.40
C LEU B 812 32.77 -76.40 -35.99
N VAL B 813 33.31 -77.59 -36.24
CA VAL B 813 34.64 -77.70 -36.80
C VAL B 813 34.69 -77.07 -38.19
N ALA B 814 33.70 -77.37 -39.03
CA ALA B 814 33.66 -76.81 -40.37
C ALA B 814 33.54 -75.29 -40.31
N LEU B 815 32.67 -74.78 -39.43
CA LEU B 815 32.49 -73.34 -39.32
C LEU B 815 33.77 -72.66 -38.88
N TYR B 816 34.48 -73.24 -37.90
CA TYR B 816 35.70 -72.62 -37.42
C TYR B 816 36.81 -72.67 -38.46
N THR B 817 36.92 -73.77 -39.22
CA THR B 817 37.89 -73.81 -40.30
C THR B 817 37.58 -72.77 -41.37
N VAL B 818 36.30 -72.61 -41.70
CA VAL B 818 35.91 -71.60 -42.68
C VAL B 818 36.27 -70.21 -42.17
N TRP B 819 36.01 -69.95 -40.89
CA TRP B 819 36.32 -68.64 -40.32
C TRP B 819 37.81 -68.36 -40.34
N VAL B 820 38.63 -69.37 -39.99
CA VAL B 820 40.07 -69.20 -40.00
C VAL B 820 40.55 -68.94 -41.43
N ALA B 821 39.98 -69.67 -42.40
CA ALA B 821 40.37 -69.46 -43.80
C ALA B 821 40.01 -68.06 -44.27
N LEU B 822 38.83 -67.56 -43.87
CA LEU B 822 38.39 -66.26 -44.38
C LEU B 822 39.16 -65.11 -43.73
N LYS B 823 39.42 -65.20 -42.42
CA LYS B 823 40.17 -64.13 -41.78
C LYS B 823 41.61 -64.06 -42.25
N GLU B 824 42.16 -65.17 -42.75
CA GLU B 824 43.53 -65.23 -43.26
C GLU B 824 43.44 -65.73 -44.70
N VAL B 825 43.25 -64.80 -45.63
CA VAL B 825 43.12 -65.15 -47.05
C VAL B 825 44.52 -65.39 -47.61
N SER B 826 44.79 -66.63 -48.01
CA SER B 826 46.12 -67.01 -48.49
C SER B 826 46.04 -68.39 -49.12
N VAL B 827 47.08 -68.73 -49.88
CA VAL B 827 47.22 -70.09 -50.36
C VAL B 827 47.50 -71.03 -49.19
N MET B 828 47.35 -72.33 -49.45
CA MET B 828 47.48 -73.40 -48.46
C MET B 828 46.32 -73.35 -47.48
N ASN B 829 45.45 -72.35 -47.60
CA ASN B 829 44.18 -72.31 -46.91
C ASN B 829 42.99 -72.61 -47.81
N LEU B 830 43.15 -72.42 -49.13
CA LEU B 830 42.09 -72.77 -50.05
C LEU B 830 41.81 -74.26 -50.04
N LEU B 831 42.83 -75.07 -49.72
CA LEU B 831 42.63 -76.52 -49.66
C LEU B 831 41.62 -76.89 -48.59
N LEU B 832 41.74 -76.29 -47.39
CA LEU B 832 40.81 -76.59 -46.32
C LEU B 832 39.40 -76.09 -46.65
N VAL B 833 39.32 -74.89 -47.24
CA VAL B 833 38.01 -74.32 -47.58
C VAL B 833 37.31 -75.21 -48.60
N VAL B 834 38.04 -75.65 -49.63
CA VAL B 834 37.46 -76.53 -50.64
C VAL B 834 37.06 -77.86 -50.02
N LEU B 835 37.92 -78.41 -49.16
CA LEU B 835 37.62 -79.70 -48.54
C LEU B 835 36.33 -79.63 -47.72
N TRP B 836 36.16 -78.56 -46.95
CA TRP B 836 34.96 -78.46 -46.11
C TRP B 836 33.72 -78.10 -46.93
N ALA B 837 33.87 -77.24 -47.95
CA ALA B 837 32.75 -76.90 -48.81
C ALA B 837 32.28 -78.08 -49.65
N PHE B 838 33.14 -79.08 -49.85
CA PHE B 838 32.68 -80.33 -50.45
C PHE B 838 32.27 -81.36 -49.42
N ALA B 839 32.76 -81.25 -48.19
CA ALA B 839 32.39 -82.23 -47.16
C ALA B 839 30.98 -82.00 -46.66
N LEU B 840 30.57 -80.74 -46.51
CA LEU B 840 29.22 -80.46 -45.98
C LEU B 840 28.11 -81.01 -46.86
N PRO B 841 28.08 -80.78 -48.19
CA PRO B 841 26.95 -81.28 -48.98
C PRO B 841 26.89 -82.80 -49.06
N TYR B 842 28.01 -83.43 -49.45
CA TYR B 842 28.04 -84.87 -49.61
C TYR B 842 28.58 -85.49 -48.33
N PRO B 843 27.80 -86.29 -47.61
CA PRO B 843 28.22 -86.72 -46.27
C PRO B 843 29.33 -87.76 -46.28
N ARG B 844 29.48 -88.54 -47.35
CA ARG B 844 30.46 -89.61 -47.37
C ARG B 844 31.89 -89.11 -47.28
N PHE B 845 32.12 -87.81 -47.51
CA PHE B 845 33.45 -87.23 -47.35
C PHE B 845 33.82 -87.02 -45.90
N ARG B 846 32.84 -86.94 -45.00
CA ARG B 846 33.06 -86.43 -43.64
C ARG B 846 34.19 -87.12 -42.90
N PRO B 847 34.31 -88.46 -42.89
CA PRO B 847 35.50 -89.05 -42.24
C PRO B 847 36.80 -88.68 -42.94
N MET B 848 36.94 -89.06 -44.21
CA MET B 848 38.19 -88.81 -44.93
C MET B 848 38.54 -87.33 -44.92
N ALA B 849 37.57 -86.46 -45.23
CA ALA B 849 37.83 -85.04 -45.21
C ALA B 849 38.43 -84.62 -43.87
N SER B 850 37.80 -85.05 -42.77
CA SER B 850 38.33 -84.70 -41.46
C SER B 850 39.76 -85.15 -41.33
N CYS B 851 40.03 -86.41 -41.68
CA CYS B 851 41.41 -86.91 -41.62
C CYS B 851 42.30 -86.03 -42.48
N LEU B 852 41.89 -85.80 -43.73
CA LEU B 852 42.72 -84.98 -44.61
C LEU B 852 42.94 -83.61 -43.98
N SER B 853 41.86 -83.00 -43.47
CA SER B 853 41.99 -81.67 -42.89
C SER B 853 43.03 -81.70 -41.78
N THR B 854 42.94 -82.70 -40.89
CA THR B 854 43.89 -82.77 -39.80
C THR B 854 45.31 -82.82 -40.35
N VAL B 855 45.56 -83.72 -41.30
CA VAL B 855 46.90 -83.84 -41.85
C VAL B 855 47.32 -82.52 -42.45
N TRP B 856 46.42 -81.89 -43.21
CA TRP B 856 46.76 -80.63 -43.85
C TRP B 856 47.14 -79.60 -42.80
N THR B 857 46.35 -79.50 -41.73
CA THR B 857 46.66 -78.52 -40.70
C THR B 857 48.03 -78.79 -40.12
N CYS B 858 48.36 -80.06 -39.87
CA CYS B 858 49.67 -80.39 -39.33
C CYS B 858 50.77 -79.90 -40.26
N ILE B 859 50.59 -80.09 -41.57
CA ILE B 859 51.57 -79.61 -42.52
C ILE B 859 51.71 -78.10 -42.42
N ILE B 860 50.57 -77.40 -42.33
CA ILE B 860 50.62 -75.95 -42.26
C ILE B 860 51.24 -75.51 -40.94
N ILE B 861 51.23 -76.38 -39.93
CA ILE B 861 51.83 -76.08 -38.63
C ILE B 861 53.34 -75.91 -38.79
N VAL B 862 53.85 -76.16 -39.99
CA VAL B 862 55.27 -75.96 -40.29
C VAL B 862 55.57 -74.48 -40.39
N CYS B 863 54.54 -73.64 -40.24
CA CYS B 863 54.73 -72.19 -40.34
C CYS B 863 55.82 -71.69 -39.39
N LYS B 864 55.93 -72.31 -38.21
CA LYS B 864 56.95 -71.89 -37.26
C LYS B 864 58.33 -71.99 -37.85
N MET B 865 58.60 -73.06 -38.62
CA MET B 865 59.90 -73.20 -39.27
C MET B 865 60.16 -72.03 -40.22
N LEU B 866 59.11 -71.56 -40.92
CA LEU B 866 59.26 -70.38 -41.76
C LEU B 866 59.49 -69.13 -40.91
N TYR B 867 58.86 -69.07 -39.73
CA TYR B 867 59.02 -67.90 -38.87
C TYR B 867 60.42 -67.82 -38.29
N GLN B 868 61.02 -68.96 -37.97
CA GLN B 868 62.36 -69.00 -37.39
C GLN B 868 63.46 -68.93 -38.43
N LEU B 869 63.12 -68.82 -39.71
CA LEU B 869 64.11 -68.77 -40.77
C LEU B 869 64.76 -67.39 -40.85
N LYS B 870 65.88 -67.34 -41.56
CA LYS B 870 66.63 -66.11 -41.79
C LYS B 870 66.75 -65.82 -43.29
N ILE B 871 65.64 -65.96 -44.01
CA ILE B 871 65.63 -65.82 -45.45
C ILE B 871 64.80 -64.61 -45.86
N VAL B 872 64.81 -63.58 -45.02
CA VAL B 872 64.05 -62.37 -45.32
C VAL B 872 64.52 -61.75 -46.63
N ASN B 873 65.85 -61.68 -46.81
CA ASN B 873 66.45 -61.13 -48.02
C ASN B 873 65.91 -59.74 -48.34
N PRO B 874 65.91 -58.80 -47.38
CA PRO B 874 65.39 -57.45 -47.54
C PRO B 874 65.95 -56.48 -46.51
N ASN B 910 48.89 -64.70 -49.56
CA ASN B 910 50.09 -64.84 -50.37
C ASN B 910 50.37 -66.31 -50.67
N TRP B 911 50.94 -66.57 -51.85
CA TRP B 911 51.30 -67.94 -52.22
C TRP B 911 52.36 -68.52 -51.31
N PHE B 912 53.14 -67.67 -50.63
CA PHE B 912 54.11 -68.16 -49.67
C PHE B 912 53.42 -68.86 -48.49
N GLY B 913 52.28 -68.32 -48.06
CA GLY B 913 51.58 -68.89 -46.91
C GLY B 913 52.32 -68.76 -45.60
N VAL B 914 52.93 -67.60 -45.35
CA VAL B 914 53.65 -67.35 -44.11
C VAL B 914 53.54 -65.86 -43.79
N ARG B 915 53.53 -65.55 -42.49
CA ARG B 915 53.38 -64.17 -42.04
C ARG B 915 54.45 -63.71 -41.08
N LYS B 916 55.36 -64.58 -40.64
CA LYS B 916 56.44 -64.23 -39.72
C LYS B 916 55.89 -63.57 -38.45
N GLY B 917 55.10 -64.35 -37.71
CA GLY B 917 54.45 -63.87 -36.51
C GLY B 917 55.40 -63.31 -35.47
N TYR B 918 55.07 -62.14 -34.93
CA TYR B 918 55.94 -61.50 -33.93
C TYR B 918 56.10 -62.35 -32.68
N PRO B 919 55.05 -62.90 -32.08
CA PRO B 919 55.20 -63.67 -30.84
C PRO B 919 55.50 -65.15 -31.05
N ASN B 920 55.63 -65.60 -32.31
CA ASN B 920 55.94 -66.99 -32.63
C ASN B 920 54.84 -67.95 -32.17
N LEU B 921 53.75 -67.42 -31.65
CA LEU B 921 52.63 -68.22 -31.20
C LEU B 921 51.30 -67.80 -31.81
N GLY B 922 51.09 -66.49 -31.99
CA GLY B 922 49.83 -66.03 -32.57
C GLY B 922 49.63 -66.51 -34.00
N TYR B 923 50.73 -66.58 -34.77
CA TYR B 923 50.65 -67.01 -36.15
C TYR B 923 50.39 -68.51 -36.29
N ILE B 924 50.40 -69.26 -35.20
CA ILE B 924 50.14 -70.70 -35.23
C ILE B 924 49.03 -71.04 -34.26
N GLN B 925 48.56 -70.04 -33.51
CA GLN B 925 47.52 -70.28 -32.51
C GLN B 925 46.21 -70.73 -33.16
N ASN B 926 45.84 -70.11 -34.28
CA ASN B 926 44.60 -70.48 -34.95
C ASN B 926 44.65 -71.93 -35.44
N HIS B 927 45.78 -72.34 -36.03
CA HIS B 927 45.89 -73.71 -36.52
C HIS B 927 45.96 -74.70 -35.36
N LEU B 928 46.59 -74.31 -34.25
CA LEU B 928 46.57 -75.16 -33.06
C LEU B 928 45.15 -75.34 -32.56
N GLN B 929 44.36 -74.27 -32.55
CA GLN B 929 42.97 -74.37 -32.12
C GLN B 929 42.16 -75.24 -33.07
N ILE B 930 42.42 -75.14 -34.37
CA ILE B 930 41.72 -75.98 -35.35
C ILE B 930 42.05 -77.45 -35.12
N LEU B 931 43.34 -77.75 -34.92
CA LEU B 931 43.73 -79.13 -34.63
C LEU B 931 43.11 -79.62 -33.33
N LEU B 932 43.05 -78.74 -32.32
CA LEU B 932 42.42 -79.12 -31.06
C LEU B 932 40.94 -79.43 -31.25
N LEU B 933 40.25 -78.64 -32.08
CA LEU B 933 38.84 -78.90 -32.34
C LEU B 933 38.66 -80.23 -33.08
N LEU B 934 39.53 -80.52 -34.04
CA LEU B 934 39.44 -81.80 -34.75
C LEU B 934 39.67 -82.97 -33.80
N VAL B 935 40.68 -82.86 -32.93
CA VAL B 935 40.95 -83.91 -31.96
C VAL B 935 39.78 -84.05 -30.98
N PHE B 936 39.16 -82.91 -30.62
CA PHE B 936 38.01 -82.94 -29.74
C PHE B 936 36.84 -83.69 -30.38
N GLU B 937 36.59 -83.44 -31.67
CA GLU B 937 35.53 -84.16 -32.36
C GLU B 937 35.82 -85.65 -32.42
N ALA B 938 37.08 -86.01 -32.72
CA ALA B 938 37.45 -87.43 -32.78
C ALA B 938 37.28 -88.09 -31.41
N VAL B 939 37.70 -87.41 -30.34
CA VAL B 939 37.59 -87.96 -29.00
C VAL B 939 36.14 -88.08 -28.58
N VAL B 940 35.30 -87.11 -28.98
CA VAL B 940 33.88 -87.18 -28.66
C VAL B 940 33.25 -88.38 -29.35
N TYR B 941 33.58 -88.60 -30.62
CA TYR B 941 33.05 -89.77 -31.32
C TYR B 941 33.52 -91.07 -30.66
N ARG B 942 34.80 -91.13 -30.29
CA ARG B 942 35.32 -92.34 -29.64
C ARG B 942 34.63 -92.59 -28.31
N ARG B 943 34.44 -91.54 -27.50
CA ARG B 943 33.79 -91.71 -26.21
C ARG B 943 32.33 -92.10 -26.38
N GLN B 944 31.65 -91.53 -27.37
CA GLN B 944 30.27 -91.93 -27.63
C GLN B 944 30.19 -93.41 -27.99
N GLU B 945 31.11 -93.87 -28.85
CA GLU B 945 31.13 -95.28 -29.22
C GLU B 945 31.39 -96.15 -28.00
N HIS B 946 32.35 -95.76 -27.16
CA HIS B 946 32.70 -96.55 -25.98
C HIS B 946 31.54 -96.62 -25.00
N TYR B 947 30.93 -95.47 -24.70
CA TYR B 947 29.84 -95.41 -23.72
C TYR B 947 28.54 -95.96 -24.27
N ARG B 948 28.41 -96.14 -25.58
CA ARG B 948 27.24 -96.79 -26.15
C ARG B 948 27.44 -98.29 -26.33
N ARG B 949 28.69 -98.76 -26.43
CA ARG B 949 28.94 -100.19 -26.46
C ARG B 949 28.48 -100.85 -25.17
N GLN B 950 28.82 -100.25 -24.04
CA GLN B 950 28.35 -100.74 -22.75
C GLN B 950 26.93 -100.25 -22.47
N HIS B 951 26.12 -101.13 -21.91
CA HIS B 951 24.72 -100.84 -21.60
C HIS B 951 23.95 -100.40 -22.84
N GLY B 965 9.21 -90.19 -34.61
CA GLY B 965 9.51 -90.09 -33.19
C GLY B 965 8.29 -89.76 -32.36
N THR B 966 8.33 -88.61 -31.67
CA THR B 966 7.22 -88.16 -30.85
C THR B 966 6.15 -87.41 -31.66
N ARG B 967 6.13 -87.60 -32.98
CA ARG B 967 5.15 -86.92 -33.82
C ARG B 967 3.72 -87.33 -33.47
N GLN B 968 3.52 -88.51 -32.88
CA GLN B 968 2.21 -88.93 -32.42
C GLN B 968 1.98 -88.56 -30.95
N ARG B 969 3.04 -88.48 -30.15
CA ARG B 969 2.96 -87.94 -28.81
C ARG B 969 3.07 -86.42 -28.79
N LEU B 970 2.87 -85.78 -29.94
CA LEU B 970 3.03 -84.34 -30.06
C LEU B 970 2.07 -83.58 -29.16
N ASP B 971 0.88 -84.15 -28.92
CA ASP B 971 -0.20 -83.43 -28.25
C ASP B 971 -0.44 -83.88 -26.82
N GLN B 972 0.38 -84.79 -26.29
CA GLN B 972 0.17 -85.27 -24.93
C GLN B 972 0.31 -84.15 -23.92
N ASP B 973 1.35 -83.32 -24.07
CA ASP B 973 1.58 -82.20 -23.16
C ASP B 973 2.54 -81.24 -23.85
N LEU B 974 2.80 -80.10 -23.19
CA LEU B 974 3.71 -79.11 -23.76
C LEU B 974 5.15 -79.60 -23.75
N LEU B 975 5.53 -80.40 -22.74
CA LEU B 975 6.89 -80.95 -22.71
C LEU B 975 7.14 -81.86 -23.91
N SER B 976 6.15 -82.69 -24.26
CA SER B 976 6.30 -83.54 -25.44
C SER B 976 6.41 -82.70 -26.70
N CYS B 977 5.64 -81.61 -26.78
CA CYS B 977 5.72 -80.73 -27.95
C CYS B 977 7.10 -80.10 -28.08
N LEU B 978 7.66 -79.60 -26.98
CA LEU B 978 8.98 -79.00 -27.06
C LEU B 978 10.06 -80.05 -27.31
N LYS B 979 9.87 -81.27 -26.82
CA LYS B 979 10.79 -82.36 -27.17
C LYS B 979 10.76 -82.64 -28.66
N TYR B 980 9.56 -82.68 -29.24
CA TYR B 980 9.44 -82.88 -30.68
C TYR B 980 10.11 -81.75 -31.45
N PHE B 981 9.94 -80.51 -30.99
CA PHE B 981 10.62 -79.39 -31.64
C PHE B 981 12.13 -79.52 -31.54
N ILE B 982 12.64 -79.86 -30.35
CA ILE B 982 14.08 -80.03 -30.19
C ILE B 982 14.59 -81.12 -31.12
N ASN B 983 13.80 -82.18 -31.33
CA ASN B 983 14.25 -83.28 -32.16
C ASN B 983 14.16 -82.98 -33.65
N PHE B 984 13.15 -82.23 -34.11
CA PHE B 984 12.91 -82.11 -35.55
C PHE B 984 12.58 -80.69 -35.95
N PHE B 985 13.21 -79.69 -35.32
CA PHE B 985 12.99 -78.30 -35.74
C PHE B 985 13.37 -78.10 -37.19
N PHE B 986 14.57 -78.53 -37.58
CA PHE B 986 14.97 -78.42 -38.97
C PHE B 986 14.13 -79.34 -39.85
N TYR B 987 13.88 -80.58 -39.39
CA TYR B 987 13.08 -81.51 -40.20
C TYR B 987 11.71 -80.93 -40.50
N LYS B 988 11.22 -80.02 -39.67
CA LYS B 988 9.95 -79.34 -39.92
C LYS B 988 10.11 -78.11 -40.80
N PHE B 989 11.02 -77.20 -40.47
CA PHE B 989 11.06 -75.88 -41.09
C PHE B 989 12.39 -75.60 -41.80
N GLY B 990 12.97 -76.62 -42.42
CA GLY B 990 14.26 -76.43 -43.07
C GLY B 990 14.20 -75.52 -44.29
N LEU B 991 13.14 -75.65 -45.09
CA LEU B 991 13.03 -74.80 -46.28
C LEU B 991 12.93 -73.33 -45.86
N GLU B 992 12.14 -73.04 -44.83
CA GLU B 992 12.04 -71.66 -44.33
C GLU B 992 13.37 -71.20 -43.75
N ILE B 993 14.06 -72.08 -43.01
CA ILE B 993 15.33 -71.68 -42.41
C ILE B 993 16.35 -71.35 -43.50
N CYS B 994 16.42 -72.17 -44.55
CA CYS B 994 17.33 -71.89 -45.66
C CYS B 994 16.95 -70.60 -46.37
N PHE B 995 15.66 -70.37 -46.58
CA PHE B 995 15.25 -69.15 -47.27
C PHE B 995 15.64 -67.91 -46.46
N LEU B 996 15.44 -67.95 -45.14
CA LEU B 996 15.83 -66.81 -44.30
C LEU B 996 17.33 -66.64 -44.23
N MET B 997 18.09 -67.74 -44.19
CA MET B 997 19.54 -67.62 -44.23
C MET B 997 19.98 -66.96 -45.53
N ALA B 998 19.34 -67.33 -46.65
CA ALA B 998 19.67 -66.71 -47.92
C ALA B 998 19.32 -65.23 -47.93
N VAL B 999 18.16 -64.88 -47.39
CA VAL B 999 17.77 -63.47 -47.34
C VAL B 999 18.75 -62.67 -46.50
N ASN B 1000 19.17 -63.25 -45.36
CA ASN B 1000 20.14 -62.58 -44.49
C ASN B 1000 21.48 -62.39 -45.20
N VAL B 1001 21.94 -63.42 -45.93
CA VAL B 1001 23.20 -63.31 -46.64
C VAL B 1001 23.12 -62.23 -47.72
N ILE B 1002 22.00 -62.19 -48.45
CA ILE B 1002 21.81 -61.18 -49.48
C ILE B 1002 21.81 -59.78 -48.88
N GLY B 1003 21.10 -59.60 -47.77
CA GLY B 1003 21.08 -58.30 -47.12
C GLY B 1003 22.37 -57.94 -46.42
N GLN B 1004 23.23 -58.93 -46.15
CA GLN B 1004 24.51 -58.67 -45.50
C GLN B 1004 25.60 -58.31 -46.50
N ARG B 1005 25.65 -59.00 -47.65
CA ARG B 1005 26.71 -58.75 -48.62
C ARG B 1005 26.46 -57.47 -49.41
N MET B 1006 25.31 -57.38 -50.07
CA MET B 1006 24.90 -56.25 -50.90
C MET B 1006 25.81 -56.05 -52.11
N ASN B 1007 26.59 -57.06 -52.48
CA ASN B 1007 27.47 -57.00 -53.63
C ASN B 1007 26.80 -57.68 -54.82
N PHE B 1008 27.58 -57.87 -55.90
CA PHE B 1008 27.07 -58.57 -57.08
C PHE B 1008 26.72 -60.03 -56.75
N MET B 1009 27.53 -60.66 -55.89
CA MET B 1009 27.23 -62.01 -55.45
C MET B 1009 25.85 -62.08 -54.80
N VAL B 1010 25.49 -61.05 -54.04
CA VAL B 1010 24.16 -61.00 -53.44
C VAL B 1010 23.08 -60.94 -54.52
N ILE B 1011 23.34 -60.19 -55.60
CA ILE B 1011 22.38 -60.10 -56.69
C ILE B 1011 22.18 -61.46 -57.34
N LEU B 1012 23.28 -62.17 -57.60
CA LEU B 1012 23.16 -63.50 -58.20
C LEU B 1012 22.43 -64.46 -57.27
N HIS B 1013 22.74 -64.40 -55.97
CA HIS B 1013 22.03 -65.24 -54.99
C HIS B 1013 20.55 -64.96 -55.00
N GLY B 1014 20.16 -63.68 -55.03
CA GLY B 1014 18.74 -63.35 -55.05
C GLY B 1014 18.07 -63.80 -56.33
N CYS B 1015 18.76 -63.67 -57.46
CA CYS B 1015 18.21 -64.15 -58.72
C CYS B 1015 17.91 -65.64 -58.65
N TRP B 1016 18.88 -66.43 -58.16
CA TRP B 1016 18.61 -67.86 -58.10
C TRP B 1016 17.58 -68.21 -57.04
N LEU B 1017 17.53 -67.42 -55.95
CA LEU B 1017 16.51 -67.66 -54.94
C LEU B 1017 15.12 -67.46 -55.51
N VAL B 1018 14.94 -66.40 -56.29
CA VAL B 1018 13.66 -66.17 -56.95
C VAL B 1018 13.37 -67.31 -57.92
N ALA B 1019 14.39 -67.76 -58.66
CA ALA B 1019 14.19 -68.87 -59.60
C ALA B 1019 13.74 -70.13 -58.88
N ILE B 1020 14.36 -70.43 -57.73
CA ILE B 1020 13.99 -71.63 -56.98
C ILE B 1020 12.60 -71.48 -56.38
N LEU B 1021 12.25 -70.28 -55.94
CA LEU B 1021 10.95 -70.05 -55.33
C LEU B 1021 9.81 -70.09 -56.34
N THR B 1022 10.12 -69.92 -57.63
CA THR B 1022 9.08 -69.99 -58.65
C THR B 1022 8.36 -71.33 -58.64
N ARG B 1023 9.06 -72.39 -58.26
CA ARG B 1023 8.44 -73.71 -58.20
C ARG B 1023 7.37 -73.74 -57.12
N ARG B 1024 6.29 -74.47 -57.40
CA ARG B 1024 5.10 -74.40 -56.55
C ARG B 1024 5.23 -75.25 -55.29
N ARG B 1025 5.35 -76.57 -55.47
CA ARG B 1025 5.34 -77.49 -54.36
C ARG B 1025 6.76 -77.94 -54.02
N ARG B 1026 6.87 -78.86 -53.07
CA ARG B 1026 8.16 -79.37 -52.64
C ARG B 1026 8.76 -80.36 -53.63
N GLU B 1027 8.00 -80.83 -54.61
CA GLU B 1027 8.53 -81.83 -55.55
C GLU B 1027 9.47 -81.20 -56.57
N ALA B 1028 9.06 -80.07 -57.17
CA ALA B 1028 9.93 -79.38 -58.09
C ALA B 1028 11.16 -78.83 -57.38
N ILE B 1029 10.99 -78.33 -56.15
CA ILE B 1029 12.12 -77.90 -55.35
C ILE B 1029 13.03 -79.07 -55.05
N ALA B 1030 12.45 -80.25 -54.81
CA ALA B 1030 13.25 -81.46 -54.64
C ALA B 1030 14.08 -81.75 -55.87
N ARG B 1031 13.47 -81.64 -57.05
CA ARG B 1031 14.19 -81.89 -58.29
C ARG B 1031 15.33 -80.88 -58.47
N LEU B 1032 15.09 -79.61 -58.13
CA LEU B 1032 16.07 -78.57 -58.38
C LEU B 1032 17.12 -78.42 -57.26
N TRP B 1033 16.92 -79.05 -56.11
CA TRP B 1033 17.81 -78.83 -54.97
C TRP B 1033 19.25 -79.27 -55.19
N PRO B 1034 19.55 -80.48 -55.70
CA PRO B 1034 20.96 -80.89 -55.81
C PRO B 1034 21.79 -79.94 -56.66
N ASN B 1035 21.22 -79.45 -57.76
CA ASN B 1035 21.91 -78.44 -58.55
C ASN B 1035 22.18 -77.19 -57.73
N TYR B 1036 21.18 -76.77 -56.94
CA TYR B 1036 21.32 -75.59 -56.12
C TYR B 1036 22.51 -75.73 -55.17
N CYS B 1037 22.59 -76.87 -54.47
CA CYS B 1037 23.71 -77.08 -53.57
C CYS B 1037 25.03 -77.13 -54.32
N LEU B 1038 25.04 -77.78 -55.50
CA LEU B 1038 26.28 -77.92 -56.25
C LEU B 1038 26.85 -76.56 -56.62
N PHE B 1039 26.05 -75.70 -57.25
CA PHE B 1039 26.68 -74.45 -57.63
C PHE B 1039 26.78 -73.49 -56.45
N LEU B 1040 26.08 -73.75 -55.34
CA LEU B 1040 26.37 -73.00 -54.13
C LEU B 1040 27.80 -73.27 -53.68
N THR B 1041 28.19 -74.54 -53.68
CA THR B 1041 29.58 -74.88 -53.35
C THR B 1041 30.55 -74.27 -54.35
N LEU B 1042 30.24 -74.38 -55.65
CA LEU B 1042 31.12 -73.82 -56.66
C LEU B 1042 31.25 -72.30 -56.52
N PHE B 1043 30.13 -71.61 -56.24
CA PHE B 1043 30.18 -70.16 -56.12
C PHE B 1043 30.92 -69.71 -54.87
N LEU B 1044 30.76 -70.43 -53.75
CA LEU B 1044 31.56 -70.10 -52.58
C LEU B 1044 33.04 -70.28 -52.86
N LEU B 1045 33.40 -71.38 -53.53
CA LEU B 1045 34.80 -71.59 -53.89
C LEU B 1045 35.31 -70.49 -54.81
N TYR B 1046 34.50 -70.08 -55.79
CA TYR B 1046 34.91 -69.04 -56.72
C TYR B 1046 35.09 -67.70 -56.00
N GLN B 1047 34.18 -67.37 -55.08
CA GLN B 1047 34.29 -66.14 -54.32
C GLN B 1047 35.54 -66.14 -53.47
N TYR B 1048 35.84 -67.26 -52.81
CA TYR B 1048 37.06 -67.33 -52.01
C TYR B 1048 38.30 -67.21 -52.89
N LEU B 1049 38.29 -67.87 -54.06
CA LEU B 1049 39.42 -67.78 -54.97
C LEU B 1049 39.64 -66.33 -55.40
N LEU B 1050 38.57 -65.63 -55.73
CA LEU B 1050 38.69 -64.23 -56.11
C LEU B 1050 39.20 -63.37 -54.96
N CYS B 1051 38.71 -63.63 -53.74
CA CYS B 1051 39.17 -62.88 -52.59
C CYS B 1051 40.63 -63.19 -52.25
N LEU B 1052 41.15 -64.32 -52.68
CA LEU B 1052 42.53 -64.70 -52.39
C LEU B 1052 43.49 -64.25 -53.50
N PRO B 1055 47.20 -62.55 -55.95
CA PRO B 1055 47.69 -61.85 -54.76
C PRO B 1055 48.23 -60.45 -55.11
N PRO B 1056 48.25 -59.49 -54.16
CA PRO B 1056 48.81 -58.16 -54.42
C PRO B 1056 50.28 -58.29 -54.81
N ALA B 1057 50.98 -59.24 -54.19
CA ALA B 1057 52.41 -59.48 -54.53
C ALA B 1057 52.52 -59.80 -56.02
N LEU B 1058 51.57 -60.57 -56.55
CA LEU B 1058 51.57 -60.90 -58.00
C LEU B 1058 51.46 -59.60 -58.80
N CYS B 1059 52.26 -59.46 -59.86
CA CYS B 1059 52.22 -58.23 -60.70
C CYS B 1059 50.85 -58.12 -61.38
N ILE B 1060 50.09 -59.23 -61.40
CA ILE B 1060 48.76 -59.24 -62.06
C ILE B 1060 47.95 -58.05 -61.55
N ASP B 1061 47.36 -57.26 -62.46
CA ASP B 1061 46.53 -56.09 -62.07
C ASP B 1061 45.85 -55.53 -63.32
N TYR B 1062 44.75 -54.78 -63.14
CA TYR B 1062 44.05 -54.17 -64.30
C TYR B 1062 45.05 -53.33 -65.09
N PRO B 1063 45.24 -53.58 -66.41
CA PRO B 1063 46.25 -52.84 -67.17
C PRO B 1063 45.91 -51.34 -67.21
N TRP B 1064 44.65 -51.02 -67.49
CA TRP B 1064 44.22 -49.59 -67.52
C TRP B 1064 44.43 -48.97 -66.14
N ARG B 1065 44.06 -49.70 -65.08
CA ARG B 1065 44.29 -49.20 -63.69
C ARG B 1065 45.80 -49.02 -63.49
N TRP B 1066 46.61 -49.94 -64.02
CA TRP B 1066 48.08 -49.85 -63.89
C TRP B 1066 48.59 -48.62 -64.67
N ALA B 1069 43.21 -44.31 -68.94
CA ALA B 1069 43.12 -45.50 -68.10
C ALA B 1069 41.76 -46.17 -68.26
N ILE B 1070 41.17 -46.57 -67.14
CA ILE B 1070 39.85 -47.20 -67.13
C ILE B 1070 38.83 -46.23 -66.57
N PRO B 1071 37.57 -46.27 -67.00
CA PRO B 1071 36.54 -45.40 -66.44
C PRO B 1071 35.94 -45.91 -65.14
N MET B 1072 36.49 -46.95 -64.54
CA MET B 1072 35.99 -47.52 -63.30
C MET B 1072 36.87 -47.04 -62.15
N ASN B 1073 36.29 -46.24 -61.25
CA ASN B 1073 37.03 -45.73 -60.10
C ASN B 1073 37.16 -46.81 -59.03
N SER B 1074 37.75 -46.43 -57.90
CA SER B 1074 37.99 -47.40 -56.83
C SER B 1074 36.71 -47.78 -56.10
N ALA B 1075 35.74 -46.86 -56.01
CA ALA B 1075 34.51 -47.17 -55.30
C ALA B 1075 33.73 -48.30 -55.96
N LEU B 1076 33.63 -48.26 -57.28
CA LEU B 1076 32.94 -49.33 -58.00
C LEU B 1076 33.69 -50.65 -57.88
N ILE B 1077 35.02 -50.60 -57.93
CA ILE B 1077 35.82 -51.83 -57.78
C ILE B 1077 35.66 -52.40 -56.38
N LYS B 1078 35.46 -51.55 -55.38
CA LYS B 1078 35.23 -51.98 -54.02
C LYS B 1078 33.77 -52.37 -53.75
N TRP B 1079 32.86 -51.99 -54.64
CA TRP B 1079 31.46 -52.42 -54.53
C TRP B 1079 31.24 -53.75 -55.24
N LEU B 1080 31.64 -53.84 -56.50
CA LEU B 1080 31.68 -55.14 -57.16
C LEU B 1080 32.72 -56.03 -56.50
N TYR B 1081 32.47 -57.34 -56.57
CA TYR B 1081 33.43 -58.30 -56.03
C TYR B 1081 34.55 -58.52 -57.04
N LEU B 1082 35.29 -57.44 -57.36
CA LEU B 1082 36.45 -57.61 -58.24
C LEU B 1082 37.73 -57.72 -57.42
N PRO B 1083 38.67 -58.57 -57.83
CA PRO B 1083 39.90 -58.76 -57.05
C PRO B 1083 40.86 -57.60 -57.26
N ASP B 1084 40.98 -56.75 -56.23
CA ASP B 1084 41.93 -55.66 -56.26
C ASP B 1084 43.23 -56.07 -55.58
N PHE B 1085 44.31 -55.37 -55.93
CA PHE B 1085 45.63 -55.71 -55.44
C PHE B 1085 46.22 -54.66 -54.50
N PHE B 1086 45.64 -53.46 -54.46
CA PHE B 1086 45.93 -52.48 -53.43
C PHE B 1086 44.79 -52.33 -52.43
N ARG B 1087 43.55 -52.46 -52.88
CA ARG B 1087 42.39 -52.57 -52.02
C ARG B 1087 42.03 -54.04 -51.86
N ALA B 1088 41.24 -54.34 -50.83
CA ALA B 1088 40.87 -55.72 -50.58
C ALA B 1088 39.40 -55.83 -50.23
N PRO B 1089 38.63 -56.63 -50.96
CA PRO B 1089 37.23 -56.87 -50.56
C PRO B 1089 37.18 -57.57 -49.22
N ASN B 1090 36.19 -57.19 -48.41
CA ASN B 1090 36.06 -57.72 -47.06
C ASN B 1090 35.57 -59.16 -47.16
N SER B 1091 36.49 -60.11 -47.09
CA SER B 1091 36.16 -61.53 -47.24
C SER B 1091 35.68 -62.13 -45.93
N THR B 1092 34.72 -61.48 -45.29
CA THR B 1092 34.06 -62.03 -44.11
C THR B 1092 32.57 -62.25 -44.28
N ASN B 1093 31.90 -61.55 -45.21
CA ASN B 1093 30.53 -61.93 -45.55
C ASN B 1093 30.48 -63.31 -46.17
N LEU B 1094 31.62 -63.82 -46.63
CA LEU B 1094 31.69 -65.20 -47.07
C LEU B 1094 31.36 -66.17 -45.95
N ILE B 1095 31.45 -65.77 -44.68
CA ILE B 1095 30.96 -66.66 -43.63
C ILE B 1095 29.44 -66.73 -43.67
N SER B 1096 28.77 -65.63 -44.02
CA SER B 1096 27.32 -65.72 -44.24
C SER B 1096 27.02 -66.60 -45.45
N ASP B 1097 27.84 -66.49 -46.50
CA ASP B 1097 27.71 -67.39 -47.64
C ASP B 1097 27.86 -68.85 -47.20
N PHE B 1098 28.85 -69.13 -46.35
CA PHE B 1098 29.12 -70.49 -45.92
C PHE B 1098 28.03 -71.00 -44.98
N LEU B 1099 27.46 -70.11 -44.16
CA LEU B 1099 26.33 -70.47 -43.32
C LEU B 1099 25.12 -70.85 -44.17
N LEU B 1100 24.88 -70.07 -45.24
CA LEU B 1100 23.87 -70.44 -46.22
C LEU B 1100 24.15 -71.82 -46.79
N LEU B 1101 25.41 -72.08 -47.16
CA LEU B 1101 25.76 -73.35 -47.76
C LEU B 1101 25.54 -74.49 -46.79
N LEU B 1102 25.91 -74.31 -45.51
CA LEU B 1102 25.69 -75.32 -44.50
C LEU B 1102 24.21 -75.60 -44.30
N CYS B 1103 23.39 -74.52 -44.27
CA CYS B 1103 21.95 -74.71 -44.14
C CYS B 1103 21.39 -75.49 -45.32
N ALA B 1104 21.83 -75.16 -46.54
CA ALA B 1104 21.35 -75.87 -47.72
C ALA B 1104 21.77 -77.33 -47.69
N SER B 1105 23.02 -77.60 -47.28
CA SER B 1105 23.50 -78.97 -47.22
C SER B 1105 22.72 -79.78 -46.18
N GLN B 1106 22.47 -79.19 -45.01
CA GLN B 1106 21.69 -79.87 -43.99
C GLN B 1106 20.26 -80.12 -44.47
N GLN B 1107 19.69 -79.16 -45.21
CA GLN B 1107 18.37 -79.36 -45.77
C GLN B 1107 18.37 -80.52 -46.76
N TRP B 1108 19.39 -80.60 -47.60
CA TRP B 1108 19.48 -81.70 -48.55
C TRP B 1108 19.63 -83.03 -47.83
N GLN B 1109 20.38 -83.06 -46.74
CA GLN B 1109 20.54 -84.29 -45.97
C GLN B 1109 19.21 -84.75 -45.40
N VAL B 1110 18.44 -83.84 -44.82
CA VAL B 1110 17.18 -84.17 -44.18
C VAL B 1110 16.05 -84.15 -45.20
N PHE B 1111 16.40 -83.95 -46.48
CA PHE B 1111 15.35 -83.77 -47.48
C PHE B 1111 14.79 -85.09 -47.96
N SER B 1112 15.65 -86.10 -48.12
CA SER B 1112 15.25 -87.39 -48.69
C SER B 1112 14.81 -88.38 -47.63
N ALA B 1113 14.82 -88.02 -46.35
CA ALA B 1113 14.36 -88.91 -45.30
C ALA B 1113 12.88 -89.21 -45.46
N GLU B 1114 12.55 -90.43 -45.86
CA GLU B 1114 11.16 -90.82 -46.14
C GLU B 1114 10.86 -92.20 -45.57
N ARG B 1115 11.29 -92.43 -44.32
CA ARG B 1115 11.00 -93.68 -43.65
C ARG B 1115 9.89 -93.57 -42.61
N THR B 1116 9.46 -92.35 -42.28
CA THR B 1116 8.35 -92.15 -41.34
C THR B 1116 7.19 -91.44 -42.02
N GLU B 1136 -11.03 -85.32 -40.25
CA GLU B 1136 -10.82 -86.68 -39.78
C GLU B 1136 -9.33 -86.98 -39.67
N PRO B 1137 -8.54 -86.48 -40.62
CA PRO B 1137 -7.08 -86.72 -40.55
C PRO B 1137 -6.43 -86.19 -39.29
N ASN B 1138 -6.93 -85.07 -38.76
CA ASN B 1138 -6.41 -84.53 -37.51
C ASN B 1138 -7.25 -85.08 -36.37
N PRO B 1139 -6.70 -85.96 -35.51
CA PRO B 1139 -7.49 -86.50 -34.41
C PRO B 1139 -7.85 -85.47 -33.34
N ILE B 1140 -7.20 -84.32 -33.32
CA ILE B 1140 -7.44 -83.34 -32.27
C ILE B 1140 -7.95 -82.05 -32.88
N PRO B 1141 -9.26 -81.88 -33.01
CA PRO B 1141 -9.84 -80.57 -33.36
C PRO B 1141 -10.28 -79.74 -32.16
N ASN B 1142 -9.97 -80.19 -30.94
CA ASN B 1142 -10.48 -79.56 -29.73
C ASN B 1142 -9.64 -78.40 -29.24
N PHE B 1143 -8.52 -78.08 -29.90
CA PHE B 1143 -7.68 -77.02 -29.35
C PHE B 1143 -8.40 -75.68 -29.36
N ILE B 1144 -9.42 -75.53 -30.22
CA ILE B 1144 -10.29 -74.36 -30.12
C ILE B 1144 -11.01 -74.34 -28.78
N HIS B 1145 -11.39 -75.51 -28.27
CA HIS B 1145 -12.09 -75.58 -27.00
C HIS B 1145 -11.22 -75.17 -25.82
N CYS B 1146 -9.90 -75.27 -25.96
CA CYS B 1146 -8.95 -74.78 -24.97
C CYS B 1146 -9.16 -75.46 -23.61
N ARG B 1147 -8.87 -76.76 -23.59
CA ARG B 1147 -9.00 -77.56 -22.38
C ARG B 1147 -7.66 -77.84 -21.69
N SER B 1148 -6.53 -77.52 -22.31
CA SER B 1148 -5.23 -77.76 -21.71
C SER B 1148 -4.27 -76.63 -22.05
N TYR B 1149 -3.15 -76.59 -21.33
CA TYR B 1149 -2.17 -75.52 -21.50
C TYR B 1149 -1.61 -75.45 -22.91
N LEU B 1150 -1.55 -76.58 -23.62
CA LEU B 1150 -1.12 -76.54 -25.01
C LEU B 1150 -2.18 -75.91 -25.90
N ASP B 1151 -3.44 -75.94 -25.48
CA ASP B 1151 -4.55 -75.63 -26.38
C ASP B 1151 -4.65 -74.13 -26.66
N MET B 1152 -4.47 -73.28 -25.64
CA MET B 1152 -4.54 -71.84 -25.90
C MET B 1152 -3.32 -71.37 -26.70
N LEU B 1153 -2.16 -72.00 -26.49
CA LEU B 1153 -1.04 -71.72 -27.38
C LEU B 1153 -1.39 -72.09 -28.82
N LYS B 1154 -2.05 -73.23 -29.00
CA LYS B 1154 -2.43 -73.65 -30.34
C LYS B 1154 -3.39 -72.65 -30.99
N VAL B 1155 -4.39 -72.17 -30.23
CA VAL B 1155 -5.32 -71.20 -30.82
C VAL B 1155 -4.60 -69.89 -31.11
N ALA B 1156 -3.69 -69.48 -30.23
CA ALA B 1156 -2.98 -68.23 -30.46
C ALA B 1156 -2.15 -68.30 -31.74
N VAL B 1157 -1.45 -69.41 -31.94
CA VAL B 1157 -0.59 -69.51 -33.12
C VAL B 1157 -1.41 -69.71 -34.39
N PHE B 1158 -2.47 -70.51 -34.33
CA PHE B 1158 -3.21 -70.87 -35.54
C PHE B 1158 -4.37 -69.94 -35.87
N ARG B 1159 -4.72 -68.99 -35.00
CA ARG B 1159 -5.90 -68.18 -35.28
C ARG B 1159 -5.64 -66.69 -35.12
N TYR B 1160 -4.74 -66.31 -34.21
CA TYR B 1160 -4.44 -64.91 -33.93
C TYR B 1160 -3.14 -64.45 -34.56
N LEU B 1161 -2.60 -65.20 -35.53
CA LEU B 1161 -1.34 -64.83 -36.15
C LEU B 1161 -1.51 -64.06 -37.45
N PHE B 1162 -2.63 -64.23 -38.15
CA PHE B 1162 -2.84 -63.51 -39.40
C PHE B 1162 -2.97 -62.01 -39.16
N TRP B 1163 -3.71 -61.62 -38.11
CA TRP B 1163 -3.76 -60.22 -37.74
C TRP B 1163 -2.39 -59.69 -37.33
N LEU B 1164 -1.60 -60.52 -36.64
CA LEU B 1164 -0.26 -60.10 -36.27
C LEU B 1164 0.63 -59.88 -37.49
N VAL B 1165 0.53 -60.76 -38.50
CA VAL B 1165 1.35 -60.58 -39.69
C VAL B 1165 0.87 -59.35 -40.47
N LEU B 1166 -0.43 -59.05 -40.43
CA LEU B 1166 -0.91 -57.81 -41.03
C LEU B 1166 -0.30 -56.60 -40.34
N VAL B 1167 -0.24 -56.63 -39.00
CA VAL B 1167 0.39 -55.54 -38.26
C VAL B 1167 1.87 -55.43 -38.62
N VAL B 1168 2.55 -56.56 -38.79
CA VAL B 1168 3.97 -56.55 -39.14
C VAL B 1168 4.16 -55.94 -40.53
N VAL B 1169 3.31 -56.29 -41.48
CA VAL B 1169 3.40 -55.69 -42.81
C VAL B 1169 3.20 -54.18 -42.72
N PHE B 1170 2.20 -53.74 -41.95
CA PHE B 1170 1.95 -52.31 -41.82
C PHE B 1170 3.15 -51.60 -41.21
N VAL B 1171 3.74 -52.16 -40.15
CA VAL B 1171 4.83 -51.49 -39.48
C VAL B 1171 6.07 -51.45 -40.36
N ALA B 1172 6.31 -52.50 -41.16
CA ALA B 1172 7.44 -52.45 -42.08
C ALA B 1172 7.23 -51.41 -43.16
N GLY B 1173 6.00 -51.30 -43.68
CA GLY B 1173 5.73 -50.27 -44.66
C GLY B 1173 5.88 -48.88 -44.09
N ALA B 1174 5.48 -48.68 -42.83
CA ALA B 1174 5.57 -47.36 -42.22
C ALA B 1174 7.00 -46.99 -41.86
N THR B 1175 7.78 -47.95 -41.36
CA THR B 1175 9.12 -47.64 -40.87
C THR B 1175 10.03 -47.14 -41.99
N ARG B 1176 9.96 -47.78 -43.15
CA ARG B 1176 10.73 -47.33 -44.31
C ARG B 1176 9.98 -46.21 -45.01
N ILE B 1177 10.66 -45.09 -45.23
CA ILE B 1177 10.01 -43.91 -45.79
C ILE B 1177 10.03 -43.90 -47.32
N SER B 1178 11.00 -44.58 -47.93
CA SER B 1178 11.08 -44.64 -49.38
C SER B 1178 9.80 -45.19 -49.98
N ILE B 1179 9.59 -44.93 -51.27
CA ILE B 1179 8.36 -45.38 -51.94
C ILE B 1179 8.63 -46.81 -52.38
N PHE B 1180 8.59 -47.72 -51.40
CA PHE B 1180 8.42 -49.14 -51.61
C PHE B 1180 7.47 -49.77 -50.59
N GLY B 1181 7.30 -49.14 -49.42
CA GLY B 1181 6.30 -49.55 -48.45
C GLY B 1181 4.90 -49.10 -48.76
N LEU B 1182 4.72 -48.21 -49.76
CA LEU B 1182 3.39 -47.93 -50.27
C LEU B 1182 2.68 -49.22 -50.66
N GLY B 1183 3.41 -50.16 -51.26
CA GLY B 1183 2.84 -51.47 -51.52
C GLY B 1183 2.46 -52.19 -50.24
N TYR B 1184 3.29 -52.05 -49.20
CA TYR B 1184 2.96 -52.66 -47.92
C TYR B 1184 1.69 -52.06 -47.32
N LEU B 1185 1.55 -50.74 -47.38
CA LEU B 1185 0.33 -50.10 -46.87
C LEU B 1185 -0.90 -50.51 -47.67
N LEU B 1186 -0.81 -50.52 -49.00
CA LEU B 1186 -1.98 -50.90 -49.80
C LEU B 1186 -2.35 -52.36 -49.55
N ALA B 1187 -1.35 -53.24 -49.44
CA ALA B 1187 -1.61 -54.63 -49.12
C ALA B 1187 -2.24 -54.77 -47.74
N CYS B 1188 -1.75 -53.99 -46.77
CA CYS B 1188 -2.31 -54.06 -45.43
C CYS B 1188 -3.77 -53.64 -45.43
N PHE B 1189 -4.10 -52.56 -46.14
CA PHE B 1189 -5.49 -52.12 -46.21
C PHE B 1189 -6.37 -53.17 -46.90
N TYR B 1190 -5.91 -53.72 -48.02
CA TYR B 1190 -6.71 -54.69 -48.75
C TYR B 1190 -6.95 -55.94 -47.92
N LEU B 1191 -5.89 -56.48 -47.31
CA LEU B 1191 -6.05 -57.68 -46.50
C LEU B 1191 -6.88 -57.41 -45.26
N LEU B 1192 -6.71 -56.25 -44.63
CA LEU B 1192 -7.52 -55.94 -43.46
C LEU B 1192 -8.99 -55.83 -43.80
N LEU B 1193 -9.30 -55.36 -45.02
CA LEU B 1193 -10.70 -55.33 -45.44
C LEU B 1193 -11.22 -56.74 -45.75
N PHE B 1194 -10.44 -57.53 -46.49
CA PHE B 1194 -10.94 -58.76 -47.08
C PHE B 1194 -10.51 -60.03 -46.35
N GLY B 1195 -9.95 -59.92 -45.14
CA GLY B 1195 -9.45 -61.12 -44.46
C GLY B 1195 -10.53 -62.11 -44.12
N THR B 1196 -11.67 -61.63 -43.64
CA THR B 1196 -12.75 -62.53 -43.24
C THR B 1196 -13.23 -63.36 -44.43
N THR B 1197 -13.57 -62.70 -45.54
CA THR B 1197 -13.99 -63.44 -46.73
C THR B 1197 -12.85 -64.23 -47.33
N LEU B 1198 -11.59 -63.86 -47.06
CA LEU B 1198 -10.46 -64.59 -47.58
C LEU B 1198 -10.30 -65.93 -46.86
N LEU B 1199 -10.46 -65.95 -45.54
CA LEU B 1199 -10.24 -67.17 -44.78
C LEU B 1199 -11.29 -68.23 -45.11
N GLN B 1200 -12.49 -67.84 -45.54
CA GLN B 1200 -13.54 -68.80 -45.82
C GLN B 1200 -13.42 -69.45 -47.19
N LYS B 1201 -12.62 -68.90 -48.10
CA LYS B 1201 -12.57 -69.43 -49.46
C LYS B 1201 -11.66 -70.66 -49.51
N ASP B 1202 -11.54 -71.22 -50.72
CA ASP B 1202 -10.82 -72.48 -50.90
C ASP B 1202 -9.31 -72.24 -50.88
N THR B 1203 -8.59 -73.21 -50.31
CA THR B 1203 -7.18 -73.03 -49.97
C THR B 1203 -6.35 -72.56 -51.16
N ARG B 1204 -6.71 -73.00 -52.37
CA ARG B 1204 -5.96 -72.60 -53.56
C ARG B 1204 -5.95 -71.08 -53.73
N ALA B 1205 -7.08 -70.42 -53.49
CA ALA B 1205 -7.15 -68.98 -53.67
C ALA B 1205 -6.18 -68.26 -52.75
N GLN B 1206 -6.22 -68.59 -51.45
CA GLN B 1206 -5.31 -67.94 -50.52
C GLN B 1206 -3.87 -68.29 -50.81
N LEU B 1207 -3.61 -69.55 -51.20
CA LEU B 1207 -2.23 -69.93 -51.49
C LEU B 1207 -1.68 -69.12 -52.66
N VAL B 1208 -2.49 -68.93 -53.70
CA VAL B 1208 -2.05 -68.12 -54.84
C VAL B 1208 -1.87 -66.67 -54.43
N LEU B 1209 -2.80 -66.11 -53.65
CA LEU B 1209 -2.70 -64.70 -53.26
C LEU B 1209 -1.47 -64.45 -52.42
N TRP B 1210 -1.21 -65.32 -51.44
CA TRP B 1210 -0.04 -65.12 -50.59
C TRP B 1210 1.25 -65.46 -51.33
N ASP B 1211 1.19 -66.33 -52.33
CA ASP B 1211 2.34 -66.49 -53.21
C ASP B 1211 2.63 -65.21 -53.97
N CYS B 1212 1.58 -64.53 -54.44
CA CYS B 1212 1.78 -63.22 -55.07
C CYS B 1212 2.40 -62.25 -54.10
N LEU B 1213 1.96 -62.27 -52.83
CA LEU B 1213 2.53 -61.35 -51.85
C LEU B 1213 4.00 -61.64 -51.58
N ILE B 1214 4.37 -62.92 -51.44
CA ILE B 1214 5.78 -63.24 -51.19
C ILE B 1214 6.61 -62.93 -52.43
N LEU B 1215 6.04 -63.07 -53.63
CA LEU B 1215 6.74 -62.63 -54.82
C LEU B 1215 6.99 -61.12 -54.78
N TYR B 1216 6.00 -60.35 -54.33
CA TYR B 1216 6.22 -58.91 -54.16
C TYR B 1216 7.34 -58.65 -53.17
N ASN B 1217 7.38 -59.41 -52.07
CA ASN B 1217 8.41 -59.24 -51.06
C ASN B 1217 9.81 -59.53 -51.63
N VAL B 1218 9.95 -60.63 -52.36
CA VAL B 1218 11.27 -60.96 -52.88
C VAL B 1218 11.67 -59.95 -53.95
N THR B 1219 10.72 -59.48 -54.76
CA THR B 1219 11.05 -58.45 -55.75
C THR B 1219 11.51 -57.17 -55.08
N VAL B 1220 10.87 -56.75 -53.99
CA VAL B 1220 11.29 -55.49 -53.37
C VAL B 1220 12.66 -55.64 -52.72
N ILE B 1221 12.94 -56.79 -52.09
CA ILE B 1221 14.27 -56.95 -51.49
C ILE B 1221 15.34 -57.02 -52.57
N ILE B 1222 15.06 -57.70 -53.69
CA ILE B 1222 16.04 -57.76 -54.77
C ILE B 1222 16.25 -56.38 -55.39
N SER B 1223 15.17 -55.60 -55.51
CA SER B 1223 15.29 -54.25 -56.03
C SER B 1223 16.16 -53.39 -55.13
N LYS B 1224 15.99 -53.52 -53.81
CA LYS B 1224 16.87 -52.78 -52.90
C LYS B 1224 18.31 -53.22 -53.05
N ASN B 1225 18.55 -54.53 -53.17
CA ASN B 1225 19.91 -55.02 -53.32
C ASN B 1225 20.58 -54.46 -54.56
N MET B 1226 19.87 -54.47 -55.70
CA MET B 1226 20.46 -53.93 -56.92
C MET B 1226 20.56 -52.42 -56.88
N LEU B 1227 19.64 -51.76 -56.17
CA LEU B 1227 19.64 -50.32 -56.03
C LEU B 1227 20.79 -49.82 -55.15
N SER B 1228 21.31 -50.67 -54.28
CA SER B 1228 22.49 -50.30 -53.49
C SER B 1228 23.66 -49.89 -54.39
N LEU B 1229 23.73 -50.46 -55.59
CA LEU B 1229 24.81 -50.11 -56.51
C LEU B 1229 24.76 -48.63 -56.88
N LEU B 1230 23.61 -48.15 -57.35
CA LEU B 1230 23.51 -46.73 -57.65
C LEU B 1230 23.58 -45.90 -56.39
N SER B 1231 23.18 -46.47 -55.25
CA SER B 1231 23.32 -45.77 -53.99
C SER B 1231 24.78 -45.44 -53.70
N CYS B 1232 25.68 -46.37 -54.00
CA CYS B 1232 27.10 -46.16 -53.75
C CYS B 1232 27.85 -45.55 -54.94
N VAL B 1233 27.15 -45.17 -56.01
CA VAL B 1233 27.76 -44.44 -57.11
C VAL B 1233 27.00 -43.13 -57.20
N PHE B 1234 26.42 -42.71 -56.08
CA PHE B 1234 25.60 -41.50 -56.05
C PHE B 1234 26.45 -40.23 -56.01
N VAL B 1235 27.66 -40.30 -55.44
CA VAL B 1235 28.46 -39.09 -55.26
C VAL B 1235 28.85 -38.48 -56.60
N GLU B 1236 29.15 -39.32 -57.59
CA GLU B 1236 29.62 -38.81 -58.87
C GLU B 1236 28.49 -38.18 -59.67
N GLN B 1237 27.41 -38.93 -59.89
CA GLN B 1237 26.31 -38.49 -60.75
C GLN B 1237 25.08 -38.07 -59.95
N MET B 1238 24.59 -38.94 -59.07
CA MET B 1238 23.31 -38.70 -58.41
C MET B 1238 23.36 -37.52 -57.45
N GLN B 1239 24.54 -37.14 -56.96
CA GLN B 1239 24.62 -35.99 -56.06
C GLN B 1239 24.38 -34.70 -56.85
N SER B 1240 23.49 -33.86 -56.32
CA SER B 1240 23.13 -32.58 -56.95
C SER B 1240 22.54 -32.78 -58.34
N ASN B 1241 21.88 -33.91 -58.57
CA ASN B 1241 21.24 -34.17 -59.84
C ASN B 1241 20.15 -35.23 -59.65
N PHE B 1242 19.01 -35.02 -60.29
CA PHE B 1242 17.87 -35.93 -60.20
C PHE B 1242 17.47 -36.16 -58.74
N CYS B 1243 17.38 -35.06 -57.99
CA CYS B 1243 17.11 -35.17 -56.56
C CYS B 1243 15.73 -35.74 -56.29
N TRP B 1244 14.76 -35.52 -57.18
CA TRP B 1244 13.44 -36.07 -56.97
C TRP B 1244 13.45 -37.60 -56.95
N VAL B 1245 14.26 -38.23 -57.78
CA VAL B 1245 14.34 -39.68 -57.80
C VAL B 1245 15.09 -40.20 -56.58
N ILE B 1246 16.14 -39.49 -56.14
CA ILE B 1246 16.87 -39.94 -54.96
C ILE B 1246 16.00 -39.80 -53.70
N GLN B 1247 15.08 -38.84 -53.69
CA GLN B 1247 14.12 -38.79 -52.59
C GLN B 1247 13.04 -39.86 -52.73
N LEU B 1248 12.64 -40.16 -53.97
CA LEU B 1248 11.61 -41.18 -54.18
C LEU B 1248 12.08 -42.55 -53.72
N PHE B 1249 13.25 -42.98 -54.19
CA PHE B 1249 13.74 -44.32 -53.86
C PHE B 1249 14.58 -44.37 -52.60
N SER B 1250 15.04 -43.23 -52.09
CA SER B 1250 15.89 -43.15 -50.90
C SER B 1250 17.12 -44.05 -51.06
N LEU B 1251 17.89 -43.76 -52.10
CA LEU B 1251 19.08 -44.55 -52.40
C LEU B 1251 20.21 -44.15 -51.47
N VAL B 1252 20.52 -45.01 -50.50
CA VAL B 1252 21.57 -44.76 -49.52
C VAL B 1252 22.34 -46.06 -49.31
N CYS B 1253 23.67 -45.93 -49.19
CA CYS B 1253 24.50 -47.09 -48.94
C CYS B 1253 24.34 -47.56 -47.49
N THR B 1254 24.82 -48.77 -47.22
CA THR B 1254 24.81 -49.33 -45.88
C THR B 1254 26.14 -49.13 -45.17
N VAL B 1255 27.24 -49.57 -45.77
CA VAL B 1255 28.56 -49.39 -45.19
C VAL B 1255 29.63 -49.48 -46.29
N ALA B 1278 21.10 -55.51 -42.26
CA ALA B 1278 21.44 -54.36 -41.42
C ALA B 1278 20.25 -53.40 -41.31
N GLY B 1279 19.99 -52.65 -42.38
CA GLY B 1279 18.90 -51.71 -42.44
C GLY B 1279 17.65 -52.18 -43.14
N ILE B 1280 17.55 -53.48 -43.44
CA ILE B 1280 16.38 -54.02 -44.12
C ILE B 1280 15.83 -55.18 -43.30
N ILE B 1281 16.00 -55.11 -41.99
CA ILE B 1281 15.57 -56.18 -41.10
C ILE B 1281 14.06 -56.40 -41.19
N TRP B 1282 13.29 -55.30 -41.26
CA TRP B 1282 11.84 -55.41 -41.22
C TRP B 1282 11.31 -56.19 -42.41
N ASP B 1283 11.87 -55.95 -43.60
CA ASP B 1283 11.39 -56.63 -44.80
C ASP B 1283 11.60 -58.13 -44.69
N SER B 1284 12.78 -58.55 -44.21
CA SER B 1284 13.06 -59.96 -44.00
C SER B 1284 12.15 -60.55 -42.93
N ILE B 1285 11.86 -59.77 -41.88
CA ILE B 1285 10.97 -60.26 -40.82
C ILE B 1285 9.57 -60.52 -41.38
N CYS B 1286 9.08 -59.61 -42.21
CA CYS B 1286 7.78 -59.84 -42.86
C CYS B 1286 7.82 -61.04 -43.78
N PHE B 1287 8.93 -61.24 -44.49
CA PHE B 1287 9.05 -62.42 -45.33
C PHE B 1287 8.97 -63.70 -44.51
N PHE B 1288 9.67 -63.72 -43.37
CA PHE B 1288 9.59 -64.86 -42.46
C PHE B 1288 8.18 -65.09 -41.95
N PHE B 1289 7.50 -64.03 -41.54
CA PHE B 1289 6.14 -64.18 -41.05
C PHE B 1289 5.21 -64.66 -42.15
N LEU B 1290 5.44 -64.20 -43.38
CA LEU B 1290 4.64 -64.67 -44.52
C LEU B 1290 4.80 -66.17 -44.71
N LEU B 1291 6.04 -66.67 -44.69
CA LEU B 1291 6.23 -68.10 -44.85
C LEU B 1291 5.64 -68.88 -43.68
N LEU B 1292 5.79 -68.37 -42.47
CA LEU B 1292 5.21 -69.05 -41.31
C LEU B 1292 3.70 -69.15 -41.43
N GLN B 1293 3.04 -68.07 -41.83
CA GLN B 1293 1.59 -68.10 -41.96
C GLN B 1293 1.16 -68.96 -43.13
N ARG B 1294 1.96 -69.04 -44.19
CA ARG B 1294 1.67 -69.95 -45.30
C ARG B 1294 1.71 -71.40 -44.82
N ARG B 1295 2.73 -71.74 -44.04
CA ARG B 1295 2.82 -73.08 -43.47
C ARG B 1295 1.63 -73.36 -42.56
N ILE B 1296 1.20 -72.35 -41.80
CA ILE B 1296 -0.01 -72.50 -40.99
C ILE B 1296 -1.22 -72.78 -41.88
N PHE B 1297 -1.34 -72.05 -42.99
CA PHE B 1297 -2.41 -72.28 -43.94
C PHE B 1297 -2.42 -73.72 -44.46
N LEU B 1298 -1.23 -74.31 -44.62
CA LEU B 1298 -1.16 -75.69 -45.10
C LEU B 1298 -1.72 -76.69 -44.09
N SER B 1299 -1.72 -76.35 -42.80
CA SER B 1299 -2.03 -77.32 -41.76
C SER B 1299 -3.52 -77.65 -41.70
N HIS B 1300 -3.82 -78.79 -41.07
CA HIS B 1300 -5.22 -79.19 -40.84
C HIS B 1300 -5.86 -78.39 -39.72
N TYR B 1301 -5.04 -77.91 -38.78
CA TYR B 1301 -5.54 -77.03 -37.74
C TYR B 1301 -6.27 -75.84 -38.35
N PHE B 1302 -5.66 -75.21 -39.36
CA PHE B 1302 -6.35 -74.15 -40.07
C PHE B 1302 -7.60 -74.66 -40.77
N LEU B 1303 -7.62 -75.93 -41.17
CA LEU B 1303 -8.81 -76.46 -41.82
C LEU B 1303 -10.01 -76.44 -40.87
N HIS B 1304 -9.86 -77.00 -39.67
CA HIS B 1304 -11.02 -77.00 -38.80
C HIS B 1304 -11.27 -75.61 -38.22
N VAL B 1305 -10.23 -74.77 -38.13
CA VAL B 1305 -10.46 -73.39 -37.73
C VAL B 1305 -11.32 -72.68 -38.78
N SER B 1306 -11.06 -72.94 -40.05
CA SER B 1306 -11.90 -72.36 -41.10
C SER B 1306 -13.33 -72.89 -41.01
N ALA B 1307 -13.49 -74.16 -40.64
CA ALA B 1307 -14.83 -74.67 -40.37
C ALA B 1307 -15.51 -73.88 -39.26
N ASP B 1308 -14.77 -73.58 -38.18
CA ASP B 1308 -15.32 -72.80 -37.09
C ASP B 1308 -15.72 -71.40 -37.54
N LEU B 1309 -14.86 -70.75 -38.33
CA LEU B 1309 -15.20 -69.43 -38.84
C LEU B 1309 -16.42 -69.48 -39.75
N LYS B 1310 -16.57 -70.55 -40.55
CA LYS B 1310 -17.77 -70.69 -41.36
C LYS B 1310 -19.02 -70.78 -40.48
N ALA B 1311 -18.94 -71.55 -39.39
CA ALA B 1311 -20.06 -71.64 -38.46
C ALA B 1311 -20.39 -70.28 -37.84
N THR B 1312 -19.36 -69.52 -37.46
CA THR B 1312 -19.59 -68.20 -36.88
C THR B 1312 -20.23 -67.27 -37.90
N ALA B 1313 -19.79 -67.34 -39.16
CA ALA B 1313 -20.43 -66.55 -40.20
C ALA B 1313 -21.88 -66.95 -40.38
N LEU B 1314 -22.19 -68.23 -40.26
CA LEU B 1314 -23.57 -68.69 -40.42
C LEU B 1314 -24.47 -68.18 -39.31
N GLN B 1315 -24.01 -68.22 -38.06
CA GLN B 1315 -24.90 -67.94 -36.93
C GLN B 1315 -25.18 -66.46 -36.70
N ALA B 1316 -24.82 -65.59 -37.66
CA ALA B 1316 -24.96 -64.15 -37.46
C ALA B 1316 -26.43 -63.75 -37.31
N SER B 1317 -27.30 -64.30 -38.15
CA SER B 1317 -28.71 -63.92 -38.09
C SER B 1317 -29.35 -64.38 -36.80
N ARG B 1318 -28.99 -65.56 -36.31
CA ARG B 1318 -29.50 -66.04 -35.04
C ARG B 1318 -29.05 -65.14 -33.90
N GLY B 1319 -27.78 -64.73 -33.91
CA GLY B 1319 -27.32 -63.79 -32.90
C GLY B 1319 -28.06 -62.47 -32.95
N PHE B 1320 -28.31 -61.97 -34.18
CA PHE B 1320 -29.07 -60.73 -34.34
C PHE B 1320 -30.47 -60.85 -33.76
N ALA B 1321 -31.14 -61.98 -34.04
CA ALA B 1321 -32.48 -62.19 -33.50
C ALA B 1321 -32.46 -62.24 -31.98
N LEU B 1322 -31.46 -62.90 -31.41
CA LEU B 1322 -31.35 -62.96 -29.95
C LEU B 1322 -31.18 -61.56 -29.36
N TYR B 1323 -30.31 -60.76 -29.95
CA TYR B 1323 -30.10 -59.40 -29.46
C TYR B 1323 -31.37 -58.56 -29.56
N ASN B 1324 -32.09 -58.70 -30.68
CA ASN B 1324 -33.34 -57.98 -30.84
C ASN B 1324 -34.36 -58.39 -29.77
N ALA B 1325 -34.45 -59.69 -29.49
CA ALA B 1325 -35.37 -60.14 -28.45
C ALA B 1325 -35.00 -59.55 -27.10
N ALA B 1326 -33.70 -59.54 -26.77
CA ALA B 1326 -33.27 -58.98 -25.48
C ALA B 1326 -33.64 -57.51 -25.37
N ASN B 1327 -33.36 -56.73 -26.42
CA ASN B 1327 -33.61 -55.30 -26.31
C ASN B 1327 -35.11 -54.99 -26.28
N LEU B 1328 -35.93 -55.74 -27.03
CA LEU B 1328 -37.37 -55.50 -26.96
C LEU B 1328 -37.91 -55.86 -25.58
N LYS B 1329 -37.41 -56.94 -24.97
CA LYS B 1329 -37.85 -57.26 -23.62
C LYS B 1329 -37.49 -56.16 -22.63
N SER B 1330 -36.27 -55.62 -22.73
CA SER B 1330 -35.88 -54.53 -21.85
C SER B 1330 -36.76 -53.31 -22.05
N ILE B 1331 -37.06 -52.97 -23.30
CA ILE B 1331 -37.91 -51.81 -23.59
C ILE B 1331 -39.30 -52.02 -23.01
N ASN B 1332 -39.85 -53.22 -23.15
CA ASN B 1332 -41.17 -53.50 -22.59
C ASN B 1332 -41.17 -53.37 -21.07
N PHE B 1333 -40.12 -53.86 -20.42
CA PHE B 1333 -40.02 -53.73 -18.96
C PHE B 1333 -40.01 -52.26 -18.55
N HIS B 1334 -39.20 -51.44 -19.24
CA HIS B 1334 -39.15 -50.02 -18.92
C HIS B 1334 -40.51 -49.36 -19.15
N ARG B 1335 -41.19 -49.74 -20.23
CA ARG B 1335 -42.51 -49.18 -20.52
C ARG B 1335 -43.49 -49.49 -19.40
N GLN B 1336 -43.48 -50.74 -18.91
CA GLN B 1336 -44.39 -51.10 -17.83
C GLN B 1336 -44.08 -50.34 -16.55
N ILE B 1337 -42.79 -50.16 -16.24
CA ILE B 1337 -42.41 -49.40 -15.05
C ILE B 1337 -42.93 -47.97 -15.15
N GLU B 1338 -42.73 -47.36 -16.32
CA GLU B 1338 -43.23 -45.99 -16.52
C GLU B 1338 -44.74 -45.94 -16.42
N GLU B 1339 -45.43 -46.96 -16.95
CA GLU B 1339 -46.88 -46.99 -16.87
C GLU B 1339 -47.37 -47.01 -15.43
N LYS B 1340 -46.75 -47.86 -14.60
CA LYS B 1340 -47.18 -47.91 -13.20
C LYS B 1340 -46.86 -46.61 -12.47
N SER B 1341 -45.73 -45.97 -12.82
CA SER B 1341 -45.42 -44.68 -12.21
C SER B 1341 -46.47 -43.62 -12.55
N LEU B 1342 -46.87 -43.55 -13.82
CA LEU B 1342 -47.93 -42.61 -14.20
C LEU B 1342 -49.26 -42.95 -13.54
N ALA B 1343 -49.54 -44.24 -13.36
CA ALA B 1343 -50.76 -44.62 -12.66
C ALA B 1343 -50.75 -44.11 -11.22
N GLN B 1344 -49.61 -44.24 -10.54
CA GLN B 1344 -49.50 -43.71 -9.18
C GLN B 1344 -49.64 -42.19 -9.17
N LEU B 1345 -49.06 -41.52 -10.16
CA LEU B 1345 -49.21 -40.07 -10.24
C LEU B 1345 -50.68 -39.67 -10.38
N LYS B 1346 -51.42 -40.37 -11.25
CA LYS B 1346 -52.83 -40.07 -11.43
C LYS B 1346 -53.61 -40.33 -10.15
N ARG B 1347 -53.27 -41.40 -9.42
CA ARG B 1347 -53.93 -41.67 -8.15
C ARG B 1347 -53.69 -40.56 -7.14
N GLN B 1348 -52.44 -40.10 -7.03
CA GLN B 1348 -52.14 -38.97 -6.15
C GLN B 1348 -52.93 -37.74 -6.55
N MET B 1349 -53.04 -37.50 -7.85
CA MET B 1349 -53.71 -36.31 -8.32
C MET B 1349 -55.19 -36.35 -8.01
N LYS B 1350 -55.81 -37.52 -8.19
CA LYS B 1350 -57.19 -37.71 -7.77
C LYS B 1350 -57.36 -37.48 -6.27
N ARG B 1351 -56.43 -37.98 -5.47
CA ARG B 1351 -56.52 -37.81 -4.03
C ARG B 1351 -56.50 -36.33 -3.65
N ILE B 1352 -55.57 -35.57 -4.22
CA ILE B 1352 -55.45 -34.16 -3.85
C ILE B 1352 -56.66 -33.37 -4.34
N ARG B 1353 -57.16 -33.68 -5.55
CA ARG B 1353 -58.35 -33.01 -6.03
C ARG B 1353 -59.56 -33.30 -5.14
N ALA B 1354 -59.70 -34.56 -4.72
CA ALA B 1354 -60.80 -34.90 -3.82
C ALA B 1354 -60.69 -34.17 -2.50
N LYS B 1355 -59.48 -34.08 -1.94
CA LYS B 1355 -59.31 -33.35 -0.69
C LYS B 1355 -59.67 -31.89 -0.84
N GLN B 1356 -59.21 -31.24 -1.91
CA GLN B 1356 -59.49 -29.83 -2.08
C GLN B 1356 -60.98 -29.58 -2.32
N GLU B 1357 -61.65 -30.44 -3.08
CA GLU B 1357 -63.08 -30.23 -3.31
C GLU B 1357 -63.88 -30.51 -2.04
N LYS B 1358 -63.46 -31.48 -1.24
CA LYS B 1358 -64.13 -31.70 0.04
C LYS B 1358 -63.97 -30.50 0.96
N TYR B 1359 -62.78 -29.89 0.97
CA TYR B 1359 -62.59 -28.66 1.74
C TYR B 1359 -63.49 -27.55 1.21
N ARG B 1360 -63.66 -27.47 -0.11
CA ARG B 1360 -64.56 -26.47 -0.69
C ARG B 1360 -65.99 -26.68 -0.22
N GLN B 1361 -66.46 -27.93 -0.25
CA GLN B 1361 -67.82 -28.20 0.23
C GLN B 1361 -67.97 -27.90 1.72
N SER B 1362 -66.93 -28.20 2.50
CA SER B 1362 -66.99 -27.90 3.93
C SER B 1362 -67.08 -26.40 4.17
N GLN B 1363 -66.34 -25.61 3.40
CA GLN B 1363 -66.39 -24.16 3.51
C GLN B 1363 -67.64 -23.56 2.87
N ALA B 1364 -68.36 -24.32 2.05
CA ALA B 1364 -69.56 -23.79 1.42
C ALA B 1364 -70.63 -23.42 2.44
N SER B 1365 -70.64 -24.08 3.59
CA SER B 1365 -71.62 -23.79 4.62
C SER B 1365 -71.15 -22.65 5.52
N THR B 1405 -55.27 -12.00 -2.92
CA THR B 1405 -56.45 -12.65 -3.49
C THR B 1405 -56.76 -13.94 -2.76
N VAL B 1406 -56.74 -15.05 -3.49
CA VAL B 1406 -57.01 -16.35 -2.88
C VAL B 1406 -55.86 -16.77 -1.98
N ILE B 1407 -54.65 -16.26 -2.24
CA ILE B 1407 -53.49 -16.62 -1.42
C ILE B 1407 -53.70 -16.18 0.02
N HIS B 1408 -54.35 -15.04 0.22
CA HIS B 1408 -54.60 -14.56 1.58
C HIS B 1408 -55.57 -15.47 2.33
N SER B 1409 -56.43 -16.19 1.60
CA SER B 1409 -57.42 -17.04 2.25
C SER B 1409 -56.74 -18.21 2.96
N GLY B 1410 -57.43 -18.73 3.97
CA GLY B 1410 -56.93 -19.82 4.78
C GLY B 1410 -57.46 -19.78 6.20
N ASP B 1411 -57.86 -20.92 6.73
CA ASP B 1411 -58.51 -20.96 8.04
C ASP B 1411 -58.28 -22.33 8.66
N TYR B 1412 -58.51 -22.41 9.98
CA TYR B 1412 -58.26 -23.63 10.73
C TYR B 1412 -59.05 -24.82 10.24
N PHE B 1413 -60.16 -24.60 9.52
CA PHE B 1413 -60.97 -25.71 9.04
C PHE B 1413 -60.21 -26.60 8.06
N LEU B 1414 -59.16 -26.07 7.43
CA LEU B 1414 -58.30 -26.88 6.57
C LEU B 1414 -57.43 -27.86 7.34
N PHE B 1415 -57.37 -27.72 8.68
CA PHE B 1415 -56.44 -28.50 9.50
C PHE B 1415 -57.16 -29.51 10.39
N GLU B 1416 -58.34 -29.96 9.99
CA GLU B 1416 -59.05 -30.96 10.76
C GLU B 1416 -58.29 -32.29 10.76
N SER B 1417 -58.21 -32.92 11.92
CA SER B 1417 -57.46 -34.17 12.08
C SER B 1417 -58.32 -35.34 11.59
N ASP B 1418 -58.47 -35.40 10.27
CA ASP B 1418 -59.26 -36.45 9.64
C ASP B 1418 -58.51 -37.08 8.47
N PHE B 1504 -0.58 -63.08 6.17
CA PHE B 1504 -1.91 -62.60 5.83
C PHE B 1504 -1.86 -61.31 5.02
N LEU B 1505 -1.02 -61.31 3.98
CA LEU B 1505 -0.86 -60.14 3.12
C LEU B 1505 -1.15 -60.42 1.65
N TRP B 1506 -0.81 -61.62 1.16
CA TRP B 1506 -1.16 -61.97 -0.22
C TRP B 1506 -2.67 -62.07 -0.39
N VAL B 1507 -3.37 -62.50 0.66
CA VAL B 1507 -4.82 -62.67 0.58
C VAL B 1507 -5.50 -61.33 0.33
N LEU B 1508 -4.96 -60.24 0.86
CA LEU B 1508 -5.57 -58.93 0.64
C LEU B 1508 -5.56 -58.56 -0.83
N GLY B 1509 -4.39 -58.64 -1.47
CA GLY B 1509 -4.30 -58.32 -2.88
C GLY B 1509 -5.10 -59.28 -3.75
N GLN B 1510 -5.05 -60.57 -3.42
CA GLN B 1510 -5.80 -61.55 -4.20
C GLN B 1510 -7.30 -61.32 -4.09
N ALA B 1511 -7.78 -60.99 -2.89
CA ALA B 1511 -9.20 -60.70 -2.71
C ALA B 1511 -9.61 -59.43 -3.44
N THR B 1512 -8.75 -58.40 -3.42
CA THR B 1512 -9.07 -57.18 -4.15
C THR B 1512 -9.15 -57.44 -5.65
N VAL B 1513 -8.20 -58.21 -6.20
CA VAL B 1513 -8.26 -58.48 -7.62
C VAL B 1513 -9.43 -59.41 -7.96
N ASP B 1514 -9.79 -60.30 -7.04
CA ASP B 1514 -10.99 -61.11 -7.24
C ASP B 1514 -12.25 -60.25 -7.29
N GLY B 1515 -12.32 -59.24 -6.41
CA GLY B 1515 -13.44 -58.31 -6.46
C GLY B 1515 -13.46 -57.53 -7.76
N LEU B 1516 -12.29 -57.11 -8.23
CA LEU B 1516 -12.22 -56.38 -9.50
C LEU B 1516 -12.69 -57.25 -10.65
N THR B 1517 -12.22 -58.50 -10.71
CA THR B 1517 -12.62 -59.36 -11.81
C THR B 1517 -14.09 -59.78 -11.70
N ARG B 1518 -14.62 -59.86 -10.47
CA ARG B 1518 -16.05 -60.08 -10.31
C ARG B 1518 -16.86 -58.91 -10.81
N TRP B 1519 -16.38 -57.69 -10.56
CA TRP B 1519 -17.04 -56.50 -11.11
C TRP B 1519 -17.00 -56.52 -12.64
N LEU B 1520 -15.86 -56.94 -13.20
CA LEU B 1520 -15.75 -57.04 -14.66
C LEU B 1520 -16.74 -58.08 -15.21
N ARG B 1521 -16.85 -59.22 -14.54
CA ARG B 1521 -17.83 -60.23 -14.95
C ARG B 1521 -19.25 -59.70 -14.86
N ALA B 1522 -19.55 -58.94 -13.80
CA ALA B 1522 -20.87 -58.35 -13.66
C ALA B 1522 -21.16 -57.38 -14.80
N PHE B 1523 -20.17 -56.58 -15.17
CA PHE B 1523 -20.34 -55.66 -16.29
C PHE B 1523 -20.53 -56.41 -17.61
N THR B 1524 -19.87 -57.55 -17.77
CA THR B 1524 -19.90 -58.29 -19.02
C THR B 1524 -20.97 -59.37 -19.09
N LYS B 1525 -21.76 -59.54 -18.02
CA LYS B 1525 -22.65 -60.70 -17.90
C LYS B 1525 -23.50 -60.94 -19.15
N HIS B 1526 -24.12 -59.89 -19.70
CA HIS B 1526 -24.98 -60.08 -20.86
C HIS B 1526 -24.20 -60.60 -22.05
N HIS B 1527 -23.03 -60.00 -22.32
CA HIS B 1527 -22.19 -60.45 -23.42
C HIS B 1527 -21.72 -61.87 -23.19
N ARG B 1528 -21.36 -62.19 -21.94
CA ARG B 1528 -20.96 -63.55 -21.61
C ARG B 1528 -22.09 -64.53 -21.95
N THR B 1529 -23.32 -64.18 -21.59
CA THR B 1529 -24.45 -65.07 -21.82
C THR B 1529 -24.68 -65.30 -23.31
N MET B 1530 -24.75 -64.21 -24.09
CA MET B 1530 -25.02 -64.39 -25.52
C MET B 1530 -23.86 -65.09 -26.21
N SER B 1531 -22.62 -64.75 -25.85
CA SER B 1531 -21.48 -65.43 -26.44
C SER B 1531 -21.49 -66.92 -26.10
N ASP B 1532 -21.82 -67.26 -24.86
CA ASP B 1532 -21.84 -68.67 -24.46
C ASP B 1532 -22.91 -69.44 -25.22
N VAL B 1533 -24.12 -68.89 -25.30
CA VAL B 1533 -25.18 -69.62 -26.01
C VAL B 1533 -24.84 -69.74 -27.49
N LEU B 1534 -24.32 -68.68 -28.09
CA LEU B 1534 -23.97 -68.72 -29.51
C LEU B 1534 -22.84 -69.71 -29.77
N CYS B 1535 -21.84 -69.75 -28.89
CA CYS B 1535 -20.71 -70.66 -29.10
C CYS B 1535 -21.13 -72.11 -28.88
N ALA B 1536 -22.01 -72.37 -27.91
CA ALA B 1536 -22.54 -73.72 -27.75
C ALA B 1536 -23.32 -74.14 -28.99
N GLU B 1537 -24.15 -73.24 -29.52
CA GLU B 1537 -24.88 -73.56 -30.74
C GLU B 1537 -23.93 -73.86 -31.89
N ARG B 1538 -22.91 -73.02 -32.07
CA ARG B 1538 -21.96 -73.23 -33.16
C ARG B 1538 -21.20 -74.53 -32.99
N TYR B 1539 -20.84 -74.88 -31.76
CA TYR B 1539 -20.16 -76.14 -31.51
C TYR B 1539 -21.05 -77.31 -31.91
N LEU B 1540 -22.32 -77.26 -31.54
CA LEU B 1540 -23.20 -78.38 -31.92
C LEU B 1540 -23.44 -78.41 -33.43
N LEU B 1541 -23.52 -77.26 -34.10
CA LEU B 1541 -23.67 -77.27 -35.54
C LEU B 1541 -22.46 -77.87 -36.23
N THR B 1542 -21.25 -77.51 -35.78
CA THR B 1542 -20.07 -78.04 -36.45
C THR B 1542 -19.81 -79.49 -36.10
N GLN B 1543 -20.23 -79.95 -34.91
CA GLN B 1543 -20.21 -81.36 -34.62
C GLN B 1543 -21.21 -82.12 -35.49
N GLU B 1544 -22.36 -81.50 -35.77
CA GLU B 1544 -23.33 -82.11 -36.66
C GLU B 1544 -22.85 -82.08 -38.11
N LEU B 1545 -22.03 -81.10 -38.48
CA LEU B 1545 -21.71 -80.87 -39.88
C LEU B 1545 -20.78 -81.94 -40.42
N LEU B 1546 -21.37 -83.00 -40.99
CA LEU B 1546 -20.60 -84.03 -41.67
C LEU B 1546 -20.38 -83.69 -43.14
N ARG B 1547 -21.48 -83.46 -43.87
CA ARG B 1547 -21.40 -83.11 -45.28
C ARG B 1547 -22.55 -82.18 -45.66
N ARG B 1552 -32.25 -77.16 -42.57
CA ARG B 1552 -32.76 -75.84 -42.21
C ARG B 1552 -32.57 -75.58 -40.72
N ARG B 1553 -33.43 -74.73 -40.16
CA ARG B 1553 -33.37 -74.46 -38.72
C ARG B 1553 -33.80 -75.65 -37.88
N GLY B 1554 -34.49 -76.62 -38.50
CA GLY B 1554 -34.99 -77.76 -37.74
C GLY B 1554 -33.89 -78.58 -37.10
N VAL B 1555 -32.74 -78.69 -37.76
CA VAL B 1555 -31.62 -79.43 -37.18
C VAL B 1555 -31.03 -78.72 -35.98
N LEU B 1556 -31.36 -77.46 -35.76
CA LEU B 1556 -30.88 -76.71 -34.60
C LEU B 1556 -31.77 -76.89 -33.38
N ASP B 1557 -32.85 -77.66 -33.48
CA ASP B 1557 -33.78 -77.88 -32.38
C ASP B 1557 -33.42 -79.13 -31.58
N GLN B 1558 -32.14 -79.52 -31.55
CA GLN B 1558 -31.73 -80.71 -30.81
C GLN B 1558 -32.01 -80.56 -29.32
N LEU B 1559 -31.98 -79.33 -28.81
CA LEU B 1559 -32.24 -79.08 -27.40
C LEU B 1559 -33.70 -79.36 -27.05
N GLU B 1647 -38.23 -65.53 -28.21
CA GLU B 1647 -36.92 -65.96 -27.75
C GLU B 1647 -36.52 -65.22 -26.48
N LEU B 1648 -35.60 -65.82 -25.72
CA LEU B 1648 -35.14 -65.22 -24.47
C LEU B 1648 -33.78 -65.85 -24.12
N LEU B 1649 -33.15 -65.27 -23.10
CA LEU B 1649 -31.88 -65.78 -22.60
C LEU B 1649 -32.15 -67.05 -21.78
N LEU B 1650 -32.37 -68.15 -22.50
CA LEU B 1650 -32.75 -69.42 -21.91
C LEU B 1650 -31.59 -70.41 -22.02
N ASP B 1651 -31.23 -71.01 -20.90
CA ASP B 1651 -30.18 -72.02 -20.85
C ASP B 1651 -30.75 -73.44 -20.84
N ARG B 1652 -32.06 -73.59 -20.98
CA ARG B 1652 -32.71 -74.90 -20.94
C ARG B 1652 -32.36 -75.66 -22.23
N ARG B 1653 -31.41 -76.58 -22.13
CA ARG B 1653 -30.93 -77.34 -23.27
C ARG B 1653 -30.19 -78.56 -22.77
N LEU B 1654 -29.74 -79.40 -23.71
CA LEU B 1654 -28.92 -80.55 -23.37
C LEU B 1654 -27.49 -80.07 -23.06
N HIS B 1655 -26.64 -81.02 -22.67
CA HIS B 1655 -25.27 -80.71 -22.27
C HIS B 1655 -24.29 -81.54 -23.09
N ILE B 1656 -23.14 -80.93 -23.39
CA ILE B 1656 -22.05 -81.58 -24.09
C ILE B 1656 -20.87 -81.64 -23.13
N PRO B 1657 -20.30 -82.82 -22.88
CA PRO B 1657 -19.21 -82.91 -21.88
C PRO B 1657 -17.99 -82.08 -22.20
N GLU B 1658 -17.66 -81.90 -23.49
CA GLU B 1658 -16.46 -81.15 -23.84
C GLU B 1658 -16.55 -79.70 -23.41
N LEU B 1659 -17.71 -79.07 -23.61
CA LEU B 1659 -17.88 -77.68 -23.18
C LEU B 1659 -17.81 -77.57 -21.67
N GLU B 1660 -18.39 -78.52 -20.94
CA GLU B 1660 -18.31 -78.51 -19.49
C GLU B 1660 -16.87 -78.65 -19.01
N GLU B 1661 -16.10 -79.54 -19.65
CA GLU B 1661 -14.70 -79.69 -19.29
C GLU B 1661 -13.91 -78.43 -19.61
N ALA B 1662 -14.22 -77.77 -20.73
CA ALA B 1662 -13.55 -76.52 -21.06
C ALA B 1662 -13.86 -75.44 -20.04
N GLU B 1663 -15.12 -75.35 -19.60
CA GLU B 1663 -15.49 -74.39 -18.57
C GLU B 1663 -14.77 -74.69 -17.26
N ARG B 1664 -14.69 -75.96 -16.89
CA ARG B 1664 -13.94 -76.33 -15.68
C ARG B 1664 -12.48 -75.94 -15.80
N PHE B 1665 -11.87 -76.19 -16.96
CA PHE B 1665 -10.46 -75.88 -17.13
C PHE B 1665 -10.20 -74.38 -17.09
N GLU B 1666 -11.06 -73.58 -17.75
CA GLU B 1666 -10.88 -72.13 -17.67
C GLU B 1666 -11.16 -71.61 -16.27
N ALA B 1667 -11.95 -72.34 -15.47
CA ALA B 1667 -12.03 -72.02 -14.06
C ALA B 1667 -10.74 -72.39 -13.32
N GLN B 1668 -10.05 -73.44 -13.78
CA GLN B 1668 -8.80 -73.85 -13.14
C GLN B 1668 -7.71 -72.80 -13.30
N GLN B 1669 -7.72 -72.04 -14.39
CA GLN B 1669 -6.65 -71.11 -14.71
C GLN B 1669 -6.93 -69.70 -14.21
N GLY B 1670 -7.64 -69.55 -13.10
CA GLY B 1670 -7.94 -68.24 -12.56
C GLY B 1670 -6.87 -67.65 -11.67
N ARG B 1671 -5.71 -68.29 -11.57
CA ARG B 1671 -4.68 -67.84 -10.64
C ARG B 1671 -4.13 -66.47 -11.03
N THR B 1672 -3.72 -66.32 -12.29
CA THR B 1672 -3.04 -65.10 -12.73
C THR B 1672 -3.59 -64.47 -14.01
N LEU B 1673 -4.35 -65.20 -14.81
CA LEU B 1673 -4.91 -64.64 -16.04
C LEU B 1673 -6.37 -64.26 -15.90
N ARG B 1674 -6.97 -64.45 -14.72
CA ARG B 1674 -8.39 -64.15 -14.55
C ARG B 1674 -8.67 -62.67 -14.79
N LEU B 1675 -7.86 -61.79 -14.20
CA LEU B 1675 -8.08 -60.35 -14.36
C LEU B 1675 -7.88 -59.92 -15.81
N LEU B 1676 -6.81 -60.41 -16.46
CA LEU B 1676 -6.56 -59.99 -17.83
C LEU B 1676 -7.56 -60.59 -18.80
N ARG B 1677 -8.00 -61.84 -18.55
CA ARG B 1677 -9.04 -62.43 -19.37
C ARG B 1677 -10.34 -61.65 -19.22
N ALA B 1678 -10.67 -61.25 -17.99
CA ALA B 1678 -11.88 -60.46 -17.77
C ALA B 1678 -11.78 -59.11 -18.46
N GLY B 1679 -10.61 -58.47 -18.41
CA GLY B 1679 -10.43 -57.21 -19.10
C GLY B 1679 -10.55 -57.33 -20.61
N TYR B 1680 -9.97 -58.40 -21.17
CA TYR B 1680 -10.09 -58.63 -22.61
C TYR B 1680 -11.54 -58.90 -22.98
N GLN B 1681 -12.25 -59.67 -22.17
CA GLN B 1681 -13.68 -59.90 -22.42
C GLN B 1681 -14.46 -58.61 -22.34
N CYS B 1682 -14.08 -57.71 -21.42
CA CYS B 1682 -14.76 -56.43 -21.31
C CYS B 1682 -14.55 -55.58 -22.55
N VAL B 1683 -13.29 -55.47 -22.99
CA VAL B 1683 -13.01 -54.65 -24.17
C VAL B 1683 -13.58 -55.28 -25.44
N ALA B 1684 -13.78 -56.60 -25.45
CA ALA B 1684 -14.45 -57.23 -26.59
C ALA B 1684 -15.96 -57.01 -26.53
N ALA B 1685 -16.54 -57.09 -25.34
CA ALA B 1685 -17.98 -56.91 -25.19
C ALA B 1685 -18.39 -55.48 -25.52
N HIS B 1686 -17.63 -54.50 -25.05
CA HIS B 1686 -17.95 -53.11 -25.36
C HIS B 1686 -17.48 -52.77 -26.77
N SER B 1687 -16.17 -52.80 -26.99
CA SER B 1687 -15.54 -52.74 -28.31
C SER B 1687 -15.92 -51.50 -29.11
N GLU B 1688 -16.61 -50.54 -28.52
CA GLU B 1688 -17.05 -49.39 -29.29
C GLU B 1688 -16.68 -48.07 -28.65
N LEU B 1689 -16.77 -47.96 -27.31
CA LEU B 1689 -16.42 -46.69 -26.68
C LEU B 1689 -14.92 -46.45 -26.72
N LEU B 1690 -14.11 -47.51 -26.75
CA LEU B 1690 -12.68 -47.33 -26.90
C LEU B 1690 -12.31 -46.86 -28.31
N CYS B 1691 -13.15 -47.15 -29.31
CA CYS B 1691 -12.97 -46.51 -30.61
C CYS B 1691 -13.11 -45.00 -30.48
N TYR B 1692 -14.13 -44.56 -29.73
CA TYR B 1692 -14.28 -43.14 -29.43
C TYR B 1692 -13.09 -42.62 -28.63
N PHE B 1693 -12.59 -43.43 -27.71
CA PHE B 1693 -11.45 -43.03 -26.90
C PHE B 1693 -10.24 -42.76 -27.79
N ILE B 1694 -9.90 -43.71 -28.65
CA ILE B 1694 -8.74 -43.56 -29.53
C ILE B 1694 -8.96 -42.42 -30.50
N ILE B 1695 -10.19 -42.26 -31.00
CA ILE B 1695 -10.43 -41.22 -31.99
C ILE B 1695 -10.16 -39.85 -31.38
N ILE B 1696 -10.62 -39.64 -30.13
CA ILE B 1696 -10.38 -38.34 -29.53
C ILE B 1696 -8.96 -38.18 -29.02
N LEU B 1697 -8.29 -39.26 -28.62
CA LEU B 1697 -6.88 -39.14 -28.26
C LEU B 1697 -6.03 -38.78 -29.47
N ASN B 1698 -6.30 -39.40 -30.62
CA ASN B 1698 -5.54 -39.04 -31.82
C ASN B 1698 -5.85 -37.60 -32.26
N HIS B 1699 -7.12 -37.20 -32.22
CA HIS B 1699 -7.45 -35.82 -32.53
C HIS B 1699 -6.85 -34.87 -31.51
N MET B 1700 -6.64 -35.32 -30.28
CA MET B 1700 -6.10 -34.50 -29.21
C MET B 1700 -4.58 -34.50 -29.22
N VAL B 1701 -3.95 -35.60 -29.62
CA VAL B 1701 -2.51 -35.74 -29.54
C VAL B 1701 -1.93 -35.24 -30.86
N THR B 1702 -1.63 -33.93 -30.90
CA THR B 1702 -0.74 -33.33 -31.89
C THR B 1702 -1.35 -33.35 -33.30
N ALA B 1703 -2.51 -33.98 -33.47
CA ALA B 1703 -3.19 -34.00 -34.76
C ALA B 1703 -4.32 -32.97 -34.81
N SER B 1704 -4.12 -31.83 -34.16
CA SER B 1704 -5.13 -30.78 -34.13
C SER B 1704 -5.38 -30.16 -35.50
N ALA B 1705 -4.49 -30.40 -36.47
CA ALA B 1705 -4.63 -29.76 -37.77
C ALA B 1705 -5.85 -30.27 -38.52
N ALA B 1706 -5.90 -31.58 -38.81
CA ALA B 1706 -6.93 -32.13 -39.68
C ALA B 1706 -7.72 -33.26 -39.05
N SER B 1707 -7.34 -33.76 -37.88
CA SER B 1707 -8.08 -34.87 -37.28
C SER B 1707 -9.40 -34.40 -36.68
N LEU B 1708 -9.47 -33.13 -36.24
CA LEU B 1708 -10.61 -32.65 -35.46
C LEU B 1708 -11.93 -32.76 -36.20
N VAL B 1709 -11.91 -32.83 -37.54
CA VAL B 1709 -13.16 -32.98 -38.28
C VAL B 1709 -13.86 -34.28 -37.90
N LEU B 1710 -13.09 -35.34 -37.70
CA LEU B 1710 -13.67 -36.67 -37.54
C LEU B 1710 -14.38 -36.87 -36.21
N PRO B 1711 -13.88 -36.40 -35.06
CA PRO B 1711 -14.70 -36.46 -33.83
C PRO B 1711 -16.00 -35.70 -33.94
N VAL B 1712 -16.00 -34.57 -34.65
CA VAL B 1712 -17.23 -33.79 -34.80
C VAL B 1712 -18.31 -34.65 -35.42
N LEU B 1713 -17.98 -35.34 -36.52
CA LEU B 1713 -18.94 -36.27 -37.11
C LEU B 1713 -19.48 -37.22 -36.06
N VAL B 1714 -18.59 -37.81 -35.26
CA VAL B 1714 -19.03 -38.69 -34.18
C VAL B 1714 -20.10 -38.00 -33.35
N PHE B 1715 -19.75 -36.84 -32.79
CA PHE B 1715 -20.63 -36.16 -31.84
C PHE B 1715 -21.97 -35.85 -32.47
N LEU B 1716 -22.00 -35.72 -33.80
CA LEU B 1716 -23.25 -35.38 -34.48
C LEU B 1716 -23.85 -36.54 -35.25
N TRP B 1717 -23.10 -37.58 -35.54
CA TRP B 1717 -23.62 -38.61 -36.43
C TRP B 1717 -23.61 -40.00 -35.81
N ALA B 1718 -22.51 -40.39 -35.16
CA ALA B 1718 -22.41 -41.73 -34.63
C ALA B 1718 -23.37 -41.94 -33.48
N MET B 1719 -23.52 -40.94 -32.62
CA MET B 1719 -24.16 -41.09 -31.33
C MET B 1719 -25.47 -40.31 -31.20
N LEU B 1720 -26.13 -40.02 -32.32
CA LEU B 1720 -27.45 -39.39 -32.31
C LEU B 1720 -28.48 -40.15 -33.13
N THR B 1721 -28.04 -40.80 -34.21
CA THR B 1721 -28.97 -41.35 -35.18
C THR B 1721 -29.78 -42.52 -34.63
N ILE B 1722 -29.08 -43.60 -34.26
CA ILE B 1722 -29.69 -44.88 -33.90
C ILE B 1722 -28.76 -45.53 -32.89
N PRO B 1723 -29.26 -46.35 -31.94
CA PRO B 1723 -28.36 -47.09 -31.04
C PRO B 1723 -27.24 -47.83 -31.76
N ARG B 1724 -27.39 -48.09 -33.05
CA ARG B 1724 -26.30 -48.60 -33.87
C ARG B 1724 -25.79 -47.50 -34.80
N PRO B 1725 -24.59 -46.95 -34.55
CA PRO B 1725 -24.03 -45.96 -35.50
C PRO B 1725 -23.86 -46.50 -36.90
N SER B 1726 -23.55 -47.80 -37.02
CA SER B 1726 -23.77 -48.61 -38.21
C SER B 1726 -22.71 -48.48 -39.31
N LYS B 1727 -22.97 -49.23 -40.38
CA LYS B 1727 -21.95 -49.50 -41.39
C LYS B 1727 -21.51 -48.23 -42.09
N ARG B 1728 -22.46 -47.33 -42.40
CA ARG B 1728 -22.11 -46.13 -43.15
C ARG B 1728 -21.12 -45.27 -42.36
N PHE B 1729 -21.41 -45.02 -41.09
CA PHE B 1729 -20.48 -44.25 -40.26
C PHE B 1729 -19.14 -44.95 -40.15
N TRP B 1730 -19.16 -46.26 -39.91
CA TRP B 1730 -17.89 -46.96 -39.72
C TRP B 1730 -17.03 -46.92 -40.98
N MET B 1731 -17.64 -47.16 -42.15
CA MET B 1731 -16.87 -47.14 -43.39
C MET B 1731 -16.34 -45.75 -43.69
N THR B 1732 -17.16 -44.72 -43.46
CA THR B 1732 -16.67 -43.36 -43.70
C THR B 1732 -15.49 -43.02 -42.80
N ALA B 1733 -15.61 -43.35 -41.50
CA ALA B 1733 -14.52 -43.05 -40.59
C ALA B 1733 -13.25 -43.81 -40.96
N ILE B 1734 -13.38 -45.09 -41.32
CA ILE B 1734 -12.19 -45.87 -41.61
C ILE B 1734 -11.55 -45.45 -42.92
N VAL B 1735 -12.34 -45.15 -43.94
CA VAL B 1735 -11.76 -44.69 -45.19
C VAL B 1735 -11.08 -43.34 -44.96
N PHE B 1736 -11.64 -42.51 -44.08
CA PHE B 1736 -10.98 -41.25 -43.73
C PHE B 1736 -9.63 -41.51 -43.08
N THR B 1737 -9.57 -42.46 -42.14
CA THR B 1737 -8.29 -42.75 -41.48
C THR B 1737 -7.27 -43.27 -42.48
N GLU B 1738 -7.68 -44.19 -43.36
CA GLU B 1738 -6.75 -44.76 -44.33
C GLU B 1738 -6.24 -43.69 -45.30
N VAL B 1739 -7.14 -42.83 -45.79
CA VAL B 1739 -6.68 -41.80 -46.70
C VAL B 1739 -5.78 -40.81 -45.98
N MET B 1740 -6.06 -40.52 -44.70
CA MET B 1740 -5.23 -39.55 -44.01
C MET B 1740 -3.83 -40.13 -43.81
N VAL B 1741 -3.73 -41.41 -43.45
CA VAL B 1741 -2.41 -41.99 -43.23
C VAL B 1741 -1.63 -42.08 -44.54
N VAL B 1742 -2.30 -42.41 -45.65
CA VAL B 1742 -1.56 -42.48 -46.92
C VAL B 1742 -1.13 -41.09 -47.36
N THR B 1743 -1.95 -40.06 -47.12
CA THR B 1743 -1.53 -38.70 -47.42
C THR B 1743 -0.38 -38.26 -46.52
N LYS B 1744 -0.39 -38.66 -45.24
CA LYS B 1744 0.72 -38.34 -44.36
C LYS B 1744 2.01 -38.99 -44.85
N TYR B 1745 1.91 -40.24 -45.31
CA TYR B 1745 3.10 -40.92 -45.84
C TYR B 1745 3.60 -40.25 -47.12
N LEU B 1746 2.70 -39.85 -48.03
CA LEU B 1746 3.17 -39.21 -49.25
C LEU B 1746 3.76 -37.84 -48.96
N PHE B 1747 3.15 -37.07 -48.07
CA PHE B 1747 3.67 -35.77 -47.70
C PHE B 1747 4.89 -35.86 -46.80
N GLN B 1748 5.20 -37.04 -46.28
CA GLN B 1748 6.41 -37.23 -45.49
C GLN B 1748 7.67 -37.23 -46.35
N PHE B 1749 7.53 -37.49 -47.65
CA PHE B 1749 8.68 -37.53 -48.54
C PHE B 1749 9.12 -36.12 -48.92
N GLY B 1750 10.33 -36.03 -49.47
CA GLY B 1750 10.90 -34.77 -49.91
C GLY B 1750 10.62 -34.40 -51.34
N PHE B 1751 9.80 -35.17 -52.05
CA PHE B 1751 9.48 -34.86 -53.44
C PHE B 1751 8.50 -33.71 -53.60
N PHE B 1752 7.89 -33.25 -52.52
CA PHE B 1752 6.93 -32.15 -52.58
C PHE B 1752 7.28 -31.07 -51.56
N TYR B 1782 2.34 -39.86 -35.59
CA TYR B 1782 1.71 -39.97 -36.89
C TYR B 1782 1.25 -41.40 -37.16
N ILE B 1783 2.17 -42.23 -37.66
CA ILE B 1783 1.84 -43.63 -37.94
C ILE B 1783 1.51 -44.36 -36.65
N LYS B 1784 2.27 -44.08 -35.58
CA LYS B 1784 2.08 -44.81 -34.33
C LYS B 1784 0.69 -44.57 -33.75
N TYR B 1785 0.23 -43.32 -33.78
CA TYR B 1785 -1.09 -43.01 -33.22
C TYR B 1785 -2.20 -43.57 -34.10
N ASP B 1786 -2.05 -43.46 -35.42
CA ASP B 1786 -3.15 -43.84 -36.30
C ASP B 1786 -3.27 -45.34 -36.51
N LEU B 1787 -2.17 -46.09 -36.41
CA LEU B 1787 -2.30 -47.54 -36.55
C LEU B 1787 -3.23 -48.10 -35.49
N VAL B 1788 -3.23 -47.47 -34.31
CA VAL B 1788 -4.16 -47.88 -33.25
C VAL B 1788 -5.61 -47.65 -33.68
N GLN B 1789 -5.88 -46.50 -34.30
CA GLN B 1789 -7.22 -46.25 -34.83
C GLN B 1789 -7.61 -47.31 -35.86
N LEU B 1790 -6.70 -47.62 -36.78
CA LEU B 1790 -7.00 -48.61 -37.81
C LEU B 1790 -7.33 -49.96 -37.19
N MET B 1791 -6.48 -50.45 -36.28
CA MET B 1791 -6.74 -51.76 -35.70
C MET B 1791 -8.02 -51.75 -34.88
N ALA B 1792 -8.29 -50.67 -34.14
CA ALA B 1792 -9.50 -50.60 -33.34
C ALA B 1792 -10.74 -50.62 -34.22
N LEU B 1793 -10.73 -49.84 -35.31
CA LEU B 1793 -11.92 -49.76 -36.17
C LEU B 1793 -12.17 -51.08 -36.88
N PHE B 1794 -11.11 -51.70 -37.41
CA PHE B 1794 -11.26 -53.03 -38.02
C PHE B 1794 -11.69 -54.08 -37.00
N PHE B 1795 -11.15 -54.04 -35.79
CA PHE B 1795 -11.53 -55.03 -34.80
C PHE B 1795 -12.99 -54.88 -34.41
N HIS B 1796 -13.45 -53.63 -34.24
CA HIS B 1796 -14.85 -53.40 -33.93
C HIS B 1796 -15.76 -53.81 -35.08
N ARG B 1797 -15.36 -53.51 -36.31
CA ARG B 1797 -16.17 -53.92 -37.46
C ARG B 1797 -16.25 -55.44 -37.55
N SER B 1798 -15.14 -56.13 -37.30
CA SER B 1798 -15.17 -57.59 -37.28
C SER B 1798 -16.05 -58.11 -36.16
N GLN B 1799 -16.00 -57.47 -34.99
CA GLN B 1799 -16.83 -57.89 -33.87
C GLN B 1799 -18.30 -57.73 -34.18
N LEU B 1800 -18.68 -56.65 -34.87
CA LEU B 1800 -20.08 -56.44 -35.23
C LEU B 1800 -20.58 -57.56 -36.14
N LEU B 1801 -19.86 -57.81 -37.24
CA LEU B 1801 -20.08 -58.95 -38.14
C LEU B 1801 -21.54 -59.11 -38.58
N CYS B 1802 -22.34 -58.05 -38.47
CA CYS B 1802 -23.73 -58.09 -38.89
C CYS B 1802 -24.18 -56.71 -39.33
N TYR B 1803 -24.94 -56.67 -40.43
CA TYR B 1803 -25.41 -55.41 -40.99
C TYR B 1803 -26.92 -55.43 -41.18
N GLN B 1956 -30.35 -36.19 -50.55
CA GLN B 1956 -30.66 -34.85 -50.06
C GLN B 1956 -31.74 -34.82 -48.96
N PRO B 1957 -32.90 -35.45 -49.17
CA PRO B 1957 -33.93 -35.44 -48.13
C PRO B 1957 -33.67 -36.43 -46.99
N LEU B 1958 -32.67 -37.30 -47.13
CA LEU B 1958 -32.37 -38.26 -46.06
C LEU B 1958 -31.85 -37.55 -44.82
N GLN B 1959 -31.23 -36.37 -44.98
CA GLN B 1959 -30.81 -35.59 -43.82
C GLN B 1959 -32.03 -35.14 -43.01
N ARG B 1960 -33.05 -34.62 -43.68
CA ARG B 1960 -34.28 -34.25 -43.00
C ARG B 1960 -34.99 -35.48 -42.43
N PHE B 1961 -34.90 -36.62 -43.13
CA PHE B 1961 -35.46 -37.86 -42.59
C PHE B 1961 -34.79 -38.24 -41.28
N PHE B 1962 -33.46 -38.16 -41.24
CA PHE B 1962 -32.72 -38.49 -40.02
C PHE B 1962 -33.04 -37.49 -38.91
N HIS B 1963 -33.20 -36.21 -39.27
CA HIS B 1963 -33.61 -35.22 -38.28
C HIS B 1963 -34.97 -35.55 -37.70
N ASP B 1964 -35.90 -36.02 -38.54
CA ASP B 1964 -37.20 -36.47 -38.05
C ASP B 1964 -37.04 -37.68 -37.13
N ILE B 1965 -36.15 -38.61 -37.49
CA ILE B 1965 -35.90 -39.75 -36.62
C ILE B 1965 -35.36 -39.31 -35.26
N LEU B 1966 -34.63 -38.19 -35.23
CA LEU B 1966 -34.12 -37.65 -33.98
C LEU B 1966 -35.24 -37.13 -33.07
N HIS B 1967 -36.44 -36.92 -33.61
CA HIS B 1967 -37.59 -36.46 -32.83
C HIS B 1967 -38.76 -37.40 -33.12
N THR B 1968 -38.83 -38.50 -32.38
CA THR B 1968 -39.89 -39.47 -32.56
C THR B 1968 -40.62 -39.75 -31.24
N LYS B 1969 -39.90 -39.64 -30.13
CA LYS B 1969 -40.44 -39.90 -28.79
C LYS B 1969 -40.96 -41.34 -28.69
N TYR B 1970 -40.03 -42.29 -28.91
CA TYR B 1970 -40.36 -43.70 -28.80
C TYR B 1970 -39.27 -44.51 -28.12
N ARG B 1971 -38.33 -43.87 -27.43
CA ARG B 1971 -37.21 -44.55 -26.81
C ARG B 1971 -37.50 -44.81 -25.33
N ALA B 1972 -36.49 -45.33 -24.63
CA ALA B 1972 -36.63 -45.61 -23.21
C ALA B 1972 -36.90 -44.34 -22.41
N ALA B 1973 -36.35 -43.21 -22.87
CA ALA B 1973 -36.63 -41.90 -22.29
C ALA B 1973 -36.28 -41.85 -20.80
N THR B 1974 -34.98 -41.92 -20.54
CA THR B 1974 -34.46 -41.69 -19.21
C THR B 1974 -33.69 -40.37 -19.18
N ASP B 1975 -33.68 -39.74 -18.00
CA ASP B 1975 -33.01 -38.46 -17.80
C ASP B 1975 -31.89 -38.64 -16.78
N VAL B 1976 -30.69 -38.19 -17.14
CA VAL B 1976 -29.53 -38.19 -16.25
C VAL B 1976 -28.95 -36.79 -16.27
N TYR B 1977 -29.35 -35.95 -15.32
CA TYR B 1977 -28.93 -34.55 -15.46
C TYR B 1977 -27.79 -34.20 -14.51
N ALA B 1978 -27.69 -34.87 -13.36
CA ALA B 1978 -26.59 -34.57 -12.45
C ALA B 1978 -25.23 -34.81 -13.10
N LEU B 1979 -25.18 -35.68 -14.11
CA LEU B 1979 -23.89 -36.07 -14.67
C LEU B 1979 -23.21 -34.94 -15.45
N MET B 1980 -23.93 -34.28 -16.37
CA MET B 1980 -23.26 -33.20 -17.10
C MET B 1980 -23.07 -31.97 -16.23
N PHE B 1981 -23.92 -31.78 -15.22
CA PHE B 1981 -23.64 -30.73 -14.23
C PHE B 1981 -22.34 -31.00 -13.49
N LEU B 1982 -22.14 -32.24 -13.05
CA LEU B 1982 -20.90 -32.60 -12.38
C LEU B 1982 -19.71 -32.48 -13.32
N ALA B 1983 -19.90 -32.85 -14.59
CA ALA B 1983 -18.83 -32.70 -15.58
C ALA B 1983 -18.46 -31.24 -15.76
N ASP B 1984 -19.46 -30.36 -15.82
CA ASP B 1984 -19.19 -28.93 -15.94
C ASP B 1984 -18.49 -28.41 -14.70
N ILE B 1985 -18.88 -28.89 -13.52
CA ILE B 1985 -18.23 -28.45 -12.29
C ILE B 1985 -16.76 -28.89 -12.26
N VAL B 1986 -16.50 -30.14 -12.65
CA VAL B 1986 -15.13 -30.63 -12.71
C VAL B 1986 -14.34 -29.84 -13.75
N ASP B 1987 -14.99 -29.47 -14.86
CA ASP B 1987 -14.37 -28.62 -15.85
C ASP B 1987 -14.00 -27.26 -15.28
N ILE B 1988 -14.87 -26.71 -14.42
CA ILE B 1988 -14.56 -25.44 -13.75
C ILE B 1988 -13.37 -25.60 -12.81
N ILE B 1989 -13.31 -26.72 -12.09
CA ILE B 1989 -12.16 -26.95 -11.21
C ILE B 1989 -10.88 -27.05 -12.04
N ILE B 1990 -10.94 -27.74 -13.18
CA ILE B 1990 -9.77 -27.87 -14.04
C ILE B 1990 -9.34 -26.52 -14.58
N ILE B 1991 -10.30 -25.71 -15.02
CA ILE B 1991 -9.98 -24.40 -15.58
C ILE B 1991 -9.39 -23.50 -14.50
N ILE B 1992 -9.84 -23.63 -13.25
CA ILE B 1992 -9.28 -22.82 -12.18
C ILE B 1992 -7.86 -23.27 -11.85
N PHE B 1993 -7.64 -24.58 -11.81
CA PHE B 1993 -6.30 -25.10 -11.55
C PHE B 1993 -5.34 -24.90 -12.71
N GLY B 1994 -5.83 -24.55 -13.90
CA GLY B 1994 -4.99 -24.38 -15.06
C GLY B 1994 -4.22 -23.08 -15.09
N PHE B 1995 -3.54 -22.75 -13.99
CA PHE B 1995 -2.73 -21.55 -13.91
C PHE B 1995 -1.33 -21.77 -13.34
N TRP B 1996 -1.10 -22.86 -12.60
CA TRP B 1996 0.19 -23.10 -11.99
C TRP B 1996 0.37 -24.58 -11.64
N GLN B 2015 -2.72 -15.22 -24.84
CA GLN B 2015 -2.23 -16.01 -23.73
C GLN B 2015 -3.29 -17.00 -23.24
N VAL B 2016 -2.86 -18.22 -22.93
CA VAL B 2016 -3.79 -19.23 -22.44
C VAL B 2016 -4.46 -18.79 -21.14
N PRO B 2017 -3.76 -18.23 -20.16
CA PRO B 2017 -4.46 -17.71 -18.97
C PRO B 2017 -5.47 -16.63 -19.29
N GLN B 2018 -5.21 -15.81 -20.31
CA GLN B 2018 -6.17 -14.79 -20.70
C GLN B 2018 -7.42 -15.40 -21.30
N ALA B 2019 -7.27 -16.41 -22.18
CA ALA B 2019 -8.42 -17.10 -22.75
C ALA B 2019 -9.16 -17.93 -21.71
N PHE B 2020 -8.50 -18.28 -20.60
CA PHE B 2020 -9.16 -19.03 -19.55
C PHE B 2020 -10.38 -18.28 -19.02
N LEU B 2021 -10.26 -16.96 -18.87
CA LEU B 2021 -11.39 -16.17 -18.39
C LEU B 2021 -12.57 -16.25 -19.36
N PHE B 2022 -12.31 -16.06 -20.65
CA PHE B 2022 -13.40 -16.09 -21.63
C PHE B 2022 -14.07 -17.46 -21.67
N MET B 2023 -13.27 -18.52 -21.66
CA MET B 2023 -13.86 -19.85 -21.70
C MET B 2023 -14.59 -20.17 -20.39
N LEU B 2024 -14.14 -19.62 -19.27
CA LEU B 2024 -14.86 -19.78 -18.01
C LEU B 2024 -16.23 -19.11 -18.06
N LEU B 2025 -16.26 -17.86 -18.56
CA LEU B 2025 -17.55 -17.18 -18.64
C LEU B 2025 -18.50 -17.89 -19.61
N VAL B 2026 -18.00 -18.33 -20.76
CA VAL B 2026 -18.89 -19.00 -21.69
C VAL B 2026 -19.34 -20.33 -21.12
N GLN B 2027 -18.52 -20.96 -20.27
CA GLN B 2027 -18.96 -22.17 -19.58
C GLN B 2027 -20.10 -21.87 -18.61
N PHE B 2028 -20.00 -20.76 -17.87
CA PHE B 2028 -21.12 -20.38 -17.01
C PHE B 2028 -22.39 -20.12 -17.83
N GLY B 2029 -22.23 -19.45 -18.98
CA GLY B 2029 -23.37 -19.24 -19.86
C GLY B 2029 -23.97 -20.53 -20.36
N THR B 2030 -23.11 -21.51 -20.71
CA THR B 2030 -23.62 -22.81 -21.13
C THR B 2030 -24.36 -23.50 -19.99
N MET B 2031 -23.86 -23.36 -18.76
CA MET B 2031 -24.59 -23.91 -17.62
C MET B 2031 -25.99 -23.32 -17.55
N VAL B 2032 -26.08 -21.98 -17.65
CA VAL B 2032 -27.37 -21.31 -17.55
C VAL B 2032 -28.31 -21.79 -18.65
N ILE B 2033 -27.80 -21.86 -19.88
CA ILE B 2033 -28.69 -22.16 -21.00
C ILE B 2033 -29.04 -23.65 -21.05
N ASP B 2034 -28.16 -24.54 -20.59
CA ASP B 2034 -28.54 -25.95 -20.55
C ASP B 2034 -29.58 -26.21 -19.46
N ARG B 2035 -29.46 -25.53 -18.33
CA ARG B 2035 -30.55 -25.52 -17.35
C ARG B 2035 -31.85 -24.99 -17.96
N ALA B 2036 -31.75 -23.90 -18.72
CA ALA B 2036 -32.94 -23.36 -19.38
C ALA B 2036 -33.58 -24.40 -20.29
N LEU B 2037 -32.75 -25.08 -21.08
CA LEU B 2037 -33.24 -26.09 -22.01
C LEU B 2037 -33.86 -27.26 -21.25
N TYR B 2038 -33.24 -27.67 -20.15
CA TYR B 2038 -33.73 -28.82 -19.39
C TYR B 2038 -35.05 -28.53 -18.71
N LEU B 2039 -35.19 -27.34 -18.10
CA LEU B 2039 -36.36 -27.06 -17.29
C LEU B 2039 -37.64 -27.00 -18.13
N ARG B 2040 -37.52 -26.68 -19.42
CA ARG B 2040 -38.68 -26.63 -20.29
C ARG B 2040 -38.88 -27.93 -21.08
N LYS B 2041 -38.07 -28.95 -20.82
CA LYS B 2041 -38.21 -30.29 -21.39
C LYS B 2041 -38.08 -30.29 -22.91
N THR B 2042 -37.49 -29.25 -23.49
CA THR B 2042 -37.32 -29.21 -24.93
C THR B 2042 -36.18 -30.14 -25.37
N VAL B 2043 -36.33 -30.70 -26.57
CA VAL B 2043 -35.37 -31.65 -27.12
C VAL B 2043 -34.69 -31.11 -28.37
N LEU B 2044 -35.46 -30.52 -29.28
CA LEU B 2044 -34.87 -29.96 -30.50
C LEU B 2044 -33.92 -28.82 -30.17
N GLY B 2045 -34.31 -27.96 -29.22
CA GLY B 2045 -33.40 -26.93 -28.75
C GLY B 2045 -32.13 -27.53 -28.17
N LYS B 2046 -32.26 -28.66 -27.47
CA LYS B 2046 -31.07 -29.33 -26.94
C LYS B 2046 -30.18 -29.82 -28.06
N LEU B 2047 -30.75 -30.36 -29.14
CA LEU B 2047 -29.95 -30.78 -30.28
C LEU B 2047 -29.23 -29.60 -30.92
N ALA B 2048 -29.94 -28.48 -31.10
CA ALA B 2048 -29.31 -27.30 -31.68
C ALA B 2048 -28.18 -26.79 -30.80
N PHE B 2049 -28.42 -26.75 -29.49
CA PHE B 2049 -27.36 -26.37 -28.56
C PHE B 2049 -26.17 -27.30 -28.64
N GLN B 2050 -26.43 -28.61 -28.71
CA GLN B 2050 -25.32 -29.57 -28.78
C GLN B 2050 -24.47 -29.33 -30.01
N VAL B 2051 -25.11 -29.22 -31.18
CA VAL B 2051 -24.33 -29.07 -32.40
C VAL B 2051 -23.57 -27.74 -32.40
N VAL B 2052 -24.22 -26.64 -32.01
CA VAL B 2052 -23.52 -25.36 -32.05
C VAL B 2052 -22.39 -25.34 -31.03
N LEU B 2053 -22.62 -25.89 -29.84
CA LEU B 2053 -21.57 -25.90 -28.82
C LEU B 2053 -20.38 -26.73 -29.24
N VAL B 2054 -20.63 -27.91 -29.82
CA VAL B 2054 -19.51 -28.76 -30.20
C VAL B 2054 -18.73 -28.15 -31.36
N VAL B 2055 -19.43 -27.59 -32.35
CA VAL B 2055 -18.70 -27.00 -33.47
C VAL B 2055 -17.92 -25.78 -33.02
N ALA B 2056 -18.48 -24.99 -32.10
CA ALA B 2056 -17.76 -23.82 -31.60
C ALA B 2056 -16.54 -24.23 -30.78
N ILE B 2057 -16.70 -25.19 -29.87
CA ILE B 2057 -15.59 -25.61 -29.04
C ILE B 2057 -14.52 -26.33 -29.84
N HIS B 2058 -14.88 -26.90 -30.99
CA HIS B 2058 -13.88 -27.54 -31.83
C HIS B 2058 -13.17 -26.56 -32.74
N ILE B 2059 -13.88 -25.56 -33.28
CA ILE B 2059 -13.22 -24.54 -34.07
C ILE B 2059 -12.42 -23.60 -33.18
N TRP B 2060 -12.69 -23.62 -31.87
CA TRP B 2060 -11.94 -22.79 -30.93
C TRP B 2060 -10.48 -23.20 -30.81
N MET B 2061 -10.13 -24.41 -31.24
CA MET B 2061 -8.73 -24.86 -31.21
C MET B 2061 -7.86 -24.17 -32.23
N PHE B 2062 -8.36 -23.17 -32.96
CA PHE B 2062 -7.49 -22.35 -33.81
C PHE B 2062 -6.67 -21.37 -32.99
N PHE B 2063 -7.01 -21.16 -31.72
CA PHE B 2063 -6.25 -20.30 -30.83
C PHE B 2063 -5.46 -21.09 -29.80
N ILE B 2064 -5.40 -22.41 -29.94
CA ILE B 2064 -4.67 -23.25 -29.00
C ILE B 2064 -3.17 -23.17 -29.28
N ARG B 2071 5.82 -25.53 -22.44
CA ARG B 2071 4.54 -24.81 -22.40
C ARG B 2071 3.46 -25.61 -23.12
N MET B 2072 3.74 -26.00 -24.36
CA MET B 2072 2.79 -26.80 -25.13
C MET B 2072 2.55 -28.14 -24.45
N PHE B 2073 3.61 -28.79 -23.97
CA PHE B 2073 3.48 -30.05 -23.25
C PHE B 2073 3.44 -29.85 -21.73
N SER B 2074 3.98 -28.75 -21.22
CA SER B 2074 4.01 -28.50 -19.79
C SER B 2074 2.79 -27.72 -19.33
N GLN B 2075 2.56 -26.53 -19.89
CA GLN B 2075 1.44 -25.70 -19.50
C GLN B 2075 0.18 -26.02 -20.29
N ASN B 2076 0.31 -26.26 -21.59
CA ASN B 2076 -0.84 -26.60 -22.43
C ASN B 2076 -1.10 -28.10 -22.41
N ALA B 2077 -1.16 -28.66 -21.21
CA ALA B 2077 -1.54 -30.04 -20.98
C ALA B 2077 -2.77 -30.18 -20.09
N VAL B 2078 -3.03 -29.19 -19.22
CA VAL B 2078 -4.30 -29.14 -18.53
C VAL B 2078 -5.44 -28.86 -19.50
N ALA B 2079 -5.16 -28.07 -20.55
CA ALA B 2079 -6.19 -27.72 -21.52
C ALA B 2079 -6.72 -28.94 -22.25
N GLN B 2080 -5.83 -29.89 -22.59
CA GLN B 2080 -6.29 -31.08 -23.29
C GLN B 2080 -7.13 -31.98 -22.37
N LEU B 2081 -6.79 -32.04 -21.08
CA LEU B 2081 -7.65 -32.74 -20.13
C LEU B 2081 -9.00 -32.05 -20.00
N TRP B 2082 -8.99 -30.71 -20.01
CA TRP B 2082 -10.24 -29.95 -19.99
C TRP B 2082 -11.10 -30.28 -21.21
N TYR B 2083 -10.46 -30.39 -22.37
CA TYR B 2083 -11.16 -30.77 -23.59
C TYR B 2083 -11.70 -32.20 -23.49
N PHE B 2084 -10.97 -33.10 -22.84
CA PHE B 2084 -11.46 -34.46 -22.64
C PHE B 2084 -12.70 -34.45 -21.75
N VAL B 2085 -12.71 -33.61 -20.71
CA VAL B 2085 -13.90 -33.47 -19.87
C VAL B 2085 -15.06 -32.90 -20.69
N LYS B 2086 -14.78 -31.94 -21.55
CA LYS B 2086 -15.83 -31.47 -22.46
C LYS B 2086 -16.36 -32.61 -23.32
N CYS B 2087 -15.48 -33.51 -23.75
CA CYS B 2087 -15.93 -34.68 -24.51
C CYS B 2087 -16.89 -35.55 -23.70
N ILE B 2088 -16.54 -35.84 -22.46
CA ILE B 2088 -17.41 -36.69 -21.66
C ILE B 2088 -18.75 -36.00 -21.42
N TYR B 2089 -18.71 -34.67 -21.24
CA TYR B 2089 -19.96 -33.90 -21.13
C TYR B 2089 -20.79 -34.03 -22.40
N PHE B 2090 -20.15 -33.91 -23.56
CA PHE B 2090 -20.88 -34.01 -24.82
C PHE B 2090 -21.49 -35.40 -24.97
N ALA B 2091 -20.75 -36.43 -24.57
CA ALA B 2091 -21.26 -37.80 -24.65
C ALA B 2091 -22.49 -37.97 -23.79
N LEU B 2092 -22.43 -37.47 -22.55
CA LEU B 2092 -23.60 -37.54 -21.67
C LEU B 2092 -24.79 -36.79 -22.26
N SER B 2093 -24.54 -35.58 -22.79
CA SER B 2093 -25.62 -34.77 -23.32
C SER B 2093 -26.28 -35.43 -24.52
N ALA B 2094 -25.48 -35.98 -25.43
CA ALA B 2094 -26.07 -36.61 -26.61
C ALA B 2094 -26.76 -37.92 -26.27
N TYR B 2095 -26.25 -38.65 -25.28
CA TYR B 2095 -26.99 -39.80 -24.77
C TYR B 2095 -28.35 -39.38 -24.23
N GLN B 2096 -28.38 -38.27 -23.49
CA GLN B 2096 -29.65 -37.73 -23.00
C GLN B 2096 -30.58 -37.38 -24.15
N ILE B 2097 -30.02 -36.79 -25.21
CA ILE B 2097 -30.81 -36.44 -26.38
C ILE B 2097 -31.42 -37.69 -26.99
N ARG B 2098 -30.63 -38.77 -27.09
CA ARG B 2098 -31.16 -40.02 -27.62
C ARG B 2098 -32.27 -40.57 -26.74
N CYS B 2099 -32.15 -40.40 -25.42
CA CYS B 2099 -33.16 -40.91 -24.51
C CYS B 2099 -34.46 -40.12 -24.63
N GLY B 2100 -34.42 -38.83 -24.29
CA GLY B 2100 -35.55 -37.97 -24.56
C GLY B 2100 -36.42 -37.50 -23.41
N TYR B 2101 -35.82 -37.11 -22.28
CA TYR B 2101 -36.50 -36.34 -21.25
C TYR B 2101 -37.81 -36.94 -20.75
N PRO B 2102 -37.77 -37.97 -19.91
CA PRO B 2102 -39.01 -38.51 -19.34
C PRO B 2102 -39.78 -37.46 -18.56
N THR B 2103 -41.10 -37.59 -18.57
CA THR B 2103 -41.95 -36.70 -17.80
C THR B 2103 -41.72 -36.91 -16.31
N ARG B 2104 -42.25 -35.98 -15.51
CA ARG B 2104 -42.12 -35.99 -14.05
C ARG B 2104 -40.64 -35.95 -13.65
N ILE B 2105 -39.97 -34.91 -14.11
CA ILE B 2105 -38.55 -34.69 -13.79
C ILE B 2105 -38.47 -33.30 -13.16
N LEU B 2106 -38.56 -33.25 -11.84
CA LEU B 2106 -38.55 -31.98 -11.12
C LEU B 2106 -38.16 -32.26 -9.67
N GLY B 2107 -37.86 -31.19 -8.94
CA GLY B 2107 -37.47 -31.30 -7.56
C GLY B 2107 -35.97 -31.40 -7.38
N ASN B 2108 -35.55 -31.50 -6.11
CA ASN B 2108 -34.09 -31.54 -5.81
C ASN B 2108 -33.62 -33.00 -5.77
N PHE B 2109 -32.72 -33.37 -6.69
CA PHE B 2109 -32.18 -34.75 -6.73
C PHE B 2109 -31.69 -35.15 -5.36
N LEU B 2110 -30.82 -34.32 -4.77
CA LEU B 2110 -30.20 -34.78 -3.53
C LEU B 2110 -31.22 -35.19 -2.49
N THR B 2111 -32.47 -34.73 -2.60
CA THR B 2111 -33.52 -35.11 -1.67
C THR B 2111 -34.32 -36.28 -2.25
N LYS B 2112 -33.66 -37.43 -2.28
CA LYS B 2112 -34.28 -38.68 -2.71
C LYS B 2112 -34.46 -39.66 -1.57
N LYS B 2113 -33.48 -39.77 -0.67
CA LYS B 2113 -33.59 -40.59 0.51
C LYS B 2113 -33.17 -39.77 1.72
N TYR B 2114 -33.77 -40.08 2.88
CA TYR B 2114 -33.50 -39.31 4.09
C TYR B 2114 -32.41 -39.99 4.94
N ASN B 2115 -31.27 -40.21 4.31
CA ASN B 2115 -30.12 -40.82 4.96
C ASN B 2115 -29.12 -39.75 5.38
N HIS B 2116 -28.13 -40.18 6.17
CA HIS B 2116 -27.11 -39.25 6.66
C HIS B 2116 -26.29 -38.68 5.50
N LEU B 2117 -25.95 -39.52 4.52
CA LEU B 2117 -25.16 -39.05 3.39
C LEU B 2117 -25.89 -37.98 2.60
N ASN B 2118 -27.19 -38.19 2.36
CA ASN B 2118 -27.97 -37.18 1.64
C ASN B 2118 -28.03 -35.88 2.41
N LEU B 2119 -28.19 -35.95 3.74
CA LEU B 2119 -28.15 -34.75 4.56
C LEU B 2119 -26.82 -34.02 4.42
N PHE B 2120 -25.71 -34.77 4.50
CA PHE B 2120 -24.39 -34.14 4.46
C PHE B 2120 -24.14 -33.49 3.10
N LEU B 2121 -24.48 -34.19 2.02
CA LEU B 2121 -24.31 -33.61 0.69
C LEU B 2121 -25.22 -32.39 0.49
N PHE B 2122 -26.44 -32.44 1.03
CA PHE B 2122 -27.32 -31.29 0.89
C PHE B 2122 -26.78 -30.07 1.62
N GLN B 2123 -26.26 -30.27 2.83
CA GLN B 2123 -25.63 -29.15 3.53
C GLN B 2123 -24.41 -28.64 2.78
N GLY B 2124 -23.59 -29.55 2.25
CA GLY B 2124 -22.43 -29.12 1.48
C GLY B 2124 -22.81 -28.30 0.27
N PHE B 2125 -23.89 -28.70 -0.41
CA PHE B 2125 -24.39 -27.91 -1.52
C PHE B 2125 -24.90 -26.55 -1.05
N ARG B 2126 -25.55 -26.52 0.12
CA ARG B 2126 -26.02 -25.24 0.66
C ARG B 2126 -24.88 -24.36 1.13
N LEU B 2127 -23.67 -24.91 1.29
CA LEU B 2127 -22.54 -24.16 1.82
C LEU B 2127 -21.75 -23.43 0.75
N VAL B 2128 -22.03 -23.63 -0.53
CA VAL B 2128 -21.32 -22.96 -1.61
C VAL B 2128 -22.05 -21.66 -1.93
N PRO B 2129 -21.39 -20.51 -1.86
CA PRO B 2129 -22.11 -19.24 -2.04
C PRO B 2129 -22.58 -19.06 -3.47
N PHE B 2130 -23.68 -18.32 -3.62
CA PHE B 2130 -24.24 -17.96 -4.92
C PHE B 2130 -24.57 -19.19 -5.76
N LEU B 2131 -25.11 -20.25 -5.15
CA LEU B 2131 -25.61 -21.38 -5.90
C LEU B 2131 -27.08 -21.65 -5.62
N VAL B 2132 -27.45 -21.82 -4.34
CA VAL B 2132 -28.81 -22.22 -4.00
C VAL B 2132 -29.80 -21.12 -4.35
N GLU B 2133 -29.47 -19.86 -4.06
CA GLU B 2133 -30.36 -18.77 -4.43
C GLU B 2133 -30.45 -18.62 -5.94
N LEU B 2134 -29.32 -18.75 -6.65
CA LEU B 2134 -29.39 -18.75 -8.11
C LEU B 2134 -30.21 -19.92 -8.62
N ARG B 2135 -30.06 -21.10 -8.01
CA ARG B 2135 -30.80 -22.25 -8.52
C ARG B 2135 -32.29 -22.06 -8.30
N ALA B 2136 -32.67 -21.47 -7.17
CA ALA B 2136 -34.07 -21.15 -6.95
C ALA B 2136 -34.57 -20.14 -7.97
N VAL B 2137 -33.83 -19.05 -8.17
CA VAL B 2137 -34.26 -18.00 -9.09
C VAL B 2137 -34.42 -18.55 -10.50
N MET B 2138 -33.45 -19.35 -10.94
CA MET B 2138 -33.48 -19.91 -12.30
C MET B 2138 -34.61 -20.92 -12.48
N ASP B 2139 -34.80 -21.83 -11.51
CA ASP B 2139 -35.91 -22.76 -11.60
C ASP B 2139 -37.23 -22.01 -11.69
N TRP B 2140 -37.37 -20.95 -10.88
CA TRP B 2140 -38.55 -20.12 -10.97
C TRP B 2140 -38.66 -19.43 -12.33
N VAL B 2141 -37.51 -19.06 -12.92
CA VAL B 2141 -37.51 -18.36 -14.20
C VAL B 2141 -38.01 -19.26 -15.33
N TRP B 2142 -37.58 -20.51 -15.35
CA TRP B 2142 -37.91 -21.34 -16.49
C TRP B 2142 -39.14 -22.22 -16.30
N THR B 2143 -39.51 -22.53 -15.06
CA THR B 2143 -40.73 -23.31 -14.84
C THR B 2143 -41.96 -22.41 -14.90
N ASP B 2144 -43.12 -23.05 -15.02
CA ASP B 2144 -44.41 -22.37 -15.15
C ASP B 2144 -45.15 -22.44 -13.81
N THR B 2145 -45.30 -21.29 -13.15
CA THR B 2145 -45.85 -21.23 -11.81
C THR B 2145 -46.72 -20.00 -11.67
N THR B 2146 -47.13 -19.70 -10.44
CA THR B 2146 -48.05 -18.59 -10.19
C THR B 2146 -47.58 -17.63 -9.11
N LEU B 2147 -46.66 -18.06 -8.25
CA LEU B 2147 -46.23 -17.28 -7.10
C LEU B 2147 -45.16 -16.27 -7.48
N SER B 2148 -45.27 -15.05 -6.96
CA SER B 2148 -44.23 -14.05 -7.17
C SER B 2148 -42.92 -14.53 -6.57
N LEU B 2149 -41.82 -13.86 -6.95
CA LEU B 2149 -40.49 -14.38 -6.65
C LEU B 2149 -40.32 -14.67 -5.17
N SER B 2150 -40.80 -13.76 -4.33
CA SER B 2150 -40.62 -13.91 -2.89
C SER B 2150 -41.34 -15.15 -2.38
N ASN B 2151 -42.54 -15.42 -2.90
CA ASN B 2151 -43.26 -16.62 -2.48
C ASN B 2151 -42.51 -17.88 -2.88
N TRP B 2152 -41.95 -17.91 -4.09
CA TRP B 2152 -41.14 -19.05 -4.51
C TRP B 2152 -39.93 -19.25 -3.60
N MET B 2153 -39.24 -18.17 -3.27
CA MET B 2153 -38.08 -18.28 -2.38
C MET B 2153 -38.50 -18.75 -1.00
N CYS B 2154 -39.63 -18.25 -0.51
CA CYS B 2154 -40.14 -18.71 0.79
C CYS B 2154 -40.41 -20.19 0.77
N VAL B 2155 -41.09 -20.68 -0.27
CA VAL B 2155 -41.41 -22.10 -0.36
C VAL B 2155 -40.14 -22.93 -0.43
N GLU B 2156 -39.15 -22.48 -1.21
CA GLU B 2156 -37.91 -23.25 -1.34
C GLU B 2156 -37.16 -23.33 -0.01
N ASP B 2157 -37.05 -22.19 0.70
CA ASP B 2157 -36.41 -22.19 2.01
C ASP B 2157 -37.15 -23.09 2.98
N ILE B 2158 -38.49 -23.04 2.93
CA ILE B 2158 -39.31 -23.88 3.79
C ILE B 2158 -39.04 -25.35 3.52
N TYR B 2159 -39.02 -25.73 2.24
CA TYR B 2159 -38.77 -27.12 1.88
C TYR B 2159 -37.41 -27.56 2.38
N ALA B 2160 -36.39 -26.72 2.20
CA ALA B 2160 -35.05 -27.10 2.64
C ALA B 2160 -34.99 -27.30 4.15
N ASN B 2161 -35.59 -26.37 4.90
CA ASN B 2161 -35.56 -26.49 6.36
C ASN B 2161 -36.28 -27.75 6.82
N ILE B 2162 -37.47 -28.01 6.27
CA ILE B 2162 -38.21 -29.18 6.73
C ILE B 2162 -37.51 -30.46 6.28
N PHE B 2163 -36.82 -30.43 5.13
CA PHE B 2163 -36.08 -31.59 4.68
C PHE B 2163 -34.93 -31.90 5.61
N ILE B 2164 -34.18 -30.89 6.04
CA ILE B 2164 -33.06 -31.15 6.94
C ILE B 2164 -33.59 -31.63 8.30
N ILE B 2165 -34.73 -31.09 8.74
CA ILE B 2165 -35.32 -31.56 9.99
C ILE B 2165 -35.74 -33.03 9.87
N LYS B 2166 -36.36 -33.39 8.74
CA LYS B 2166 -36.79 -34.77 8.54
C LYS B 2166 -35.61 -35.73 8.50
N CYS B 2167 -34.53 -35.33 7.81
CA CYS B 2167 -33.34 -36.18 7.77
C CYS B 2167 -32.73 -36.34 9.15
N SER B 2168 -32.71 -35.27 9.95
CA SER B 2168 -32.25 -35.38 11.33
C SER B 2168 -33.12 -36.35 12.12
N ARG B 2169 -34.44 -36.27 11.95
CA ARG B 2169 -35.32 -37.20 12.65
C ARG B 2169 -35.06 -38.64 12.23
N GLU B 2170 -34.87 -38.88 10.93
CA GLU B 2170 -34.61 -40.23 10.46
C GLU B 2170 -33.29 -40.77 11.00
N THR B 2171 -32.24 -39.95 11.02
CA THR B 2171 -30.97 -40.42 11.56
C THR B 2171 -31.05 -40.60 13.07
N GLU B 2172 -31.95 -39.88 13.74
CA GLU B 2172 -32.21 -40.16 15.15
C GLU B 2172 -32.89 -41.52 15.30
N LYS B 2173 -33.84 -41.83 14.42
CA LYS B 2173 -34.52 -43.12 14.47
C LYS B 2173 -33.55 -44.27 14.21
N LYS B 2174 -32.59 -44.06 13.31
CA LYS B 2174 -31.68 -45.13 12.95
C LYS B 2174 -30.88 -45.62 14.15
N TYR B 2175 -30.37 -44.69 14.96
CA TYR B 2175 -29.60 -45.02 16.16
C TYR B 2175 -30.22 -44.28 17.34
N PRO B 2176 -31.27 -44.85 17.93
CA PRO B 2176 -31.95 -44.17 19.05
C PRO B 2176 -31.17 -44.35 20.35
N GLN B 2177 -30.60 -43.26 20.83
CA GLN B 2177 -29.87 -43.31 22.09
C GLN B 2177 -30.82 -43.56 23.25
N PRO B 2178 -30.42 -44.33 24.26
CA PRO B 2178 -31.32 -44.63 25.37
C PRO B 2178 -31.50 -43.43 26.27
N LYS B 2179 -32.42 -43.58 27.23
CA LYS B 2179 -32.62 -42.55 28.25
C LYS B 2179 -31.39 -42.33 29.11
N GLY B 2180 -30.46 -43.30 29.15
CA GLY B 2180 -29.19 -43.15 29.85
C GLY B 2180 -28.41 -41.95 29.36
N GLN B 2181 -27.90 -41.14 30.29
CA GLN B 2181 -27.51 -39.79 29.92
C GLN B 2181 -26.12 -39.65 29.28
N LYS B 2182 -25.04 -39.69 30.07
CA LYS B 2182 -23.64 -39.73 29.64
C LYS B 2182 -23.25 -38.64 28.63
N LYS B 2183 -24.28 -37.94 28.14
CA LYS B 2183 -24.23 -36.83 27.18
C LYS B 2183 -22.94 -36.96 26.35
N LYS B 2184 -22.82 -38.05 25.63
CA LYS B 2184 -21.89 -38.15 24.53
C LYS B 2184 -20.50 -37.66 24.94
N LYS B 2185 -19.98 -38.23 26.03
CA LYS B 2185 -18.72 -37.75 26.58
C LYS B 2185 -17.68 -37.53 25.49
N ILE B 2186 -17.28 -38.62 24.82
CA ILE B 2186 -16.13 -38.56 23.92
C ILE B 2186 -16.38 -37.58 22.78
N VAL B 2187 -17.54 -37.66 22.14
CA VAL B 2187 -17.87 -36.73 21.07
C VAL B 2187 -17.74 -35.31 21.57
N LYS B 2188 -18.27 -35.06 22.77
CA LYS B 2188 -18.12 -33.76 23.41
C LYS B 2188 -16.65 -33.34 23.46
N TYR B 2189 -15.79 -34.23 23.99
CA TYR B 2189 -14.37 -33.92 24.09
C TYR B 2189 -13.79 -33.57 22.72
N GLY B 2190 -14.22 -34.28 21.67
CA GLY B 2190 -13.78 -33.92 20.34
C GLY B 2190 -14.27 -32.55 19.93
N MET B 2191 -15.59 -32.37 19.95
CA MET B 2191 -16.15 -31.18 19.30
C MET B 2191 -15.68 -29.91 19.98
N GLY B 2192 -15.84 -29.83 21.30
CA GLY B 2192 -15.35 -28.68 22.02
C GLY B 2192 -13.88 -28.45 21.77
N GLY B 2193 -13.08 -29.53 21.78
CA GLY B 2193 -11.68 -29.39 21.46
C GLY B 2193 -11.48 -28.68 20.14
N LEU B 2194 -12.11 -29.19 19.08
CA LEU B 2194 -12.01 -28.54 17.79
C LEU B 2194 -12.36 -27.07 17.93
N ILE B 2195 -13.51 -26.81 18.55
CA ILE B 2195 -13.99 -25.45 18.67
C ILE B 2195 -12.95 -24.59 19.36
N ILE B 2196 -12.45 -25.06 20.51
CA ILE B 2196 -11.56 -24.20 21.27
C ILE B 2196 -10.29 -23.94 20.48
N LEU B 2197 -9.76 -24.97 19.80
CA LEU B 2197 -8.57 -24.74 18.99
C LEU B 2197 -8.85 -23.67 17.95
N PHE B 2198 -10.01 -23.77 17.29
CA PHE B 2198 -10.37 -22.77 16.29
C PHE B 2198 -10.35 -21.38 16.92
N LEU B 2199 -10.94 -21.25 18.10
CA LEU B 2199 -10.96 -19.94 18.76
C LEU B 2199 -9.55 -19.48 19.09
N ILE B 2200 -8.73 -20.39 19.61
CA ILE B 2200 -7.34 -20.04 19.87
C ILE B 2200 -6.60 -19.85 18.56
N ALA B 2201 -7.00 -20.59 17.51
CA ALA B 2201 -6.29 -20.49 16.24
C ALA B 2201 -6.38 -19.08 15.71
N ILE B 2202 -7.59 -18.63 15.38
CA ILE B 2202 -7.79 -17.39 14.63
C ILE B 2202 -6.98 -16.25 15.24
N ILE B 2203 -7.16 -15.96 16.53
CA ILE B 2203 -6.53 -14.78 17.11
C ILE B 2203 -5.01 -14.92 17.11
N TRP B 2204 -4.52 -16.13 17.37
CA TRP B 2204 -3.07 -16.34 17.36
C TRP B 2204 -2.45 -16.07 15.99
N PHE B 2205 -3.20 -16.25 14.88
CA PHE B 2205 -2.57 -16.11 13.57
C PHE B 2205 -2.17 -14.66 13.26
N PRO B 2206 -3.10 -13.70 13.18
CA PRO B 2206 -2.69 -12.35 12.81
C PRO B 2206 -1.97 -11.60 13.92
N LEU B 2207 -1.78 -12.19 15.10
CA LEU B 2207 -0.67 -11.71 15.93
C LEU B 2207 0.65 -12.25 15.41
N LEU B 2208 0.75 -13.58 15.24
CA LEU B 2208 1.93 -14.19 14.64
C LEU B 2208 2.29 -13.49 13.33
N PHE B 2209 1.35 -13.47 12.39
CA PHE B 2209 1.59 -12.79 11.11
C PHE B 2209 1.92 -11.32 11.34
N MET B 2210 1.31 -10.70 12.34
CA MET B 2210 1.65 -9.32 12.67
C MET B 2210 3.09 -9.22 13.13
N SER B 2211 3.54 -10.17 13.94
CA SER B 2211 4.87 -10.11 14.53
C SER B 2211 5.95 -10.51 13.52
N LEU B 2212 5.74 -11.64 12.82
CA LEU B 2212 6.75 -12.13 11.88
C LEU B 2212 6.99 -11.13 10.76
N ILE B 2213 5.92 -10.51 10.24
CA ILE B 2213 6.04 -9.52 9.17
C ILE B 2213 6.86 -8.33 9.68
N ARG B 2214 7.00 -8.21 11.00
CA ARG B 2214 7.80 -7.14 11.59
C ARG B 2214 9.22 -7.57 11.92
N SER B 2215 9.48 -8.88 12.02
CA SER B 2215 10.84 -9.35 12.28
C SER B 2215 11.73 -9.06 11.07
N VAL B 2216 12.93 -8.56 11.35
CA VAL B 2216 13.90 -8.22 10.31
C VAL B 2216 15.28 -8.66 10.77
N VAL B 2217 16.04 -9.28 9.85
CA VAL B 2217 17.43 -9.63 10.11
C VAL B 2217 18.31 -8.42 9.86
N GLY B 2218 19.24 -8.17 10.79
CA GLY B 2218 20.12 -7.02 10.69
C GLY B 2218 21.24 -7.18 9.69
N VAL B 2219 20.90 -7.54 8.44
CA VAL B 2219 21.87 -7.69 7.37
C VAL B 2219 22.64 -6.40 7.19
N VAL B 2220 23.96 -6.46 7.34
CA VAL B 2220 24.80 -5.28 7.18
C VAL B 2220 24.94 -4.94 5.70
N ASN B 2221 25.03 -3.65 5.41
CA ASN B 2221 25.29 -3.13 4.06
C ASN B 2221 26.65 -2.44 4.08
N GLN B 2222 27.65 -3.10 3.51
CA GLN B 2222 29.01 -2.60 3.50
C GLN B 2222 29.31 -1.95 2.16
N PRO B 2223 29.64 -0.66 2.12
CA PRO B 2223 29.97 -0.01 0.83
C PRO B 2223 31.11 -0.67 0.09
N ILE B 2224 30.85 -1.10 -1.14
CA ILE B 2224 31.89 -1.68 -1.99
C ILE B 2224 32.99 -0.67 -2.28
N ASP B 2225 32.60 0.58 -2.56
CA ASP B 2225 33.56 1.60 -2.96
C ASP B 2225 33.42 2.81 -2.06
N VAL B 2226 34.50 3.59 -1.95
CA VAL B 2226 34.49 4.85 -1.21
C VAL B 2226 35.28 5.87 -2.01
N THR B 2227 34.83 7.12 -1.98
CA THR B 2227 35.52 8.19 -2.67
C THR B 2227 35.63 9.41 -1.76
N VAL B 2228 36.79 10.06 -1.81
CA VAL B 2228 37.05 11.29 -1.09
C VAL B 2228 37.65 12.30 -2.06
N THR B 2229 37.29 13.57 -1.87
CA THR B 2229 37.82 14.62 -2.70
C THR B 2229 38.21 15.82 -1.83
N LEU B 2230 39.17 16.58 -2.32
CA LEU B 2230 39.67 17.79 -1.68
C LEU B 2230 39.68 18.87 -2.74
N LYS B 2231 38.81 19.86 -2.58
CA LYS B 2231 38.62 20.95 -3.53
C LYS B 2231 38.79 22.27 -2.80
N LEU B 2232 39.42 23.23 -3.47
CA LEU B 2232 39.61 24.57 -2.94
C LEU B 2232 38.94 25.57 -3.86
N GLY B 2233 38.14 26.47 -3.28
CA GLY B 2233 37.40 27.42 -4.08
C GLY B 2233 36.42 26.73 -5.02
N GLY B 2234 35.91 27.56 -5.94
CA GLY B 2234 34.96 27.08 -6.93
C GLY B 2234 35.61 26.77 -8.27
N TYR B 2235 36.92 26.56 -8.27
CA TYR B 2235 37.68 26.47 -9.51
C TYR B 2235 37.92 25.04 -9.96
N GLU B 2236 38.50 24.18 -9.12
CA GLU B 2236 38.67 22.78 -9.51
C GLU B 2236 39.04 21.96 -8.28
N PRO B 2237 38.73 20.66 -8.29
CA PRO B 2237 39.25 19.78 -7.24
C PRO B 2237 40.77 19.68 -7.33
N LEU B 2238 41.42 19.93 -6.19
CA LEU B 2238 42.87 19.78 -6.13
C LEU B 2238 43.29 18.32 -6.06
N PHE B 2239 42.47 17.47 -5.41
CA PHE B 2239 42.90 16.12 -5.12
C PHE B 2239 41.66 15.23 -4.98
N THR B 2240 41.80 13.95 -5.33
CA THR B 2240 40.67 13.02 -5.19
C THR B 2240 41.17 11.58 -5.22
N MET B 2241 40.76 10.78 -4.23
CA MET B 2241 41.07 9.34 -4.19
C MET B 2241 39.82 8.49 -4.03
N SER B 2242 40.01 7.20 -4.28
CA SER B 2242 38.94 6.20 -4.20
C SER B 2242 39.56 4.85 -3.87
N ALA B 2243 39.47 4.45 -2.60
CA ALA B 2243 39.91 3.12 -2.19
C ALA B 2243 38.92 2.07 -2.69
N GLN B 2244 39.43 1.05 -3.38
CA GLN B 2244 38.48 0.23 -4.13
C GLN B 2244 38.01 -1.09 -3.50
N GLN B 2245 38.77 -2.20 -3.63
CA GLN B 2245 38.57 -3.36 -2.74
C GLN B 2245 39.62 -3.49 -1.63
N PRO B 2246 40.92 -3.55 -1.99
CA PRO B 2246 41.91 -4.00 -1.00
C PRO B 2246 42.24 -2.95 0.04
N SER B 2247 41.90 -1.70 -0.21
CA SER B 2247 42.06 -0.65 0.78
C SER B 2247 40.83 -0.50 1.66
N ILE B 2248 39.78 -1.28 1.41
CA ILE B 2248 38.60 -1.35 2.26
C ILE B 2248 38.75 -2.59 3.11
N VAL B 2249 39.15 -2.42 4.37
CA VAL B 2249 39.31 -3.53 5.30
C VAL B 2249 38.09 -3.56 6.20
N PRO B 2250 37.23 -4.58 6.12
CA PRO B 2250 36.22 -4.78 7.16
C PRO B 2250 36.88 -5.24 8.45
N PHE B 2251 36.32 -4.81 9.58
CA PHE B 2251 36.88 -5.22 10.86
C PHE B 2251 36.60 -6.68 11.16
N THR B 2252 37.64 -7.39 11.56
CA THR B 2252 37.51 -8.68 12.20
C THR B 2252 37.02 -8.48 13.63
N PRO B 2253 36.46 -9.53 14.25
CA PRO B 2253 36.04 -9.38 15.66
C PRO B 2253 37.16 -8.92 16.57
N GLN B 2254 38.41 -9.31 16.29
CA GLN B 2254 39.53 -8.83 17.07
C GLN B 2254 39.70 -7.32 16.93
N ALA B 2255 39.57 -6.80 15.70
CA ALA B 2255 39.67 -5.36 15.50
C ALA B 2255 38.52 -4.62 16.20
N TYR B 2256 37.32 -5.19 16.16
CA TYR B 2256 36.19 -4.65 16.91
C TYR B 2256 36.50 -4.60 18.40
N GLU B 2257 37.09 -5.67 18.92
CA GLU B 2257 37.52 -5.67 20.31
C GLU B 2257 38.49 -4.53 20.54
N GLU B 2258 39.45 -4.34 19.63
CA GLU B 2258 40.48 -3.30 19.79
C GLU B 2258 39.85 -1.91 19.87
N LEU B 2259 38.95 -1.61 18.92
CA LEU B 2259 38.16 -0.38 19.02
C LEU B 2259 37.45 -0.30 20.37
N SER B 2260 37.02 -1.45 20.90
CA SER B 2260 36.32 -1.43 22.18
C SER B 2260 37.23 -1.01 23.33
N GLN B 2261 38.41 -1.62 23.47
CA GLN B 2261 39.18 -1.27 24.66
C GLN B 2261 39.77 0.13 24.53
N GLN B 2262 40.06 0.55 23.29
CA GLN B 2262 40.64 1.88 23.13
C GLN B 2262 39.69 2.95 23.65
N PHE B 2263 38.39 2.76 23.45
CA PHE B 2263 37.35 3.67 23.94
C PHE B 2263 36.54 3.03 25.06
N ASP B 2264 37.23 2.29 25.94
CA ASP B 2264 36.53 1.52 26.97
C ASP B 2264 36.06 2.37 28.15
N PRO B 2265 36.88 3.29 28.68
CA PRO B 2265 36.36 4.15 29.77
C PRO B 2265 35.08 4.86 29.42
N TYR B 2266 34.94 5.32 28.18
CA TYR B 2266 33.77 6.10 27.79
C TYR B 2266 32.58 5.17 27.58
N PRO B 2267 31.43 5.44 28.22
CA PRO B 2267 30.27 4.61 27.99
C PRO B 2267 29.48 4.82 26.69
N LEU B 2268 29.33 6.06 26.22
CA LEU B 2268 28.65 6.31 24.95
C LEU B 2268 29.35 5.58 23.81
N ALA B 2269 30.69 5.64 23.80
CA ALA B 2269 31.46 4.91 22.79
C ALA B 2269 31.21 3.41 22.90
N MET B 2270 31.16 2.88 24.13
CA MET B 2270 30.93 1.45 24.30
C MET B 2270 29.58 1.03 23.75
N GLN B 2271 28.52 1.78 24.06
CA GLN B 2271 27.20 1.38 23.53
C GLN B 2271 27.16 1.55 22.02
N PHE B 2272 27.75 2.62 21.51
CA PHE B 2272 27.72 2.90 20.08
C PHE B 2272 28.46 1.83 19.29
N ILE B 2273 29.57 1.32 19.83
CA ILE B 2273 30.26 0.19 19.23
C ILE B 2273 29.44 -1.09 19.39
N SER B 2274 28.89 -1.31 20.59
CA SER B 2274 28.09 -2.50 20.84
C SER B 2274 26.91 -2.62 19.89
N GLN B 2275 26.43 -1.49 19.35
CA GLN B 2275 25.35 -1.56 18.37
C GLN B 2275 25.86 -1.97 16.98
N TYR B 2276 26.90 -1.31 16.48
CA TYR B 2276 27.41 -1.56 15.13
C TYR B 2276 28.49 -2.64 15.21
N SER B 2277 28.10 -3.88 14.88
CA SER B 2277 28.94 -5.09 14.89
C SER B 2277 30.21 -4.91 14.08
N PRO B 2278 31.22 -5.76 14.26
CA PRO B 2278 32.45 -5.61 13.46
C PRO B 2278 32.21 -5.60 11.96
N GLU B 2279 31.25 -6.40 11.49
CA GLU B 2279 30.87 -6.34 10.09
C GLU B 2279 30.21 -5.02 9.73
N ASP B 2280 29.67 -4.30 10.72
CA ASP B 2280 29.01 -3.04 10.49
C ASP B 2280 29.97 -1.86 10.49
N ILE B 2281 31.25 -2.08 10.72
CA ILE B 2281 32.21 -0.99 10.79
C ILE B 2281 33.44 -1.43 9.99
N VAL B 2282 33.88 -0.59 9.05
CA VAL B 2282 35.00 -0.90 8.17
C VAL B 2282 35.93 0.31 8.16
N THR B 2283 37.13 0.13 7.62
CA THR B 2283 38.06 1.24 7.45
C THR B 2283 38.62 1.27 6.04
N ALA B 2284 38.65 2.46 5.45
CA ALA B 2284 39.24 2.66 4.13
C ALA B 2284 40.68 3.14 4.28
N GLN B 2285 41.60 2.47 3.58
CA GLN B 2285 43.00 2.87 3.57
C GLN B 2285 43.27 3.72 2.32
N ILE B 2286 42.78 4.97 2.36
CA ILE B 2286 42.89 5.81 1.18
C ILE B 2286 44.35 6.17 0.94
N GLU B 2287 44.80 6.00 -0.30
CA GLU B 2287 46.20 6.22 -0.63
C GLU B 2287 46.45 7.73 -0.74
N GLY B 2288 47.11 8.29 0.27
CA GLY B 2288 47.30 9.73 0.31
C GLY B 2288 48.14 10.26 -0.85
N SER B 2289 49.27 9.61 -1.11
CA SER B 2289 50.22 10.10 -2.11
C SER B 2289 49.97 9.55 -3.51
N SER B 2290 49.15 8.50 -3.64
CA SER B 2290 48.96 7.86 -4.94
C SER B 2290 47.89 8.55 -5.77
N GLY B 2291 48.04 9.85 -6.01
CA GLY B 2291 47.06 10.60 -6.78
C GLY B 2291 47.36 10.57 -8.26
N ALA B 2292 46.57 11.37 -8.99
CA ALA B 2292 46.80 11.64 -10.40
C ALA B 2292 47.26 13.08 -10.56
N LEU B 2293 47.70 13.41 -11.78
CA LEU B 2293 48.12 14.78 -12.06
C LEU B 2293 46.98 15.76 -11.81
N TRP B 2294 47.28 16.80 -11.04
CA TRP B 2294 46.34 17.89 -10.78
C TRP B 2294 46.51 18.95 -11.86
N ARG B 2295 45.73 18.80 -12.92
CA ARG B 2295 45.71 19.81 -13.96
C ARG B 2295 45.09 21.10 -13.45
N ILE B 2296 45.69 22.22 -13.81
CA ILE B 2296 45.18 23.56 -13.48
C ILE B 2296 45.40 24.45 -14.70
N SER B 2297 44.30 24.97 -15.26
CA SER B 2297 44.38 25.96 -16.33
C SER B 2297 45.09 27.22 -15.82
N PRO B 2298 46.14 27.65 -16.49
CA PRO B 2298 46.95 28.75 -16.04
C PRO B 2298 46.14 29.97 -15.59
N PRO B 2299 45.10 30.41 -16.34
CA PRO B 2299 44.26 31.50 -15.81
C PRO B 2299 43.82 31.27 -14.37
N SER B 2300 43.24 30.09 -14.12
CA SER B 2300 42.84 29.75 -12.77
C SER B 2300 44.01 29.82 -11.80
N ARG B 2301 45.17 29.31 -12.22
CA ARG B 2301 46.36 29.36 -11.36
C ARG B 2301 46.74 30.79 -11.02
N ALA B 2302 46.83 31.65 -12.04
CA ALA B 2302 47.21 33.04 -11.84
C ALA B 2302 46.23 33.76 -10.94
N GLN B 2303 44.93 33.57 -11.18
CA GLN B 2303 43.92 34.18 -10.33
C GLN B 2303 44.03 33.68 -8.89
N MET B 2304 44.22 32.36 -8.73
CA MET B 2304 44.46 31.79 -7.41
C MET B 2304 45.61 32.50 -6.71
N LYS B 2305 46.75 32.61 -7.39
CA LYS B 2305 47.93 33.19 -6.78
C LYS B 2305 47.72 34.67 -6.45
N GLN B 2306 47.19 35.43 -7.41
CA GLN B 2306 46.98 36.85 -7.20
C GLN B 2306 46.03 37.12 -6.05
N GLU B 2307 44.93 36.35 -5.98
CA GLU B 2307 43.98 36.53 -4.89
C GLU B 2307 44.57 36.10 -3.55
N LEU B 2308 45.23 34.94 -3.51
CA LEU B 2308 45.89 34.47 -2.29
C LEU B 2308 46.92 35.48 -1.81
N TYR B 2309 47.54 36.23 -2.72
CA TYR B 2309 48.63 37.13 -2.35
C TYR B 2309 48.11 38.50 -1.92
N ASN B 2310 47.20 39.11 -2.69
CA ASN B 2310 46.63 40.40 -2.32
C ASN B 2310 45.12 40.38 -2.07
N GLY B 2311 44.36 39.52 -2.73
CA GLY B 2311 42.93 39.52 -2.51
C GLY B 2311 42.58 39.14 -1.09
N THR B 2312 42.14 40.12 -0.30
CA THR B 2312 41.80 39.88 1.10
C THR B 2312 40.35 39.43 1.24
N ALA B 2313 39.98 38.42 0.46
CA ALA B 2313 38.68 37.80 0.55
C ALA B 2313 38.77 36.52 1.37
N ASP B 2314 37.64 35.83 1.50
CA ASP B 2314 37.56 34.59 2.25
C ASP B 2314 37.27 33.45 1.30
N ILE B 2315 38.21 32.50 1.20
CA ILE B 2315 38.08 31.35 0.32
C ILE B 2315 38.08 30.08 1.16
N THR B 2316 37.22 29.15 0.79
CA THR B 2316 36.94 27.95 1.58
C THR B 2316 37.17 26.70 0.76
N LEU B 2317 37.49 25.60 1.46
CA LEU B 2317 37.60 24.31 0.79
C LEU B 2317 36.23 23.67 0.65
N ARG B 2318 36.17 22.60 -0.14
CA ARG B 2318 34.92 21.90 -0.39
C ARG B 2318 35.07 20.41 -0.17
N PHE B 2319 35.72 20.04 0.93
CA PHE B 2319 36.18 18.67 1.13
C PHE B 2319 34.98 17.73 1.34
N THR B 2320 34.89 16.65 0.55
CA THR B 2320 33.67 15.85 0.54
C THR B 2320 33.94 14.36 0.48
N TRP B 2321 33.09 13.56 1.15
CA TRP B 2321 33.15 12.10 1.14
C TRP B 2321 31.87 11.48 0.60
N ASN B 2322 32.00 10.53 -0.33
CA ASN B 2322 30.91 9.73 -0.84
C ASN B 2322 31.18 8.26 -0.55
N PHE B 2323 30.13 7.52 -0.21
CA PHE B 2323 30.23 6.08 0.05
C PHE B 2323 29.33 5.34 -0.94
N GLN B 2324 29.91 4.44 -1.74
CA GLN B 2324 29.19 3.70 -2.76
C GLN B 2324 28.92 2.29 -2.24
N ARG B 2325 27.65 1.95 -2.10
CA ARG B 2325 27.22 0.71 -1.47
C ARG B 2325 27.16 -0.44 -2.46
N ASP B 2326 26.79 -1.61 -1.94
CA ASP B 2326 26.88 -2.84 -2.71
C ASP B 2326 25.81 -2.93 -3.78
N LEU B 2327 24.61 -2.40 -3.51
CA LEU B 2327 23.50 -2.37 -4.46
C LEU B 2327 22.93 -3.78 -4.65
N ALA B 2328 23.65 -4.81 -4.21
CA ALA B 2328 23.03 -6.11 -3.98
C ALA B 2328 22.64 -6.27 -2.51
N LYS B 2329 23.38 -5.62 -1.61
CA LYS B 2329 23.02 -5.53 -0.20
C LYS B 2329 22.04 -4.39 0.06
N GLY B 2330 21.38 -3.90 -0.98
CA GLY B 2330 20.42 -2.82 -0.83
C GLY B 2330 21.10 -1.53 -0.44
N GLY B 2331 20.65 -0.93 0.66
CA GLY B 2331 21.19 0.32 1.13
C GLY B 2331 20.44 1.56 0.70
N THR B 2332 19.24 1.41 0.13
CA THR B 2332 18.46 2.51 -0.44
C THR B 2332 19.39 3.34 -1.33
N VAL B 2333 19.48 4.66 -1.16
CA VAL B 2333 20.49 5.44 -1.86
C VAL B 2333 21.88 4.94 -1.48
N GLU B 2334 22.69 4.67 -2.48
CA GLU B 2334 23.96 3.99 -2.29
C GLU B 2334 25.16 4.86 -2.64
N TYR B 2335 24.94 6.17 -2.69
CA TYR B 2335 25.98 7.14 -3.00
C TYR B 2335 25.98 8.23 -1.95
N THR B 2336 25.64 7.85 -0.72
CA THR B 2336 25.54 8.80 0.38
C THR B 2336 26.86 9.53 0.56
N ASN B 2337 26.76 10.85 0.78
CA ASN B 2337 27.93 11.70 0.83
C ASN B 2337 27.62 12.90 1.71
N GLU B 2338 28.68 13.46 2.28
CA GLU B 2338 28.58 14.70 3.03
C GLU B 2338 29.76 15.61 2.73
N LYS B 2339 29.46 16.91 2.69
CA LYS B 2339 30.38 17.98 2.39
C LYS B 2339 30.85 18.69 3.66
N HIS B 2340 32.10 19.14 3.63
CA HIS B 2340 32.82 19.75 4.75
C HIS B 2340 33.49 21.01 4.20
N THR B 2341 32.78 22.12 4.34
CA THR B 2341 33.23 23.43 3.90
C THR B 2341 33.57 24.29 5.11
N LEU B 2342 34.85 24.66 5.25
CA LEU B 2342 35.31 25.44 6.38
C LEU B 2342 36.14 26.61 5.90
N GLU B 2343 35.71 27.83 6.23
CA GLU B 2343 36.37 29.02 5.72
C GLU B 2343 37.74 29.21 6.38
N LEU B 2344 38.67 29.75 5.60
CA LEU B 2344 40.03 30.02 6.06
C LEU B 2344 40.15 31.50 6.45
N ALA B 2345 41.36 31.92 6.78
CA ALA B 2345 41.60 33.27 7.30
C ALA B 2345 42.54 34.03 6.39
N PRO B 2346 42.11 35.17 5.83
CA PRO B 2346 43.04 36.03 5.10
C PRO B 2346 44.01 36.72 6.04
N ASN B 2347 45.13 37.17 5.48
CA ASN B 2347 46.21 37.81 6.23
C ASN B 2347 46.73 36.86 7.32
N SER B 2348 46.64 35.56 7.06
CA SER B 2348 47.05 34.54 8.02
C SER B 2348 48.03 33.59 7.35
N THR B 2349 48.84 32.93 8.17
CA THR B 2349 49.88 32.04 7.66
C THR B 2349 49.31 30.84 6.91
N ALA B 2350 48.06 30.46 7.16
CA ALA B 2350 47.46 29.36 6.42
C ALA B 2350 47.39 29.69 4.92
N ARG B 2351 46.76 30.82 4.59
CA ARG B 2351 46.67 31.25 3.20
C ARG B 2351 48.05 31.53 2.63
N ARG B 2352 48.96 32.06 3.45
CA ARG B 2352 50.31 32.35 2.98
C ARG B 2352 51.04 31.07 2.58
N GLN B 2353 50.95 30.03 3.40
CA GLN B 2353 51.59 28.76 3.06
C GLN B 2353 50.92 28.09 1.88
N LEU B 2354 49.59 28.22 1.76
CA LEU B 2354 48.92 27.71 0.57
C LEU B 2354 49.45 28.38 -0.70
N ALA B 2355 49.59 29.72 -0.65
CA ALA B 2355 50.12 30.45 -1.79
C ALA B 2355 51.56 30.04 -2.08
N GLN B 2356 52.38 29.88 -1.03
CA GLN B 2356 53.76 29.46 -1.22
C GLN B 2356 53.83 28.08 -1.86
N LEU B 2357 52.95 27.17 -1.45
CA LEU B 2357 52.90 25.85 -2.07
C LEU B 2357 52.52 25.95 -3.54
N LEU B 2358 51.49 26.71 -3.86
CA LEU B 2358 51.07 26.79 -5.25
C LEU B 2358 51.97 27.69 -6.09
N GLU B 2359 52.93 28.38 -5.48
CA GLU B 2359 53.79 29.30 -6.22
C GLU B 2359 54.95 28.61 -6.92
N GLY B 2360 55.97 28.26 -6.14
CA GLY B 2360 57.06 27.40 -6.54
C GLY B 2360 58.15 27.57 -5.52
N ARG B 2361 58.68 26.47 -4.97
CA ARG B 2361 59.75 26.57 -3.98
C ARG B 2361 60.12 25.16 -3.53
N PRO B 2362 61.13 24.97 -2.67
CA PRO B 2362 61.38 23.64 -2.12
C PRO B 2362 60.20 23.16 -1.28
N ASP B 2363 60.22 21.87 -0.98
CA ASP B 2363 59.13 21.21 -0.27
C ASP B 2363 58.79 21.92 1.04
N GLN B 2364 57.50 22.16 1.26
CA GLN B 2364 57.04 22.80 2.49
C GLN B 2364 55.54 22.54 2.64
N SER B 2365 55.10 22.36 3.88
CA SER B 2365 53.74 21.94 4.17
C SER B 2365 52.80 23.14 4.31
N VAL B 2366 51.58 22.89 4.77
CA VAL B 2366 50.56 23.92 4.91
C VAL B 2366 49.98 23.91 6.31
N VAL B 2367 48.98 24.76 6.54
CA VAL B 2367 48.29 24.85 7.82
C VAL B 2367 46.87 24.36 7.59
N ILE B 2368 46.64 23.07 7.81
CA ILE B 2368 45.31 22.49 7.84
C ILE B 2368 45.06 21.97 9.25
N PRO B 2369 44.35 22.73 10.08
CA PRO B 2369 44.21 22.38 11.52
C PRO B 2369 43.11 21.38 11.85
N HIS B 2370 43.38 20.11 11.53
CA HIS B 2370 42.57 18.98 11.98
C HIS B 2370 41.08 19.16 11.67
N LEU B 2371 40.80 19.15 10.36
CA LEU B 2371 39.44 19.26 9.86
C LEU B 2371 38.83 17.90 9.52
N PHE B 2372 39.56 16.80 9.77
CA PHE B 2372 39.25 15.53 9.14
C PHE B 2372 38.77 14.58 10.24
N PRO B 2373 37.46 14.36 10.42
CA PRO B 2373 37.02 13.43 11.47
C PRO B 2373 37.36 11.97 11.14
N LYS B 2374 37.89 11.27 12.13
CA LYS B 2374 38.34 9.89 11.95
C LYS B 2374 37.17 8.94 11.76
N TYR B 2375 36.21 8.95 12.68
CA TYR B 2375 35.12 7.97 12.69
C TYR B 2375 33.87 8.59 12.09
N ILE B 2376 33.33 7.95 11.06
CA ILE B 2376 32.17 8.46 10.34
C ILE B 2376 31.14 7.35 10.27
N ARG B 2377 29.87 7.73 10.11
CA ARG B 2377 28.75 6.79 10.13
C ARG B 2377 27.95 6.91 8.84
N ALA B 2378 27.57 5.76 8.24
CA ALA B 2378 26.90 5.73 6.95
C ALA B 2378 25.54 5.06 7.11
N PRO B 2379 24.52 5.80 7.51
CA PRO B 2379 23.17 5.24 7.58
C PRO B 2379 22.60 5.00 6.20
N ASN B 2380 21.49 4.26 6.17
CA ASN B 2380 20.70 4.16 4.94
C ASN B 2380 20.05 5.49 4.65
N GLY B 2381 20.23 6.46 5.54
CA GLY B 2381 19.74 7.80 5.32
C GLY B 2381 20.37 8.42 4.10
N PRO B 2382 19.77 9.50 3.61
CA PRO B 2382 20.18 10.03 2.31
C PRO B 2382 21.66 10.41 2.24
N GLU B 2383 22.22 10.87 3.34
CA GLU B 2383 23.62 11.25 3.49
C GLU B 2383 24.27 10.34 4.54
N ALA B 2384 25.49 10.68 4.95
CA ALA B 2384 26.22 9.84 5.90
C ALA B 2384 27.01 10.76 6.82
N ASN B 2385 26.59 10.86 8.07
CA ASN B 2385 27.12 11.81 9.03
C ASN B 2385 28.33 11.26 9.76
N PRO B 2386 29.15 12.12 10.36
CA PRO B 2386 30.19 11.64 11.27
C PRO B 2386 29.58 11.14 12.58
N VAL B 2387 30.43 10.79 13.54
CA VAL B 2387 29.97 10.23 14.80
C VAL B 2387 30.13 11.30 15.87
N LYS B 2388 29.01 11.65 16.52
CA LYS B 2388 29.03 12.69 17.54
C LYS B 2388 29.67 12.19 18.82
N GLN B 2389 29.38 10.95 19.21
CA GLN B 2389 29.89 10.41 20.46
C GLN B 2389 31.41 10.22 20.42
N LEU B 2390 31.92 9.66 19.31
CA LEU B 2390 33.36 9.48 19.18
C LEU B 2390 34.09 10.80 18.95
N GLN B 2391 33.43 11.77 18.32
CA GLN B 2391 33.96 13.13 18.16
C GLN B 2391 33.08 14.11 18.92
N PRO B 2392 33.11 14.10 20.27
CA PRO B 2392 32.36 15.12 21.01
C PRO B 2392 32.91 16.51 20.78
N ASP B 2393 34.24 16.63 20.73
CA ASP B 2393 34.90 17.92 20.52
C ASP B 2393 34.81 18.40 19.08
N GLU B 2394 34.30 17.57 18.17
CA GLU B 2394 34.17 17.90 16.74
C GLU B 2394 35.58 18.21 16.21
N GLU B 2395 35.81 19.38 15.61
CA GLU B 2395 37.06 19.63 14.90
C GLU B 2395 38.28 19.38 15.76
N GLU B 2396 38.15 19.58 17.08
CA GLU B 2396 39.26 19.26 17.98
C GLU B 2396 39.62 17.79 17.91
N ASP B 2397 38.61 16.92 17.85
CA ASP B 2397 38.84 15.49 17.73
C ASP B 2397 39.11 15.04 16.29
N TYR B 2398 38.94 15.93 15.32
CA TYR B 2398 39.22 15.58 13.93
C TYR B 2398 40.73 15.49 13.72
N LEU B 2399 41.13 14.81 12.67
CA LEU B 2399 42.54 14.67 12.32
C LEU B 2399 42.93 15.67 11.25
N GLY B 2400 44.23 15.84 11.07
CA GLY B 2400 44.73 16.80 10.09
C GLY B 2400 45.69 16.22 9.07
N VAL B 2401 45.89 16.93 7.97
CA VAL B 2401 46.80 16.50 6.91
C VAL B 2401 47.55 17.73 6.38
N ARG B 2402 48.52 17.48 5.50
CA ARG B 2402 49.30 18.54 4.88
C ARG B 2402 49.29 18.36 3.37
N ILE B 2403 49.02 19.43 2.65
CA ILE B 2403 49.07 19.41 1.19
C ILE B 2403 50.53 19.42 0.75
N GLN B 2404 50.85 18.59 -0.24
CA GLN B 2404 52.19 18.55 -0.82
C GLN B 2404 52.06 18.65 -2.34
N LEU B 2405 52.85 19.54 -2.94
CA LEU B 2405 52.84 19.76 -4.38
C LEU B 2405 54.19 19.30 -4.94
N ARG B 2406 54.21 18.12 -5.54
CA ARG B 2406 55.43 17.54 -6.10
C ARG B 2406 55.54 17.95 -7.57
N ARG B 2407 56.55 18.77 -7.86
CA ARG B 2407 56.78 19.28 -9.21
C ARG B 2407 57.46 18.24 -10.09
N GLU B 2408 57.25 18.37 -11.41
CA GLU B 2408 57.78 17.42 -12.40
C GLU B 2408 58.29 18.10 -13.68
N GLN B 2409 59.62 18.25 -13.79
CA GLN B 2409 60.26 18.74 -15.02
C GLN B 2409 59.85 17.97 -16.26
N VAL B 2410 59.60 18.70 -17.34
CA VAL B 2410 59.29 18.14 -18.64
C VAL B 2410 60.02 18.95 -19.71
N GLY B 2411 60.62 18.25 -20.67
CA GLY B 2411 61.26 18.92 -21.79
C GLY B 2411 62.69 19.36 -21.51
N GLY B 2420 56.43 30.89 -13.77
CA GLY B 2420 55.17 30.73 -14.48
C GLY B 2420 55.23 29.65 -15.54
N THR B 2421 55.89 29.96 -16.66
CA THR B 2421 56.10 28.94 -17.69
C THR B 2421 56.93 27.79 -17.16
N LYS B 2422 57.96 28.09 -16.35
CA LYS B 2422 58.67 27.04 -15.63
C LYS B 2422 57.77 26.38 -14.60
N ALA B 2423 56.91 27.16 -13.93
CA ALA B 2423 55.93 26.57 -13.04
C ALA B 2423 54.94 25.70 -13.79
N SER B 2424 54.49 26.15 -14.97
CA SER B 2424 53.63 25.32 -15.80
C SER B 2424 54.36 24.09 -16.31
N ASP B 2425 55.68 24.19 -16.41
CA ASP B 2425 56.50 23.08 -16.88
C ASP B 2425 56.41 21.92 -15.90
N PHE B 2426 56.75 22.17 -14.65
CA PHE B 2426 56.52 21.20 -13.59
C PHE B 2426 55.05 20.78 -13.58
N LEU B 2427 54.83 19.48 -13.33
CA LEU B 2427 53.48 18.95 -13.15
C LEU B 2427 53.16 18.97 -11.66
N GLU B 2428 52.04 19.59 -11.30
CA GLU B 2428 51.62 19.72 -9.91
C GLU B 2428 50.48 18.77 -9.60
N TRP B 2429 50.48 18.25 -8.38
CA TRP B 2429 49.39 17.41 -7.88
C TRP B 2429 49.39 17.46 -6.37
N TRP B 2430 48.23 17.79 -5.80
CA TRP B 2430 48.09 17.84 -4.35
C TRP B 2430 48.36 16.47 -3.75
N VAL B 2431 49.13 16.45 -2.66
CA VAL B 2431 49.41 15.23 -1.91
C VAL B 2431 49.08 15.48 -0.44
N ILE B 2432 48.28 14.59 0.14
CA ILE B 2432 47.89 14.70 1.53
C ILE B 2432 48.69 13.71 2.37
N GLU B 2433 48.95 14.08 3.63
CA GLU B 2433 49.77 13.31 4.55
C GLU B 2433 49.34 13.64 5.97
N LEU B 2434 49.08 12.61 6.80
CA LEU B 2434 48.74 12.83 8.19
C LEU B 2434 49.62 13.88 8.85
N GLN B 2435 48.97 14.79 9.59
CA GLN B 2435 49.72 15.79 10.36
C GLN B 2435 50.68 15.10 11.33
N ASP B 2436 50.23 14.05 11.99
CA ASP B 2436 51.04 13.26 12.90
C ASP B 2436 51.18 11.87 12.29
N CYS B 2437 52.20 11.71 11.44
CA CYS B 2437 52.45 10.47 10.71
C CYS B 2437 53.85 9.98 11.00
N LYS B 2438 53.98 8.67 11.20
CA LYS B 2438 55.24 8.05 11.56
C LYS B 2438 55.80 7.14 10.47
N ALA B 2439 55.04 6.12 10.05
CA ALA B 2439 55.53 5.14 9.08
C ALA B 2439 54.57 4.88 7.92
N ASP B 2440 53.27 5.14 8.08
CA ASP B 2440 52.28 4.95 7.03
C ASP B 2440 51.96 6.26 6.33
N CYS B 2441 52.99 7.07 6.07
CA CYS B 2441 52.80 8.42 5.54
C CYS B 2441 52.04 8.42 4.22
N ASN B 2442 52.12 7.34 3.45
CA ASN B 2442 51.48 7.26 2.15
C ASN B 2442 50.11 6.61 2.21
N LEU B 2443 49.43 6.66 3.35
CA LEU B 2443 48.14 5.99 3.52
C LEU B 2443 47.38 6.59 4.70
N LEU B 2444 46.09 6.81 4.51
CA LEU B 2444 45.23 7.45 5.51
C LEU B 2444 44.13 6.45 5.86
N PRO B 2445 44.16 5.83 7.04
CA PRO B 2445 43.03 4.99 7.46
C PRO B 2445 41.88 5.85 8.00
N MET B 2446 40.71 5.69 7.40
CA MET B 2446 39.51 6.44 7.78
C MET B 2446 38.43 5.44 8.19
N VAL B 2447 37.97 5.55 9.44
CA VAL B 2447 36.96 4.64 9.96
C VAL B 2447 35.57 5.05 9.48
N ILE B 2448 34.81 4.07 8.99
CA ILE B 2448 33.46 4.25 8.47
C ILE B 2448 32.57 3.20 9.11
N PHE B 2449 31.32 3.56 9.38
CA PHE B 2449 30.36 2.68 10.06
C PHE B 2449 29.29 2.28 9.07
N SER B 2450 29.40 1.06 8.54
CA SER B 2450 28.45 0.56 7.54
C SER B 2450 27.21 0.03 8.25
N ASP B 2451 26.15 0.84 8.27
CA ASP B 2451 24.95 0.45 8.98
C ASP B 2451 24.18 -0.62 8.21
N LYS B 2452 23.13 -1.15 8.85
CA LYS B 2452 22.38 -2.27 8.29
C LYS B 2452 21.40 -1.82 7.22
N VAL B 2453 20.55 -2.74 6.78
CA VAL B 2453 19.43 -2.45 5.88
C VAL B 2453 18.24 -3.29 6.32
N SER B 2454 17.07 -2.65 6.35
CA SER B 2454 15.85 -3.35 6.69
C SER B 2454 14.82 -3.17 5.58
N PRO B 2455 14.07 -4.21 5.24
CA PRO B 2455 13.03 -4.09 4.21
C PRO B 2455 11.96 -3.09 4.64
N PRO B 2456 11.42 -2.31 3.71
CA PRO B 2456 10.34 -1.37 4.05
C PRO B 2456 8.95 -1.98 4.07
N SER B 2457 8.83 -3.31 4.10
CA SER B 2457 7.53 -3.96 4.18
C SER B 2457 6.79 -3.60 5.47
N LEU B 2458 7.49 -3.06 6.46
CA LEU B 2458 6.84 -2.65 7.70
C LEU B 2458 5.76 -1.62 7.43
N GLY B 2459 6.11 -0.55 6.69
CA GLY B 2459 5.16 0.45 6.26
C GLY B 2459 4.21 0.92 7.33
N PHE B 2460 2.93 0.57 7.19
CA PHE B 2460 1.94 0.85 8.21
C PHE B 2460 2.12 -0.13 9.36
N LEU B 2461 3.12 0.14 10.21
CA LEU B 2461 3.50 -0.75 11.30
C LEU B 2461 2.44 -0.71 12.41
N ALA B 2462 2.74 -1.42 13.50
CA ALA B 2462 1.81 -1.55 14.61
C ALA B 2462 1.57 -0.21 15.30
N GLY B 2463 0.43 -0.13 15.97
CA GLY B 2463 -0.01 1.05 16.67
C GLY B 2463 -0.92 1.96 15.88
N TYR B 2464 -0.74 2.05 14.56
CA TYR B 2464 -1.64 2.87 13.75
C TYR B 2464 -2.33 2.14 12.61
N GLY B 2465 -1.59 1.62 11.64
CA GLY B 2465 -2.20 0.98 10.48
C GLY B 2465 -2.70 -0.44 10.58
N ILE B 2466 -1.73 -1.36 10.62
CA ILE B 2466 -2.03 -2.79 10.61
C ILE B 2466 -2.82 -3.18 11.86
N VAL B 2467 -2.52 -2.54 12.99
CA VAL B 2467 -3.33 -2.74 14.19
C VAL B 2467 -4.77 -2.31 13.95
N GLY B 2468 -4.97 -1.19 13.24
CA GLY B 2468 -6.33 -0.77 12.92
C GLY B 2468 -7.07 -1.80 12.07
N LEU B 2469 -6.42 -2.29 11.01
CA LEU B 2469 -7.04 -3.32 10.19
C LEU B 2469 -7.35 -4.57 11.02
N TYR B 2470 -6.39 -4.97 11.86
CA TYR B 2470 -6.59 -6.07 12.80
C TYR B 2470 -7.84 -5.89 13.66
N VAL B 2471 -7.93 -4.75 14.36
CA VAL B 2471 -9.02 -4.59 15.30
C VAL B 2471 -10.35 -4.56 14.55
N GLU B 2472 -10.37 -3.96 13.37
CA GLU B 2472 -11.59 -3.97 12.57
C GLU B 2472 -12.02 -5.41 12.24
N ILE B 2473 -11.09 -6.23 11.74
CA ILE B 2473 -11.47 -7.57 11.32
C ILE B 2473 -11.87 -8.43 12.52
N VAL B 2474 -11.17 -8.27 13.66
CA VAL B 2474 -11.52 -9.08 14.81
C VAL B 2474 -12.89 -8.68 15.35
N LEU B 2475 -13.22 -7.38 15.31
CA LEU B 2475 -14.55 -6.97 15.73
C LEU B 2475 -15.63 -7.50 14.81
N VAL B 2476 -15.40 -7.45 13.49
CA VAL B 2476 -16.45 -7.92 12.59
C VAL B 2476 -16.66 -9.43 12.75
N VAL B 2477 -15.59 -10.21 12.86
CA VAL B 2477 -15.76 -11.65 13.00
C VAL B 2477 -16.39 -11.98 14.35
N GLY B 2478 -16.00 -11.27 15.41
CA GLY B 2478 -16.60 -11.50 16.71
C GLY B 2478 -18.09 -11.18 16.72
N LYS B 2479 -18.48 -10.09 16.08
CA LYS B 2479 -19.89 -9.76 15.96
C LYS B 2479 -20.64 -10.84 15.20
N PHE B 2480 -20.06 -11.34 14.11
CA PHE B 2480 -20.70 -12.40 13.35
C PHE B 2480 -20.91 -13.64 14.19
N VAL B 2481 -19.86 -14.08 14.91
CA VAL B 2481 -19.96 -15.30 15.70
C VAL B 2481 -20.95 -15.12 16.85
N ARG B 2482 -20.92 -13.96 17.50
CA ARG B 2482 -21.85 -13.72 18.60
C ARG B 2482 -23.30 -13.70 18.11
N GLY B 2483 -23.54 -13.11 16.94
CA GLY B 2483 -24.88 -13.14 16.39
C GLY B 2483 -25.31 -14.55 16.01
N PHE B 2484 -24.38 -15.35 15.50
CA PHE B 2484 -24.70 -16.73 15.14
C PHE B 2484 -25.03 -17.55 16.38
N PHE B 2485 -24.32 -17.32 17.48
CA PHE B 2485 -24.40 -18.21 18.64
C PHE B 2485 -25.44 -17.77 19.67
N SER B 2486 -25.66 -16.46 19.82
CA SER B 2486 -26.53 -15.94 20.88
C SER B 2486 -27.97 -15.74 20.43
N GLU B 2487 -28.17 -15.33 19.18
CA GLU B 2487 -29.51 -14.98 18.71
C GLU B 2487 -30.41 -16.19 18.54
N ILE B 2488 -29.91 -17.41 18.72
CA ILE B 2488 -30.71 -18.59 18.43
C ILE B 2488 -31.57 -18.94 19.63
N SER B 2489 -32.62 -18.16 19.83
CA SER B 2489 -33.73 -18.44 20.74
C SER B 2489 -35.08 -18.20 20.09
N HIS B 2490 -35.17 -17.20 19.20
CA HIS B 2490 -36.44 -16.77 18.64
C HIS B 2490 -37.00 -17.75 17.63
N SER B 2491 -36.18 -18.61 17.04
CA SER B 2491 -36.63 -19.44 15.92
C SER B 2491 -37.05 -20.84 16.37
N ILE B 2492 -36.96 -21.13 17.68
CA ILE B 2492 -37.15 -22.50 18.17
C ILE B 2492 -38.53 -23.01 17.79
N MET B 2493 -39.48 -22.12 17.55
CA MET B 2493 -40.77 -22.53 17.02
C MET B 2493 -40.62 -23.31 15.73
N PHE B 2494 -39.55 -23.04 14.97
CA PHE B 2494 -39.31 -23.67 13.68
C PHE B 2494 -38.31 -24.81 13.71
N GLU B 2495 -37.72 -25.15 14.87
CA GLU B 2495 -36.87 -26.33 14.96
C GLU B 2495 -37.34 -27.39 15.95
N GLU B 2496 -38.14 -27.04 16.95
CA GLU B 2496 -38.59 -28.09 17.87
C GLU B 2496 -39.60 -29.04 17.24
N LEU B 2497 -39.83 -28.98 15.93
CA LEU B 2497 -40.82 -29.80 15.25
C LEU B 2497 -40.54 -31.27 15.46
N PRO B 2498 -41.39 -32.00 16.19
CA PRO B 2498 -41.14 -33.43 16.41
C PRO B 2498 -41.42 -34.26 15.17
N CYS B 2499 -42.54 -33.97 14.50
CA CYS B 2499 -42.95 -34.69 13.30
C CYS B 2499 -43.22 -33.69 12.18
N VAL B 2500 -42.77 -34.01 10.97
CA VAL B 2500 -42.87 -33.07 9.86
C VAL B 2500 -43.44 -33.75 8.63
N ASP B 2501 -44.01 -34.94 8.80
CA ASP B 2501 -44.46 -35.72 7.64
C ASP B 2501 -45.59 -35.00 6.90
N ARG B 2502 -46.54 -34.41 7.63
CA ARG B 2502 -47.65 -33.73 6.99
C ARG B 2502 -47.16 -32.58 6.11
N ILE B 2503 -46.23 -31.77 6.63
CA ILE B 2503 -45.73 -30.63 5.87
C ILE B 2503 -44.92 -31.08 4.67
N LEU B 2504 -44.13 -32.15 4.83
CA LEU B 2504 -43.40 -32.71 3.69
C LEU B 2504 -44.36 -33.17 2.61
N LYS B 2505 -45.43 -33.86 3.00
CA LYS B 2505 -46.42 -34.29 2.01
C LYS B 2505 -47.05 -33.08 1.33
N LEU B 2506 -47.34 -32.03 2.09
CA LEU B 2506 -47.94 -30.82 1.53
C LEU B 2506 -47.00 -30.19 0.50
N CYS B 2507 -45.73 -30.03 0.84
CA CYS B 2507 -44.78 -29.41 -0.08
C CYS B 2507 -44.56 -30.27 -1.32
N GLN B 2508 -44.46 -31.59 -1.13
CA GLN B 2508 -44.30 -32.48 -2.27
C GLN B 2508 -45.53 -32.43 -3.16
N ASP B 2509 -46.71 -32.28 -2.57
CA ASP B 2509 -47.93 -32.10 -3.36
C ASP B 2509 -47.87 -30.80 -4.15
N ILE B 2510 -47.34 -29.73 -3.54
CA ILE B 2510 -47.17 -28.48 -4.27
C ILE B 2510 -46.27 -28.70 -5.49
N PHE B 2511 -45.13 -29.36 -5.27
CA PHE B 2511 -44.19 -29.60 -6.37
C PHE B 2511 -44.80 -30.46 -7.47
N LEU B 2512 -45.55 -31.50 -7.10
CA LEU B 2512 -46.10 -32.39 -8.12
C LEU B 2512 -47.25 -31.73 -8.88
N VAL B 2513 -48.12 -31.01 -8.17
CA VAL B 2513 -49.19 -30.28 -8.86
C VAL B 2513 -48.59 -29.20 -9.74
N ARG B 2514 -47.41 -28.71 -9.38
CA ARG B 2514 -46.64 -27.85 -10.27
C ARG B 2514 -46.18 -28.57 -11.53
N GLU B 2515 -45.58 -29.76 -11.36
CA GLU B 2515 -44.99 -30.44 -12.51
C GLU B 2515 -46.02 -30.96 -13.51
N THR B 2516 -47.30 -30.97 -13.15
CA THR B 2516 -48.37 -31.38 -14.05
C THR B 2516 -49.11 -30.20 -14.67
N ARG B 2517 -48.63 -28.98 -14.46
CA ARG B 2517 -49.11 -27.78 -15.16
C ARG B 2517 -50.59 -27.51 -14.90
N GLU B 2518 -51.10 -27.88 -13.72
CA GLU B 2518 -52.42 -27.46 -13.26
C GLU B 2518 -52.24 -26.37 -12.21
N LEU B 2519 -52.05 -25.16 -12.70
CA LEU B 2519 -51.73 -24.03 -11.85
C LEU B 2519 -52.88 -23.61 -10.95
N GLU B 2520 -54.09 -24.14 -11.16
CA GLU B 2520 -55.28 -23.74 -10.43
C GLU B 2520 -55.39 -24.37 -9.03
N LEU B 2521 -54.43 -25.20 -8.64
CA LEU B 2521 -54.35 -25.69 -7.27
C LEU B 2521 -53.13 -25.18 -6.53
N GLU B 2522 -52.14 -24.65 -7.26
CA GLU B 2522 -50.91 -24.19 -6.62
C GLU B 2522 -51.20 -23.03 -5.66
N GLU B 2523 -52.11 -22.12 -6.05
CA GLU B 2523 -52.47 -21.02 -5.17
C GLU B 2523 -53.13 -21.52 -3.89
N GLU B 2524 -54.02 -22.51 -4.00
CA GLU B 2524 -54.70 -23.04 -2.83
C GLU B 2524 -53.71 -23.71 -1.89
N LEU B 2525 -52.83 -24.55 -2.44
CA LEU B 2525 -51.86 -25.25 -1.60
C LEU B 2525 -50.90 -24.28 -0.93
N TYR B 2526 -50.44 -23.26 -1.68
CA TYR B 2526 -49.59 -22.24 -1.08
C TYR B 2526 -50.32 -21.44 -0.01
N ALA B 2527 -51.60 -21.14 -0.22
CA ALA B 2527 -52.36 -20.44 0.81
C ALA B 2527 -52.45 -21.28 2.08
N LYS B 2528 -52.67 -22.59 1.93
CA LYS B 2528 -52.71 -23.45 3.10
C LYS B 2528 -51.37 -23.45 3.82
N LEU B 2529 -50.27 -23.54 3.05
CA LEU B 2529 -48.94 -23.55 3.68
C LEU B 2529 -48.64 -22.25 4.40
N ILE B 2530 -48.95 -21.11 3.78
CA ILE B 2530 -48.65 -19.82 4.39
C ILE B 2530 -49.51 -19.60 5.63
N PHE B 2531 -50.76 -20.05 5.59
CA PHE B 2531 -51.59 -19.99 6.80
C PHE B 2531 -51.02 -20.88 7.91
N LEU B 2532 -50.54 -22.07 7.54
CA LEU B 2532 -49.91 -22.94 8.53
C LEU B 2532 -48.75 -22.25 9.20
N TYR B 2533 -47.91 -21.59 8.42
CA TYR B 2533 -46.76 -20.89 9.00
C TYR B 2533 -47.13 -19.54 9.60
N ARG B 2534 -48.39 -19.12 9.45
CA ARG B 2534 -48.87 -17.87 10.03
C ARG B 2534 -49.30 -18.00 11.49
N SER B 2535 -49.40 -19.22 12.01
CA SER B 2535 -49.92 -19.40 13.36
C SER B 2535 -49.23 -20.59 14.05
N PRO B 2536 -48.42 -20.33 15.07
CA PRO B 2536 -47.71 -21.44 15.74
C PRO B 2536 -48.64 -22.45 16.39
N GLU B 2537 -49.82 -22.03 16.82
CA GLU B 2537 -50.73 -22.95 17.47
C GLU B 2537 -51.16 -24.06 16.52
N THR B 2538 -51.45 -23.71 15.27
CA THR B 2538 -51.83 -24.74 14.30
C THR B 2538 -50.66 -25.67 13.98
N MET B 2539 -49.45 -25.13 13.85
CA MET B 2539 -48.31 -26.00 13.52
C MET B 2539 -48.04 -26.97 14.66
N ILE B 2540 -48.23 -26.52 15.91
CA ILE B 2540 -48.21 -27.47 17.02
C ILE B 2540 -49.34 -28.48 16.88
N LYS B 2541 -50.54 -28.01 16.52
CA LYS B 2541 -51.66 -28.91 16.29
C LYS B 2541 -51.43 -29.84 15.11
N TRP B 2542 -50.66 -29.40 14.13
CA TRP B 2542 -50.42 -30.15 12.90
C TRP B 2542 -49.26 -31.12 13.00
N THR B 2543 -48.52 -31.11 14.11
CA THR B 2543 -47.28 -31.88 14.21
C THR B 2543 -47.26 -32.73 15.47
N ARG B 2544 -48.37 -33.38 15.79
CA ARG B 2544 -48.38 -34.35 16.88
C ARG B 2544 -47.77 -35.65 16.40
N GLU B 2545 -47.77 -36.66 17.28
CA GLU B 2545 -47.13 -37.93 17.02
C GLU B 2545 -48.18 -39.00 16.76
N ARG B 2546 -47.98 -39.79 15.71
CA ARG B 2546 -48.92 -40.84 15.35
C ARG B 2546 -48.80 -42.01 16.33
N GLU B 2547 -49.88 -42.80 16.39
CA GLU B 2547 -49.97 -43.90 17.32
C GLU B 2547 -50.09 -45.23 16.59
N GLU C 576 17.74 59.18 80.33
CA GLU C 576 19.14 59.12 80.68
C GLU C 576 19.73 57.76 80.35
N LEU C 577 19.03 56.99 79.53
CA LEU C 577 19.51 55.68 79.12
C LEU C 577 20.81 55.79 78.32
N VAL C 578 20.89 56.78 77.43
CA VAL C 578 22.11 56.98 76.65
C VAL C 578 23.26 57.35 77.56
N THR C 579 22.99 58.14 78.60
CA THR C 579 24.04 58.48 79.56
C THR C 579 24.58 57.23 80.27
N GLY C 580 23.68 56.33 80.67
CA GLY C 580 24.11 55.09 81.28
C GLY C 580 24.90 54.21 80.32
N ILE C 581 24.47 54.16 79.07
CA ILE C 581 25.20 53.38 78.06
C ILE C 581 26.60 53.93 77.87
N TYR C 582 26.72 55.27 77.80
CA TYR C 582 28.03 55.89 77.67
C TYR C 582 28.90 55.63 78.89
N VAL C 583 28.31 55.70 80.09
CA VAL C 583 29.06 55.43 81.31
C VAL C 583 29.52 53.99 81.35
N LYS C 584 28.75 53.07 80.79
CA LYS C 584 29.13 51.66 80.79
C LYS C 584 30.16 51.35 79.71
N TYR C 585 29.81 51.60 78.45
CA TYR C 585 30.66 51.21 77.31
C TYR C 585 31.56 52.38 76.89
N TRP C 586 32.42 52.79 77.82
CA TRP C 586 33.43 53.80 77.54
C TRP C 586 34.84 53.32 77.82
N ILE C 587 35.04 52.56 78.91
CA ILE C 587 36.36 52.02 79.21
C ILE C 587 36.79 51.05 78.13
N TYR C 588 35.88 50.21 77.66
CA TYR C 588 36.20 49.30 76.56
C TYR C 588 36.54 50.08 75.29
N VAL C 589 35.80 51.14 75.00
CA VAL C 589 36.09 51.96 73.82
C VAL C 589 37.46 52.61 73.94
N CYS C 590 37.78 53.13 75.12
CA CYS C 590 39.09 53.75 75.33
C CYS C 590 40.21 52.73 75.19
N ALA C 591 40.02 51.53 75.73
CA ALA C 591 41.04 50.49 75.59
C ALA C 591 41.21 50.08 74.14
N GLY C 592 40.10 49.98 73.40
CA GLY C 592 40.20 49.67 71.98
C GLY C 592 40.94 50.74 71.21
N MET C 593 40.68 52.01 71.53
CA MET C 593 41.40 53.10 70.89
C MET C 593 42.88 53.04 71.23
N PHE C 594 43.22 52.73 72.48
CA PHE C 594 44.62 52.61 72.87
C PHE C 594 45.31 51.48 72.12
N ILE C 595 44.60 50.35 71.95
CA ILE C 595 45.17 49.23 71.21
C ILE C 595 45.35 49.60 69.74
N VAL C 596 44.38 50.31 69.16
CA VAL C 596 44.47 50.70 67.76
C VAL C 596 45.57 51.72 67.54
N VAL C 597 45.90 52.51 68.57
CA VAL C 597 46.98 53.49 68.44
C VAL C 597 48.30 52.80 68.12
N SER C 598 48.59 51.72 68.82
CA SER C 598 49.74 50.89 68.47
C SER C 598 49.43 50.07 67.22
N PHE C 599 50.44 49.90 66.37
CA PHE C 599 50.30 49.17 65.12
C PHE C 599 49.21 49.77 64.23
N LEU C 603 55.35 51.11 61.41
CA LEU C 603 54.97 51.64 62.72
C LEU C 603 56.18 52.22 63.45
N VAL C 604 55.96 53.34 64.15
CA VAL C 604 57.02 53.95 64.93
C VAL C 604 57.33 53.08 66.13
N VAL C 605 58.61 53.04 66.51
CA VAL C 605 59.05 52.10 67.55
C VAL C 605 58.70 52.62 68.94
N TYR C 606 59.20 53.80 69.29
CA TYR C 606 59.16 54.25 70.68
C TYR C 606 57.74 54.46 71.17
N LYS C 607 56.94 55.23 70.42
CA LYS C 607 55.60 55.57 70.87
C LYS C 607 54.71 54.33 70.97
N ILE C 608 54.76 53.48 69.94
CA ILE C 608 53.95 52.27 69.95
C ILE C 608 54.38 51.34 71.08
N VAL C 609 55.70 51.22 71.30
CA VAL C 609 56.19 50.36 72.37
C VAL C 609 55.73 50.88 73.72
N TYR C 610 55.81 52.19 73.95
CA TYR C 610 55.37 52.75 75.22
C TYR C 610 53.87 52.54 75.43
N MET C 611 53.07 52.78 74.39
CA MET C 611 51.63 52.61 74.51
C MET C 611 51.27 51.15 74.79
N PHE C 612 51.92 50.22 74.09
CA PHE C 612 51.66 48.80 74.31
C PHE C 612 52.07 48.39 75.71
N LEU C 613 53.21 48.89 76.20
CA LEU C 613 53.63 48.56 77.56
C LEU C 613 52.64 49.08 78.59
N PHE C 614 52.15 50.31 78.40
CA PHE C 614 51.17 50.85 79.33
C PHE C 614 49.88 50.03 79.31
N LEU C 615 49.40 49.67 78.12
CA LEU C 615 48.18 48.87 78.02
C LEU C 615 48.36 47.50 78.66
N LEU C 616 49.50 46.86 78.42
CA LEU C 616 49.77 45.54 79.00
C LEU C 616 49.85 45.63 80.52
N CYS C 617 50.50 46.67 81.04
CA CYS C 617 50.57 46.84 82.50
C CYS C 617 49.19 47.04 83.09
N LEU C 618 48.36 47.86 82.44
CA LEU C 618 47.00 48.07 82.94
C LEU C 618 46.20 46.78 82.93
N THR C 619 46.30 46.00 81.84
CA THR C 619 45.57 44.74 81.76
C THR C 619 46.07 43.75 82.81
N LEU C 620 47.38 43.69 83.03
CA LEU C 620 47.92 42.80 84.05
C LEU C 620 47.45 43.20 85.45
N PHE C 621 47.42 44.50 85.73
CA PHE C 621 46.92 44.97 87.01
C PHE C 621 45.44 44.61 87.18
N GLN C 622 44.65 44.77 86.11
CA GLN C 622 43.24 44.38 86.17
C GLN C 622 43.08 42.89 86.43
N VAL C 623 43.91 42.07 85.79
CA VAL C 623 43.87 40.64 86.01
C VAL C 623 44.21 40.32 87.46
N TYR C 624 45.22 40.99 88.00
CA TYR C 624 45.54 40.86 89.43
C TYR C 624 44.46 41.47 90.30
N TYR C 625 43.63 42.37 89.75
CA TYR C 625 42.53 42.99 90.47
C TYR C 625 43.00 43.74 91.71
N THR C 626 44.21 44.28 91.67
CA THR C 626 44.77 45.03 92.79
C THR C 626 44.66 46.53 92.60
N LEU C 627 44.62 47.02 91.36
CA LEU C 627 44.53 48.45 91.10
C LEU C 627 43.21 48.82 90.44
N TRP C 628 42.87 48.20 89.31
CA TRP C 628 41.60 48.51 88.65
C TRP C 628 40.40 48.01 89.45
N ARG C 629 40.62 47.09 90.39
CA ARG C 629 39.53 46.54 91.19
C ARG C 629 39.72 46.71 92.69
N LYS C 630 40.90 47.13 93.15
CA LYS C 630 41.15 47.32 94.57
C LYS C 630 41.83 48.63 94.92
N LEU C 631 42.45 49.32 93.97
CA LEU C 631 43.15 50.58 94.19
C LEU C 631 42.78 51.59 93.13
N LEU C 632 41.46 51.77 92.91
CA LEU C 632 40.96 52.59 91.80
C LEU C 632 41.66 53.93 91.67
N ARG C 633 42.23 54.44 92.76
CA ARG C 633 43.10 55.62 92.67
C ARG C 633 44.26 55.36 91.72
N VAL C 634 44.79 54.13 91.72
CA VAL C 634 45.83 53.78 90.77
C VAL C 634 45.30 53.80 89.35
N PHE C 635 44.04 53.39 89.16
CA PHE C 635 43.43 53.46 87.83
C PHE C 635 43.33 54.90 87.36
N TRP C 636 42.89 55.81 88.24
CA TRP C 636 42.81 57.23 87.87
C TRP C 636 44.20 57.79 87.57
N TRP C 637 45.20 57.42 88.38
CA TRP C 637 46.55 57.88 88.14
C TRP C 637 47.09 57.35 86.81
N LEU C 638 46.76 56.11 86.47
CA LEU C 638 47.19 55.55 85.19
C LEU C 638 46.52 56.26 84.02
N VAL C 639 45.23 56.61 84.18
CA VAL C 639 44.56 57.37 83.14
C VAL C 639 45.24 58.73 82.96
N VAL C 640 45.55 59.39 84.07
CA VAL C 640 46.21 60.70 84.00
C VAL C 640 47.60 60.56 83.35
N ALA C 641 48.32 59.49 83.70
CA ALA C 641 49.64 59.26 83.13
C ALA C 641 49.55 58.99 81.63
N TYR C 642 48.54 58.24 81.20
CA TYR C 642 48.35 58.01 79.77
C TYR C 642 48.04 59.31 79.04
N THR C 643 47.20 60.16 79.65
CA THR C 643 46.91 61.46 79.04
C THR C 643 48.18 62.31 78.94
N MET C 644 49.00 62.31 80.00
CA MET C 644 50.24 63.07 79.98
C MET C 644 51.20 62.54 78.92
N LEU C 645 51.30 61.22 78.79
CA LEU C 645 52.16 60.63 77.77
C LEU C 645 51.67 61.00 76.37
N VAL C 646 50.35 60.99 76.16
CA VAL C 646 49.81 61.36 74.86
C VAL C 646 50.10 62.83 74.57
N LEU C 647 50.00 63.69 75.58
CA LEU C 647 50.30 65.11 75.41
C LEU C 647 51.80 65.39 75.30
N ILE C 648 52.65 64.45 75.70
CA ILE C 648 54.09 64.62 75.62
C ILE C 648 54.58 64.26 74.22
N ALA C 649 53.65 64.04 73.29
CA ALA C 649 54.02 63.71 71.92
C ALA C 649 54.65 64.88 71.18
N VAL C 650 54.60 66.08 71.72
CA VAL C 650 55.19 67.24 71.08
C VAL C 650 55.74 68.21 72.14
N SER C 684 59.46 65.42 58.19
CA SER C 684 58.48 64.43 58.62
C SER C 684 57.21 64.51 57.76
N GLU C 685 57.05 63.53 56.89
CA GLU C 685 55.89 63.47 55.99
C GLU C 685 54.69 62.76 56.61
N LEU C 686 54.80 62.33 57.87
CA LEU C 686 53.70 61.65 58.56
C LEU C 686 52.80 62.67 59.25
N PHE C 687 52.21 63.55 58.44
CA PHE C 687 51.33 64.58 58.97
C PHE C 687 50.08 63.97 59.58
N SER C 688 49.53 62.93 58.94
CA SER C 688 48.30 62.32 59.41
C SER C 688 48.49 61.44 60.64
N SER C 689 49.73 61.07 60.97
CA SER C 689 49.95 60.20 62.12
C SER C 689 49.47 60.84 63.41
N ILE C 690 49.76 62.13 63.60
CA ILE C 690 49.30 62.83 64.78
C ILE C 690 47.78 62.90 64.83
N LEU C 691 47.11 62.67 63.71
CA LEU C 691 45.65 62.60 63.71
C LEU C 691 45.15 61.44 64.56
N ILE C 692 45.93 60.37 64.67
CA ILE C 692 45.54 59.21 65.47
C ILE C 692 45.75 59.55 66.95
N PRO C 693 46.89 60.14 67.33
CA PRO C 693 47.09 60.43 68.75
C PRO C 693 46.07 61.40 69.33
N GLY C 694 45.76 62.47 68.61
CA GLY C 694 44.82 63.45 69.13
C GLY C 694 43.48 62.85 69.45
N PHE C 695 42.94 62.04 68.52
CA PHE C 695 41.70 61.33 68.80
C PHE C 695 41.83 60.51 70.07
N PHE C 696 42.93 59.78 70.21
CA PHE C 696 43.16 59.03 71.44
C PHE C 696 43.12 59.97 72.63
N LEU C 697 43.84 61.10 72.55
CA LEU C 697 43.80 62.07 73.63
C LEU C 697 42.36 62.50 73.91
N LEU C 698 41.61 62.81 72.84
CA LEU C 698 40.23 63.22 73.03
C LEU C 698 39.47 62.15 73.78
N ALA C 699 39.62 60.89 73.36
CA ALA C 699 38.93 59.81 74.05
C ALA C 699 39.30 59.81 75.52
N CYS C 700 40.59 59.90 75.82
CA CYS C 700 41.01 59.89 77.22
C CYS C 700 40.35 61.05 77.96
N ILE C 701 40.35 62.24 77.35
CA ILE C 701 39.73 63.39 78.01
C ILE C 701 38.28 63.08 78.32
N LEU C 702 37.56 62.53 77.34
CA LEU C 702 36.16 62.21 77.58
C LEU C 702 36.02 61.22 78.72
N GLN C 703 36.87 60.19 78.71
CA GLN C 703 36.79 59.18 79.76
C GLN C 703 37.11 59.81 81.12
N LEU C 704 38.00 60.80 81.14
CA LEU C 704 38.33 61.48 82.38
C LEU C 704 37.35 62.58 82.75
N HIS C 705 36.48 62.99 81.82
CA HIS C 705 35.59 64.13 82.09
C HIS C 705 34.51 63.75 83.09
N TYR C 706 33.63 62.83 82.71
CA TYR C 706 32.56 62.36 83.59
C TYR C 706 32.39 60.85 83.58
N PHE C 707 33.05 60.13 82.66
CA PHE C 707 32.89 58.69 82.59
C PHE C 707 33.62 57.96 83.71
N HIS C 708 34.76 58.48 84.16
CA HIS C 708 35.53 57.80 85.20
C HIS C 708 34.74 57.68 86.49
N ARG C 709 34.21 58.80 86.99
CA ARG C 709 33.42 58.77 88.21
C ARG C 709 32.17 57.93 88.06
N PRO C 710 31.39 58.04 86.97
CA PRO C 710 30.22 57.16 86.83
C PRO C 710 30.56 55.69 86.75
N PHE C 711 31.61 55.34 86.01
CA PHE C 711 32.01 53.94 85.91
C PHE C 711 32.44 53.39 87.26
N MET C 712 33.24 54.16 87.99
CA MET C 712 33.69 53.72 89.32
C MET C 712 32.52 53.60 90.28
N GLN C 713 31.59 54.56 90.25
CA GLN C 713 30.46 54.53 91.17
C GLN C 713 29.49 53.40 90.85
N LEU C 714 29.34 53.04 89.57
CA LEU C 714 28.41 51.99 89.20
C LEU C 714 29.03 50.60 89.27
N THR C 715 30.35 50.49 89.18
CA THR C 715 30.99 49.18 89.25
C THR C 715 31.04 48.63 90.66
N ASP C 716 31.22 49.50 91.65
CA ASP C 716 31.38 49.05 93.03
C ASP C 716 30.08 48.46 93.57
N LEU C 717 30.23 47.47 94.45
CA LEU C 717 29.09 46.83 95.10
C LEU C 717 28.96 47.20 96.58
N GLU C 718 29.74 48.18 97.04
CA GLU C 718 29.70 48.59 98.43
C GLU C 718 29.60 50.11 98.55
N LEU C 784 0.96 44.73 68.54
CA LEU C 784 1.91 43.91 69.26
C LEU C 784 2.73 44.77 70.24
N ASP C 785 2.43 44.63 71.53
CA ASP C 785 3.11 45.36 72.60
C ASP C 785 3.88 44.43 73.51
N LEU C 786 4.56 43.44 72.91
CA LEU C 786 5.21 42.35 73.63
C LEU C 786 6.54 42.74 74.26
N ALA C 787 6.84 44.02 74.42
CA ALA C 787 8.16 44.43 74.90
C ALA C 787 8.44 43.94 76.33
N ALA C 788 7.41 43.74 77.15
CA ALA C 788 7.62 43.29 78.51
C ALA C 788 8.03 41.82 78.56
N SER C 789 7.35 40.97 77.80
CA SER C 789 7.71 39.56 77.76
C SER C 789 9.12 39.38 77.20
N PHE C 790 9.47 40.13 76.15
CA PHE C 790 10.82 40.06 75.60
C PHE C 790 11.84 40.54 76.60
N SER C 791 11.55 41.63 77.33
CA SER C 791 12.50 42.12 78.31
C SER C 791 12.74 41.09 79.41
N ALA C 792 11.66 40.46 79.89
CA ALA C 792 11.81 39.39 80.87
C ALA C 792 12.63 38.22 80.31
N VAL C 793 12.41 37.91 79.02
CA VAL C 793 13.15 36.82 78.39
C VAL C 793 14.65 37.15 78.35
N LEU C 794 14.99 38.38 77.98
CA LEU C 794 16.40 38.77 78.01
C LEU C 794 16.97 38.70 79.42
N THR C 795 16.20 39.10 80.44
CA THR C 795 16.72 39.01 81.80
C THR C 795 17.02 37.57 82.19
N ARG C 796 16.08 36.65 81.94
CA ARG C 796 16.31 35.27 82.33
C ARG C 796 17.43 34.63 81.51
N ILE C 797 17.52 34.96 80.23
CA ILE C 797 18.60 34.44 79.39
C ILE C 797 19.94 34.99 79.88
N GLN C 798 19.97 36.25 80.33
CA GLN C 798 21.19 36.81 80.89
C GLN C 798 21.62 36.05 82.13
N VAL C 799 20.68 35.72 83.01
CA VAL C 799 21.02 34.94 84.19
C VAL C 799 21.55 33.56 83.80
N PHE C 800 20.90 32.93 82.83
CA PHE C 800 21.35 31.61 82.36
C PHE C 800 22.77 31.69 81.81
N VAL C 801 23.04 32.70 80.99
CA VAL C 801 24.37 32.85 80.39
C VAL C 801 25.41 33.13 81.46
N ARG C 802 25.06 33.94 82.47
CA ARG C 802 25.98 34.15 83.59
C ARG C 802 26.33 32.83 84.25
N ARG C 803 25.31 32.02 84.56
CA ARG C 803 25.57 30.77 85.27
C ARG C 803 26.41 29.82 84.42
N LEU C 804 26.14 29.75 83.12
CA LEU C 804 26.92 28.87 82.26
C LEU C 804 28.37 29.36 82.12
N LEU C 805 28.56 30.66 81.91
CA LEU C 805 29.88 31.18 81.60
C LEU C 805 30.78 31.23 82.83
N GLU C 806 30.20 31.37 84.03
CA GLU C 806 31.04 31.40 85.21
C GLU C 806 31.66 30.05 85.54
N LEU C 807 31.24 28.98 84.85
CA LEU C 807 31.78 27.65 85.08
C LEU C 807 32.41 27.03 83.84
N HIS C 808 32.45 27.74 82.71
CA HIS C 808 33.00 27.18 81.48
C HIS C 808 33.98 28.11 80.77
N VAL C 809 34.26 29.30 81.30
CA VAL C 809 35.22 30.19 80.67
C VAL C 809 36.63 29.61 80.77
N PHE C 810 36.93 28.96 81.90
CA PHE C 810 38.25 28.39 82.09
C PHE C 810 38.56 27.33 81.03
N LYS C 811 37.58 26.50 80.71
CA LYS C 811 37.78 25.47 79.69
C LYS C 811 38.06 26.10 78.32
N LEU C 812 37.34 27.16 77.98
CA LEU C 812 37.58 27.83 76.70
C LEU C 812 38.97 28.44 76.65
N VAL C 813 39.39 29.07 77.76
CA VAL C 813 40.73 29.64 77.83
C VAL C 813 41.77 28.54 77.66
N ALA C 814 41.56 27.40 78.33
CA ALA C 814 42.49 26.28 78.20
C ALA C 814 42.59 25.81 76.77
N LEU C 815 41.44 25.60 76.11
CA LEU C 815 41.44 25.08 74.75
C LEU C 815 42.10 26.07 73.79
N TYR C 816 41.82 27.36 73.95
CA TYR C 816 42.40 28.34 73.03
C TYR C 816 43.90 28.48 73.25
N THR C 817 44.36 28.49 74.50
CA THR C 817 45.79 28.55 74.76
C THR C 817 46.50 27.32 74.19
N VAL C 818 45.91 26.14 74.38
CA VAL C 818 46.51 24.93 73.84
C VAL C 818 46.56 24.99 72.32
N TRP C 819 45.50 25.47 71.69
CA TRP C 819 45.46 25.58 70.24
C TRP C 819 46.52 26.56 69.72
N VAL C 820 46.67 27.70 70.41
CA VAL C 820 47.68 28.68 70.00
C VAL C 820 49.08 28.08 70.14
N ALA C 821 49.33 27.34 71.22
CA ALA C 821 50.62 26.70 71.39
C ALA C 821 50.88 25.66 70.33
N LEU C 822 49.85 24.89 69.95
CA LEU C 822 50.05 23.80 69.01
C LEU C 822 50.24 24.32 67.59
N LYS C 823 49.46 25.31 67.16
CA LYS C 823 49.64 25.86 65.83
C LYS C 823 50.96 26.57 65.68
N GLU C 824 51.54 27.06 66.78
CA GLU C 824 52.83 27.75 66.77
C GLU C 824 53.76 27.00 67.71
N VAL C 825 54.43 25.98 67.18
CA VAL C 825 55.33 25.16 67.98
C VAL C 825 56.65 25.92 68.12
N SER C 826 56.99 26.30 69.35
CA SER C 826 58.19 27.07 69.61
C SER C 826 58.42 27.14 71.11
N VAL C 827 59.65 27.53 71.49
CA VAL C 827 59.92 27.82 72.88
C VAL C 827 59.16 29.07 73.31
N MET C 828 59.08 29.26 74.63
CA MET C 828 58.33 30.34 75.27
C MET C 828 56.83 30.10 75.14
N ASN C 829 56.46 29.06 74.38
CA ASN C 829 55.10 28.56 74.35
C ASN C 829 54.92 27.27 75.13
N LEU C 830 56.01 26.53 75.36
CA LEU C 830 55.94 25.34 76.19
C LEU C 830 55.55 25.66 77.62
N LEU C 831 55.91 26.85 78.09
CA LEU C 831 55.56 27.25 79.46
C LEU C 831 54.05 27.31 79.64
N LEU C 832 53.35 27.95 78.70
CA LEU C 832 51.89 28.04 78.79
C LEU C 832 51.24 26.66 78.67
N VAL C 833 51.75 25.83 77.76
CA VAL C 833 51.19 24.50 77.56
C VAL C 833 51.33 23.67 78.84
N VAL C 834 52.52 23.69 79.45
CA VAL C 834 52.74 22.94 80.68
C VAL C 834 51.89 23.50 81.80
N LEU C 835 51.80 24.84 81.89
CA LEU C 835 50.99 25.44 82.94
C LEU C 835 49.55 25.01 82.84
N TRP C 836 48.99 25.01 81.63
CA TRP C 836 47.57 24.66 81.55
C TRP C 836 47.34 23.17 81.70
N ALA C 837 48.27 22.35 81.19
CA ALA C 837 48.16 20.90 81.34
C ALA C 837 48.32 20.47 82.78
N PHE C 838 48.96 21.29 83.63
CA PHE C 838 48.92 21.02 85.06
C PHE C 838 47.77 21.72 85.76
N ALA C 839 47.21 22.77 85.17
CA ALA C 839 46.10 23.47 85.80
C ALA C 839 44.81 22.67 85.68
N LEU C 840 44.57 22.03 84.55
CA LEU C 840 43.31 21.31 84.36
C LEU C 840 43.13 20.15 85.34
N PRO C 841 44.09 19.25 85.56
CA PRO C 841 43.84 18.13 86.49
C PRO C 841 43.69 18.57 87.94
N TYR C 842 44.64 19.35 88.44
CA TYR C 842 44.61 19.79 89.83
C TYR C 842 43.97 21.17 89.90
N PRO C 843 42.82 21.33 90.54
CA PRO C 843 42.09 22.61 90.43
C PRO C 843 42.72 23.75 91.19
N ARG C 844 43.51 23.48 92.23
CA ARG C 844 44.06 24.55 93.06
C ARG C 844 45.01 25.46 92.29
N PHE C 845 45.49 25.02 91.13
CA PHE C 845 46.34 25.86 90.30
C PHE C 845 45.55 26.94 89.56
N ARG C 846 44.25 26.74 89.37
CA ARG C 846 43.48 27.55 88.42
C ARG C 846 43.62 29.06 88.63
N PRO C 847 43.53 29.62 89.84
CA PRO C 847 43.79 31.06 89.97
C PRO C 847 45.22 31.43 89.61
N MET C 848 46.19 30.89 90.35
CA MET C 848 47.59 31.26 90.12
C MET C 848 48.00 30.99 88.69
N ALA C 849 47.69 29.81 88.17
CA ALA C 849 48.02 29.51 86.78
C ALA C 849 47.50 30.60 85.85
N SER C 850 46.22 30.97 86.01
CA SER C 850 45.66 32.01 85.16
C SER C 850 46.50 33.27 85.28
N CYS C 851 46.78 33.71 86.50
CA CYS C 851 47.61 34.89 86.69
C CYS C 851 48.94 34.70 85.99
N LEU C 852 49.60 33.57 86.25
CA LEU C 852 50.90 33.34 85.63
C LEU C 852 50.75 33.38 84.12
N SER C 853 49.72 32.71 83.59
CA SER C 853 49.54 32.69 82.15
C SER C 853 49.44 34.11 81.62
N THR C 854 48.62 34.93 82.27
CA THR C 854 48.47 36.31 81.81
C THR C 854 49.83 36.99 81.78
N VAL C 855 50.58 36.89 82.88
CA VAL C 855 51.87 37.55 82.93
C VAL C 855 52.76 37.02 81.81
N TRP C 856 52.77 35.70 81.63
CA TRP C 856 53.62 35.12 80.60
C TRP C 856 53.24 35.68 79.24
N THR C 857 51.93 35.73 78.95
CA THR C 857 51.51 36.24 77.65
C THR C 857 51.98 37.67 77.46
N CYS C 858 51.87 38.49 78.51
CA CYS C 858 52.32 39.87 78.41
C CYS C 858 53.80 39.92 78.05
N ILE C 859 54.61 39.07 78.68
CA ILE C 859 56.03 39.04 78.37
C ILE C 859 56.22 38.67 76.90
N ILE C 860 55.48 37.65 76.44
CA ILE C 860 55.64 37.23 75.06
C ILE C 860 55.14 38.32 74.11
N ILE C 861 54.30 39.23 74.58
CA ILE C 861 53.80 40.32 73.76
C ILE C 861 54.95 41.26 73.40
N VAL C 862 56.15 40.98 73.92
CA VAL C 862 57.34 41.74 73.58
C VAL C 862 57.81 41.36 72.18
N CYS C 863 57.11 40.43 71.54
CA CYS C 863 57.49 39.99 70.19
C CYS C 863 57.59 41.17 69.23
N LYS C 864 56.73 42.17 69.39
CA LYS C 864 56.77 43.34 68.53
C LYS C 864 58.15 44.00 68.57
N MET C 865 58.75 44.09 69.75
CA MET C 865 60.08 44.66 69.87
C MET C 865 61.08 43.87 69.03
N LEU C 866 60.95 42.54 69.01
CA LEU C 866 61.80 41.72 68.16
C LEU C 866 61.49 41.97 66.68
N TYR C 867 60.22 42.23 66.35
CA TYR C 867 59.85 42.46 64.97
C TYR C 867 60.39 43.78 64.45
N GLN C 868 60.42 44.80 65.30
CA GLN C 868 60.89 46.12 64.91
C GLN C 868 62.41 46.25 64.99
N LEU C 869 63.12 45.18 65.34
CA LEU C 869 64.56 45.23 65.47
C LEU C 869 65.22 45.17 64.08
N LYS C 870 66.51 45.51 64.06
CA LYS C 870 67.33 45.48 62.85
C LYS C 870 68.53 44.56 63.04
N ILE C 871 68.29 43.38 63.61
CA ILE C 871 69.35 42.45 63.96
C ILE C 871 69.22 41.19 63.12
N VAL C 872 68.73 41.33 61.88
CA VAL C 872 68.59 40.19 60.99
C VAL C 872 69.95 39.52 60.78
N ASN C 873 70.98 40.32 60.53
CA ASN C 873 72.34 39.83 60.30
C ASN C 873 72.38 38.76 59.21
N PRO C 874 71.78 39.01 58.04
CA PRO C 874 71.71 38.07 56.93
C PRO C 874 71.47 38.76 55.59
N ASN C 910 61.14 27.61 67.31
CA ASN C 910 62.52 28.02 67.50
C ASN C 910 62.74 28.56 68.90
N TRP C 911 63.95 28.35 69.44
CA TRP C 911 64.29 28.86 70.75
C TRP C 911 64.28 30.39 70.80
N PHE C 912 64.42 31.05 69.65
CA PHE C 912 64.33 32.50 69.61
C PHE C 912 62.94 32.98 69.99
N GLY C 913 61.91 32.25 69.57
CA GLY C 913 60.53 32.64 69.85
C GLY C 913 60.10 33.91 69.17
N VAL C 914 60.47 34.09 67.90
CA VAL C 914 60.09 35.26 67.12
C VAL C 914 59.96 34.85 65.66
N ARG C 915 59.06 35.51 64.95
CA ARG C 915 58.78 35.19 63.56
C ARG C 915 58.87 36.38 62.61
N LYS C 916 59.05 37.60 63.12
CA LYS C 916 59.14 38.80 62.29
C LYS C 916 57.93 38.93 61.37
N GLY C 917 56.77 39.11 61.99
CA GLY C 917 55.51 39.21 61.27
C GLY C 917 55.48 40.32 60.24
N TYR C 918 55.00 40.00 59.04
CA TYR C 918 54.93 41.00 57.97
C TYR C 918 54.03 42.17 58.31
N PRO C 919 52.82 41.97 58.83
CA PRO C 919 51.94 43.11 59.13
C PRO C 919 52.11 43.70 60.52
N ASN C 920 53.05 43.19 61.32
CA ASN C 920 53.34 43.69 62.65
C ASN C 920 52.16 43.54 63.60
N LEU C 921 51.11 42.89 63.14
CA LEU C 921 49.92 42.64 63.96
C LEU C 921 49.52 41.18 64.00
N GLY C 922 49.64 40.45 62.89
CA GLY C 922 49.26 39.05 62.88
C GLY C 922 50.11 38.20 63.82
N TYR C 923 51.40 38.53 63.92
CA TYR C 923 52.30 37.79 64.79
C TYR C 923 52.06 38.05 66.27
N ILE C 924 51.18 38.99 66.61
CA ILE C 924 50.86 39.29 68.00
C ILE C 924 49.35 39.21 68.20
N GLN C 925 48.62 38.98 67.12
CA GLN C 925 47.16 38.93 67.20
C GLN C 925 46.70 37.75 68.06
N ASN C 926 47.34 36.60 67.91
CA ASN C 926 46.94 35.43 68.71
C ASN C 926 47.14 35.68 70.20
N HIS C 927 48.28 36.28 70.56
CA HIS C 927 48.53 36.55 71.97
C HIS C 927 47.63 37.65 72.51
N LEU C 928 47.29 38.64 71.67
CA LEU C 928 46.30 39.63 72.07
C LEU C 928 44.95 38.98 72.32
N GLN C 929 44.56 38.04 71.47
CA GLN C 929 43.30 37.33 71.67
C GLN C 929 43.33 36.49 72.95
N ILE C 930 44.47 35.85 73.24
CA ILE C 930 44.59 35.06 74.46
C ILE C 930 44.47 35.95 75.69
N LEU C 931 45.16 37.10 75.67
CA LEU C 931 45.05 38.04 76.79
C LEU C 931 43.62 38.56 76.94
N LEU C 932 42.96 38.82 75.81
CA LEU C 932 41.57 39.26 75.85
C LEU C 932 40.67 38.20 76.46
N LEU C 933 40.90 36.93 76.13
CA LEU C 933 40.12 35.85 76.73
C LEU C 933 40.36 35.75 78.23
N LEU C 934 41.61 35.88 78.65
CA LEU C 934 41.90 35.84 80.09
C LEU C 934 41.22 36.99 80.81
N VAL C 935 41.29 38.20 80.25
CA VAL C 935 40.63 39.35 80.86
C VAL C 935 39.12 39.16 80.87
N PHE C 936 38.58 38.54 79.83
CA PHE C 936 37.15 38.26 79.77
C PHE C 936 36.74 37.31 80.88
N GLU C 937 37.53 36.26 81.11
CA GLU C 937 37.22 35.34 82.20
C GLU C 937 37.29 36.04 83.55
N ALA C 938 38.31 36.87 83.75
CA ALA C 938 38.42 37.59 85.02
C ALA C 938 37.24 38.54 85.22
N VAL C 939 36.85 39.25 84.16
CA VAL C 939 35.74 40.18 84.27
C VAL C 939 34.43 39.44 84.50
N VAL C 940 34.27 38.27 83.88
CA VAL C 940 33.06 37.47 84.09
C VAL C 940 32.99 37.02 85.55
N TYR C 941 34.11 36.56 86.11
CA TYR C 941 34.11 36.17 87.52
C TYR C 941 33.79 37.35 88.42
N ARG C 942 34.37 38.52 88.13
CA ARG C 942 34.12 39.70 88.94
C ARG C 942 32.65 40.12 88.87
N ARG C 943 32.06 40.10 87.68
CA ARG C 943 30.67 40.48 87.53
C ARG C 943 29.75 39.46 88.20
N GLN C 944 30.09 38.18 88.13
CA GLN C 944 29.31 37.17 88.83
C GLN C 944 29.33 37.42 90.33
N GLU C 945 30.52 37.72 90.88
CA GLU C 945 30.62 38.01 92.30
C GLU C 945 29.80 39.25 92.66
N HIS C 946 29.88 40.30 91.85
CA HIS C 946 29.16 41.54 92.14
C HIS C 946 27.64 41.31 92.09
N TYR C 947 27.16 40.68 91.01
CA TYR C 947 25.73 40.47 90.83
C TYR C 947 25.17 39.39 91.76
N ARG C 948 26.02 38.57 92.38
CA ARG C 948 25.55 37.63 93.38
C ARG C 948 25.64 38.19 94.79
N ARG C 949 26.50 39.18 95.03
CA ARG C 949 26.52 39.84 96.33
C ARG C 949 25.19 40.53 96.61
N GLN C 950 24.67 41.26 95.63
CA GLN C 950 23.36 41.87 95.75
C GLN C 950 22.27 40.86 95.47
N HIS C 951 21.19 40.92 96.25
CA HIS C 951 20.06 40.01 96.13
C HIS C 951 20.49 38.55 96.26
N GLY C 965 20.31 17.32 93.30
CA GLY C 965 19.49 18.36 92.69
C GLY C 965 18.10 17.88 92.33
N THR C 966 17.78 17.91 91.03
CA THR C 966 16.50 17.46 90.53
C THR C 966 16.44 15.94 90.31
N ARG C 967 17.36 15.20 90.92
CA ARG C 967 17.39 13.75 90.75
C ARG C 967 16.13 13.07 91.27
N GLN C 968 15.42 13.71 92.19
CA GLN C 968 14.13 13.21 92.67
C GLN C 968 12.96 13.79 91.89
N ARG C 969 13.12 15.00 91.36
CA ARG C 969 12.16 15.58 90.43
C ARG C 969 12.41 15.13 89.00
N LEU C 970 13.18 14.06 88.83
CA LEU C 970 13.56 13.60 87.49
C LEU C 970 12.34 13.18 86.68
N ASP C 971 11.29 12.69 87.34
CA ASP C 971 10.17 12.06 86.66
C ASP C 971 8.91 12.91 86.66
N GLN C 972 8.97 14.15 87.17
CA GLN C 972 7.78 14.99 87.20
C GLN C 972 7.28 15.29 85.80
N ASP C 973 8.19 15.66 84.90
CA ASP C 973 7.84 15.98 83.52
C ASP C 973 9.10 15.91 82.67
N LEU C 974 8.94 16.11 81.37
CA LEU C 974 10.08 16.07 80.47
C LEU C 974 10.99 17.28 80.65
N LEU C 975 10.42 18.44 81.00
CA LEU C 975 11.24 19.62 81.26
C LEU C 975 12.16 19.39 82.44
N SER C 976 11.66 18.77 83.51
CA SER C 976 12.51 18.46 84.65
C SER C 976 13.61 17.48 84.26
N CYS C 977 13.28 16.50 83.41
CA CYS C 977 14.28 15.53 82.98
C CYS C 977 15.39 16.20 82.18
N LEU C 978 15.03 17.09 81.26
CA LEU C 978 16.05 17.78 80.48
C LEU C 978 16.84 18.76 81.35
N LYS C 979 16.21 19.36 82.36
CA LYS C 979 16.94 20.18 83.31
C LYS C 979 17.98 19.36 84.06
N TYR C 980 17.58 18.16 84.50
CA TYR C 980 18.52 17.28 85.18
C TYR C 980 19.68 16.90 84.27
N PHE C 981 19.38 16.61 83.00
CA PHE C 981 20.45 16.30 82.05
C PHE C 981 21.38 17.50 81.85
N ILE C 982 20.82 18.70 81.69
CA ILE C 982 21.65 19.89 81.54
C ILE C 982 22.55 20.07 82.75
N ASN C 983 22.03 19.75 83.94
CA ASN C 983 22.81 19.95 85.16
C ASN C 983 23.86 18.88 85.38
N PHE C 984 23.60 17.62 85.01
CA PHE C 984 24.51 16.54 85.42
C PHE C 984 24.75 15.55 84.28
N PHE C 985 24.84 16.02 83.04
CA PHE C 985 25.16 15.13 81.94
C PHE C 985 26.51 14.44 82.15
N PHE C 986 27.54 15.23 82.46
CA PHE C 986 28.83 14.63 82.75
C PHE C 986 28.79 13.83 84.04
N TYR C 987 28.15 14.36 85.08
CA TYR C 987 28.08 13.64 86.35
C TYR C 987 27.45 12.26 86.18
N LYS C 988 26.62 12.09 85.16
CA LYS C 988 26.02 10.79 84.85
C LYS C 988 26.93 9.93 83.98
N PHE C 989 27.40 10.46 82.84
CA PHE C 989 28.03 9.63 81.82
C PHE C 989 29.48 10.06 81.54
N GLY C 990 30.20 10.47 82.58
CA GLY C 990 31.56 10.94 82.38
C GLY C 990 32.53 9.86 81.94
N LEU C 991 32.41 8.66 82.52
CA LEU C 991 33.30 7.58 82.12
C LEU C 991 33.11 7.23 80.65
N GLU C 992 31.86 7.15 80.21
CA GLU C 992 31.59 6.90 78.80
C GLU C 992 32.10 8.03 77.92
N ILE C 993 31.92 9.28 78.36
CA ILE C 993 32.39 10.41 77.56
C ILE C 993 33.90 10.36 77.42
N CYS C 994 34.62 10.06 78.50
CA CYS C 994 36.07 9.97 78.43
C CYS C 994 36.51 8.82 77.54
N PHE C 995 35.82 7.67 77.64
CA PHE C 995 36.18 6.53 76.79
C PHE C 995 36.00 6.86 75.31
N LEU C 996 34.87 7.49 74.96
CA LEU C 996 34.65 7.86 73.57
C LEU C 996 35.64 8.91 73.10
N MET C 997 36.00 9.87 73.96
CA MET C 997 37.01 10.85 73.59
C MET C 997 38.34 10.16 73.32
N ALA C 998 38.69 9.17 74.15
CA ALA C 998 39.94 8.44 73.94
C ALA C 998 39.91 7.66 72.64
N VAL C 999 38.78 7.01 72.34
CA VAL C 999 38.66 6.28 71.08
C VAL C 999 38.79 7.23 69.90
N ASN C 1000 38.16 8.41 70.00
CA ASN C 1000 38.26 9.39 68.93
C ASN C 1000 39.69 9.88 68.74
N VAL C 1001 40.41 10.13 69.83
CA VAL C 1001 41.79 10.56 69.72
C VAL C 1001 42.65 9.48 69.09
N ILE C 1002 42.43 8.23 69.49
CA ILE C 1002 43.19 7.11 68.93
C ILE C 1002 42.94 6.97 67.44
N GLY C 1003 41.67 7.07 67.03
CA GLY C 1003 41.35 6.99 65.61
C GLY C 1003 41.77 8.22 64.83
N GLN C 1004 42.00 9.33 65.50
CA GLN C 1004 42.44 10.56 64.83
C GLN C 1004 43.95 10.59 64.62
N ARG C 1005 44.73 10.19 65.62
CA ARG C 1005 46.18 10.27 65.51
C ARG C 1005 46.74 9.16 64.63
N MET C 1006 46.45 7.90 64.96
CA MET C 1006 46.91 6.71 64.25
C MET C 1006 48.43 6.56 64.28
N ASN C 1007 49.12 7.25 65.17
CA ASN C 1007 50.56 7.16 65.32
C ASN C 1007 50.90 6.20 66.48
N PHE C 1008 52.17 6.18 66.85
CA PHE C 1008 52.61 5.35 67.98
C PHE C 1008 51.95 5.80 69.28
N MET C 1009 51.80 7.11 69.46
CA MET C 1009 51.12 7.63 70.63
C MET C 1009 49.71 7.08 70.75
N VAL C 1010 49.03 6.92 69.61
CA VAL C 1010 47.70 6.32 69.62
C VAL C 1010 47.77 4.88 70.11
N ILE C 1011 48.81 4.15 69.72
CA ILE C 1011 48.97 2.78 70.17
C ILE C 1011 49.14 2.72 71.68
N LEU C 1012 49.98 3.61 72.23
CA LEU C 1012 50.17 3.64 73.67
C LEU C 1012 48.87 4.02 74.39
N HIS C 1013 48.16 5.01 73.85
CA HIS C 1013 46.89 5.42 74.44
C HIS C 1013 45.90 4.27 74.47
N GLY C 1014 45.79 3.53 73.37
CA GLY C 1014 44.88 2.39 73.34
C GLY C 1014 45.30 1.28 74.27
N CYS C 1015 46.61 1.04 74.38
CA CYS C 1015 47.09 0.03 75.31
C CYS C 1015 46.68 0.37 76.74
N TRP C 1016 46.89 1.61 77.15
CA TRP C 1016 46.48 1.95 78.51
C TRP C 1016 44.97 1.99 78.66
N LEU C 1017 44.23 2.34 77.60
CA LEU C 1017 42.77 2.31 77.69
C LEU C 1017 42.29 0.89 77.93
N VAL C 1018 42.86 -0.08 77.21
CA VAL C 1018 42.51 -1.48 77.45
C VAL C 1018 42.89 -1.88 78.86
N ALA C 1019 44.05 -1.44 79.34
CA ALA C 1019 44.46 -1.76 80.70
C ALA C 1019 43.47 -1.22 81.73
N ILE C 1020 43.01 0.03 81.54
CA ILE C 1020 42.09 0.64 82.48
C ILE C 1020 40.72 -0.05 82.41
N LEU C 1021 40.31 -0.45 81.20
CA LEU C 1021 39.01 -1.08 81.03
C LEU C 1021 38.98 -2.50 81.61
N THR C 1022 40.14 -3.12 81.82
CA THR C 1022 40.18 -4.46 82.40
C THR C 1022 39.52 -4.49 83.78
N ARG C 1023 39.58 -3.38 84.51
CA ARG C 1023 38.95 -3.33 85.83
C ARG C 1023 37.43 -3.43 85.69
N ARG C 1024 36.82 -4.11 86.66
CA ARG C 1024 35.41 -4.48 86.52
C ARG C 1024 34.48 -3.32 86.88
N ARG C 1025 34.52 -2.89 88.13
CA ARG C 1025 33.59 -1.89 88.62
C ARG C 1025 34.24 -0.51 88.65
N ARG C 1026 33.50 0.46 89.19
CA ARG C 1026 34.01 1.82 89.29
C ARG C 1026 35.03 2.01 90.41
N GLU C 1027 35.17 1.04 91.32
CA GLU C 1027 36.07 1.20 92.44
C GLU C 1027 37.54 1.02 92.03
N ALA C 1028 37.82 -0.04 91.27
CA ALA C 1028 39.19 -0.22 90.77
C ALA C 1028 39.57 0.90 89.81
N ILE C 1029 38.63 1.33 88.97
CA ILE C 1029 38.87 2.47 88.10
C ILE C 1029 39.12 3.73 88.93
N ALA C 1030 38.40 3.87 90.04
CA ALA C 1030 38.65 4.98 90.96
C ALA C 1030 40.08 4.94 91.49
N ARG C 1031 40.54 3.75 91.88
CA ARG C 1031 41.90 3.61 92.38
C ARG C 1031 42.92 3.97 91.30
N LEU C 1032 42.68 3.55 90.06
CA LEU C 1032 43.65 3.73 89.00
C LEU C 1032 43.57 5.09 88.32
N TRP C 1033 42.51 5.87 88.55
CA TRP C 1033 42.32 7.12 87.82
C TRP C 1033 43.40 8.17 88.03
N PRO C 1034 43.82 8.50 89.27
CA PRO C 1034 44.80 9.59 89.42
C PRO C 1034 46.10 9.33 88.68
N ASN C 1035 46.57 8.08 88.67
CA ASN C 1035 47.74 7.74 87.87
C ASN C 1035 47.48 7.99 86.39
N TYR C 1036 46.28 7.62 85.93
CA TYR C 1036 45.93 7.79 84.54
C TYR C 1036 46.02 9.27 84.15
N CYS C 1037 45.45 10.14 84.96
CA CYS C 1037 45.53 11.58 84.68
C CYS C 1037 46.98 12.07 84.73
N LEU C 1038 47.75 11.59 85.70
CA LEU C 1038 49.12 12.06 85.85
C LEU C 1038 49.94 11.76 84.61
N PHE C 1039 49.94 10.50 84.15
CA PHE C 1039 50.80 10.30 82.99
C PHE C 1039 50.11 10.74 81.70
N LEU C 1040 48.80 11.00 81.71
CA LEU C 1040 48.21 11.69 80.56
C LEU C 1040 48.81 13.07 80.41
N THR C 1041 48.92 13.80 81.53
CA THR C 1041 49.58 15.10 81.50
C THR C 1041 51.03 14.97 81.07
N LEU C 1042 51.73 13.98 81.64
CA LEU C 1042 53.15 13.79 81.29
C LEU C 1042 53.32 13.45 79.81
N PHE C 1043 52.44 12.60 79.27
CA PHE C 1043 52.56 12.19 77.88
C PHE C 1043 52.22 13.32 76.93
N LEU C 1044 51.22 14.14 77.27
CA LEU C 1044 50.94 15.30 76.44
C LEU C 1044 52.12 16.26 76.43
N LEU C 1045 52.72 16.49 77.60
CA LEU C 1045 53.90 17.35 77.65
C LEU C 1045 55.04 16.78 76.84
N TYR C 1046 55.26 15.46 76.93
CA TYR C 1046 56.34 14.82 76.20
C TYR C 1046 56.10 14.89 74.69
N GLN C 1047 54.86 14.69 74.25
CA GLN C 1047 54.53 14.79 72.84
C GLN C 1047 54.76 16.20 72.33
N TYR C 1048 54.35 17.21 73.10
CA TYR C 1048 54.60 18.60 72.68
C TYR C 1048 56.09 18.88 72.62
N LEU C 1049 56.85 18.37 73.60
CA LEU C 1049 58.30 18.57 73.58
C LEU C 1049 58.94 17.95 72.35
N LEU C 1050 58.50 16.74 71.98
CA LEU C 1050 59.01 16.12 70.77
C LEU C 1050 58.64 16.93 69.53
N CYS C 1051 57.40 17.42 69.47
CA CYS C 1051 56.97 18.22 68.33
C CYS C 1051 57.69 19.56 68.25
N LEU C 1052 58.23 20.05 69.37
CA LEU C 1052 58.89 21.35 69.40
C LEU C 1052 60.40 21.22 69.17
N PRO C 1055 64.96 21.69 67.58
CA PRO C 1055 64.58 22.48 66.39
C PRO C 1055 65.54 22.20 65.23
N PRO C 1056 65.13 22.45 63.97
CA PRO C 1056 66.02 22.28 62.81
C PRO C 1056 67.24 23.17 62.98
N ALA C 1057 67.05 24.36 63.56
CA ALA C 1057 68.20 25.28 63.80
C ALA C 1057 69.25 24.55 64.65
N LEU C 1058 68.80 23.77 65.63
CA LEU C 1058 69.75 22.97 66.46
C LEU C 1058 70.47 21.97 65.56
N CYS C 1059 71.79 21.83 65.73
CA CYS C 1059 72.59 20.89 64.90
C CYS C 1059 72.11 19.46 65.17
N ILE C 1060 71.40 19.25 66.29
CA ILE C 1060 70.91 17.89 66.66
C ILE C 1060 70.18 17.29 65.46
N ASP C 1061 70.52 16.06 65.07
CA ASP C 1061 69.85 15.38 63.93
C ASP C 1061 70.36 13.93 63.86
N TYR C 1062 69.59 13.03 63.23
CA TYR C 1062 70.04 11.63 63.09
C TYR C 1062 71.43 11.62 62.42
N PRO C 1063 72.45 11.01 63.05
CA PRO C 1063 73.77 10.94 62.43
C PRO C 1063 73.70 10.17 61.10
N TRP C 1064 73.03 9.01 61.11
CA TRP C 1064 72.87 8.21 59.87
C TRP C 1064 72.12 9.05 58.84
N ARG C 1065 71.07 9.75 59.26
CA ARG C 1065 70.32 10.65 58.34
C ARG C 1065 71.02 12.01 58.31
N TRP C 1066 72.32 12.02 57.99
CA TRP C 1066 73.11 13.29 57.95
C TRP C 1066 74.39 13.07 57.14
N ALA C 1069 73.84 4.68 55.70
CA ALA C 1069 73.05 5.54 56.57
C ALA C 1069 72.16 4.70 57.48
N ILE C 1070 70.89 5.09 57.60
CA ILE C 1070 69.93 4.37 58.42
C ILE C 1070 68.94 3.66 57.51
N PRO C 1071 68.40 2.50 57.92
CA PRO C 1071 67.40 1.81 57.11
C PRO C 1071 65.98 2.33 57.27
N MET C 1072 65.80 3.46 57.94
CA MET C 1072 64.48 4.05 58.16
C MET C 1072 64.30 5.21 57.19
N ASN C 1073 63.36 5.06 56.25
CA ASN C 1073 63.09 6.09 55.28
C ASN C 1073 62.26 7.22 55.91
N SER C 1074 61.89 8.20 55.08
CA SER C 1074 61.16 9.36 55.59
C SER C 1074 59.72 9.02 55.94
N ALA C 1075 59.12 8.06 55.24
CA ALA C 1075 57.72 7.72 55.52
C ALA C 1075 57.54 7.16 56.92
N LEU C 1076 58.44 6.27 57.34
CA LEU C 1076 58.36 5.72 58.68
C LEU C 1076 58.62 6.81 59.73
N ILE C 1077 59.58 7.70 59.47
CA ILE C 1077 59.85 8.79 60.40
C ILE C 1077 58.66 9.72 60.51
N LYS C 1078 57.89 9.88 59.43
CA LYS C 1078 56.70 10.71 59.44
C LYS C 1078 55.48 9.96 59.97
N TRP C 1079 55.56 8.65 60.11
CA TRP C 1079 54.48 7.88 60.73
C TRP C 1079 54.68 7.77 62.24
N LEU C 1080 55.86 7.34 62.67
CA LEU C 1080 56.19 7.40 64.09
C LEU C 1080 56.33 8.85 64.53
N TYR C 1081 56.10 9.10 65.81
CA TYR C 1081 56.20 10.45 66.35
C TYR C 1081 57.64 10.81 66.66
N LEU C 1082 58.53 10.63 65.69
CA LEU C 1082 59.93 10.99 65.87
C LEU C 1082 60.16 12.43 65.44
N PRO C 1083 60.96 13.19 66.19
CA PRO C 1083 61.22 14.60 65.87
C PRO C 1083 62.17 14.73 64.69
N ASP C 1084 61.63 15.12 63.54
CA ASP C 1084 62.43 15.38 62.36
C ASP C 1084 62.77 16.87 62.29
N PHE C 1085 63.84 17.19 61.56
CA PHE C 1085 64.33 18.56 61.47
C PHE C 1085 64.15 19.17 60.10
N PHE C 1086 63.86 18.37 59.07
CA PHE C 1086 63.43 18.87 57.78
C PHE C 1086 61.96 18.60 57.51
N ARG C 1087 61.44 17.48 57.99
CA ARG C 1087 60.01 17.21 58.02
C ARG C 1087 59.46 17.57 59.40
N ALA C 1088 58.15 17.74 59.47
CA ALA C 1088 57.54 18.13 60.74
C ALA C 1088 56.28 17.33 61.00
N PRO C 1089 56.20 16.62 62.13
CA PRO C 1089 54.95 15.95 62.48
C PRO C 1089 53.84 16.97 62.70
N ASN C 1090 52.64 16.61 62.25
CA ASN C 1090 51.49 17.53 62.34
C ASN C 1090 51.05 17.60 63.79
N SER C 1091 51.52 18.64 64.49
CA SER C 1091 51.24 18.79 65.93
C SER C 1091 49.90 19.47 66.16
N THR C 1092 48.86 18.94 65.51
CA THR C 1092 47.49 19.40 65.76
C THR C 1092 46.57 18.31 66.29
N ASN C 1093 46.88 17.03 66.06
CA ASN C 1093 46.14 15.97 66.75
C ASN C 1093 46.39 16.02 68.25
N LEU C 1094 47.45 16.74 68.67
CA LEU C 1094 47.64 16.98 70.08
C LEU C 1094 46.51 17.78 70.69
N ILE C 1095 45.71 18.49 69.88
CA ILE C 1095 44.53 19.12 70.46
C ILE C 1095 43.50 18.05 70.80
N SER C 1096 43.43 16.97 70.02
CA SER C 1096 42.58 15.84 70.40
C SER C 1096 43.11 15.20 71.67
N ASP C 1097 44.44 15.05 71.79
CA ASP C 1097 45.01 14.53 73.03
C ASP C 1097 44.68 15.44 74.21
N PHE C 1098 44.75 16.75 74.01
CA PHE C 1098 44.45 17.71 75.08
C PHE C 1098 42.97 17.68 75.44
N LEU C 1099 42.10 17.47 74.44
CA LEU C 1099 40.67 17.31 74.73
C LEU C 1099 40.43 16.07 75.56
N LEU C 1100 41.12 14.98 75.24
CA LEU C 1100 41.10 13.80 76.08
C LEU C 1100 41.52 14.13 77.51
N LEU C 1101 42.61 14.90 77.64
CA LEU C 1101 43.12 15.23 78.96
C LEU C 1101 42.12 16.07 79.75
N LEU C 1102 41.48 17.04 79.08
CA LEU C 1102 40.48 17.86 79.74
C LEU C 1102 39.30 17.02 80.19
N CYS C 1103 38.86 16.09 79.34
CA CYS C 1103 37.77 15.19 79.71
C CYS C 1103 38.14 14.35 80.93
N ALA C 1104 39.36 13.80 80.94
CA ALA C 1104 39.80 12.99 82.07
C ALA C 1104 39.89 13.82 83.34
N SER C 1105 40.41 15.05 83.24
CA SER C 1105 40.52 15.91 84.40
C SER C 1105 39.14 16.27 84.95
N GLN C 1106 38.20 16.61 84.07
CA GLN C 1106 36.84 16.91 84.52
C GLN C 1106 36.20 15.68 85.15
N GLN C 1107 36.47 14.49 84.60
CA GLN C 1107 35.96 13.28 85.21
C GLN C 1107 36.52 13.08 86.61
N TRP C 1108 37.82 13.32 86.78
CA TRP C 1108 38.43 13.21 88.10
C TRP C 1108 37.83 14.21 89.08
N GLN C 1109 37.56 15.43 88.60
CA GLN C 1109 36.96 16.44 89.47
C GLN C 1109 35.59 15.99 89.96
N VAL C 1110 34.75 15.49 89.05
CA VAL C 1110 33.39 15.09 89.40
C VAL C 1110 33.38 13.64 89.89
N PHE C 1111 34.57 13.05 90.07
CA PHE C 1111 34.62 11.64 90.41
C PHE C 1111 34.42 11.41 91.90
N SER C 1112 34.99 12.27 92.73
CA SER C 1112 34.98 12.10 94.18
C SER C 1112 33.79 12.78 94.85
N ALA C 1113 32.92 13.44 94.09
CA ALA C 1113 31.74 14.07 94.67
C ALA C 1113 30.83 13.01 95.26
N GLU C 1114 30.72 12.97 96.58
CA GLU C 1114 29.95 11.94 97.27
C GLU C 1114 29.15 12.55 98.42
N ARG C 1115 28.50 13.68 98.15
CA ARG C 1115 27.66 14.33 99.15
C ARG C 1115 26.17 14.14 98.90
N THR C 1116 25.79 13.59 97.75
CA THR C 1116 24.38 13.31 97.47
C THR C 1116 24.18 11.81 97.22
N GLU C 1136 11.34 -2.27 94.27
CA GLU C 1136 10.97 -1.34 95.33
C GLU C 1136 11.85 -0.10 95.30
N PRO C 1137 13.13 -0.28 95.01
CA PRO C 1137 14.04 0.88 94.94
C PRO C 1137 13.62 1.91 93.93
N ASN C 1138 13.04 1.49 92.80
CA ASN C 1138 12.56 2.43 91.80
C ASN C 1138 11.09 2.72 92.08
N PRO C 1139 10.74 3.92 92.52
CA PRO C 1139 9.33 4.21 92.82
C PRO C 1139 8.43 4.23 91.58
N ILE C 1140 8.99 4.29 90.39
CA ILE C 1140 8.18 4.43 89.18
C ILE C 1140 8.43 3.25 88.26
N PRO C 1141 7.63 2.18 88.36
CA PRO C 1141 7.67 1.10 87.36
C PRO C 1141 6.64 1.24 86.25
N ASN C 1142 5.94 2.36 86.16
CA ASN C 1142 4.78 2.50 85.28
C ASN C 1142 5.13 2.98 83.88
N PHE C 1143 6.41 3.26 83.58
CA PHE C 1143 6.71 3.76 82.25
C PHE C 1143 6.47 2.71 81.18
N ILE C 1144 6.32 1.44 81.58
CA ILE C 1144 5.78 0.45 80.65
C ILE C 1144 4.32 0.77 80.32
N HIS C 1145 3.57 1.25 81.32
CA HIS C 1145 2.16 1.56 81.10
C HIS C 1145 1.96 2.76 80.18
N CYS C 1146 2.95 3.65 80.08
CA CYS C 1146 2.93 4.78 79.14
C CYS C 1146 1.73 5.69 79.36
N ARG C 1147 1.75 6.35 80.52
CA ARG C 1147 0.68 7.28 80.89
C ARG C 1147 1.04 8.75 80.67
N SER C 1148 2.30 9.07 80.39
CA SER C 1148 2.71 10.45 80.19
C SER C 1148 3.74 10.53 79.07
N TYR C 1149 3.97 11.76 78.59
CA TYR C 1149 4.90 11.97 77.48
C TYR C 1149 6.30 11.49 77.78
N LEU C 1150 6.72 11.51 79.04
CA LEU C 1150 8.03 10.97 79.40
C LEU C 1150 8.05 9.46 79.29
N ASP C 1151 6.88 8.81 79.42
CA ASP C 1151 6.85 7.36 79.61
C ASP C 1151 7.18 6.61 78.33
N MET C 1152 6.65 7.03 77.19
CA MET C 1152 6.98 6.31 75.95
C MET C 1152 8.44 6.55 75.56
N LEU C 1153 8.98 7.73 75.84
CA LEU C 1153 10.41 7.92 75.66
C LEU C 1153 11.21 6.96 76.52
N LYS C 1154 10.80 6.82 77.79
CA LYS C 1154 11.49 5.89 78.68
C LYS C 1154 11.42 4.46 78.15
N VAL C 1155 10.25 4.03 77.69
CA VAL C 1155 10.11 2.65 77.25
C VAL C 1155 10.89 2.42 75.95
N ALA C 1156 10.90 3.42 75.05
CA ALA C 1156 11.68 3.29 73.83
C ALA C 1156 13.17 3.19 74.14
N VAL C 1157 13.64 3.99 75.09
CA VAL C 1157 15.06 3.95 75.45
C VAL C 1157 15.42 2.63 76.11
N PHE C 1158 14.59 2.17 77.06
CA PHE C 1158 14.95 1.05 77.90
C PHE C 1158 14.52 -0.30 77.36
N ARG C 1159 13.76 -0.36 76.27
CA ARG C 1159 13.25 -1.65 75.82
C ARG C 1159 13.51 -1.87 74.33
N TYR C 1160 13.52 -0.81 73.53
CA TYR C 1160 13.69 -0.91 72.09
C TYR C 1160 15.10 -0.51 71.64
N LEU C 1161 16.06 -0.43 72.55
CA LEU C 1161 17.42 -0.05 72.19
C LEU C 1161 18.32 -1.26 71.95
N PHE C 1162 18.00 -2.42 72.54
CA PHE C 1162 18.79 -3.62 72.31
C PHE C 1162 18.77 -4.02 70.84
N TRP C 1163 17.59 -4.02 70.23
CA TRP C 1163 17.50 -4.38 68.82
C TRP C 1163 18.18 -3.34 67.95
N LEU C 1164 18.12 -2.06 68.34
CA LEU C 1164 18.81 -1.02 67.61
C LEU C 1164 20.32 -1.22 67.67
N VAL C 1165 20.87 -1.60 68.83
CA VAL C 1165 22.30 -1.82 68.91
C VAL C 1165 22.70 -3.06 68.12
N LEU C 1166 21.83 -4.07 68.05
CA LEU C 1166 22.11 -5.20 67.17
C LEU C 1166 22.18 -4.75 65.71
N VAL C 1167 21.24 -3.88 65.30
CA VAL C 1167 21.26 -3.37 63.93
C VAL C 1167 22.53 -2.57 63.68
N VAL C 1168 22.96 -1.78 64.67
CA VAL C 1168 24.20 -1.01 64.53
C VAL C 1168 25.39 -1.95 64.38
N VAL C 1169 25.43 -3.02 65.16
CA VAL C 1169 26.52 -3.99 65.04
C VAL C 1169 26.52 -4.58 63.63
N PHE C 1170 25.35 -4.95 63.12
CA PHE C 1170 25.28 -5.56 61.79
C PHE C 1170 25.76 -4.59 60.73
N VAL C 1171 25.31 -3.33 60.80
CA VAL C 1171 25.68 -2.37 59.77
C VAL C 1171 27.16 -2.02 59.86
N ALA C 1172 27.73 -1.97 61.07
CA ALA C 1172 29.15 -1.73 61.21
C ALA C 1172 29.96 -2.88 60.61
N GLY C 1173 29.50 -4.11 60.82
CA GLY C 1173 30.17 -5.25 60.20
C GLY C 1173 30.06 -5.25 58.69
N ALA C 1174 28.89 -4.87 58.17
CA ALA C 1174 28.66 -4.94 56.73
C ALA C 1174 29.40 -3.82 55.99
N THR C 1175 29.43 -2.62 56.56
CA THR C 1175 30.01 -1.47 55.87
C THR C 1175 31.50 -1.69 55.60
N ARG C 1176 32.23 -2.21 56.58
CA ARG C 1176 33.64 -2.52 56.38
C ARG C 1176 33.78 -3.88 55.71
N ILE C 1177 34.51 -3.92 54.60
CA ILE C 1177 34.63 -5.14 53.82
C ILE C 1177 35.76 -6.05 54.31
N SER C 1178 36.78 -5.49 54.95
CA SER C 1178 37.89 -6.29 55.48
C SER C 1178 37.36 -7.37 56.42
N ILE C 1179 38.18 -8.39 56.64
CA ILE C 1179 37.77 -9.51 57.49
C ILE C 1179 38.14 -9.10 58.92
N PHE C 1180 37.32 -8.21 59.47
CA PHE C 1180 37.23 -7.97 60.91
C PHE C 1180 35.80 -7.79 61.36
N GLY C 1181 34.89 -7.36 60.49
CA GLY C 1181 33.47 -7.31 60.76
C GLY C 1181 32.75 -8.63 60.61
N LEU C 1182 33.42 -9.65 60.08
CA LEU C 1182 32.84 -10.98 60.08
C LEU C 1182 32.51 -11.41 61.50
N GLY C 1183 33.35 -11.03 62.46
CA GLY C 1183 33.01 -11.20 63.86
C GLY C 1183 31.76 -10.44 64.24
N TYR C 1184 31.60 -9.23 63.67
CA TYR C 1184 30.37 -8.47 63.92
C TYR C 1184 29.15 -9.19 63.39
N LEU C 1185 29.25 -9.77 62.19
CA LEU C 1185 28.12 -10.54 61.66
C LEU C 1185 27.82 -11.76 62.51
N LEU C 1186 28.85 -12.48 62.94
CA LEU C 1186 28.64 -13.66 63.77
C LEU C 1186 27.99 -13.27 65.10
N ALA C 1187 28.46 -12.20 65.71
CA ALA C 1187 27.87 -11.73 66.96
C ALA C 1187 26.44 -11.28 66.75
N CYS C 1188 26.17 -10.60 65.63
CA CYS C 1188 24.81 -10.16 65.35
C CYS C 1188 23.87 -11.35 65.22
N PHE C 1189 24.30 -12.39 64.50
CA PHE C 1189 23.46 -13.58 64.38
C PHE C 1189 23.24 -14.25 65.73
N TYR C 1190 24.30 -14.40 66.53
CA TYR C 1190 24.17 -15.07 67.82
C TYR C 1190 23.26 -14.30 68.75
N LEU C 1191 23.47 -12.99 68.87
CA LEU C 1191 22.63 -12.19 69.75
C LEU C 1191 21.19 -12.14 69.25
N LEU C 1192 20.99 -12.06 67.94
CA LEU C 1192 19.63 -12.01 67.41
C LEU C 1192 18.91 -13.32 67.69
N LEU C 1193 19.63 -14.44 67.71
CA LEU C 1193 18.99 -15.70 68.09
C LEU C 1193 18.71 -15.76 69.58
N PHE C 1194 19.67 -15.37 70.41
CA PHE C 1194 19.62 -15.65 71.85
C PHE C 1194 19.24 -14.45 72.71
N GLY C 1195 18.76 -13.36 72.12
CA GLY C 1195 18.46 -12.17 72.92
C GLY C 1195 17.35 -12.39 73.94
N THR C 1196 16.29 -13.09 73.53
CA THR C 1196 15.17 -13.31 74.44
C THR C 1196 15.61 -14.07 75.68
N THR C 1197 16.30 -15.19 75.50
CA THR C 1197 16.78 -15.95 76.64
C THR C 1197 17.91 -15.23 77.38
N LEU C 1198 18.59 -14.30 76.72
CA LEU C 1198 19.62 -13.52 77.41
C LEU C 1198 19.00 -12.52 78.37
N LEU C 1199 17.94 -11.82 77.94
CA LEU C 1199 17.36 -10.78 78.78
C LEU C 1199 16.74 -11.35 80.05
N GLN C 1200 16.28 -12.61 80.01
CA GLN C 1200 15.71 -13.23 81.21
C GLN C 1200 16.76 -13.73 82.18
N LYS C 1201 18.04 -13.75 81.79
CA LYS C 1201 19.08 -14.32 82.62
C LYS C 1201 19.42 -13.39 83.78
N ASP C 1202 20.33 -13.84 84.63
CA ASP C 1202 20.78 -13.06 85.78
C ASP C 1202 21.84 -12.06 85.36
N THR C 1203 21.81 -10.88 85.99
CA THR C 1203 22.55 -9.73 85.49
C THR C 1203 24.03 -10.04 85.25
N ARG C 1204 24.63 -10.86 86.10
CA ARG C 1204 26.04 -11.20 85.96
C ARG C 1204 26.33 -11.83 84.60
N ALA C 1205 25.45 -12.72 84.14
CA ALA C 1205 25.73 -13.44 82.90
C ALA C 1205 25.83 -12.51 81.71
N GLN C 1206 24.81 -11.66 81.49
CA GLN C 1206 24.91 -10.77 80.34
C GLN C 1206 25.93 -9.68 80.56
N LEU C 1207 26.16 -9.26 81.81
CA LEU C 1207 27.23 -8.29 82.03
C LEU C 1207 28.58 -8.85 81.57
N VAL C 1208 28.84 -10.11 81.90
CA VAL C 1208 30.08 -10.75 81.44
C VAL C 1208 30.09 -10.87 79.92
N LEU C 1209 28.97 -11.28 79.32
CA LEU C 1209 28.94 -11.46 77.87
C LEU C 1209 29.18 -10.14 77.14
N TRP C 1210 28.55 -9.06 77.60
CA TRP C 1210 28.73 -7.77 76.93
C TRP C 1210 30.10 -7.18 77.24
N ASP C 1211 30.68 -7.50 78.40
CA ASP C 1211 32.08 -7.14 78.62
C ASP C 1211 32.98 -7.84 77.60
N CYS C 1212 32.70 -9.11 77.31
CA CYS C 1212 33.47 -9.82 76.29
C CYS C 1212 33.30 -9.15 74.93
N LEU C 1213 32.08 -8.74 74.59
CA LEU C 1213 31.86 -8.07 73.32
C LEU C 1213 32.61 -6.74 73.24
N ILE C 1214 32.59 -5.97 74.34
CA ILE C 1214 33.33 -4.71 74.37
C ILE C 1214 34.83 -4.95 74.26
N LEU C 1215 35.31 -6.03 74.88
CA LEU C 1215 36.71 -6.40 74.71
C LEU C 1215 37.03 -6.70 73.25
N TYR C 1216 36.13 -7.42 72.57
CA TYR C 1216 36.33 -7.65 71.14
C TYR C 1216 36.41 -6.34 70.37
N ASN C 1217 35.53 -5.39 70.71
CA ASN C 1217 35.51 -4.10 70.03
C ASN C 1217 36.83 -3.35 70.23
N VAL C 1218 37.31 -3.30 71.47
CA VAL C 1218 38.56 -2.57 71.72
C VAL C 1218 39.73 -3.28 71.06
N THR C 1219 39.73 -4.61 71.05
CA THR C 1219 40.81 -5.32 70.35
C THR C 1219 40.80 -5.04 68.87
N VAL C 1220 39.62 -5.00 68.23
CA VAL C 1220 39.61 -4.76 66.79
C VAL C 1220 40.05 -3.33 66.48
N ILE C 1221 39.63 -2.35 67.30
CA ILE C 1221 40.07 -0.98 67.03
C ILE C 1221 41.58 -0.84 67.24
N ILE C 1222 42.12 -1.49 68.28
CA ILE C 1222 43.56 -1.42 68.51
C ILE C 1222 44.32 -2.13 67.39
N SER C 1223 43.78 -3.25 66.90
CA SER C 1223 44.42 -3.95 65.80
C SER C 1223 44.44 -3.08 64.54
N LYS C 1224 43.35 -2.37 64.27
CA LYS C 1224 43.35 -1.46 63.14
C LYS C 1224 44.38 -0.36 63.32
N ASN C 1225 44.47 0.19 64.53
CA ASN C 1225 45.45 1.25 64.79
C ASN C 1225 46.87 0.77 64.55
N MET C 1226 47.21 -0.43 65.03
CA MET C 1226 48.57 -0.91 64.84
C MET C 1226 48.82 -1.35 63.40
N LEU C 1227 47.77 -1.84 62.72
CA LEU C 1227 47.86 -2.24 61.32
C LEU C 1227 48.01 -1.05 60.39
N SER C 1228 47.63 0.15 60.84
CA SER C 1228 47.91 1.34 60.03
C SER C 1228 49.39 1.49 59.70
N LEU C 1229 50.27 1.03 60.60
CA LEU C 1229 51.70 1.10 60.33
C LEU C 1229 52.08 0.28 59.10
N LEU C 1230 51.66 -1.00 59.07
CA LEU C 1230 51.90 -1.81 57.89
C LEU C 1230 51.14 -1.29 56.68
N SER C 1231 50.04 -0.57 56.91
CA SER C 1231 49.33 0.05 55.80
C SER C 1231 50.19 1.12 55.14
N CYS C 1232 50.91 1.90 55.93
CA CYS C 1232 51.71 3.00 55.41
C CYS C 1232 53.15 2.60 55.09
N VAL C 1233 53.49 1.32 55.20
CA VAL C 1233 54.81 0.83 54.79
C VAL C 1233 54.52 -0.23 53.71
N PHE C 1234 53.36 -0.10 53.08
CA PHE C 1234 52.94 -1.09 52.08
C PHE C 1234 53.65 -0.91 50.75
N VAL C 1235 54.04 0.32 50.41
CA VAL C 1235 54.60 0.58 49.08
C VAL C 1235 55.91 -0.17 48.88
N GLU C 1236 56.74 -0.25 49.91
CA GLU C 1236 58.05 -0.88 49.77
C GLU C 1236 57.94 -2.39 49.66
N GLN C 1237 57.25 -3.02 50.62
CA GLN C 1237 57.19 -4.48 50.69
C GLN C 1237 55.83 -5.03 50.26
N MET C 1238 54.75 -4.54 50.88
CA MET C 1238 53.44 -5.14 50.66
C MET C 1238 52.92 -4.95 49.25
N GLN C 1239 53.41 -3.94 48.52
CA GLN C 1239 52.96 -3.74 47.15
C GLN C 1239 53.53 -4.83 46.26
N SER C 1240 52.66 -5.44 45.45
CA SER C 1240 53.02 -6.53 44.55
C SER C 1240 53.61 -7.72 45.29
N ASN C 1241 53.18 -7.94 46.54
CA ASN C 1241 53.64 -9.08 47.31
C ASN C 1241 52.63 -9.36 48.42
N PHE C 1242 52.36 -10.64 48.64
CA PHE C 1242 51.39 -11.08 49.67
C PHE C 1242 50.05 -10.40 49.47
N CYS C 1243 49.58 -10.38 48.23
CA CYS C 1243 48.34 -9.68 47.92
C CYS C 1243 47.13 -10.30 48.62
N TRP C 1244 47.16 -11.61 48.86
CA TRP C 1244 46.04 -12.24 49.56
C TRP C 1244 45.85 -11.68 50.96
N VAL C 1245 46.93 -11.39 51.66
CA VAL C 1245 46.81 -10.82 53.01
C VAL C 1245 46.37 -9.37 52.96
N ILE C 1246 46.85 -8.60 51.99
CA ILE C 1246 46.43 -7.20 51.90
C ILE C 1246 44.96 -7.10 51.52
N GLN C 1247 44.44 -8.09 50.77
CA GLN C 1247 43.00 -8.13 50.55
C GLN C 1247 42.26 -8.62 51.78
N LEU C 1248 42.86 -9.54 52.54
CA LEU C 1248 42.22 -10.07 53.73
C LEU C 1248 42.01 -8.98 54.78
N PHE C 1249 43.07 -8.27 55.13
CA PHE C 1249 43.01 -7.27 56.18
C PHE C 1249 42.64 -5.88 55.68
N SER C 1250 42.74 -5.64 54.38
CA SER C 1250 42.49 -4.32 53.78
C SER C 1250 43.32 -3.24 54.44
N LEU C 1251 44.65 -3.42 54.39
CA LEU C 1251 45.58 -2.44 54.93
C LEU C 1251 45.63 -1.23 54.01
N VAL C 1252 45.03 -0.12 54.47
CA VAL C 1252 45.05 1.14 53.73
C VAL C 1252 45.29 2.26 54.73
N CYS C 1253 46.11 3.23 54.35
CA CYS C 1253 46.34 4.39 55.19
C CYS C 1253 45.12 5.31 55.19
N THR C 1254 45.11 6.24 56.13
CA THR C 1254 44.07 7.26 56.21
C THR C 1254 44.48 8.56 55.55
N VAL C 1255 45.61 9.13 55.96
CA VAL C 1255 46.12 10.37 55.36
C VAL C 1255 47.61 10.49 55.62
N ALA C 1278 38.18 8.99 61.42
CA ALA C 1278 37.97 9.34 60.02
C ALA C 1278 37.16 8.26 59.31
N GLY C 1279 37.83 7.15 58.99
CA GLY C 1279 37.21 6.03 58.33
C GLY C 1279 36.84 4.87 59.23
N ILE C 1280 36.84 5.05 60.55
CA ILE C 1280 36.56 3.97 61.49
C ILE C 1280 35.43 4.47 62.39
N ILE C 1281 34.57 5.33 61.86
CA ILE C 1281 33.52 5.93 62.67
C ILE C 1281 32.53 4.88 63.16
N TRP C 1282 32.22 3.89 62.32
CA TRP C 1282 31.20 2.91 62.66
C TRP C 1282 31.62 2.07 63.86
N ASP C 1283 32.90 1.70 63.93
CA ASP C 1283 33.37 0.91 65.06
C ASP C 1283 33.22 1.67 66.38
N SER C 1284 33.60 2.94 66.38
CA SER C 1284 33.46 3.76 67.59
C SER C 1284 31.99 3.97 67.95
N ILE C 1285 31.13 4.14 66.94
CA ILE C 1285 29.70 4.28 67.21
C ILE C 1285 29.16 3.01 67.85
N CYS C 1286 29.58 1.85 67.34
CA CYS C 1286 29.19 0.58 67.94
C CYS C 1286 29.66 0.48 69.38
N PHE C 1287 30.90 0.91 69.64
CA PHE C 1287 31.41 0.90 71.01
C PHE C 1287 30.59 1.79 71.93
N PHE C 1288 30.22 2.98 71.44
CA PHE C 1288 29.42 3.91 72.23
C PHE C 1288 28.04 3.31 72.54
N PHE C 1289 27.42 2.70 71.55
CA PHE C 1289 26.12 2.07 71.78
C PHE C 1289 26.24 0.90 72.75
N LEU C 1290 27.34 0.14 72.67
CA LEU C 1290 27.57 -0.93 73.63
C LEU C 1290 27.63 -0.39 75.05
N LEU C 1291 28.39 0.69 75.25
CA LEU C 1291 28.51 1.28 76.58
C LEU C 1291 27.15 1.80 77.06
N LEU C 1292 26.40 2.45 76.18
CA LEU C 1292 25.10 2.97 76.56
C LEU C 1292 24.16 1.85 76.98
N GLN C 1293 24.14 0.76 76.21
CA GLN C 1293 23.24 -0.33 76.54
C GLN C 1293 23.68 -1.04 77.82
N ARG C 1294 24.99 -1.11 78.07
CA ARG C 1294 25.47 -1.66 79.34
C ARG C 1294 24.98 -0.82 80.53
N ARG C 1295 25.10 0.50 80.40
CA ARG C 1295 24.58 1.38 81.45
C ARG C 1295 23.08 1.19 81.63
N ILE C 1296 22.35 1.01 80.53
CA ILE C 1296 20.92 0.70 80.62
C ILE C 1296 20.71 -0.60 81.41
N PHE C 1297 21.52 -1.61 81.12
CA PHE C 1297 21.39 -2.89 81.81
C PHE C 1297 21.61 -2.74 83.31
N LEU C 1298 22.48 -1.81 83.72
CA LEU C 1298 22.70 -1.58 85.14
C LEU C 1298 21.47 -1.02 85.85
N SER C 1299 20.59 -0.34 85.11
CA SER C 1299 19.51 0.42 85.74
C SER C 1299 18.40 -0.50 86.28
N HIS C 1300 17.60 0.07 87.20
CA HIS C 1300 16.44 -0.63 87.75
C HIS C 1300 15.29 -0.70 86.75
N TYR C 1301 15.24 0.27 85.84
CA TYR C 1301 14.25 0.23 84.77
C TYR C 1301 14.35 -1.07 84.00
N PHE C 1302 15.58 -1.47 83.64
CA PHE C 1302 15.76 -2.76 83.01
C PHE C 1302 15.34 -3.91 83.92
N LEU C 1303 15.45 -3.72 85.24
CA LEU C 1303 15.03 -4.77 86.16
C LEU C 1303 13.53 -5.05 86.03
N HIS C 1304 12.71 -4.00 86.14
CA HIS C 1304 11.28 -4.30 86.07
C HIS C 1304 10.87 -4.61 84.63
N VAL C 1305 11.61 -4.11 83.64
CA VAL C 1305 11.35 -4.53 82.26
C VAL C 1305 11.61 -6.02 82.10
N SER C 1306 12.67 -6.53 82.72
CA SER C 1306 12.94 -7.96 82.69
C SER C 1306 11.84 -8.74 83.39
N ALA C 1307 11.30 -8.18 84.48
CA ALA C 1307 10.14 -8.80 85.10
C ALA C 1307 8.97 -8.90 84.13
N ASP C 1308 8.73 -7.82 83.38
CA ASP C 1308 7.65 -7.82 82.39
C ASP C 1308 7.88 -8.86 81.30
N LEU C 1309 9.13 -8.96 80.81
CA LEU C 1309 9.44 -9.98 79.81
C LEU C 1309 9.26 -11.39 80.38
N LYS C 1310 9.60 -11.60 81.65
CA LYS C 1310 9.36 -12.89 82.26
C LYS C 1310 7.87 -13.22 82.29
N ALA C 1311 7.04 -12.22 82.63
CA ALA C 1311 5.59 -12.45 82.62
C ALA C 1311 5.09 -12.79 81.22
N THR C 1312 5.60 -12.08 80.20
CA THR C 1312 5.19 -12.35 78.83
C THR C 1312 5.61 -13.75 78.40
N ALA C 1313 6.80 -14.18 78.81
CA ALA C 1313 7.23 -15.55 78.53
C ALA C 1313 6.32 -16.56 79.21
N LEU C 1314 5.88 -16.24 80.43
CA LEU C 1314 5.01 -17.17 81.16
C LEU C 1314 3.64 -17.32 80.49
N GLN C 1315 3.04 -16.22 80.04
CA GLN C 1315 1.66 -16.27 79.58
C GLN C 1315 1.49 -16.85 78.17
N ALA C 1316 2.53 -17.48 77.63
CA ALA C 1316 2.48 -17.98 76.25
C ALA C 1316 1.41 -19.07 76.08
N SER C 1317 1.37 -20.01 77.02
CA SER C 1317 0.40 -21.11 76.90
C SER C 1317 -1.03 -20.61 77.02
N ARG C 1318 -1.27 -19.64 77.92
CA ARG C 1318 -2.61 -19.08 78.03
C ARG C 1318 -3.03 -18.38 76.75
N GLY C 1319 -2.11 -17.62 76.14
CA GLY C 1319 -2.41 -17.02 74.85
C GLY C 1319 -2.70 -18.05 73.78
N PHE C 1320 -1.93 -19.14 73.76
CA PHE C 1320 -2.15 -20.22 72.81
C PHE C 1320 -3.54 -20.82 72.98
N ALA C 1321 -3.94 -21.06 74.23
CA ALA C 1321 -5.27 -21.61 74.50
C ALA C 1321 -6.36 -20.67 74.04
N LEU C 1322 -6.19 -19.36 74.28
CA LEU C 1322 -7.17 -18.38 73.84
C LEU C 1322 -7.32 -18.41 72.32
N TYR C 1323 -6.19 -18.42 71.61
CA TYR C 1323 -6.23 -18.45 70.15
C TYR C 1323 -6.91 -19.73 69.65
N ASN C 1324 -6.60 -20.86 70.26
CA ASN C 1324 -7.23 -22.12 69.87
C ASN C 1324 -8.73 -22.07 70.06
N ALA C 1325 -9.17 -21.54 71.21
CA ALA C 1325 -10.61 -21.44 71.46
C ALA C 1325 -11.28 -20.56 70.41
N ALA C 1326 -10.65 -19.42 70.09
CA ALA C 1326 -11.24 -18.52 69.10
C ALA C 1326 -11.39 -19.19 67.74
N ASN C 1327 -10.33 -19.88 67.28
CA ASN C 1327 -10.42 -20.48 65.94
C ASN C 1327 -11.40 -21.64 65.92
N LEU C 1328 -11.48 -22.42 67.02
CA LEU C 1328 -12.47 -23.48 67.07
C LEU C 1328 -13.89 -22.92 67.02
N LYS C 1329 -14.14 -21.82 67.73
CA LYS C 1329 -15.47 -21.21 67.68
C LYS C 1329 -15.81 -20.75 66.27
N SER C 1330 -14.84 -20.13 65.58
CA SER C 1330 -15.09 -19.67 64.21
C SER C 1330 -15.39 -20.86 63.30
N ILE C 1331 -14.63 -21.95 63.44
CA ILE C 1331 -14.86 -23.13 62.62
C ILE C 1331 -16.25 -23.71 62.86
N ASN C 1332 -16.67 -23.76 64.13
CA ASN C 1332 -17.99 -24.27 64.45
C ASN C 1332 -19.08 -23.40 63.83
N PHE C 1333 -18.91 -22.08 63.88
CA PHE C 1333 -19.88 -21.18 63.27
C PHE C 1333 -19.99 -21.42 61.77
N HIS C 1334 -18.84 -21.55 61.09
CA HIS C 1334 -18.86 -21.83 59.66
C HIS C 1334 -19.54 -23.17 59.37
N ARG C 1335 -19.27 -24.18 60.20
CA ARG C 1335 -19.88 -25.49 60.01
C ARG C 1335 -21.40 -25.40 60.11
N GLN C 1336 -21.90 -24.66 61.10
CA GLN C 1336 -23.34 -24.53 61.25
C GLN C 1336 -23.97 -23.78 60.08
N ILE C 1337 -23.30 -22.74 59.59
CA ILE C 1337 -23.82 -22.02 58.42
C ILE C 1337 -23.91 -22.95 57.22
N GLU C 1338 -22.85 -23.73 56.99
CA GLU C 1338 -22.88 -24.68 55.89
C GLU C 1338 -23.98 -25.72 56.07
N GLU C 1339 -24.19 -26.17 57.31
CA GLU C 1339 -25.22 -27.16 57.58
C GLU C 1339 -26.60 -26.63 57.22
N LYS C 1340 -26.90 -25.38 57.62
CA LYS C 1340 -28.21 -24.83 57.29
C LYS C 1340 -28.35 -24.62 55.78
N SER C 1341 -27.26 -24.25 55.10
CA SER C 1341 -27.31 -24.12 53.65
C SER C 1341 -27.65 -25.44 52.98
N LEU C 1342 -27.01 -26.54 53.40
CA LEU C 1342 -27.33 -27.84 52.85
C LEU C 1342 -28.76 -28.28 53.19
N ALA C 1343 -29.24 -27.92 54.38
CA ALA C 1343 -30.62 -28.23 54.72
C ALA C 1343 -31.59 -27.53 53.77
N GLN C 1344 -31.33 -26.26 53.46
CA GLN C 1344 -32.17 -25.55 52.51
C GLN C 1344 -32.09 -26.17 51.11
N LEU C 1345 -30.89 -26.61 50.71
CA LEU C 1345 -30.75 -27.27 49.42
C LEU C 1345 -31.57 -28.55 49.36
N LYS C 1346 -31.53 -29.34 50.44
CA LYS C 1346 -32.33 -30.57 50.49
C LYS C 1346 -33.82 -30.26 50.42
N ARG C 1347 -34.24 -29.19 51.11
CA ARG C 1347 -35.65 -28.80 51.04
C ARG C 1347 -36.05 -28.42 49.62
N GLN C 1348 -35.21 -27.66 48.93
CA GLN C 1348 -35.50 -27.30 47.54
C GLN C 1348 -35.60 -28.53 46.66
N MET C 1349 -34.67 -29.48 46.84
CA MET C 1349 -34.69 -30.69 46.03
C MET C 1349 -35.96 -31.49 46.28
N LYS C 1350 -36.37 -31.59 47.55
CA LYS C 1350 -37.63 -32.27 47.85
C LYS C 1350 -38.81 -31.57 47.19
N ARG C 1351 -38.83 -30.24 47.22
CA ARG C 1351 -39.92 -29.50 46.61
C ARG C 1351 -40.02 -29.78 45.12
N ILE C 1352 -38.88 -29.73 44.43
CA ILE C 1352 -38.89 -29.91 42.98
C ILE C 1352 -39.25 -31.35 42.62
N ARG C 1353 -38.75 -32.32 43.39
CA ARG C 1353 -39.13 -33.72 43.15
C ARG C 1353 -40.63 -33.93 43.35
N ALA C 1354 -41.18 -33.32 44.40
CA ALA C 1354 -42.61 -33.44 44.65
C ALA C 1354 -43.42 -32.82 43.51
N LYS C 1355 -42.99 -31.66 43.02
CA LYS C 1355 -43.71 -31.03 41.91
C LYS C 1355 -43.67 -31.90 40.66
N GLN C 1356 -42.50 -32.44 40.33
CA GLN C 1356 -42.40 -33.25 39.11
C GLN C 1356 -43.20 -34.54 39.23
N GLU C 1357 -43.20 -35.18 40.41
CA GLU C 1357 -43.96 -36.41 40.55
C GLU C 1357 -45.46 -36.13 40.54
N LYS C 1358 -45.89 -35.00 41.10
CA LYS C 1358 -47.29 -34.63 41.02
C LYS C 1358 -47.70 -34.37 39.58
N TYR C 1359 -46.84 -33.73 38.79
CA TYR C 1359 -47.11 -33.56 37.37
C TYR C 1359 -47.22 -34.92 36.67
N ARG C 1360 -46.35 -35.86 37.05
CA ARG C 1360 -46.43 -37.20 36.46
C ARG C 1360 -47.77 -37.87 36.77
N GLN C 1361 -48.22 -37.77 38.03
CA GLN C 1361 -49.52 -38.36 38.37
C GLN C 1361 -50.65 -37.66 37.62
N SER C 1362 -50.57 -36.34 37.48
CA SER C 1362 -51.61 -35.63 36.73
C SER C 1362 -51.65 -36.08 35.28
N GLN C 1363 -50.49 -36.30 34.67
CA GLN C 1363 -50.43 -36.78 33.29
C GLN C 1363 -50.74 -38.26 33.17
N ALA C 1364 -50.74 -39.01 34.28
CA ALA C 1364 -51.02 -40.44 34.21
C ALA C 1364 -52.43 -40.71 33.73
N SER C 1365 -53.36 -39.79 33.96
CA SER C 1365 -54.75 -39.97 33.51
C SER C 1365 -54.93 -39.48 32.09
N THR C 1405 -36.76 -37.03 22.08
CA THR C 1405 -37.21 -37.98 23.09
C THR C 1405 -38.12 -37.31 24.11
N VAL C 1406 -37.71 -37.33 25.37
CA VAL C 1406 -38.49 -36.69 26.42
C VAL C 1406 -38.41 -35.17 26.30
N ILE C 1407 -37.34 -34.65 25.69
CA ILE C 1407 -37.19 -33.20 25.55
C ILE C 1407 -38.32 -32.61 24.71
N HIS C 1408 -38.77 -33.34 23.69
CA HIS C 1408 -39.87 -32.86 22.86
C HIS C 1408 -41.18 -32.78 23.64
N SER C 1409 -41.32 -33.58 24.70
CA SER C 1409 -42.56 -33.62 25.46
C SER C 1409 -42.77 -32.31 26.22
N GLY C 1410 -44.04 -32.02 26.50
CA GLY C 1410 -44.43 -30.79 27.16
C GLY C 1410 -45.81 -30.33 26.75
N ASP C 1411 -46.61 -29.89 27.72
CA ASP C 1411 -48.00 -29.55 27.44
C ASP C 1411 -48.46 -28.52 28.45
N TYR C 1412 -49.58 -27.85 28.14
CA TYR C 1412 -50.10 -26.77 28.98
C TYR C 1412 -50.43 -27.23 30.39
N PHE C 1413 -50.62 -28.53 30.62
CA PHE C 1413 -50.97 -29.00 31.96
C PHE C 1413 -49.84 -28.74 32.96
N LEU C 1414 -48.60 -28.57 32.48
CA LEU C 1414 -47.50 -28.20 33.37
C LEU C 1414 -47.59 -26.77 33.87
N PHE C 1415 -48.50 -25.96 33.31
CA PHE C 1415 -48.56 -24.53 33.59
C PHE C 1415 -49.81 -24.15 34.37
N GLU C 1416 -50.39 -25.07 35.12
CA GLU C 1416 -51.56 -24.74 35.93
C GLU C 1416 -51.19 -23.75 37.02
N SER C 1417 -52.06 -22.75 37.21
CA SER C 1417 -51.82 -21.68 38.18
C SER C 1417 -52.18 -22.18 39.58
N ASP C 1418 -51.34 -23.07 40.09
CA ASP C 1418 -51.55 -23.66 41.41
C ASP C 1418 -50.26 -23.62 42.24
N PHE C 1504 -12.61 25.49 56.64
CA PHE C 1504 -13.21 24.17 56.54
C PHE C 1504 -12.42 23.27 55.60
N LEU C 1505 -11.10 23.24 55.78
CA LEU C 1505 -10.23 22.43 54.94
C LEU C 1505 -9.39 21.44 55.73
N TRP C 1506 -8.96 21.79 56.94
CA TRP C 1506 -8.23 20.83 57.76
C TRP C 1506 -9.13 19.68 58.20
N VAL C 1507 -10.42 19.96 58.38
CA VAL C 1507 -11.36 18.94 58.83
C VAL C 1507 -11.48 17.83 57.79
N LEU C 1508 -11.37 18.16 56.51
CA LEU C 1508 -11.45 17.13 55.47
C LEU C 1508 -10.32 16.12 55.61
N GLY C 1509 -9.09 16.60 55.68
CA GLY C 1509 -7.96 15.69 55.82
C GLY C 1509 -7.98 14.94 57.13
N GLN C 1510 -8.35 15.62 58.22
CA GLN C 1510 -8.39 14.95 59.52
C GLN C 1510 -9.48 13.87 59.54
N ALA C 1511 -10.63 14.14 58.93
CA ALA C 1511 -11.68 13.13 58.87
C ALA C 1511 -11.27 11.95 58.00
N THR C 1512 -10.59 12.21 56.88
CA THR C 1512 -10.13 11.11 56.05
C THR C 1512 -9.13 10.24 56.78
N VAL C 1513 -8.19 10.86 57.50
CA VAL C 1513 -7.21 10.05 58.23
C VAL C 1513 -7.87 9.34 59.42
N ASP C 1514 -8.89 9.94 60.01
CA ASP C 1514 -9.66 9.26 61.05
C ASP C 1514 -10.37 8.04 60.49
N GLY C 1515 -10.94 8.15 59.29
CA GLY C 1515 -11.54 7.00 58.64
C GLY C 1515 -10.51 5.91 58.35
N LEU C 1516 -9.33 6.31 57.89
CA LEU C 1516 -8.26 5.35 57.62
C LEU C 1516 -7.85 4.62 58.90
N THR C 1517 -7.66 5.35 59.98
CA THR C 1517 -7.23 4.71 61.23
C THR C 1517 -8.36 3.87 61.83
N ARG C 1518 -9.61 4.26 61.60
CA ARG C 1518 -10.74 3.42 62.02
C ARG C 1518 -10.77 2.13 61.23
N TRP C 1519 -10.47 2.20 59.93
CA TRP C 1519 -10.36 0.97 59.14
C TRP C 1519 -9.23 0.09 59.64
N LEU C 1520 -8.11 0.70 60.01
CA LEU C 1520 -6.99 -0.06 60.56
C LEU C 1520 -7.38 -0.73 61.87
N ARG C 1521 -8.08 0.00 62.74
CA ARG C 1521 -8.56 -0.60 63.99
C ARG C 1521 -9.54 -1.74 63.72
N ALA C 1522 -10.41 -1.58 62.73
CA ALA C 1522 -11.34 -2.65 62.38
C ALA C 1522 -10.59 -3.88 61.89
N PHE C 1523 -9.53 -3.68 61.09
CA PHE C 1523 -8.73 -4.79 60.62
C PHE C 1523 -7.99 -5.48 61.78
N THR C 1524 -7.57 -4.70 62.78
CA THR C 1524 -6.77 -5.24 63.87
C THR C 1524 -7.60 -5.68 65.08
N LYS C 1525 -8.93 -5.51 65.04
CA LYS C 1525 -9.75 -5.64 66.24
C LYS C 1525 -9.48 -6.91 67.04
N HIS C 1526 -9.40 -8.06 66.35
CA HIS C 1526 -9.20 -9.32 67.06
C HIS C 1526 -7.86 -9.32 67.80
N HIS C 1527 -6.79 -8.93 67.11
CA HIS C 1527 -5.48 -8.88 67.74
C HIS C 1527 -5.46 -7.87 68.88
N ARG C 1528 -6.13 -6.74 68.69
CA ARG C 1528 -6.27 -5.76 69.78
C ARG C 1528 -6.90 -6.40 71.01
N THR C 1529 -7.95 -7.18 70.80
CA THR C 1529 -8.65 -7.80 71.93
C THR C 1529 -7.75 -8.80 72.65
N MET C 1530 -7.12 -9.71 71.90
CA MET C 1530 -6.26 -10.70 72.57
C MET C 1530 -5.08 -10.03 73.26
N SER C 1531 -4.47 -9.03 72.60
CA SER C 1531 -3.34 -8.34 73.22
C SER C 1531 -3.77 -7.62 74.49
N ASP C 1532 -4.95 -6.98 74.47
CA ASP C 1532 -5.42 -6.26 75.65
C ASP C 1532 -5.67 -7.21 76.81
N VAL C 1533 -6.37 -8.33 76.55
CA VAL C 1533 -6.66 -9.24 77.65
C VAL C 1533 -5.37 -9.88 78.18
N LEU C 1534 -4.45 -10.25 77.28
CA LEU C 1534 -3.20 -10.85 77.73
C LEU C 1534 -2.36 -9.85 78.51
N CYS C 1535 -2.32 -8.59 78.09
CA CYS C 1535 -1.52 -7.60 78.80
C CYS C 1535 -2.13 -7.28 80.15
N ALA C 1536 -3.47 -7.26 80.24
CA ALA C 1536 -4.11 -7.09 81.54
C ALA C 1536 -3.77 -8.24 82.48
N GLU C 1537 -3.82 -9.47 81.96
CA GLU C 1537 -3.46 -10.62 82.78
C GLU C 1537 -2.00 -10.54 83.23
N ARG C 1538 -1.10 -10.15 82.33
CA ARG C 1538 0.31 -10.01 82.70
C ARG C 1538 0.51 -8.92 83.74
N TYR C 1539 -0.21 -7.80 83.60
CA TYR C 1539 -0.09 -6.71 84.56
C TYR C 1539 -0.54 -7.14 85.94
N LEU C 1540 -1.69 -7.82 86.03
CA LEU C 1540 -2.13 -8.29 87.34
C LEU C 1540 -1.21 -9.37 87.89
N LEU C 1541 -0.64 -10.21 87.01
CA LEU C 1541 0.29 -11.24 87.45
C LEU C 1541 1.55 -10.63 88.05
N THR C 1542 2.11 -9.60 87.40
CA THR C 1542 3.33 -9.00 87.90
C THR C 1542 3.06 -8.10 89.11
N GLN C 1543 1.86 -7.50 89.20
CA GLN C 1543 1.50 -6.80 90.43
C GLN C 1543 1.35 -7.76 91.59
N GLU C 1544 0.85 -8.97 91.32
CA GLU C 1544 0.77 -10.00 92.35
C GLU C 1544 2.15 -10.54 92.71
N LEU C 1545 3.09 -10.52 91.77
CA LEU C 1545 4.36 -11.23 91.95
C LEU C 1545 5.25 -10.52 92.96
N LEU C 1546 5.15 -10.90 94.22
CA LEU C 1546 6.04 -10.40 95.26
C LEU C 1546 7.29 -11.27 95.38
N ARG C 1547 7.11 -12.57 95.61
CA ARG C 1547 8.23 -13.49 95.73
C ARG C 1547 7.85 -14.88 95.20
N ARG C 1552 -0.36 -21.69 91.28
CA ARG C 1552 -0.80 -22.29 90.03
C ARG C 1552 -1.72 -21.36 89.27
N ARG C 1553 -2.62 -21.93 88.46
CA ARG C 1553 -3.59 -21.11 87.73
C ARG C 1553 -4.62 -20.49 88.64
N GLY C 1554 -4.78 -21.00 89.87
CA GLY C 1554 -5.81 -20.50 90.76
C GLY C 1554 -5.63 -19.04 91.12
N VAL C 1555 -4.37 -18.59 91.24
CA VAL C 1555 -4.12 -17.18 91.54
C VAL C 1555 -4.51 -16.26 90.39
N LEU C 1556 -4.75 -16.81 89.20
CA LEU C 1556 -5.17 -16.03 88.05
C LEU C 1556 -6.68 -15.86 87.98
N ASP C 1557 -7.43 -16.44 88.92
CA ASP C 1557 -8.89 -16.35 88.95
C ASP C 1557 -9.39 -15.16 89.78
N GLN C 1558 -8.58 -14.10 89.88
CA GLN C 1558 -8.99 -12.93 90.67
C GLN C 1558 -10.24 -12.28 90.08
N LEU C 1559 -10.43 -12.39 88.77
CA LEU C 1559 -11.61 -11.82 88.14
C LEU C 1559 -12.88 -12.57 88.55
N GLU C 1647 -13.43 -21.33 76.94
CA GLU C 1647 -12.90 -19.97 76.93
C GLU C 1647 -13.46 -19.17 75.76
N LEU C 1648 -13.46 -17.85 75.89
CA LEU C 1648 -13.99 -16.97 74.86
C LEU C 1648 -13.39 -15.58 75.06
N LEU C 1649 -13.64 -14.70 74.08
CA LEU C 1649 -13.20 -13.31 74.16
C LEU C 1649 -14.12 -12.57 75.13
N LEU C 1650 -13.89 -12.80 76.42
CA LEU C 1650 -14.73 -12.27 77.48
C LEU C 1650 -13.99 -11.15 78.22
N ASP C 1651 -14.63 -10.00 78.34
CA ASP C 1651 -14.09 -8.87 79.07
C ASP C 1651 -14.66 -8.76 80.48
N ARG C 1652 -15.45 -9.74 80.91
CA ARG C 1652 -16.07 -9.71 82.23
C ARG C 1652 -15.01 -9.97 83.29
N ARG C 1653 -14.55 -8.91 83.94
CA ARG C 1653 -13.50 -9.00 84.94
C ARG C 1653 -13.52 -7.73 85.78
N LEU C 1654 -12.64 -7.68 86.78
CA LEU C 1654 -12.46 -6.49 87.59
C LEU C 1654 -11.66 -5.45 86.81
N HIS C 1655 -11.48 -4.28 87.41
CA HIS C 1655 -10.81 -3.17 86.74
C HIS C 1655 -9.64 -2.67 87.59
N ILE C 1656 -8.59 -2.24 86.91
CA ILE C 1656 -7.41 -1.66 87.54
C ILE C 1656 -7.32 -0.21 87.08
N PRO C 1657 -7.24 0.77 87.98
CA PRO C 1657 -7.24 2.17 87.55
C PRO C 1657 -6.08 2.56 86.66
N GLU C 1658 -4.91 1.94 86.85
CA GLU C 1658 -3.74 2.34 86.05
C GLU C 1658 -3.95 2.02 84.57
N LEU C 1659 -4.51 0.86 84.26
CA LEU C 1659 -4.77 0.51 82.87
C LEU C 1659 -5.81 1.44 82.25
N GLU C 1660 -6.84 1.79 83.01
CA GLU C 1660 -7.84 2.73 82.51
C GLU C 1660 -7.22 4.09 82.22
N GLU C 1661 -6.36 4.56 83.12
CA GLU C 1661 -5.68 5.84 82.88
C GLU C 1661 -4.77 5.76 81.67
N ALA C 1662 -4.08 4.64 81.49
CA ALA C 1662 -3.24 4.48 80.31
C ALA C 1662 -4.06 4.49 79.03
N GLU C 1663 -5.22 3.82 79.04
CA GLU C 1663 -6.10 3.85 77.88
C GLU C 1663 -6.60 5.26 77.60
N ARG C 1664 -6.98 6.00 78.64
CA ARG C 1664 -7.41 7.37 78.45
C ARG C 1664 -6.29 8.22 77.86
N PHE C 1665 -5.06 8.03 78.35
CA PHE C 1665 -3.93 8.82 77.87
C PHE C 1665 -3.60 8.50 76.42
N GLU C 1666 -3.60 7.21 76.05
CA GLU C 1666 -3.36 6.87 74.65
C GLU C 1666 -4.51 7.33 73.76
N ALA C 1667 -5.70 7.52 74.32
CA ALA C 1667 -6.74 8.22 73.58
C ALA C 1667 -6.43 9.70 73.46
N GLN C 1668 -5.76 10.29 74.46
CA GLN C 1668 -5.43 11.71 74.41
C GLN C 1668 -4.45 12.03 73.28
N GLN C 1669 -3.59 11.09 72.92
CA GLN C 1669 -2.51 11.32 71.97
C GLN C 1669 -2.89 10.93 70.55
N GLY C 1670 -4.16 11.05 70.18
CA GLY C 1670 -4.60 10.70 68.84
C GLY C 1670 -4.43 11.79 67.81
N ARG C 1671 -3.80 12.91 68.17
CA ARG C 1671 -3.73 14.05 67.26
C ARG C 1671 -2.90 13.73 66.02
N THR C 1672 -1.69 13.20 66.21
CA THR C 1672 -0.77 13.00 65.10
C THR C 1672 -0.13 11.61 65.04
N LEU C 1673 -0.16 10.83 66.11
CA LEU C 1673 0.41 9.49 66.08
C LEU C 1673 -0.63 8.39 65.96
N ARG C 1674 -1.92 8.76 65.85
CA ARG C 1674 -2.97 7.74 65.76
C ARG C 1674 -2.79 6.87 64.53
N LEU C 1675 -2.55 7.50 63.37
CA LEU C 1675 -2.41 6.75 62.13
C LEU C 1675 -1.17 5.86 62.15
N LEU C 1676 -0.05 6.39 62.63
CA LEU C 1676 1.18 5.60 62.65
C LEU C 1676 1.12 4.51 63.71
N ARG C 1677 0.50 4.80 64.86
CA ARG C 1677 0.32 3.75 65.86
C ARG C 1677 -0.59 2.64 65.34
N ALA C 1678 -1.65 3.01 64.62
CA ALA C 1678 -2.53 2.00 64.03
C ALA C 1678 -1.80 1.18 62.98
N GLY C 1679 -0.97 1.83 62.15
CA GLY C 1679 -0.20 1.09 61.18
C GLY C 1679 0.79 0.14 61.81
N TYR C 1680 1.47 0.59 62.87
CA TYR C 1680 2.40 -0.28 63.58
C TYR C 1680 1.68 -1.46 64.22
N GLN C 1681 0.51 -1.20 64.81
CA GLN C 1681 -0.28 -2.29 65.37
C GLN C 1681 -0.73 -3.26 64.28
N CYS C 1682 -1.02 -2.74 63.08
CA CYS C 1682 -1.42 -3.62 61.99
C CYS C 1682 -0.26 -4.51 61.55
N VAL C 1683 0.92 -3.92 61.35
CA VAL C 1683 2.06 -4.72 60.92
C VAL C 1683 2.52 -5.66 62.03
N ALA C 1684 2.23 -5.36 63.29
CA ALA C 1684 2.52 -6.31 64.36
C ALA C 1684 1.49 -7.43 64.42
N ALA C 1685 0.21 -7.09 64.21
CA ALA C 1685 -0.85 -8.09 64.26
C ALA C 1685 -0.72 -9.09 63.13
N HIS C 1686 -0.43 -8.60 61.92
CA HIS C 1686 -0.24 -9.52 60.81
C HIS C 1686 1.14 -10.17 60.88
N SER C 1687 2.19 -9.37 60.77
CA SER C 1687 3.57 -9.76 61.04
C SER C 1687 4.06 -10.93 60.20
N GLU C 1688 3.28 -11.36 59.22
CA GLU C 1688 3.72 -12.54 58.47
C GLU C 1688 3.66 -12.34 56.96
N LEU C 1689 2.66 -11.64 56.44
CA LEU C 1689 2.59 -11.47 54.99
C LEU C 1689 3.68 -10.56 54.48
N LEU C 1690 4.12 -9.60 55.30
CA LEU C 1690 5.21 -8.73 54.88
C LEU C 1690 6.54 -9.49 54.87
N CYS C 1691 6.66 -10.57 55.63
CA CYS C 1691 7.82 -11.44 55.46
C CYS C 1691 7.82 -12.04 54.05
N TYR C 1692 6.66 -12.49 53.59
CA TYR C 1692 6.53 -12.94 52.20
C TYR C 1692 6.84 -11.80 51.24
N PHE C 1693 6.38 -10.59 51.56
CA PHE C 1693 6.62 -9.44 50.71
C PHE C 1693 8.12 -9.17 50.57
N ILE C 1694 8.85 -9.18 51.68
CA ILE C 1694 10.29 -8.93 51.63
C ILE C 1694 11.01 -10.07 50.92
N ILE C 1695 10.57 -11.31 51.13
CA ILE C 1695 11.19 -12.44 50.45
C ILE C 1695 11.03 -12.29 48.94
N ILE C 1696 9.80 -12.02 48.49
CA ILE C 1696 9.53 -11.87 47.07
C ILE C 1696 10.23 -10.64 46.51
N LEU C 1697 10.35 -9.58 47.30
CA LEU C 1697 11.01 -8.36 46.83
C LEU C 1697 12.50 -8.58 46.64
N ASN C 1698 13.15 -9.22 47.63
CA ASN C 1698 14.58 -9.48 47.51
C ASN C 1698 14.85 -10.45 46.38
N HIS C 1699 14.03 -11.49 46.23
CA HIS C 1699 14.20 -12.38 45.09
C HIS C 1699 13.95 -11.68 43.77
N MET C 1700 13.09 -10.65 43.78
CA MET C 1700 12.79 -9.90 42.57
C MET C 1700 13.81 -8.80 42.32
N VAL C 1701 14.44 -8.28 43.38
CA VAL C 1701 15.35 -7.14 43.26
C VAL C 1701 16.76 -7.71 43.11
N THR C 1702 17.16 -7.95 41.85
CA THR C 1702 18.54 -8.13 41.45
C THR C 1702 19.17 -9.41 42.03
N ALA C 1703 18.44 -10.12 42.89
CA ALA C 1703 18.91 -11.38 43.44
C ALA C 1703 18.31 -12.57 42.70
N SER C 1704 18.13 -12.42 41.39
CA SER C 1704 17.54 -13.49 40.58
C SER C 1704 18.45 -14.71 40.49
N ALA C 1705 19.72 -14.59 40.88
CA ALA C 1705 20.65 -15.71 40.74
C ALA C 1705 20.30 -16.85 41.68
N ALA C 1706 20.33 -16.61 42.98
CA ALA C 1706 20.18 -17.67 43.97
C ALA C 1706 19.06 -17.46 44.97
N SER C 1707 18.40 -16.30 44.97
CA SER C 1707 17.34 -16.07 45.94
C SER C 1707 16.07 -16.83 45.57
N LEU C 1708 15.85 -17.10 44.28
CA LEU C 1708 14.58 -17.61 43.81
C LEU C 1708 14.21 -18.96 44.42
N VAL C 1709 15.18 -19.68 44.98
CA VAL C 1709 14.87 -20.96 45.62
C VAL C 1709 13.99 -20.75 46.84
N LEU C 1710 14.23 -19.68 47.60
CA LEU C 1710 13.45 -19.45 48.82
C LEU C 1710 11.96 -19.21 48.55
N PRO C 1711 11.55 -18.34 47.62
CA PRO C 1711 10.11 -18.17 47.39
C PRO C 1711 9.42 -19.45 46.98
N VAL C 1712 10.08 -20.29 46.17
CA VAL C 1712 9.48 -21.55 45.75
C VAL C 1712 9.10 -22.36 46.98
N LEU C 1713 10.04 -22.52 47.91
CA LEU C 1713 9.73 -23.21 49.16
C LEU C 1713 8.49 -22.61 49.80
N VAL C 1714 8.46 -21.28 49.91
CA VAL C 1714 7.27 -20.62 50.46
C VAL C 1714 6.03 -21.12 49.74
N PHE C 1715 6.01 -20.96 48.42
CA PHE C 1715 4.80 -21.25 47.65
C PHE C 1715 4.37 -22.68 47.82
N LEU C 1716 5.32 -23.57 48.10
CA LEU C 1716 5.01 -24.98 48.24
C LEU C 1716 5.00 -25.48 49.67
N TRP C 1717 5.57 -24.73 50.61
CA TRP C 1717 5.72 -25.27 51.95
C TRP C 1717 5.08 -24.39 53.01
N ALA C 1718 5.25 -23.07 52.91
CA ALA C 1718 4.72 -22.18 53.94
C ALA C 1718 3.20 -22.11 53.89
N MET C 1719 2.63 -22.02 52.70
CA MET C 1719 1.22 -21.71 52.54
C MET C 1719 0.36 -22.93 52.22
N LEU C 1720 0.88 -24.15 52.39
CA LEU C 1720 0.11 -25.32 52.01
C LEU C 1720 -0.05 -26.33 53.15
N THR C 1721 0.93 -26.40 54.04
CA THR C 1721 0.92 -27.45 55.06
C THR C 1721 -0.19 -27.26 56.09
N ILE C 1722 -0.12 -26.18 56.84
CA ILE C 1722 -0.96 -25.94 58.03
C ILE C 1722 -1.15 -24.44 58.15
N PRO C 1723 -2.28 -23.95 58.69
CA PRO C 1723 -2.43 -22.50 58.94
C PRO C 1723 -1.25 -21.87 59.66
N ARG C 1724 -0.43 -22.68 60.33
CA ARG C 1724 0.83 -22.20 60.88
C ARG C 1724 1.99 -22.78 60.07
N PRO C 1725 2.69 -21.97 59.27
CA PRO C 1725 3.86 -22.50 58.54
C PRO C 1725 4.94 -23.03 59.45
N SER C 1726 5.09 -22.44 60.64
CA SER C 1726 5.73 -23.04 61.81
C SER C 1726 7.26 -22.98 61.86
N LYS C 1727 7.78 -23.55 62.94
CA LYS C 1727 9.17 -23.35 63.33
C LYS C 1727 10.14 -23.93 62.31
N ARG C 1728 9.82 -25.10 61.76
CA ARG C 1728 10.74 -25.73 60.82
C ARG C 1728 10.96 -24.84 59.60
N PHE C 1729 9.87 -24.35 59.01
CA PHE C 1729 10.00 -23.45 57.86
C PHE C 1729 10.72 -22.17 58.24
N TRP C 1730 10.37 -21.56 59.38
CA TRP C 1730 10.99 -20.30 59.73
C TRP C 1730 12.49 -20.47 59.97
N MET C 1731 12.88 -21.53 60.68
CA MET C 1731 14.29 -21.78 60.93
C MET C 1731 15.05 -22.04 59.62
N THR C 1732 14.47 -22.85 58.73
CA THR C 1732 15.16 -23.13 57.47
C THR C 1732 15.34 -21.86 56.66
N ALA C 1733 14.29 -21.04 56.55
CA ALA C 1733 14.40 -19.80 55.80
C ALA C 1733 15.44 -18.88 56.41
N ILE C 1734 15.45 -18.75 57.73
CA ILE C 1734 16.38 -17.79 58.35
C ILE C 1734 17.82 -18.27 58.26
N VAL C 1735 18.06 -19.57 58.44
CA VAL C 1735 19.44 -20.04 58.29
C VAL C 1735 19.88 -19.90 56.84
N PHE C 1736 18.95 -20.07 55.89
CA PHE C 1736 19.28 -19.83 54.50
C PHE C 1736 19.68 -18.37 54.27
N THR C 1737 18.93 -17.44 54.83
CA THR C 1737 19.27 -16.03 54.65
C THR C 1737 20.62 -15.70 55.28
N GLU C 1738 20.87 -16.23 56.48
CA GLU C 1738 22.14 -15.95 57.15
C GLU C 1738 23.32 -16.52 56.37
N VAL C 1739 23.19 -17.77 55.90
CA VAL C 1739 24.29 -18.35 55.14
C VAL C 1739 24.47 -17.61 53.82
N MET C 1740 23.37 -17.15 53.21
CA MET C 1740 23.48 -16.40 51.98
C MET C 1740 24.25 -15.09 52.20
N VAL C 1741 23.93 -14.37 53.27
CA VAL C 1741 24.59 -13.09 53.49
C VAL C 1741 26.06 -13.30 53.86
N VAL C 1742 26.37 -14.34 54.63
CA VAL C 1742 27.78 -14.53 54.98
C VAL C 1742 28.59 -14.99 53.77
N THR C 1743 28.01 -15.83 52.91
CA THR C 1743 28.72 -16.19 51.68
C THR C 1743 28.86 -15.00 50.75
N LYS C 1744 27.88 -14.10 50.73
CA LYS C 1744 28.02 -12.87 49.94
C LYS C 1744 29.16 -12.03 50.49
N TYR C 1745 29.28 -11.94 51.81
CA TYR C 1745 30.39 -11.22 52.41
C TYR C 1745 31.74 -11.86 52.05
N LEU C 1746 31.81 -13.20 52.13
CA LEU C 1746 33.07 -13.89 51.84
C LEU C 1746 33.47 -13.72 50.38
N PHE C 1747 32.52 -13.89 49.46
CA PHE C 1747 32.80 -13.74 48.04
C PHE C 1747 32.94 -12.28 47.62
N GLN C 1748 32.61 -11.33 48.50
CA GLN C 1748 32.82 -9.92 48.20
C GLN C 1748 34.28 -9.52 48.28
N PHE C 1749 35.12 -10.34 48.91
CA PHE C 1749 36.53 -10.04 49.04
C PHE C 1749 37.28 -10.44 47.77
N GLY C 1750 38.50 -9.93 47.65
CA GLY C 1750 39.36 -10.23 46.52
C GLY C 1750 40.26 -11.42 46.68
N PHE C 1751 40.12 -12.17 47.77
CA PHE C 1751 40.95 -13.34 48.00
C PHE C 1751 40.55 -14.55 47.17
N PHE C 1752 39.40 -14.50 46.51
CA PHE C 1752 38.95 -15.61 45.68
C PHE C 1752 38.55 -15.12 44.29
N TYR C 1782 22.55 -5.89 48.18
CA TYR C 1782 23.05 -7.11 48.81
C TYR C 1782 22.76 -7.11 50.31
N ILE C 1783 23.64 -6.47 51.08
CA ILE C 1783 23.44 -6.37 52.52
C ILE C 1783 22.19 -5.56 52.83
N LYS C 1784 21.97 -4.48 52.09
CA LYS C 1784 20.83 -3.60 52.37
C LYS C 1784 19.51 -4.33 52.20
N TYR C 1785 19.39 -5.14 51.14
CA TYR C 1785 18.14 -5.88 50.92
C TYR C 1785 17.99 -7.02 51.91
N ASP C 1786 19.10 -7.71 52.23
CA ASP C 1786 19.02 -8.90 53.06
C ASP C 1786 18.81 -8.59 54.54
N LEU C 1787 19.33 -7.46 55.03
CA LEU C 1787 19.14 -7.13 56.43
C LEU C 1787 17.67 -6.92 56.77
N VAL C 1788 16.90 -6.42 55.80
CA VAL C 1788 15.46 -6.31 56.01
C VAL C 1788 14.83 -7.68 56.18
N GLN C 1789 15.25 -8.66 55.37
CA GLN C 1789 14.76 -10.02 55.55
C GLN C 1789 15.11 -10.56 56.93
N LEU C 1790 16.37 -10.37 57.35
CA LEU C 1790 16.79 -10.85 58.66
C LEU C 1790 15.95 -10.23 59.78
N MET C 1791 15.81 -8.90 59.76
CA MET C 1791 15.07 -8.24 60.83
C MET C 1791 13.60 -8.65 60.81
N ALA C 1792 13.00 -8.79 59.62
CA ALA C 1792 11.61 -9.19 59.54
C ALA C 1792 11.41 -10.62 60.07
N LEU C 1793 12.28 -11.54 59.68
CA LEU C 1793 12.12 -12.92 60.09
C LEU C 1793 12.31 -13.07 61.61
N PHE C 1794 13.33 -12.43 62.16
CA PHE C 1794 13.51 -12.43 63.61
C PHE C 1794 12.35 -11.75 64.34
N PHE C 1795 11.84 -10.63 63.80
CA PHE C 1795 10.73 -9.97 64.48
C PHE C 1795 9.48 -10.82 64.47
N HIS C 1796 9.21 -11.50 63.34
CA HIS C 1796 8.05 -12.38 63.27
C HIS C 1796 8.22 -13.57 64.20
N ARG C 1797 9.42 -14.15 64.26
CA ARG C 1797 9.67 -15.26 65.17
C ARG C 1797 9.48 -14.84 66.61
N SER C 1798 9.98 -13.65 66.97
CA SER C 1798 9.78 -13.15 68.32
C SER C 1798 8.29 -12.92 68.61
N GLN C 1799 7.56 -12.39 67.62
CA GLN C 1799 6.13 -12.17 67.81
C GLN C 1799 5.39 -13.47 68.03
N LEU C 1800 5.76 -14.52 67.31
CA LEU C 1800 5.10 -15.82 67.47
C LEU C 1800 5.29 -16.34 68.89
N LEU C 1801 6.54 -16.41 69.34
CA LEU C 1801 6.92 -16.73 70.73
C LEU C 1801 6.23 -17.98 71.28
N CYS C 1802 5.72 -18.85 70.41
CA CYS C 1802 5.09 -20.08 70.86
C CYS C 1802 5.28 -21.16 69.80
N TYR C 1803 5.56 -22.38 70.26
CA TYR C 1803 5.81 -23.51 69.36
C TYR C 1803 4.92 -24.69 69.72
N GLN C 1956 11.74 -39.57 55.51
CA GLN C 1956 11.34 -39.97 54.16
C GLN C 1956 9.82 -40.09 53.97
N PRO C 1957 9.11 -40.82 54.85
CA PRO C 1957 7.65 -40.92 54.67
C PRO C 1957 6.89 -39.69 55.17
N LEU C 1958 7.56 -38.76 55.85
CA LEU C 1958 6.87 -37.56 56.33
C LEU C 1958 6.40 -36.69 55.18
N GLN C 1959 7.07 -36.77 54.02
CA GLN C 1959 6.60 -36.03 52.85
C GLN C 1959 5.25 -36.56 52.38
N ARG C 1960 5.12 -37.89 52.30
CA ARG C 1960 3.82 -38.48 51.96
C ARG C 1960 2.80 -38.20 53.05
N PHE C 1961 3.22 -38.16 54.32
CA PHE C 1961 2.30 -37.80 55.38
C PHE C 1961 1.76 -36.39 55.19
N PHE C 1962 2.64 -35.43 54.88
CA PHE C 1962 2.21 -34.06 54.64
C PHE C 1962 1.31 -33.96 53.42
N HIS C 1963 1.62 -34.74 52.37
CA HIS C 1963 0.74 -34.77 51.20
C HIS C 1963 -0.65 -35.29 51.57
N ASP C 1964 -0.70 -36.29 52.46
CA ASP C 1964 -1.99 -36.77 52.95
C ASP C 1964 -2.71 -35.68 53.74
N ILE C 1965 -1.96 -34.91 54.54
CA ILE C 1965 -2.57 -33.81 55.28
C ILE C 1965 -3.12 -32.76 54.34
N LEU C 1966 -2.51 -32.61 53.16
CA LEU C 1966 -3.04 -31.67 52.17
C LEU C 1966 -4.38 -32.12 51.58
N HIS C 1967 -4.77 -33.38 51.79
CA HIS C 1967 -6.05 -33.91 51.30
C HIS C 1967 -6.75 -34.59 52.48
N THR C 1968 -7.48 -33.81 53.25
CA THR C 1968 -8.19 -34.33 54.42
C THR C 1968 -9.67 -33.97 54.38
N LYS C 1969 -9.99 -32.80 53.79
CA LYS C 1969 -11.35 -32.29 53.71
C LYS C 1969 -11.95 -32.08 55.10
N TYR C 1970 -11.29 -31.22 55.87
CA TYR C 1970 -11.75 -30.89 57.22
C TYR C 1970 -11.61 -29.41 57.54
N ARG C 1971 -11.40 -28.54 56.55
CA ARG C 1971 -11.18 -27.13 56.77
C ARG C 1971 -12.49 -26.35 56.60
N ALA C 1972 -12.38 -25.02 56.67
CA ALA C 1972 -13.55 -24.18 56.49
C ALA C 1972 -14.14 -24.33 55.09
N ALA C 1973 -13.29 -24.61 54.09
CA ALA C 1973 -13.73 -24.93 52.73
C ALA C 1973 -14.56 -23.79 52.14
N THR C 1974 -13.87 -22.67 51.89
CA THR C 1974 -14.45 -21.57 51.13
C THR C 1974 -13.78 -21.48 49.76
N ASP C 1975 -14.51 -20.95 48.80
CA ASP C 1975 -14.03 -20.81 47.43
C ASP C 1975 -14.01 -19.33 47.04
N VAL C 1976 -12.86 -18.87 46.57
CA VAL C 1976 -12.70 -17.51 46.07
C VAL C 1976 -12.01 -17.59 44.71
N TYR C 1977 -12.81 -17.68 43.65
CA TYR C 1977 -12.25 -17.91 42.32
C TYR C 1977 -12.17 -16.66 41.47
N ALA C 1978 -13.12 -15.73 41.64
CA ALA C 1978 -13.07 -14.48 40.90
C ALA C 1978 -11.77 -13.72 41.14
N LEU C 1979 -11.14 -13.94 42.29
CA LEU C 1979 -9.89 -13.26 42.58
C LEU C 1979 -8.74 -13.75 41.69
N MET C 1980 -8.61 -15.07 41.51
CA MET C 1980 -7.58 -15.56 40.60
C MET C 1980 -7.85 -15.09 39.18
N PHE C 1981 -9.12 -15.11 38.76
CA PHE C 1981 -9.45 -14.68 37.40
C PHE C 1981 -9.13 -13.21 37.20
N LEU C 1982 -9.46 -12.37 38.18
CA LEU C 1982 -9.13 -10.95 38.09
C LEU C 1982 -7.62 -10.73 38.09
N ALA C 1983 -6.89 -11.51 38.89
CA ALA C 1983 -5.43 -11.41 38.88
C ALA C 1983 -4.88 -11.76 37.51
N ASP C 1984 -5.39 -12.83 36.89
CA ASP C 1984 -4.94 -13.21 35.57
C ASP C 1984 -5.29 -12.14 34.53
N ILE C 1985 -6.48 -11.53 34.66
CA ILE C 1985 -6.86 -10.48 33.72
C ILE C 1985 -5.94 -9.28 33.85
N VAL C 1986 -5.64 -8.87 35.09
CA VAL C 1986 -4.70 -7.77 35.31
C VAL C 1986 -3.33 -8.12 34.77
N ASP C 1987 -2.94 -9.39 34.91
CA ASP C 1987 -1.68 -9.86 34.35
C ASP C 1987 -1.67 -9.69 32.83
N ILE C 1988 -2.79 -10.01 32.18
CA ILE C 1988 -2.89 -9.84 30.73
C ILE C 1988 -2.79 -8.36 30.36
N ILE C 1989 -3.46 -7.49 31.12
CA ILE C 1989 -3.37 -6.06 30.83
C ILE C 1989 -1.94 -5.57 30.96
N ILE C 1990 -1.22 -6.05 31.99
CA ILE C 1990 0.17 -5.64 32.17
C ILE C 1990 1.02 -6.12 31.00
N ILE C 1991 0.84 -7.39 30.60
CA ILE C 1991 1.68 -7.92 29.53
C ILE C 1991 1.35 -7.24 28.20
N ILE C 1992 0.11 -6.79 28.01
CA ILE C 1992 -0.21 -6.01 26.82
C ILE C 1992 0.47 -4.65 26.88
N PHE C 1993 0.41 -4.00 28.04
CA PHE C 1993 1.05 -2.70 28.19
C PHE C 1993 2.57 -2.77 28.19
N GLY C 1994 3.15 -3.96 28.35
CA GLY C 1994 4.59 -4.10 28.42
C GLY C 1994 5.28 -4.03 27.08
N PHE C 1995 4.97 -3.01 26.29
CA PHE C 1995 5.61 -2.79 24.99
C PHE C 1995 6.10 -1.38 24.77
N TRP C 1996 5.58 -0.39 25.49
CA TRP C 1996 5.98 1.00 25.29
C TRP C 1996 5.68 1.84 26.52
N GLN C 2015 14.33 -11.65 22.67
CA GLN C 2015 13.76 -10.34 22.97
C GLN C 2015 12.57 -10.46 23.92
N VAL C 2016 12.48 -9.53 24.87
CA VAL C 2016 11.37 -9.54 25.82
C VAL C 2016 10.02 -9.40 25.12
N PRO C 2017 9.86 -8.49 24.14
CA PRO C 2017 8.58 -8.46 23.41
C PRO C 2017 8.26 -9.75 22.69
N GLN C 2018 9.29 -10.47 22.22
CA GLN C 2018 9.06 -11.75 21.56
C GLN C 2018 8.57 -12.80 22.55
N ALA C 2019 9.17 -12.83 23.75
CA ALA C 2019 8.71 -13.75 24.79
C ALA C 2019 7.35 -13.38 25.35
N PHE C 2020 6.95 -12.11 25.19
CA PHE C 2020 5.63 -11.68 25.66
C PHE C 2020 4.52 -12.49 25.00
N LEU C 2021 4.66 -12.77 23.70
CA LEU C 2021 3.65 -13.57 23.02
C LEU C 2021 3.53 -14.96 23.63
N PHE C 2022 4.67 -15.63 23.84
CA PHE C 2022 4.64 -16.98 24.40
C PHE C 2022 4.02 -16.98 25.79
N MET C 2023 4.41 -16.03 26.63
CA MET C 2023 3.88 -16.01 27.98
C MET C 2023 2.39 -15.65 27.99
N LEU C 2024 1.95 -14.82 27.03
CA LEU C 2024 0.52 -14.54 26.91
C LEU C 2024 -0.25 -15.80 26.54
N LEU C 2025 0.25 -16.56 25.57
CA LEU C 2025 -0.44 -17.79 25.18
C LEU C 2025 -0.47 -18.80 26.32
N VAL C 2026 0.66 -18.98 27.03
CA VAL C 2026 0.65 -19.94 28.11
C VAL C 2026 -0.25 -19.46 29.24
N GLN C 2027 -0.39 -18.14 29.41
CA GLN C 2027 -1.33 -17.62 30.40
C GLN C 2027 -2.76 -17.92 30.02
N PHE C 2028 -3.11 -17.78 28.73
CA PHE C 2028 -4.44 -18.20 28.29
C PHE C 2028 -4.67 -19.68 28.53
N GLY C 2029 -3.65 -20.49 28.23
CA GLY C 2029 -3.75 -21.92 28.50
C GLY C 2029 -3.95 -22.22 29.97
N THR C 2030 -3.26 -21.49 30.84
CA THR C 2030 -3.45 -21.67 32.28
C THR C 2030 -4.85 -21.26 32.71
N MET C 2031 -5.39 -20.20 32.11
CA MET C 2031 -6.79 -19.85 32.38
C MET C 2031 -7.71 -21.01 32.03
N VAL C 2032 -7.52 -21.60 30.84
CA VAL C 2032 -8.37 -22.72 30.42
C VAL C 2032 -8.23 -23.89 31.38
N ILE C 2033 -6.98 -24.20 31.77
CA ILE C 2033 -6.75 -25.37 32.60
C ILE C 2033 -7.27 -25.14 34.02
N ASP C 2034 -7.24 -23.90 34.52
CA ASP C 2034 -7.77 -23.65 35.85
C ASP C 2034 -9.29 -23.63 35.85
N ARG C 2035 -9.92 -23.17 34.76
CA ARG C 2035 -11.36 -23.39 34.63
C ARG C 2035 -11.69 -24.88 34.64
N ALA C 2036 -10.88 -25.67 33.92
CA ALA C 2036 -11.07 -27.12 33.91
C ALA C 2036 -10.99 -27.69 35.32
N LEU C 2037 -9.94 -27.33 36.06
CA LEU C 2037 -9.73 -27.87 37.39
C LEU C 2037 -10.82 -27.42 38.35
N TYR C 2038 -11.23 -26.17 38.27
CA TYR C 2038 -12.26 -25.66 39.17
C TYR C 2038 -13.61 -26.30 38.92
N LEU C 2039 -13.99 -26.45 37.64
CA LEU C 2039 -15.35 -26.90 37.34
C LEU C 2039 -15.59 -28.34 37.78
N ARG C 2040 -14.55 -29.16 37.85
CA ARG C 2040 -14.70 -30.53 38.31
C ARG C 2040 -14.43 -30.70 39.81
N LYS C 2041 -14.19 -29.60 40.52
CA LYS C 2041 -14.02 -29.59 41.97
C LYS C 2041 -12.80 -30.42 42.42
N THR C 2042 -11.87 -30.70 41.52
CA THR C 2042 -10.68 -31.44 41.90
C THR C 2042 -9.75 -30.56 42.72
N VAL C 2043 -9.02 -31.20 43.66
CA VAL C 2043 -8.12 -30.51 44.55
C VAL C 2043 -6.67 -30.98 44.39
N LEU C 2044 -6.47 -32.31 44.29
CA LEU C 2044 -5.12 -32.82 44.07
C LEU C 2044 -4.57 -32.34 42.73
N GLY C 2045 -5.41 -32.35 41.69
CA GLY C 2045 -5.01 -31.78 40.42
C GLY C 2045 -4.64 -30.31 40.55
N LYS C 2046 -5.37 -29.59 41.41
CA LYS C 2046 -5.03 -28.19 41.65
C LYS C 2046 -3.66 -28.06 42.29
N LEU C 2047 -3.33 -28.94 43.23
CA LEU C 2047 -2.01 -28.91 43.84
C LEU C 2047 -0.92 -29.19 42.83
N ALA C 2048 -1.13 -30.20 41.97
CA ALA C 2048 -0.15 -30.52 40.94
C ALA C 2048 0.03 -29.35 39.97
N PHE C 2049 -1.08 -28.73 39.55
CA PHE C 2049 -1.01 -27.58 38.68
C PHE C 2049 -0.26 -26.44 39.36
N GLN C 2050 -0.52 -26.20 40.64
CA GLN C 2050 0.15 -25.13 41.36
C GLN C 2050 1.66 -25.35 41.38
N VAL C 2051 2.09 -26.55 41.77
CA VAL C 2051 3.52 -26.79 41.90
C VAL C 2051 4.21 -26.70 40.54
N VAL C 2052 3.62 -27.32 39.51
CA VAL C 2052 4.27 -27.29 38.21
C VAL C 2052 4.30 -25.87 37.65
N LEU C 2053 3.22 -25.12 37.82
CA LEU C 2053 3.17 -23.75 37.31
C LEU C 2053 4.18 -22.87 38.00
N VAL C 2054 4.30 -22.98 39.33
CA VAL C 2054 5.23 -22.10 40.03
C VAL C 2054 6.67 -22.46 39.70
N VAL C 2055 6.99 -23.77 39.64
CA VAL C 2055 8.36 -24.15 39.33
C VAL C 2055 8.72 -23.74 37.91
N ALA C 2056 7.76 -23.85 36.98
CA ALA C 2056 8.03 -23.45 35.61
C ALA C 2056 8.22 -21.93 35.50
N ILE C 2057 7.33 -21.16 36.13
CA ILE C 2057 7.42 -19.71 36.04
C ILE C 2057 8.63 -19.17 36.77
N HIS C 2058 9.16 -19.91 37.74
CA HIS C 2058 10.37 -19.46 38.42
C HIS C 2058 11.64 -19.89 37.69
N ILE C 2059 11.64 -21.08 37.09
CA ILE C 2059 12.77 -21.47 36.26
C ILE C 2059 12.78 -20.71 34.95
N TRP C 2060 11.67 -20.05 34.60
CA TRP C 2060 11.60 -19.26 33.38
C TRP C 2060 12.46 -18.00 33.45
N MET C 2061 12.87 -17.59 34.65
CA MET C 2061 13.72 -16.40 34.78
C MET C 2061 15.15 -16.63 34.34
N PHE C 2062 15.47 -17.78 33.73
CA PHE C 2062 16.76 -17.96 33.07
C PHE C 2062 16.84 -17.21 31.75
N PHE C 2063 15.71 -16.75 31.22
CA PHE C 2063 15.67 -15.97 29.99
C PHE C 2063 15.36 -14.50 30.26
N ILE C 2064 15.35 -14.08 31.52
CA ILE C 2064 15.07 -12.69 31.86
C ILE C 2064 16.29 -11.83 31.61
N ARG C 2071 17.11 -0.47 29.92
CA ARG C 2071 16.29 -1.60 29.50
C ARG C 2071 15.98 -2.52 30.67
N MET C 2072 17.03 -2.95 31.37
CA MET C 2072 16.85 -3.82 32.53
C MET C 2072 16.03 -3.11 33.60
N PHE C 2073 16.33 -1.84 33.87
CA PHE C 2073 15.57 -1.05 34.81
C PHE C 2073 14.46 -0.24 34.15
N SER C 2074 14.59 0.07 32.86
CA SER C 2074 13.60 0.87 32.15
C SER C 2074 12.52 0.01 31.51
N GLN C 2075 12.93 -0.89 30.62
CA GLN C 2075 11.99 -1.76 29.92
C GLN C 2075 11.66 -3.02 30.70
N ASN C 2076 12.67 -3.64 31.32
CA ASN C 2076 12.46 -4.84 32.13
C ASN C 2076 12.08 -4.49 33.56
N ALA C 2077 11.10 -3.60 33.71
CA ALA C 2077 10.52 -3.26 34.99
C ALA C 2077 9.03 -3.55 35.05
N VAL C 2078 8.33 -3.55 33.91
CA VAL C 2078 6.97 -4.05 33.88
C VAL C 2078 6.95 -5.55 34.10
N ALA C 2079 8.00 -6.25 33.67
CA ALA C 2079 8.05 -7.70 33.83
C ALA C 2079 8.07 -8.11 35.29
N GLN C 2080 8.79 -7.37 36.13
CA GLN C 2080 8.82 -7.72 37.55
C GLN C 2080 7.49 -7.42 38.23
N LEU C 2081 6.79 -6.37 37.80
CA LEU C 2081 5.44 -6.14 38.31
C LEU C 2081 4.49 -7.26 37.88
N TRP C 2082 4.66 -7.73 36.64
CA TRP C 2082 3.89 -8.88 36.17
C TRP C 2082 4.18 -10.11 37.02
N TYR C 2083 5.45 -10.32 37.38
CA TYR C 2083 5.81 -11.43 38.25
C TYR C 2083 5.20 -11.26 39.63
N PHE C 2084 5.14 -10.03 40.12
CA PHE C 2084 4.50 -9.77 41.42
C PHE C 2084 3.02 -10.10 41.38
N VAL C 2085 2.34 -9.74 40.29
CA VAL C 2085 0.94 -10.11 40.14
C VAL C 2085 0.78 -11.62 40.07
N LYS C 2086 1.69 -12.30 39.38
CA LYS C 2086 1.68 -13.76 39.37
C LYS C 2086 1.86 -14.32 40.77
N CYS C 2087 2.72 -13.68 41.57
CA CYS C 2087 2.90 -14.07 42.97
C CYS C 2087 1.61 -13.93 43.75
N ILE C 2088 0.89 -12.83 43.54
CA ILE C 2088 -0.39 -12.65 44.22
C ILE C 2088 -1.37 -13.75 43.81
N TYR C 2089 -1.39 -14.08 42.52
CA TYR C 2089 -2.25 -15.16 42.04
C TYR C 2089 -1.87 -16.49 42.70
N PHE C 2090 -0.57 -16.75 42.82
CA PHE C 2090 -0.13 -17.98 43.48
C PHE C 2090 -0.58 -18.03 44.92
N ALA C 2091 -0.49 -16.90 45.63
CA ALA C 2091 -0.94 -16.85 47.01
C ALA C 2091 -2.44 -17.14 47.10
N LEU C 2092 -3.23 -16.54 46.21
CA LEU C 2092 -4.67 -16.80 46.20
C LEU C 2092 -4.96 -18.27 45.94
N SER C 2093 -4.27 -18.86 44.96
CA SER C 2093 -4.49 -20.26 44.63
C SER C 2093 -4.10 -21.17 45.78
N ALA C 2094 -2.99 -20.86 46.46
CA ALA C 2094 -2.58 -21.67 47.60
C ALA C 2094 -3.60 -21.59 48.73
N TYR C 2095 -4.13 -20.39 48.99
CA TYR C 2095 -5.16 -20.25 50.00
C TYR C 2095 -6.40 -21.06 49.63
N GLN C 2096 -6.78 -21.03 48.34
CA GLN C 2096 -7.92 -21.82 47.90
C GLN C 2096 -7.67 -23.31 48.08
N ILE C 2097 -6.45 -23.77 47.78
CA ILE C 2097 -6.09 -25.17 48.00
C ILE C 2097 -6.23 -25.53 49.47
N ARG C 2098 -5.77 -24.63 50.36
CA ARG C 2098 -5.90 -24.89 51.79
C ARG C 2098 -7.35 -24.97 52.21
N CYS C 2099 -8.22 -24.16 51.60
CA CYS C 2099 -9.64 -24.17 51.97
C CYS C 2099 -10.32 -25.45 51.50
N GLY C 2100 -10.40 -25.66 50.19
CA GLY C 2100 -10.87 -26.93 49.67
C GLY C 2100 -12.24 -27.02 49.03
N TYR C 2101 -12.60 -26.04 48.18
CA TYR C 2101 -13.72 -26.18 47.24
C TYR C 2101 -15.04 -26.60 47.87
N PRO C 2102 -15.74 -25.69 48.53
CA PRO C 2102 -17.07 -26.03 49.08
C PRO C 2102 -18.03 -26.48 47.99
N THR C 2103 -18.93 -27.39 48.37
CA THR C 2103 -19.97 -27.84 47.46
C THR C 2103 -20.91 -26.69 47.12
N ARG C 2104 -21.73 -26.91 46.08
CA ARG C 2104 -22.69 -25.92 45.59
C ARG C 2104 -21.97 -24.65 45.16
N ILE C 2105 -21.06 -24.80 44.22
CA ILE C 2105 -20.30 -23.69 43.64
C ILE C 2105 -20.55 -23.75 42.14
N LEU C 2106 -21.55 -23.02 41.67
CA LEU C 2106 -21.91 -23.01 40.27
C LEU C 2106 -22.74 -21.76 39.98
N GLY C 2107 -22.94 -21.49 38.70
CA GLY C 2107 -23.69 -20.33 38.28
C GLY C 2107 -22.81 -19.12 38.04
N ASN C 2108 -23.47 -18.02 37.70
CA ASN C 2108 -22.78 -16.76 37.38
C ASN C 2108 -22.56 -15.98 38.68
N PHE C 2109 -21.31 -15.63 38.94
CA PHE C 2109 -20.99 -14.90 40.16
C PHE C 2109 -21.60 -13.50 40.15
N LEU C 2110 -21.57 -12.83 38.99
CA LEU C 2110 -22.11 -11.47 38.91
C LEU C 2110 -23.61 -11.43 39.15
N THR C 2111 -24.31 -12.55 38.96
CA THR C 2111 -25.75 -12.62 39.21
C THR C 2111 -26.00 -13.12 40.63
N LYS C 2112 -25.68 -12.25 41.58
CA LYS C 2112 -25.93 -12.51 43.00
C LYS C 2112 -27.00 -11.61 43.58
N LYS C 2113 -27.00 -10.33 43.21
CA LYS C 2113 -28.04 -9.39 43.60
C LYS C 2113 -28.53 -8.66 42.37
N TYR C 2114 -29.81 -8.28 42.38
CA TYR C 2114 -30.43 -7.61 41.23
C TYR C 2114 -30.39 -6.09 41.40
N ASN C 2115 -29.18 -5.57 41.57
CA ASN C 2115 -28.96 -4.14 41.72
C ASN C 2115 -28.44 -3.55 40.42
N HIS C 2116 -28.42 -2.21 40.37
CA HIS C 2116 -27.96 -1.52 39.17
C HIS C 2116 -26.50 -1.83 38.86
N LEU C 2117 -25.67 -1.89 39.90
CA LEU C 2117 -24.25 -2.18 39.69
C LEU C 2117 -24.04 -3.56 39.09
N ASN C 2118 -24.78 -4.55 39.58
CA ASN C 2118 -24.64 -5.90 39.03
C ASN C 2118 -25.09 -5.95 37.58
N LEU C 2119 -26.18 -5.24 37.26
CA LEU C 2119 -26.60 -5.13 35.86
C LEU C 2119 -25.51 -4.53 35.00
N PHE C 2120 -24.92 -3.42 35.45
CA PHE C 2120 -23.92 -2.73 34.64
C PHE C 2120 -22.68 -3.59 34.43
N LEU C 2121 -22.21 -4.25 35.50
CA LEU C 2121 -21.06 -5.14 35.36
C LEU C 2121 -21.38 -6.34 34.48
N PHE C 2122 -22.60 -6.88 34.56
CA PHE C 2122 -22.95 -8.00 33.69
C PHE C 2122 -22.96 -7.59 32.23
N GLN C 2123 -23.51 -6.41 31.92
CA GLN C 2123 -23.45 -5.94 30.54
C GLN C 2123 -22.02 -5.69 30.09
N GLY C 2124 -21.20 -5.09 30.96
CA GLY C 2124 -19.81 -4.87 30.60
C GLY C 2124 -19.07 -6.16 30.31
N PHE C 2125 -19.36 -7.21 31.10
CA PHE C 2125 -18.78 -8.52 30.82
C PHE C 2125 -19.28 -9.06 29.49
N ARG C 2126 -20.58 -8.89 29.21
CA ARG C 2126 -21.12 -9.36 27.93
C ARG C 2126 -20.59 -8.56 26.76
N LEU C 2127 -20.00 -7.39 26.99
CA LEU C 2127 -19.50 -6.55 25.91
C LEU C 2127 -18.09 -6.92 25.47
N VAL C 2128 -17.47 -7.91 26.11
CA VAL C 2128 -16.11 -8.33 25.77
C VAL C 2128 -16.21 -9.45 24.75
N PRO C 2129 -15.65 -9.29 23.54
CA PRO C 2129 -15.78 -10.34 22.52
C PRO C 2129 -15.05 -11.61 22.92
N PHE C 2130 -15.56 -12.74 22.42
CA PHE C 2130 -14.97 -14.05 22.61
C PHE C 2130 -14.82 -14.41 24.09
N LEU C 2131 -15.73 -13.91 24.93
CA LEU C 2131 -15.67 -14.17 26.36
C LEU C 2131 -16.88 -14.98 26.85
N VAL C 2132 -18.10 -14.49 26.61
CA VAL C 2132 -19.27 -15.16 27.16
C VAL C 2132 -19.52 -16.49 26.47
N GLU C 2133 -19.39 -16.54 25.14
CA GLU C 2133 -19.56 -17.81 24.44
C GLU C 2133 -18.45 -18.79 24.82
N LEU C 2134 -17.23 -18.30 24.96
CA LEU C 2134 -16.13 -19.16 25.39
C LEU C 2134 -16.40 -19.72 26.78
N ARG C 2135 -16.91 -18.89 27.69
CA ARG C 2135 -17.18 -19.36 29.05
C ARG C 2135 -18.33 -20.37 29.05
N ALA C 2136 -19.35 -20.14 28.23
CA ALA C 2136 -20.46 -21.09 28.14
C ALA C 2136 -19.98 -22.44 27.62
N VAL C 2137 -19.21 -22.44 26.53
CA VAL C 2137 -18.68 -23.68 25.99
C VAL C 2137 -17.76 -24.34 27.01
N MET C 2138 -16.98 -23.53 27.74
CA MET C 2138 -16.04 -24.05 28.72
C MET C 2138 -16.78 -24.80 29.83
N ASP C 2139 -17.81 -24.16 30.37
CA ASP C 2139 -18.61 -24.77 31.42
C ASP C 2139 -19.30 -26.04 30.92
N TRP C 2140 -19.87 -25.99 29.71
CA TRP C 2140 -20.50 -27.19 29.16
C TRP C 2140 -19.48 -28.31 28.94
N VAL C 2141 -18.24 -27.95 28.64
CA VAL C 2141 -17.20 -28.95 28.43
C VAL C 2141 -16.85 -29.66 29.74
N TRP C 2142 -16.71 -28.89 30.83
CA TRP C 2142 -16.25 -29.58 32.04
C TRP C 2142 -17.36 -30.01 32.98
N THR C 2143 -18.52 -29.36 32.95
CA THR C 2143 -19.60 -29.81 33.81
C THR C 2143 -20.27 -31.05 33.22
N ASP C 2144 -21.09 -31.70 34.04
CA ASP C 2144 -21.83 -32.90 33.64
C ASP C 2144 -23.27 -32.53 33.38
N THR C 2145 -23.73 -32.74 32.14
CA THR C 2145 -25.08 -32.37 31.74
C THR C 2145 -25.65 -33.42 30.80
N THR C 2146 -26.80 -33.11 30.23
CA THR C 2146 -27.47 -33.99 29.29
C THR C 2146 -27.88 -33.30 28.00
N LEU C 2147 -27.80 -31.97 27.95
CA LEU C 2147 -28.18 -31.20 26.78
C LEU C 2147 -27.04 -31.16 25.77
N SER C 2148 -27.38 -31.12 24.49
CA SER C 2148 -26.38 -30.84 23.49
C SER C 2148 -25.94 -29.38 23.61
N LEU C 2149 -24.78 -29.10 23.02
CA LEU C 2149 -24.17 -27.77 23.17
C LEU C 2149 -25.13 -26.68 22.71
N SER C 2150 -25.95 -26.96 21.70
CA SER C 2150 -26.96 -26.00 21.27
C SER C 2150 -27.99 -25.73 22.34
N ASN C 2151 -28.48 -26.78 23.01
CA ASN C 2151 -29.45 -26.60 24.08
C ASN C 2151 -28.84 -25.86 25.26
N TRP C 2152 -27.59 -26.17 25.59
CA TRP C 2152 -26.88 -25.42 26.63
C TRP C 2152 -26.77 -23.95 26.25
N MET C 2153 -26.46 -23.66 24.99
CA MET C 2153 -26.39 -22.27 24.54
C MET C 2153 -27.74 -21.58 24.67
N CYS C 2154 -28.82 -22.27 24.28
CA CYS C 2154 -30.15 -21.68 24.41
C CYS C 2154 -30.47 -21.38 25.86
N VAL C 2155 -30.17 -22.31 26.75
CA VAL C 2155 -30.45 -22.11 28.17
C VAL C 2155 -29.66 -20.93 28.71
N GLU C 2156 -28.39 -20.84 28.35
CA GLU C 2156 -27.55 -19.75 28.85
C GLU C 2156 -28.05 -18.39 28.35
N ASP C 2157 -28.38 -18.31 27.06
CA ASP C 2157 -28.89 -17.05 26.51
C ASP C 2157 -30.21 -16.66 27.16
N ILE C 2158 -31.09 -17.65 27.38
CA ILE C 2158 -32.35 -17.39 28.06
C ILE C 2158 -32.10 -16.85 29.46
N TYR C 2159 -31.18 -17.48 30.19
CA TYR C 2159 -30.89 -17.05 31.56
C TYR C 2159 -30.36 -15.63 31.57
N ALA C 2160 -29.44 -15.29 30.67
CA ALA C 2160 -28.90 -13.94 30.63
C ALA C 2160 -29.97 -12.91 30.31
N ASN C 2161 -30.82 -13.19 29.32
CA ASN C 2161 -31.86 -12.24 28.95
C ASN C 2161 -32.83 -12.03 30.10
N ILE C 2162 -33.27 -13.11 30.73
CA ILE C 2162 -34.25 -12.93 31.81
C ILE C 2162 -33.59 -12.26 33.02
N PHE C 2163 -32.30 -12.51 33.23
CA PHE C 2163 -31.61 -11.83 34.33
C PHE C 2163 -31.55 -10.33 34.12
N ILE C 2164 -31.24 -9.89 32.90
CA ILE C 2164 -31.19 -8.46 32.65
C ILE C 2164 -32.59 -7.85 32.75
N ILE C 2165 -33.62 -8.59 32.30
CA ILE C 2165 -34.99 -8.09 32.44
C ILE C 2165 -35.36 -7.94 33.91
N LYS C 2166 -35.01 -8.94 34.73
CA LYS C 2166 -35.33 -8.88 36.15
C LYS C 2166 -34.61 -7.72 36.83
N CYS C 2167 -33.34 -7.50 36.49
CA CYS C 2167 -32.62 -6.39 37.08
C CYS C 2167 -33.23 -5.06 36.68
N SER C 2168 -33.67 -4.94 35.42
CA SER C 2168 -34.38 -3.74 34.99
C SER C 2168 -35.66 -3.53 35.79
N ARG C 2169 -36.42 -4.61 36.02
CA ARG C 2169 -37.63 -4.50 36.80
C ARG C 2169 -37.33 -4.05 38.22
N GLU C 2170 -36.29 -4.61 38.83
CA GLU C 2170 -35.93 -4.23 40.20
C GLU C 2170 -35.51 -2.77 40.28
N THR C 2171 -34.71 -2.29 39.33
CA THR C 2171 -34.30 -0.90 39.36
C THR C 2171 -35.47 0.03 39.05
N GLU C 2172 -36.48 -0.46 38.32
CA GLU C 2172 -37.72 0.29 38.18
C GLU C 2172 -38.45 0.38 39.51
N LYS C 2173 -38.49 -0.73 40.26
CA LYS C 2173 -39.14 -0.72 41.56
C LYS C 2173 -38.44 0.22 42.53
N LYS C 2174 -37.11 0.29 42.46
CA LYS C 2174 -36.36 1.11 43.40
C LYS C 2174 -36.76 2.58 43.33
N TYR C 2175 -36.89 3.11 42.11
CA TYR C 2175 -37.27 4.50 41.89
C TYR C 2175 -38.46 4.51 40.93
N PRO C 2176 -39.67 4.32 41.44
CA PRO C 2176 -40.86 4.28 40.58
C PRO C 2176 -41.30 5.68 40.18
N GLN C 2177 -41.14 6.00 38.90
CA GLN C 2177 -41.56 7.29 38.40
C GLN C 2177 -43.09 7.40 38.44
N PRO C 2178 -43.64 8.56 38.76
CA PRO C 2178 -45.09 8.70 38.85
C PRO C 2178 -45.73 8.68 37.47
N LYS C 2179 -47.06 8.70 37.46
CA LYS C 2179 -47.80 8.80 36.20
C LYS C 2179 -47.55 10.11 35.48
N GLY C 2180 -47.06 11.14 36.19
CA GLY C 2180 -46.68 12.40 35.57
C GLY C 2180 -45.65 12.24 34.49
N GLN C 2181 -45.86 12.88 33.34
CA GLN C 2181 -45.20 12.43 32.13
C GLN C 2181 -43.76 12.95 31.90
N LYS C 2182 -43.62 14.19 31.44
CA LYS C 2182 -42.37 14.96 31.35
C LYS C 2182 -41.24 14.22 30.61
N LYS C 2183 -41.52 12.98 30.17
CA LYS C 2183 -40.67 12.09 29.39
C LYS C 2183 -39.17 12.30 29.67
N LYS C 2184 -38.81 12.35 30.94
CA LYS C 2184 -37.40 12.43 31.34
C LYS C 2184 -36.67 13.51 30.56
N LYS C 2185 -37.13 14.76 30.71
CA LYS C 2185 -36.61 15.85 29.88
C LYS C 2185 -35.09 15.87 29.84
N ILE C 2186 -34.45 16.18 30.98
CA ILE C 2186 -33.02 16.47 30.99
C ILE C 2186 -32.21 15.27 30.51
N VAL C 2187 -32.54 14.07 31.01
CA VAL C 2187 -31.85 12.87 30.56
C VAL C 2187 -31.96 12.75 29.05
N LYS C 2188 -33.17 12.96 28.53
CA LYS C 2188 -33.37 13.09 27.09
C LYS C 2188 -32.36 14.02 26.46
N TYR C 2189 -32.30 15.27 26.91
CA TYR C 2189 -31.38 16.23 26.31
C TYR C 2189 -29.95 15.71 26.31
N GLY C 2190 -29.57 14.99 27.38
CA GLY C 2190 -28.26 14.38 27.39
C GLY C 2190 -28.13 13.31 26.32
N MET C 2191 -28.98 12.29 26.39
CA MET C 2191 -28.75 11.10 25.56
C MET C 2191 -28.77 11.43 24.08
N GLY C 2192 -29.83 12.12 23.63
CA GLY C 2192 -29.90 12.51 22.24
C GLY C 2192 -28.67 13.30 21.82
N GLY C 2193 -28.25 14.24 22.67
CA GLY C 2193 -27.04 14.99 22.35
C GLY C 2193 -25.87 14.06 22.13
N LEU C 2194 -25.63 13.15 23.07
CA LEU C 2194 -24.57 12.18 22.88
C LEU C 2194 -24.76 11.49 21.54
N ILE C 2195 -25.95 10.95 21.32
CA ILE C 2195 -26.20 10.21 20.09
C ILE C 2195 -25.86 11.09 18.90
N ILE C 2196 -26.39 12.32 18.88
CA ILE C 2196 -26.23 13.11 17.67
C ILE C 2196 -24.77 13.43 17.45
N LEU C 2197 -24.03 13.75 18.52
CA LEU C 2197 -22.63 14.08 18.32
C LEU C 2197 -21.90 12.87 17.73
N PHE C 2198 -22.22 11.68 18.23
CA PHE C 2198 -21.61 10.47 17.71
C PHE C 2198 -21.89 10.37 16.22
N LEU C 2199 -23.14 10.59 15.81
CA LEU C 2199 -23.46 10.53 14.39
C LEU C 2199 -22.69 11.57 13.60
N ILE C 2200 -22.63 12.80 14.13
CA ILE C 2200 -21.82 13.83 13.48
C ILE C 2200 -20.35 13.49 13.59
N ALA C 2201 -19.96 12.84 14.69
CA ALA C 2201 -18.54 12.53 14.90
C ALA C 2201 -18.04 11.64 13.78
N ILE C 2202 -18.58 10.42 13.69
CA ILE C 2202 -18.04 9.40 12.80
C ILE C 2202 -17.80 9.95 11.41
N ILE C 2203 -18.83 10.49 10.75
CA ILE C 2203 -18.69 10.88 9.35
C ILE C 2203 -17.70 12.03 9.23
N TRP C 2204 -17.69 12.94 10.20
CA TRP C 2204 -16.72 14.03 10.15
C TRP C 2204 -15.28 13.56 10.18
N PHE C 2205 -14.99 12.41 10.80
CA PHE C 2205 -13.58 12.04 10.99
C PHE C 2205 -12.91 11.62 9.67
N PRO C 2206 -13.36 10.57 8.98
CA PRO C 2206 -12.64 10.17 7.76
C PRO C 2206 -12.88 11.09 6.57
N LEU C 2207 -13.67 12.15 6.70
CA LEU C 2207 -13.47 13.28 5.80
C LEU C 2207 -12.27 14.12 6.23
N LEU C 2208 -12.25 14.54 7.50
CA LEU C 2208 -11.07 15.22 8.05
C LEU C 2208 -9.80 14.45 7.76
N PHE C 2209 -9.75 13.20 8.21
CA PHE C 2209 -8.59 12.35 7.94
C PHE C 2209 -8.36 12.20 6.43
N MET C 2210 -9.45 12.20 5.66
CA MET C 2210 -9.31 12.17 4.21
C MET C 2210 -8.61 13.43 3.70
N SER C 2211 -8.98 14.58 4.26
CA SER C 2211 -8.48 15.86 3.76
C SER C 2211 -7.07 16.15 4.27
N LEU C 2212 -6.85 15.96 5.58
CA LEU C 2212 -5.55 16.28 6.17
C LEU C 2212 -4.45 15.42 5.57
N ILE C 2213 -4.72 14.14 5.34
CA ILE C 2213 -3.76 13.22 4.74
C ILE C 2213 -3.42 13.68 3.34
N ARG C 2214 -4.26 14.55 2.76
CA ARG C 2214 -4.02 15.11 1.44
C ARG C 2214 -3.36 16.47 1.47
N SER C 2215 -3.41 17.19 2.60
CA SER C 2215 -2.73 18.47 2.69
C SER C 2215 -1.22 18.29 2.67
N VAL C 2216 -0.55 19.14 1.89
CA VAL C 2216 0.91 19.07 1.74
C VAL C 2216 1.46 20.49 1.74
N VAL C 2217 2.56 20.69 2.47
CA VAL C 2217 3.27 21.97 2.47
C VAL C 2217 4.19 22.02 1.27
N GLY C 2218 4.17 23.15 0.56
CA GLY C 2218 4.98 23.32 -0.63
C GLY C 2218 6.45 23.57 -0.35
N VAL C 2219 7.07 22.69 0.44
CA VAL C 2219 8.49 22.78 0.76
C VAL C 2219 9.30 22.77 -0.53
N VAL C 2220 10.09 23.83 -0.75
CA VAL C 2220 10.91 23.91 -1.94
C VAL C 2220 12.13 23.00 -1.80
N ASN C 2221 12.55 22.43 -2.92
CA ASN C 2221 13.76 21.62 -3.02
C ASN C 2221 14.75 22.35 -3.91
N GLN C 2222 15.77 22.95 -3.29
CA GLN C 2222 16.76 23.74 -3.99
C GLN C 2222 18.01 22.91 -4.22
N PRO C 2223 18.41 22.65 -5.47
CA PRO C 2223 19.62 21.84 -5.72
C PRO C 2223 20.86 22.42 -5.06
N ILE C 2224 21.53 21.61 -4.23
CA ILE C 2224 22.75 22.07 -3.58
C ILE C 2224 23.84 22.32 -4.61
N ASP C 2225 23.94 21.48 -5.63
CA ASP C 2225 25.02 21.58 -6.60
C ASP C 2225 24.44 21.59 -8.01
N VAL C 2226 25.20 22.14 -8.95
CA VAL C 2226 24.82 22.15 -10.36
C VAL C 2226 26.07 21.88 -11.19
N THR C 2227 25.90 21.15 -12.30
CA THR C 2227 26.99 20.89 -13.22
C THR C 2227 26.53 21.09 -14.65
N VAL C 2228 27.42 21.63 -15.46
CA VAL C 2228 27.22 21.80 -16.90
C VAL C 2228 28.46 21.26 -17.60
N THR C 2229 28.24 20.72 -18.79
CA THR C 2229 29.35 20.25 -19.60
C THR C 2229 29.13 20.62 -21.06
N LEU C 2230 30.24 20.78 -21.77
CA LEU C 2230 30.26 21.11 -23.18
C LEU C 2230 31.17 20.07 -23.85
N LYS C 2231 30.56 19.19 -24.63
CA LYS C 2231 31.25 18.09 -25.29
C LYS C 2231 30.99 18.17 -26.79
N LEU C 2232 32.02 17.88 -27.58
CA LEU C 2232 31.93 17.86 -29.03
C LEU C 2232 32.29 16.47 -29.52
N GLY C 2233 31.44 15.92 -30.41
CA GLY C 2233 31.63 14.57 -30.88
C GLY C 2233 31.56 13.54 -29.76
N GLY C 2234 31.93 12.32 -30.12
CA GLY C 2234 31.92 11.21 -29.19
C GLY C 2234 33.26 10.94 -28.55
N TYR C 2235 34.13 11.95 -28.57
CA TYR C 2235 35.55 11.78 -28.24
C TYR C 2235 35.88 12.19 -26.81
N GLU C 2236 35.60 13.44 -26.42
CA GLU C 2236 35.85 13.84 -25.04
C GLU C 2236 35.11 15.13 -24.76
N PRO C 2237 34.77 15.40 -23.49
CA PRO C 2237 34.25 16.72 -23.12
C PRO C 2237 35.32 17.78 -23.29
N LEU C 2238 34.96 18.87 -23.98
CA LEU C 2238 35.90 19.98 -24.13
C LEU C 2238 35.93 20.85 -22.89
N PHE C 2239 34.79 21.00 -22.19
CA PHE C 2239 34.71 21.88 -21.04
C PHE C 2239 33.67 21.31 -20.08
N THR C 2240 33.84 21.60 -18.79
CA THR C 2240 32.83 21.23 -17.81
C THR C 2240 33.01 22.06 -16.54
N MET C 2241 31.93 22.62 -16.03
CA MET C 2241 31.98 23.46 -14.84
C MET C 2241 30.90 23.06 -13.84
N SER C 2242 31.09 23.48 -12.58
CA SER C 2242 30.20 23.12 -11.49
C SER C 2242 30.22 24.24 -10.46
N ALA C 2243 29.18 25.08 -10.47
CA ALA C 2243 29.01 26.10 -9.44
C ALA C 2243 28.56 25.45 -8.14
N GLN C 2244 29.26 25.76 -7.04
CA GLN C 2244 29.05 24.90 -5.88
C GLN C 2244 28.09 25.39 -4.79
N GLN C 2245 28.53 26.22 -3.83
CA GLN C 2245 27.60 27.05 -3.03
C GLN C 2245 27.53 28.51 -3.44
N PRO C 2246 28.65 29.24 -3.47
CA PRO C 2246 28.57 30.71 -3.56
C PRO C 2246 28.17 31.21 -4.92
N SER C 2247 28.28 30.38 -5.96
CA SER C 2247 27.80 30.73 -7.28
C SER C 2247 26.35 30.34 -7.49
N ILE C 2248 25.72 29.71 -6.50
CA ILE C 2248 24.30 29.41 -6.50
C ILE C 2248 23.63 30.48 -5.63
N VAL C 2249 23.01 31.45 -6.29
CA VAL C 2249 22.29 32.52 -5.58
C VAL C 2249 20.80 32.20 -5.63
N PRO C 2250 20.17 31.90 -4.50
CA PRO C 2250 18.70 31.88 -4.46
C PRO C 2250 18.16 33.29 -4.57
N PHE C 2251 17.02 33.42 -5.24
CA PHE C 2251 16.42 34.74 -5.38
C PHE C 2251 15.83 35.24 -4.07
N THR C 2252 16.16 36.47 -3.74
CA THR C 2252 15.45 37.22 -2.72
C THR C 2252 14.10 37.66 -3.28
N PRO C 2253 13.13 38.01 -2.42
CA PRO C 2253 11.85 38.51 -2.95
C PRO C 2253 12.00 39.70 -3.86
N GLN C 2254 13.01 40.55 -3.63
CA GLN C 2254 13.26 41.67 -4.53
C GLN C 2254 13.67 41.17 -5.92
N ALA C 2255 14.52 40.15 -5.98
CA ALA C 2255 14.92 39.58 -7.27
C ALA C 2255 13.73 38.94 -7.98
N TYR C 2256 12.87 38.25 -7.21
CA TYR C 2256 11.63 37.72 -7.76
C TYR C 2256 10.77 38.82 -8.34
N GLU C 2257 10.65 39.93 -7.62
CA GLU C 2257 9.94 41.08 -8.15
C GLU C 2257 10.57 41.53 -9.47
N GLU C 2258 11.90 41.57 -9.52
CA GLU C 2258 12.60 42.04 -10.71
C GLU C 2258 12.31 41.16 -11.92
N LEU C 2259 12.40 39.85 -11.73
CA LEU C 2259 11.94 38.91 -12.76
C LEU C 2259 10.50 39.20 -13.15
N SER C 2260 9.68 39.62 -12.18
CA SER C 2260 8.28 39.91 -12.49
C SER C 2260 8.13 41.12 -13.41
N GLN C 2261 8.76 42.27 -13.09
CA GLN C 2261 8.48 43.41 -13.94
C GLN C 2261 9.14 43.24 -15.30
N GLN C 2262 10.26 42.51 -15.35
CA GLN C 2262 10.94 42.36 -16.64
C GLN C 2262 10.04 41.68 -17.67
N PHE C 2263 9.25 40.70 -17.23
CA PHE C 2263 8.35 39.97 -18.12
C PHE C 2263 6.88 40.33 -17.85
N ASP C 2264 6.64 41.51 -17.30
CA ASP C 2264 5.32 41.90 -16.79
C ASP C 2264 4.26 41.95 -17.89
N PRO C 2265 4.54 42.52 -19.07
CA PRO C 2265 3.50 42.51 -20.12
C PRO C 2265 2.97 41.12 -20.44
N TYR C 2266 3.83 40.11 -20.44
CA TYR C 2266 3.43 38.77 -20.84
C TYR C 2266 2.66 38.09 -19.71
N PRO C 2267 1.43 37.61 -19.96
CA PRO C 2267 0.63 37.00 -18.88
C PRO C 2267 1.14 35.63 -18.47
N LEU C 2268 1.54 34.82 -19.45
CA LEU C 2268 2.03 33.47 -19.17
C LEU C 2268 3.23 33.52 -18.24
N ALA C 2269 4.18 34.43 -18.53
CA ALA C 2269 5.32 34.59 -17.64
C ALA C 2269 4.87 34.99 -16.24
N MET C 2270 3.86 35.85 -16.14
CA MET C 2270 3.39 36.29 -14.82
C MET C 2270 2.81 35.14 -14.01
N GLN C 2271 1.97 34.30 -14.63
CA GLN C 2271 1.44 33.18 -13.87
C GLN C 2271 2.54 32.18 -13.54
N PHE C 2272 3.46 31.95 -14.47
CA PHE C 2272 4.50 30.96 -14.27
C PHE C 2272 5.46 31.38 -13.16
N ILE C 2273 5.76 32.67 -13.06
CA ILE C 2273 6.53 33.19 -11.93
C ILE C 2273 5.71 33.16 -10.66
N SER C 2274 4.44 33.57 -10.73
CA SER C 2274 3.56 33.56 -9.57
C SER C 2274 3.44 32.19 -8.94
N GLN C 2275 3.65 31.13 -9.71
CA GLN C 2275 3.62 29.78 -9.14
C GLN C 2275 4.91 29.45 -8.40
N TYR C 2276 6.07 29.66 -9.04
CA TYR C 2276 7.36 29.30 -8.45
C TYR C 2276 7.90 30.48 -7.67
N SER C 2277 7.72 30.46 -6.35
CA SER C 2277 8.13 31.47 -5.39
C SER C 2277 9.61 31.82 -5.50
N PRO C 2278 10.05 32.97 -4.96
CA PRO C 2278 11.48 33.30 -5.07
C PRO C 2278 12.41 32.22 -4.55
N GLU C 2279 12.01 31.53 -3.47
CA GLU C 2279 12.77 30.39 -3.00
C GLU C 2279 12.74 29.24 -3.99
N ASP C 2280 11.76 29.20 -4.88
CA ASP C 2280 11.62 28.13 -5.87
C ASP C 2280 12.42 28.40 -7.13
N ILE C 2281 13.10 29.54 -7.24
CA ILE C 2281 13.84 29.87 -8.44
C ILE C 2281 15.19 30.42 -8.00
N VAL C 2282 16.27 29.86 -8.56
CA VAL C 2282 17.63 30.24 -8.19
C VAL C 2282 18.41 30.47 -9.48
N THR C 2283 19.59 31.07 -9.35
CA THR C 2283 20.49 31.25 -10.49
C THR C 2283 21.90 30.79 -10.15
N ALA C 2284 22.49 30.02 -11.05
CA ALA C 2284 23.86 29.57 -10.92
C ALA C 2284 24.79 30.52 -11.68
N GLN C 2285 25.84 31.00 -10.99
CA GLN C 2285 26.84 31.85 -11.62
C GLN C 2285 28.03 30.99 -12.06
N ILE C 2286 27.80 30.21 -13.12
CA ILE C 2286 28.84 29.29 -13.56
C ILE C 2286 30.03 30.08 -14.08
N GLU C 2287 31.23 29.72 -13.62
CA GLU C 2287 32.43 30.45 -14.00
C GLU C 2287 32.81 30.08 -15.42
N GLY C 2288 32.65 31.01 -16.35
CA GLY C 2288 32.93 30.72 -17.74
C GLY C 2288 34.39 30.34 -18.00
N SER C 2289 35.31 31.15 -17.48
CA SER C 2289 36.72 31.01 -17.80
C SER C 2289 37.51 30.17 -16.80
N SER C 2290 36.95 29.88 -15.63
CA SER C 2290 37.71 29.24 -14.56
C SER C 2290 37.78 27.73 -14.70
N GLY C 2291 38.11 27.23 -15.88
CA GLY C 2291 38.09 25.80 -16.14
C GLY C 2291 39.39 25.12 -15.76
N ALA C 2292 39.44 23.83 -16.05
CA ALA C 2292 40.65 23.03 -15.91
C ALA C 2292 41.24 22.74 -17.28
N LEU C 2293 42.46 22.20 -17.27
CA LEU C 2293 43.13 21.86 -18.53
C LEU C 2293 42.29 20.85 -19.32
N TRP C 2294 42.06 21.16 -20.58
CA TRP C 2294 41.38 20.27 -21.51
C TRP C 2294 42.40 19.36 -22.18
N ARG C 2295 42.64 18.21 -21.56
CA ARG C 2295 43.50 17.22 -22.15
C ARG C 2295 42.86 16.62 -23.40
N ILE C 2296 43.69 16.40 -24.43
CA ILE C 2296 43.24 15.79 -25.68
C ILE C 2296 44.31 14.81 -26.14
N SER C 2297 43.96 13.53 -26.22
CA SER C 2297 44.85 12.57 -26.83
C SER C 2297 45.14 12.99 -28.28
N PRO C 2298 46.41 13.15 -28.62
CA PRO C 2298 46.79 13.71 -29.93
C PRO C 2298 46.17 12.96 -31.11
N PRO C 2299 46.07 11.61 -31.09
CA PRO C 2299 45.29 10.95 -32.14
C PRO C 2299 43.92 11.57 -32.32
N SER C 2300 43.18 11.72 -31.22
CA SER C 2300 41.89 12.37 -31.26
C SER C 2300 42.00 13.77 -31.85
N ARG C 2301 43.01 14.53 -31.42
CA ARG C 2301 43.20 15.88 -31.96
C ARG C 2301 43.41 15.89 -33.46
N ALA C 2302 44.30 15.02 -33.95
CA ALA C 2302 44.59 14.94 -35.37
C ALA C 2302 43.35 14.58 -36.16
N GLN C 2303 42.59 13.60 -35.67
CA GLN C 2303 41.39 13.20 -36.38
C GLN C 2303 40.33 14.30 -36.34
N MET C 2304 40.19 14.98 -35.19
CA MET C 2304 39.45 16.23 -35.13
C MET C 2304 39.79 17.12 -36.31
N LYS C 2305 41.07 17.48 -36.42
CA LYS C 2305 41.47 18.48 -37.39
C LYS C 2305 41.24 18.00 -38.81
N GLN C 2306 41.64 16.75 -39.09
CA GLN C 2306 41.52 16.21 -40.44
C GLN C 2306 40.06 16.13 -40.88
N GLU C 2307 39.18 15.66 -39.99
CA GLU C 2307 37.77 15.58 -40.33
C GLU C 2307 37.16 16.98 -40.47
N LEU C 2308 37.44 17.87 -39.51
CA LEU C 2308 36.94 19.24 -39.59
C LEU C 2308 37.40 19.94 -40.87
N TYR C 2309 38.56 19.56 -41.39
CA TYR C 2309 39.14 20.25 -42.54
C TYR C 2309 38.63 19.67 -43.86
N ASN C 2310 38.66 18.34 -44.00
CA ASN C 2310 38.16 17.69 -45.22
C ASN C 2310 36.96 16.77 -45.01
N GLY C 2311 36.82 16.13 -43.85
CA GLY C 2311 35.70 15.24 -43.66
C GLY C 2311 34.37 15.98 -43.71
N THR C 2312 33.62 15.81 -44.80
CA THR C 2312 32.35 16.49 -44.97
C THR C 2312 31.21 15.70 -44.33
N ALA C 2313 31.40 15.33 -43.07
CA ALA C 2313 30.38 14.66 -42.29
C ALA C 2313 29.70 15.68 -41.39
N ASP C 2314 28.76 15.19 -40.58
CA ASP C 2314 28.00 16.03 -39.66
C ASP C 2314 28.36 15.65 -38.24
N ILE C 2315 28.96 16.59 -37.50
CA ILE C 2315 29.38 16.36 -36.12
C ILE C 2315 28.61 17.32 -35.22
N THR C 2316 28.15 16.80 -34.08
CA THR C 2316 27.24 17.49 -33.18
C THR C 2316 27.85 17.61 -31.79
N LEU C 2317 27.42 18.63 -31.06
CA LEU C 2317 27.83 18.77 -29.67
C LEU C 2317 26.93 17.91 -28.76
N ARG C 2318 27.36 17.77 -27.52
CA ARG C 2318 26.60 17.01 -26.53
C ARG C 2318 26.38 17.80 -25.26
N PHE C 2319 25.95 19.05 -25.40
CA PHE C 2319 25.94 19.97 -24.28
C PHE C 2319 24.86 19.58 -23.25
N THR C 2320 25.24 19.41 -21.98
CA THR C 2320 24.32 18.80 -21.02
C THR C 2320 24.38 19.47 -19.65
N TRP C 2321 23.21 19.56 -18.98
CA TRP C 2321 23.08 20.10 -17.63
C TRP C 2321 22.54 19.08 -16.66
N ASN C 2322 23.18 18.97 -15.50
CA ASN C 2322 22.72 18.16 -14.37
C ASN C 2322 22.51 19.05 -13.15
N PHE C 2323 21.44 18.78 -12.41
CA PHE C 2323 21.14 19.50 -11.16
C PHE C 2323 21.13 18.50 -10.00
N GLN C 2324 21.99 18.73 -9.01
CA GLN C 2324 22.12 17.84 -7.86
C GLN C 2324 21.41 18.45 -6.67
N ARG C 2325 20.41 17.74 -6.15
CA ARG C 2325 19.51 18.25 -5.13
C ARG C 2325 20.07 18.03 -3.72
N ASP C 2326 19.38 18.62 -2.75
CA ASP C 2326 19.89 18.68 -1.39
C ASP C 2326 19.93 17.32 -0.72
N LEU C 2327 19.04 16.41 -1.13
CA LEU C 2327 19.02 15.03 -0.64
C LEU C 2327 18.55 14.97 0.81
N ALA C 2328 18.51 16.12 1.50
CA ALA C 2328 17.72 16.23 2.73
C ALA C 2328 16.37 16.86 2.46
N LYS C 2329 16.29 17.72 1.46
CA LYS C 2329 15.02 18.28 0.99
C LYS C 2329 14.30 17.33 0.04
N GLY C 2330 14.67 16.06 0.04
CA GLY C 2330 14.04 15.09 -0.84
C GLY C 2330 14.40 15.35 -2.28
N GLY C 2331 13.38 15.50 -3.12
CA GLY C 2331 13.57 15.73 -4.53
C GLY C 2331 13.54 14.49 -5.39
N THR C 2332 13.13 13.34 -4.85
CA THR C 2332 13.13 12.05 -5.56
C THR C 2332 14.50 11.90 -6.21
N VAL C 2333 14.59 11.63 -7.52
CA VAL C 2333 15.89 11.64 -8.19
C VAL C 2333 16.52 13.01 -8.04
N GLU C 2334 17.77 13.01 -7.57
CA GLU C 2334 18.49 14.23 -7.23
C GLU C 2334 19.67 14.49 -8.15
N TYR C 2335 19.60 13.99 -9.38
CA TYR C 2335 20.63 14.19 -10.39
C TYR C 2335 19.98 14.46 -11.73
N THR C 2336 18.81 15.11 -11.71
CA THR C 2336 18.06 15.38 -12.92
C THR C 2336 18.90 16.18 -13.91
N ASN C 2337 18.83 15.78 -15.17
CA ASN C 2337 19.71 16.34 -16.19
C ASN C 2337 19.02 16.22 -17.54
N GLU C 2338 19.39 17.13 -18.44
CA GLU C 2338 18.92 17.08 -19.81
C GLU C 2338 20.05 17.41 -20.77
N LYS C 2339 20.03 16.73 -21.92
CA LYS C 2339 21.01 16.84 -22.98
C LYS C 2339 20.48 17.68 -24.14
N HIS C 2340 21.40 18.40 -24.79
CA HIS C 2340 21.15 19.38 -25.83
C HIS C 2340 22.16 19.09 -26.95
N THR C 2341 21.70 18.29 -27.91
CA THR C 2341 22.48 17.87 -29.07
C THR C 2341 21.95 18.56 -30.32
N LEU C 2342 22.77 19.41 -30.94
CA LEU C 2342 22.37 20.17 -32.11
C LEU C 2342 23.43 20.04 -33.19
N GLU C 2343 23.04 19.50 -34.34
CA GLU C 2343 24.00 19.24 -35.41
C GLU C 2343 24.48 20.55 -36.04
N LEU C 2344 25.74 20.55 -36.47
CA LEU C 2344 26.36 21.69 -37.11
C LEU C 2344 26.33 21.51 -38.63
N ALA C 2345 26.96 22.43 -39.35
CA ALA C 2345 26.91 22.45 -40.81
C ALA C 2345 28.31 22.28 -41.39
N PRO C 2346 28.56 21.24 -42.18
CA PRO C 2346 29.83 21.16 -42.91
C PRO C 2346 29.89 22.18 -44.03
N ASN C 2347 31.11 22.47 -44.47
CA ASN C 2347 31.38 23.48 -45.49
C ASN C 2347 30.82 24.83 -45.06
N SER C 2348 30.79 25.07 -43.76
CA SER C 2348 30.24 26.30 -43.19
C SER C 2348 31.27 26.93 -42.26
N THR C 2349 31.13 28.25 -42.07
CA THR C 2349 32.10 28.98 -41.27
C THR C 2349 32.11 28.54 -39.81
N ALA C 2350 31.03 27.93 -39.32
CA ALA C 2350 31.03 27.45 -37.93
C ALA C 2350 32.11 26.37 -37.74
N ARG C 2351 32.06 25.32 -38.57
CA ARG C 2351 33.07 24.27 -38.50
C ARG C 2351 34.45 24.82 -38.83
N ARG C 2352 34.52 25.77 -39.76
CA ARG C 2352 35.81 26.35 -40.13
C ARG C 2352 36.45 27.08 -38.94
N GLN C 2353 35.66 27.89 -38.22
CA GLN C 2353 36.20 28.60 -37.07
C GLN C 2353 36.52 27.64 -35.93
N LEU C 2354 35.73 26.59 -35.77
CA LEU C 2354 36.05 25.58 -34.76
C LEU C 2354 37.40 24.92 -35.07
N ALA C 2355 37.62 24.57 -36.34
CA ALA C 2355 38.89 23.99 -36.75
C ALA C 2355 40.04 24.98 -36.55
N GLN C 2356 39.82 26.25 -36.89
CA GLN C 2356 40.85 27.26 -36.71
C GLN C 2356 41.20 27.43 -35.23
N LEU C 2357 40.19 27.37 -34.36
CA LEU C 2357 40.45 27.41 -32.92
C LEU C 2357 41.27 26.22 -32.46
N LEU C 2358 40.89 25.02 -32.87
CA LEU C 2358 41.63 23.86 -32.42
C LEU C 2358 42.96 23.68 -33.15
N GLU C 2359 43.25 24.51 -34.15
CA GLU C 2359 44.48 24.35 -34.94
C GLU C 2359 45.69 24.99 -34.28
N GLY C 2360 45.77 26.31 -34.38
CA GLY C 2360 46.69 27.15 -33.64
C GLY C 2360 46.71 28.49 -34.33
N ARG C 2361 46.54 29.59 -33.59
CA ARG C 2361 46.56 30.91 -34.20
C ARG C 2361 46.31 31.94 -33.10
N PRO C 2362 46.36 33.25 -33.39
CA PRO C 2362 45.95 34.23 -32.38
C PRO C 2362 44.48 34.06 -31.99
N ASP C 2363 44.11 34.72 -30.90
CA ASP C 2363 42.78 34.59 -30.31
C ASP C 2363 41.70 34.90 -31.34
N GLN C 2364 40.69 34.02 -31.40
CA GLN C 2364 39.56 34.20 -32.31
C GLN C 2364 38.42 33.32 -31.84
N SER C 2365 37.19 33.81 -32.00
CA SER C 2365 36.01 33.16 -31.45
C SER C 2365 35.41 32.16 -32.44
N VAL C 2366 34.22 31.66 -32.15
CA VAL C 2366 33.56 30.65 -32.96
C VAL C 2366 32.15 31.09 -33.32
N VAL C 2367 31.42 30.23 -34.01
CA VAL C 2367 30.02 30.48 -34.38
C VAL C 2367 29.18 29.49 -33.59
N ILE C 2368 28.70 29.92 -32.43
CA ILE C 2368 27.72 29.18 -31.65
C ILE C 2368 26.46 30.03 -31.56
N PRO C 2369 25.47 29.76 -32.40
CA PRO C 2369 24.29 30.64 -32.53
C PRO C 2369 23.17 30.43 -31.50
N HIS C 2370 23.43 30.87 -30.28
CA HIS C 2370 22.42 30.98 -29.22
C HIS C 2370 21.66 29.65 -29.03
N LEU C 2371 22.41 28.66 -28.56
CA LEU C 2371 21.89 27.35 -28.23
C LEU C 2371 21.56 27.19 -26.75
N PHE C 2372 21.73 28.24 -25.95
CA PHE C 2372 21.82 28.08 -24.51
C PHE C 2372 20.57 28.73 -23.90
N PRO C 2373 19.54 27.97 -23.52
CA PRO C 2373 18.36 28.61 -22.91
C PRO C 2373 18.64 29.15 -21.51
N LYS C 2374 18.21 30.39 -21.30
CA LYS C 2374 18.47 31.12 -20.06
C LYS C 2374 17.69 30.54 -18.88
N TYR C 2375 16.37 30.39 -19.03
CA TYR C 2375 15.51 29.97 -17.93
C TYR C 2375 15.17 28.49 -18.07
N ILE C 2376 15.46 27.71 -17.03
CA ILE C 2376 15.29 26.27 -17.06
C ILE C 2376 14.50 25.87 -15.82
N ARG C 2377 13.80 24.73 -15.89
CA ARG C 2377 12.92 24.28 -14.82
C ARG C 2377 13.33 22.88 -14.36
N ALA C 2378 13.37 22.66 -13.05
CA ALA C 2378 13.86 21.41 -12.47
C ALA C 2378 12.74 20.78 -11.64
N PRO C 2379 11.85 20.03 -12.27
CA PRO C 2379 10.81 19.31 -11.52
C PRO C 2379 11.41 18.15 -10.76
N ASN C 2380 10.60 17.60 -9.84
CA ASN C 2380 10.94 16.33 -9.21
C ASN C 2380 10.87 15.21 -10.24
N GLY C 2381 10.47 15.56 -11.46
CA GLY C 2381 10.43 14.60 -12.54
C GLY C 2381 11.80 14.06 -12.87
N PRO C 2382 11.85 13.00 -13.65
CA PRO C 2382 13.11 12.29 -13.86
C PRO C 2382 14.24 13.17 -14.38
N GLU C 2383 13.91 14.12 -15.26
CA GLU C 2383 14.81 15.06 -15.88
C GLU C 2383 14.39 16.48 -15.50
N ALA C 2384 14.96 17.48 -16.16
CA ALA C 2384 14.66 18.87 -15.84
C ALA C 2384 14.65 19.67 -17.13
N ASN C 2385 13.45 20.06 -17.55
CA ASN C 2385 13.22 20.70 -18.84
C ASN C 2385 13.45 22.21 -18.78
N PRO C 2386 13.68 22.84 -19.92
CA PRO C 2386 13.66 24.32 -19.95
C PRO C 2386 12.24 24.84 -19.80
N VAL C 2387 12.07 26.16 -19.95
CA VAL C 2387 10.77 26.79 -19.75
C VAL C 2387 10.23 27.16 -21.13
N LYS C 2388 9.05 26.63 -21.46
CA LYS C 2388 8.45 26.90 -22.76
C LYS C 2388 7.90 28.31 -22.84
N GLN C 2389 7.27 28.78 -21.74
CA GLN C 2389 6.64 30.10 -21.75
C GLN C 2389 7.68 31.22 -21.83
N LEU C 2390 8.76 31.10 -21.04
CA LEU C 2390 9.81 32.11 -21.09
C LEU C 2390 10.62 32.03 -22.38
N GLN C 2391 10.74 30.83 -22.97
CA GLN C 2391 11.38 30.65 -24.27
C GLN C 2391 10.35 30.13 -25.28
N PRO C 2392 9.40 30.97 -25.69
CA PRO C 2392 8.48 30.52 -26.75
C PRO C 2392 9.19 30.30 -28.07
N ASP C 2393 10.14 31.16 -28.41
CA ASP C 2393 10.89 31.05 -29.65
C ASP C 2393 11.94 29.94 -29.60
N GLU C 2394 12.15 29.33 -28.44
CA GLU C 2394 13.14 28.25 -28.25
C GLU C 2394 14.50 28.83 -28.63
N GLU C 2395 15.24 28.22 -29.56
CA GLU C 2395 16.64 28.58 -29.80
C GLU C 2395 16.82 30.07 -30.06
N GLU C 2396 15.80 30.70 -30.66
CA GLU C 2396 15.86 32.14 -30.86
C GLU C 2396 15.96 32.88 -29.52
N ASP C 2397 15.21 32.43 -28.52
CA ASP C 2397 15.28 33.02 -27.18
C ASP C 2397 16.44 32.51 -26.36
N TYR C 2398 17.15 31.47 -26.83
CA TYR C 2398 18.29 30.97 -26.11
C TYR C 2398 19.46 31.95 -26.23
N LEU C 2399 20.39 31.86 -25.30
CA LEU C 2399 21.57 32.71 -25.31
C LEU C 2399 22.73 31.97 -25.97
N GLY C 2400 23.77 32.74 -26.33
CA GLY C 2400 24.92 32.16 -27.00
C GLY C 2400 26.23 32.44 -26.30
N VAL C 2401 27.26 31.66 -26.65
CA VAL C 2401 28.59 31.80 -26.09
C VAL C 2401 29.63 31.58 -27.18
N ARG C 2402 30.89 31.80 -26.84
CA ARG C 2402 32.01 31.57 -27.76
C ARG C 2402 33.03 30.67 -27.08
N ILE C 2403 33.57 29.72 -27.82
CA ILE C 2403 34.66 28.88 -27.34
C ILE C 2403 35.96 29.66 -27.47
N GLN C 2404 36.79 29.59 -26.43
CA GLN C 2404 38.11 30.20 -26.44
C GLN C 2404 39.14 29.17 -26.03
N LEU C 2405 40.24 29.07 -26.79
CA LEU C 2405 41.31 28.12 -26.52
C LEU C 2405 42.56 28.92 -26.18
N ARG C 2406 42.89 28.99 -24.88
CA ARG C 2406 44.05 29.71 -24.39
C ARG C 2406 45.23 28.75 -24.32
N ARG C 2407 46.25 29.01 -25.13
CA ARG C 2407 47.44 28.18 -25.20
C ARG C 2407 48.42 28.49 -24.06
N GLU C 2408 49.26 27.49 -23.71
CA GLU C 2408 50.21 27.61 -22.61
C GLU C 2408 51.57 26.96 -22.91
N GLN C 2409 52.56 27.79 -23.26
CA GLN C 2409 53.94 27.34 -23.44
C GLN C 2409 54.48 26.56 -22.25
N VAL C 2410 55.18 25.47 -22.53
CA VAL C 2410 55.86 24.66 -21.53
C VAL C 2410 57.22 24.25 -22.07
N GLY C 2411 58.25 24.33 -21.23
CA GLY C 2411 59.57 23.88 -21.60
C GLY C 2411 60.38 24.92 -22.34
N GLY C 2420 51.96 21.08 -34.43
CA GLY C 2420 51.60 19.82 -33.83
C GLY C 2420 52.27 19.58 -32.48
N THR C 2421 53.57 19.28 -32.53
CA THR C 2421 54.34 19.16 -31.29
C THR C 2421 54.37 20.49 -30.54
N LYS C 2422 54.51 21.60 -31.27
CA LYS C 2422 54.35 22.91 -30.66
C LYS C 2422 52.91 23.12 -30.21
N ALA C 2423 51.94 22.63 -31.00
CA ALA C 2423 50.55 22.69 -30.57
C ALA C 2423 50.32 21.83 -29.33
N SER C 2424 50.93 20.65 -29.29
CA SER C 2424 50.84 19.81 -28.09
C SER C 2424 51.56 20.46 -26.92
N ASP C 2425 52.54 21.31 -27.21
CA ASP C 2425 53.30 22.00 -26.19
C ASP C 2425 52.39 22.94 -25.40
N PHE C 2426 51.75 23.86 -26.10
CA PHE C 2426 50.70 24.67 -25.50
C PHE C 2426 49.65 23.78 -24.85
N LEU C 2427 49.17 24.21 -23.68
CA LEU C 2427 48.06 23.55 -23.01
C LEU C 2427 46.76 24.21 -23.45
N GLU C 2428 45.82 23.41 -23.92
CA GLU C 2428 44.53 23.90 -24.40
C GLU C 2428 43.43 23.61 -23.40
N TRP C 2429 42.49 24.55 -23.29
CA TRP C 2429 41.27 24.36 -22.50
C TRP C 2429 40.18 25.26 -23.07
N TRP C 2430 39.03 24.66 -23.36
CA TRP C 2430 37.90 25.41 -23.88
C TRP C 2430 37.43 26.43 -22.85
N VAL C 2431 37.20 27.66 -23.31
CA VAL C 2431 36.68 28.74 -22.48
C VAL C 2431 35.43 29.30 -23.13
N ILE C 2432 34.36 29.39 -22.34
CA ILE C 2432 33.07 29.91 -22.78
C ILE C 2432 32.88 31.33 -22.25
N GLU C 2433 32.28 32.18 -23.09
CA GLU C 2433 31.98 33.57 -22.72
C GLU C 2433 30.75 34.03 -23.51
N LEU C 2434 29.83 34.71 -22.82
CA LEU C 2434 28.60 35.22 -23.44
C LEU C 2434 28.86 35.87 -24.79
N GLN C 2435 27.97 35.57 -25.75
CA GLN C 2435 28.03 36.22 -27.05
C GLN C 2435 27.89 37.73 -26.91
N ASP C 2436 26.96 38.18 -26.06
CA ASP C 2436 26.74 39.58 -25.77
C ASP C 2436 27.12 39.80 -24.30
N CYS C 2437 28.40 40.10 -24.06
CA CYS C 2437 28.95 40.28 -22.73
C CYS C 2437 29.61 41.64 -22.62
N LYS C 2438 29.41 42.30 -21.47
CA LYS C 2438 29.94 43.63 -21.24
C LYS C 2438 30.99 43.69 -20.16
N ALA C 2439 30.67 43.25 -18.94
CA ALA C 2439 31.60 43.34 -17.82
C ALA C 2439 31.76 42.05 -17.02
N ASP C 2440 30.80 41.13 -17.07
CA ASP C 2440 30.87 39.86 -16.37
C ASP C 2440 31.32 38.73 -17.29
N CYS C 2441 32.30 39.04 -18.15
CA CYS C 2441 32.73 38.11 -19.20
C CYS C 2441 33.15 36.76 -18.63
N ASN C 2442 33.65 36.73 -17.39
CA ASN C 2442 34.15 35.51 -16.77
C ASN C 2442 33.09 34.81 -15.94
N LEU C 2443 31.82 35.00 -16.25
CA LEU C 2443 30.74 34.41 -15.45
C LEU C 2443 29.44 34.37 -16.25
N LEU C 2444 28.74 33.24 -16.18
CA LEU C 2444 27.52 33.01 -16.93
C LEU C 2444 26.40 32.77 -15.91
N PRO C 2445 25.50 33.73 -15.72
CA PRO C 2445 24.32 33.47 -14.87
C PRO C 2445 23.28 32.67 -15.64
N MET C 2446 22.87 31.54 -15.07
CA MET C 2446 21.87 30.66 -15.66
C MET C 2446 20.72 30.49 -14.67
N VAL C 2447 19.51 30.88 -15.08
CA VAL C 2447 18.35 30.75 -14.21
C VAL C 2447 17.82 29.31 -14.21
N ILE C 2448 17.60 28.78 -13.02
CA ILE C 2448 17.05 27.45 -12.77
C ILE C 2448 15.83 27.63 -11.87
N PHE C 2449 14.82 26.78 -12.05
CA PHE C 2449 13.57 26.84 -11.29
C PHE C 2449 13.51 25.61 -10.39
N SER C 2450 13.81 25.80 -9.10
CA SER C 2450 13.83 24.70 -8.14
C SER C 2450 12.41 24.43 -7.66
N ASP C 2451 11.78 23.40 -8.23
CA ASP C 2451 10.40 23.09 -7.89
C ASP C 2451 10.31 22.46 -6.50
N LYS C 2452 9.08 22.28 -6.02
CA LYS C 2452 8.84 21.81 -4.66
C LYS C 2452 9.00 20.30 -4.55
N VAL C 2453 8.63 19.75 -3.40
CA VAL C 2453 8.58 18.31 -3.17
C VAL C 2453 7.35 18.01 -2.32
N SER C 2454 6.61 16.97 -2.71
CA SER C 2454 5.45 16.55 -1.95
C SER C 2454 5.59 15.08 -1.57
N PRO C 2455 5.18 14.71 -0.36
CA PRO C 2455 5.24 13.30 0.05
C PRO C 2455 4.33 12.45 -0.82
N PRO C 2456 4.73 11.22 -1.14
CA PRO C 2456 3.87 10.33 -1.93
C PRO C 2456 2.85 9.55 -1.12
N SER C 2457 2.57 9.97 0.12
CA SER C 2457 1.55 9.30 0.93
C SER C 2457 0.16 9.42 0.31
N LEU C 2458 -0.02 10.34 -0.65
CA LEU C 2458 -1.31 10.48 -1.31
C LEU C 2458 -1.71 9.17 -2.00
N GLY C 2459 -0.82 8.61 -2.80
CA GLY C 2459 -1.02 7.31 -3.43
C GLY C 2459 -2.38 7.13 -4.04
N PHE C 2460 -3.18 6.24 -3.44
CA PHE C 2460 -4.57 6.08 -3.83
C PHE C 2460 -5.37 7.26 -3.33
N LEU C 2461 -5.29 8.38 -4.03
CA LEU C 2461 -5.93 9.64 -3.64
C LEU C 2461 -7.44 9.54 -3.83
N ALA C 2462 -8.12 10.66 -3.62
CA ALA C 2462 -9.57 10.74 -3.68
C ALA C 2462 -10.08 10.48 -5.09
N GLY C 2463 -11.33 10.02 -5.16
CA GLY C 2463 -12.00 9.72 -6.40
C GLY C 2463 -11.92 8.27 -6.82
N TYR C 2464 -10.83 7.58 -6.52
CA TYR C 2464 -10.74 6.16 -6.87
C TYR C 2464 -10.44 5.22 -5.70
N GLY C 2465 -9.30 5.37 -5.05
CA GLY C 2465 -8.93 4.46 -3.97
C GLY C 2465 -9.52 4.68 -2.59
N ILE C 2466 -9.03 5.72 -1.92
CA ILE C 2466 -9.40 5.98 -0.53
C ILE C 2466 -10.87 6.37 -0.42
N VAL C 2467 -11.37 7.14 -1.39
CA VAL C 2467 -12.81 7.40 -1.47
C VAL C 2467 -13.59 6.08 -1.54
N GLY C 2468 -13.10 5.13 -2.33
CA GLY C 2468 -13.69 3.80 -2.29
C GLY C 2468 -13.74 3.24 -0.87
N LEU C 2469 -12.56 2.98 -0.28
CA LEU C 2469 -12.52 2.37 1.04
C LEU C 2469 -13.47 3.07 2.01
N TYR C 2470 -13.48 4.40 1.96
CA TYR C 2470 -14.47 5.20 2.68
C TYR C 2470 -15.89 4.75 2.41
N VAL C 2471 -16.27 4.63 1.14
CA VAL C 2471 -17.68 4.39 0.88
C VAL C 2471 -18.08 3.00 1.35
N GLU C 2472 -17.21 2.00 1.17
CA GLU C 2472 -17.56 0.68 1.72
C GLU C 2472 -17.72 0.75 3.24
N ILE C 2473 -16.79 1.39 3.94
CA ILE C 2473 -16.89 1.34 5.40
C ILE C 2473 -18.13 2.09 5.88
N VAL C 2474 -18.47 3.21 5.24
CA VAL C 2474 -19.66 3.94 5.67
C VAL C 2474 -20.92 3.15 5.38
N LEU C 2475 -20.95 2.42 4.25
CA LEU C 2475 -22.13 1.60 3.97
C LEU C 2475 -22.26 0.46 4.97
N VAL C 2476 -21.15 -0.20 5.32
CA VAL C 2476 -21.26 -1.33 6.25
C VAL C 2476 -21.69 -0.86 7.63
N VAL C 2477 -21.14 0.27 8.11
CA VAL C 2477 -21.52 0.74 9.44
C VAL C 2477 -22.98 1.21 9.43
N GLY C 2478 -23.39 1.88 8.35
CA GLY C 2478 -24.78 2.31 8.26
C GLY C 2478 -25.74 1.14 8.22
N LYS C 2479 -25.39 0.08 7.49
CA LYS C 2479 -26.23 -1.11 7.48
C LYS C 2479 -26.32 -1.73 8.86
N PHE C 2480 -25.19 -1.81 9.58
CA PHE C 2480 -25.21 -2.37 10.93
C PHE C 2480 -26.11 -1.55 11.85
N VAL C 2481 -25.98 -0.22 11.83
CA VAL C 2481 -26.77 0.62 12.71
C VAL C 2481 -28.25 0.55 12.35
N ARG C 2482 -28.56 0.55 11.05
CA ARG C 2482 -29.96 0.48 10.64
C ARG C 2482 -30.58 -0.85 11.04
N GLY C 2483 -29.83 -1.94 10.91
CA GLY C 2483 -30.34 -3.23 11.37
C GLY C 2483 -30.53 -3.26 12.87
N PHE C 2484 -29.62 -2.63 13.62
CA PHE C 2484 -29.75 -2.58 15.07
C PHE C 2484 -30.98 -1.79 15.50
N PHE C 2485 -31.27 -0.69 14.80
CA PHE C 2485 -32.27 0.26 15.25
C PHE C 2485 -33.66 -0.02 14.70
N SER C 2486 -33.77 -0.56 13.49
CA SER C 2486 -35.05 -0.71 12.81
C SER C 2486 -35.68 -2.08 13.04
N GLU C 2487 -34.86 -3.14 13.11
CA GLU C 2487 -35.38 -4.49 13.17
C GLU C 2487 -36.06 -4.80 14.50
N ILE C 2488 -35.94 -3.92 15.50
CA ILE C 2488 -36.42 -4.25 16.83
C ILE C 2488 -37.92 -4.01 16.93
N SER C 2489 -38.69 -4.91 16.34
CA SER C 2489 -40.13 -5.05 16.49
C SER C 2489 -40.54 -6.49 16.73
N HIS C 2490 -39.84 -7.44 16.11
CA HIS C 2490 -40.26 -8.84 16.12
C HIS C 2490 -40.05 -9.52 17.46
N SER C 2491 -39.16 -8.99 18.31
CA SER C 2491 -38.75 -9.69 19.53
C SER C 2491 -39.52 -9.23 20.76
N ILE C 2492 -40.45 -8.29 20.60
CA ILE C 2492 -41.11 -7.67 21.75
C ILE C 2492 -41.82 -8.71 22.60
N MET C 2493 -42.14 -9.86 22.01
CA MET C 2493 -42.69 -10.98 22.78
C MET C 2493 -41.71 -11.44 23.86
N PHE C 2494 -40.43 -11.13 23.71
CA PHE C 2494 -39.42 -11.54 24.67
C PHE C 2494 -38.90 -10.41 25.57
N GLU C 2495 -39.35 -9.17 25.39
CA GLU C 2495 -38.94 -8.11 26.32
C GLU C 2495 -40.09 -7.49 27.10
N GLU C 2496 -41.31 -7.62 26.66
CA GLU C 2496 -42.39 -6.90 27.31
C GLU C 2496 -42.80 -7.52 28.61
N LEU C 2497 -42.09 -8.59 28.96
CA LEU C 2497 -42.36 -9.44 30.11
C LEU C 2497 -42.49 -8.60 31.38
N PRO C 2498 -43.68 -8.49 31.95
CA PRO C 2498 -43.84 -7.68 33.16
C PRO C 2498 -43.24 -8.34 34.39
N CYS C 2499 -43.46 -9.64 34.54
CA CYS C 2499 -42.96 -10.41 35.67
C CYS C 2499 -42.22 -11.63 35.15
N VAL C 2500 -41.06 -11.92 35.76
CA VAL C 2500 -40.20 -12.98 35.26
C VAL C 2500 -39.77 -13.90 36.39
N ASP C 2501 -40.43 -13.80 37.55
CA ASP C 2501 -39.98 -14.55 38.71
C ASP C 2501 -40.11 -16.06 38.51
N ARG C 2502 -41.21 -16.50 37.89
CA ARG C 2502 -41.42 -17.93 37.69
C ARG C 2502 -40.32 -18.54 36.82
N ILE C 2503 -39.99 -17.88 35.73
CA ILE C 2503 -38.99 -18.43 34.81
C ILE C 2503 -37.60 -18.38 35.43
N LEU C 2504 -37.31 -17.32 36.21
CA LEU C 2504 -36.05 -17.30 36.97
C LEU C 2504 -35.98 -18.46 37.93
N LYS C 2505 -37.07 -18.75 38.64
CA LYS C 2505 -37.08 -19.89 39.55
C LYS C 2505 -36.85 -21.19 38.80
N LEU C 2506 -37.47 -21.33 37.62
CA LEU C 2506 -37.29 -22.54 36.84
C LEU C 2506 -35.84 -22.70 36.39
N CYS C 2507 -35.23 -21.61 35.90
CA CYS C 2507 -33.85 -21.68 35.43
C CYS C 2507 -32.88 -21.95 36.58
N GLN C 2508 -33.11 -21.30 37.73
CA GLN C 2508 -32.28 -21.56 38.90
C GLN C 2508 -32.44 -22.99 39.37
N ASP C 2509 -33.65 -23.54 39.26
CA ASP C 2509 -33.85 -24.95 39.59
C ASP C 2509 -33.09 -25.86 38.63
N ILE C 2510 -33.06 -25.49 37.35
CA ILE C 2510 -32.27 -26.26 36.38
C ILE C 2510 -30.81 -26.26 36.78
N PHE C 2511 -30.26 -25.08 37.06
CA PHE C 2511 -28.86 -25.00 37.47
C PHE C 2511 -28.60 -25.79 38.75
N LEU C 2512 -29.51 -25.68 39.72
CA LEU C 2512 -29.31 -26.34 41.01
C LEU C 2512 -29.37 -27.85 40.89
N VAL C 2513 -30.35 -28.37 40.13
CA VAL C 2513 -30.43 -29.81 39.94
C VAL C 2513 -29.26 -30.30 39.11
N ARG C 2514 -28.69 -29.43 38.27
CA ARG C 2514 -27.45 -29.80 37.58
C ARG C 2514 -26.29 -29.92 38.56
N GLU C 2515 -26.15 -28.96 39.47
CA GLU C 2515 -24.99 -28.95 40.36
C GLU C 2515 -25.01 -30.08 41.38
N THR C 2516 -26.16 -30.72 41.60
CA THR C 2516 -26.27 -31.85 42.50
C THR C 2516 -26.23 -33.19 41.77
N ARG C 2517 -26.01 -33.18 40.45
CA ARG C 2517 -25.74 -34.39 39.66
C ARG C 2517 -26.91 -35.37 39.64
N GLU C 2518 -28.15 -34.89 39.69
CA GLU C 2518 -29.32 -35.72 39.36
C GLU C 2518 -29.77 -35.36 37.94
N LEU C 2519 -29.10 -35.98 36.98
CA LEU C 2519 -29.32 -35.65 35.58
C LEU C 2519 -30.70 -36.09 35.08
N GLU C 2520 -31.44 -36.87 35.88
CA GLU C 2520 -32.73 -37.42 35.46
C GLU C 2520 -33.89 -36.44 35.59
N LEU C 2521 -33.65 -35.22 36.07
CA LEU C 2521 -34.65 -34.16 36.08
C LEU C 2521 -34.28 -33.01 35.16
N GLU C 2522 -33.03 -32.95 34.72
CA GLU C 2522 -32.58 -31.87 33.86
C GLU C 2522 -33.33 -31.89 32.52
N GLU C 2523 -33.55 -33.09 31.98
CA GLU C 2523 -34.29 -33.19 30.73
C GLU C 2523 -35.74 -32.72 30.90
N GLU C 2524 -36.38 -33.07 32.02
CA GLU C 2524 -37.76 -32.65 32.25
C GLU C 2524 -37.85 -31.14 32.38
N LEU C 2525 -36.96 -30.55 33.18
CA LEU C 2525 -36.98 -29.10 33.35
C LEU C 2525 -36.70 -28.40 32.03
N TYR C 2526 -35.75 -28.91 31.25
CA TYR C 2526 -35.43 -28.31 29.96
C TYR C 2526 -36.60 -28.42 28.99
N ALA C 2527 -37.28 -29.57 29.00
CA ALA C 2527 -38.44 -29.73 28.13
C ALA C 2527 -39.55 -28.75 28.49
N LYS C 2528 -39.81 -28.59 29.79
CA LYS C 2528 -40.79 -27.60 30.22
C LYS C 2528 -40.38 -26.21 29.77
N LEU C 2529 -39.10 -25.88 29.92
CA LEU C 2529 -38.64 -24.54 29.60
C LEU C 2529 -38.77 -24.25 28.11
N ILE C 2530 -38.39 -25.22 27.26
CA ILE C 2530 -38.54 -25.06 25.82
C ILE C 2530 -40.00 -24.93 25.43
N PHE C 2531 -40.87 -25.78 26.01
CA PHE C 2531 -42.28 -25.65 25.70
C PHE C 2531 -42.81 -24.27 26.09
N LEU C 2532 -42.27 -23.71 27.18
CA LEU C 2532 -42.65 -22.35 27.56
C LEU C 2532 -42.25 -21.35 26.49
N TYR C 2533 -41.00 -21.43 26.00
CA TYR C 2533 -40.64 -20.54 24.91
C TYR C 2533 -41.19 -20.98 23.56
N ARG C 2534 -41.86 -22.12 23.49
CA ARG C 2534 -42.47 -22.58 22.24
C ARG C 2534 -43.84 -21.98 21.97
N SER C 2535 -44.44 -21.29 22.94
CA SER C 2535 -45.78 -20.75 22.74
C SER C 2535 -45.93 -19.43 23.51
N PRO C 2536 -46.02 -18.30 22.81
CA PRO C 2536 -46.14 -17.01 23.52
C PRO C 2536 -47.39 -16.90 24.38
N GLU C 2537 -48.46 -17.62 24.03
CA GLU C 2537 -49.68 -17.54 24.83
C GLU C 2537 -49.46 -18.03 26.24
N THR C 2538 -48.76 -19.16 26.40
CA THR C 2538 -48.44 -19.64 27.73
C THR C 2538 -47.48 -18.69 28.44
N MET C 2539 -46.55 -18.09 27.69
CA MET C 2539 -45.65 -17.11 28.29
C MET C 2539 -46.44 -15.95 28.88
N ILE C 2540 -47.47 -15.49 28.18
CA ILE C 2540 -48.34 -14.46 28.72
C ILE C 2540 -49.09 -15.00 29.94
N LYS C 2541 -49.60 -16.23 29.83
CA LYS C 2541 -50.31 -16.86 30.93
C LYS C 2541 -49.41 -17.09 32.13
N TRP C 2542 -48.11 -17.27 31.90
CA TRP C 2542 -47.16 -17.58 32.95
C TRP C 2542 -46.56 -16.35 33.61
N THR C 2543 -46.85 -15.15 33.11
CA THR C 2543 -46.18 -13.94 33.56
C THR C 2543 -47.18 -12.86 33.93
N ARG C 2544 -48.27 -13.24 34.59
CA ARG C 2544 -49.19 -12.25 35.14
C ARG C 2544 -48.59 -11.64 36.41
N GLU C 2545 -49.35 -10.75 37.04
CA GLU C 2545 -48.88 -10.00 38.20
C GLU C 2545 -49.54 -10.52 39.46
N ARG C 2546 -48.73 -10.76 40.49
CA ARG C 2546 -49.24 -11.27 41.75
C ARG C 2546 -50.01 -10.19 42.50
N GLU C 2547 -50.86 -10.63 43.42
CA GLU C 2547 -51.76 -9.74 44.15
C GLU C 2547 -51.48 -9.80 45.64
C23 PLX D . -19.58 50.96 9.03
C22 PLX D . -19.49 52.47 8.87
C21 PLX D . -20.69 53.00 8.09
C20 PLX D . -22.00 52.62 8.79
C19 PLX D . -23.18 53.30 8.11
C18 PLX D . -24.49 52.92 8.80
C17 PLX D . -25.66 53.71 8.22
C16 PLX D . -26.97 53.27 8.84
C15 PLX D . -28.14 54.01 8.21
C14 PLX D . -29.47 53.39 8.63
C13 PLX D . -30.62 54.03 7.88
C12 PLX D . -31.93 53.27 8.14
C11 PLX D . -33.06 53.83 7.28
C10 PLX D . -34.36 53.08 7.55
C9 PLX D . -35.50 53.63 6.72
C8 PLX D . -36.83 53.00 7.12
C7 PLX D . -38.00 53.63 6.37
C6 PLX D . -39.32 53.17 6.96
O7 PLX D . -40.39 53.62 6.12
O6 PLX D . -39.34 51.75 7.03
C4 PLX D . -40.30 51.26 7.96
C3 PLX D . -41.59 50.93 7.25
O4 PLX D . -42.60 50.98 8.23
P1 PLX D . -44.12 51.00 7.71
O1 PLX D . -44.98 51.20 9.06
C2 PLX D . -46.41 51.10 8.99
C1 PLX D . -47.05 51.82 10.17
N1 PLX D . -47.12 53.26 9.90
C1C PLX D . -48.14 53.51 8.88
C1B PLX D . -47.46 53.97 11.13
C1A PLX D . -45.82 53.74 9.40
O2 PLX D . -44.43 49.62 7.15
C5 PLX D . -39.74 50.02 8.62
O8 PLX D . -38.57 50.36 9.37
C24 PLX D . -37.79 49.21 9.70
O9 PLX D . -38.54 48.38 10.60
C25 PLX D . -36.52 49.67 10.40
C26 PLX D . -35.56 48.52 10.61
C27 PLX D . -34.27 49.00 11.28
C28 PLX D . -33.27 47.87 11.47
C29 PLX D . -31.94 48.41 11.99
C30 PLX D . -30.92 47.29 12.14
C31 PLX D . -29.57 47.85 12.57
C32 PLX D . -28.52 46.74 12.67
C33 PLX D . -27.14 47.32 12.92
C34 PLX D . -26.07 46.24 12.87
C35 PLX D . -24.67 46.85 12.89
C36 PLX D . -23.60 45.76 12.82
C37 PLX D . -22.20 46.36 12.79
C38 PLX D . -22.00 47.22 11.54
C39 PLX D . -20.58 47.74 11.47
O3 PLX D . -44.31 52.22 6.85
C23 PLX E . -36.57 31.21 -22.58
C22 PLX E . -37.65 32.19 -22.19
C21 PLX E . -37.73 33.36 -23.17
C20 PLX E . -36.98 34.59 -22.67
C19 PLX E . -35.51 34.57 -23.08
C18 PLX E . -34.87 35.94 -22.82
C17 PLX E . -35.51 37.01 -23.69
C16 PLX E . -35.19 38.41 -23.19
C15 PLX E . -36.13 39.43 -23.81
C14 PLX E . -36.27 40.69 -22.94
C13 PLX E . -37.68 41.28 -22.90
C12 PLX E . -37.70 42.72 -22.34
C11 PLX E . -39.10 43.21 -21.95
C10 PLX E . -39.20 44.74 -21.92
C9 PLX E . -40.29 45.30 -21.02
C8 PLX E . -40.23 46.84 -21.01
C7 PLX E . -41.27 47.45 -20.06
C6 PLX E . -41.26 48.98 -20.12
O7 PLX E . -41.52 49.41 -21.46
O6 PLX E . -42.28 49.47 -19.25
C4 PLX E . -42.53 50.86 -19.49
C3 PLX E . -43.88 51.03 -20.17
O4 PLX E . -44.89 50.72 -19.20
P1 PLX E . -46.24 51.58 -19.06
O1 PLX E . -47.11 50.67 -18.05
C2 PLX E . -48.14 51.24 -17.26
C1 PLX E . -48.84 50.15 -16.46
N1 PLX E . -47.89 49.48 -15.55
C1C PLX E . -47.09 50.49 -14.84
C1B PLX E . -48.64 48.68 -14.57
C1A PLX E . -47.00 48.59 -16.32
O2 PLX E . -46.93 51.61 -20.40
C5 PLX E . -42.59 51.60 -18.17
O8 PLX E . -41.32 51.66 -17.54
C24 PLX E . -41.40 52.36 -16.30
O9 PLX E . -42.11 53.60 -16.50
C25 PLX E . -39.99 52.66 -15.78
C26 PLX E . -39.07 53.07 -16.93
C27 PLX E . -38.63 51.84 -17.71
C28 PLX E . -38.20 52.20 -19.13
C29 PLX E . -38.00 50.93 -19.95
C30 PLX E . -37.72 51.24 -21.41
C31 PLX E . -37.71 49.94 -22.22
C32 PLX E . -37.35 50.19 -23.68
C33 PLX E . -37.39 48.88 -24.46
C34 PLX E . -36.67 49.01 -25.80
C35 PLX E . -36.51 47.64 -26.45
C36 PLX E . -35.57 47.71 -27.64
C37 PLX E . -35.39 46.33 -28.28
C38 PLX E . -34.41 46.40 -29.44
C39 PLX E . -34.32 45.05 -30.14
O3 PLX E . -45.89 52.87 -18.34
C27 PEE F . -23.42 14.12 -2.95
C26 PEE F . -24.78 13.48 -2.83
C25 PEE F . -25.30 13.55 -1.40
C24 PEE F . -26.72 13.01 -1.35
C23 PEE F . -27.60 13.80 -2.29
C22 PEE F . -29.01 13.26 -2.34
C21 PEE F . -29.81 14.13 -3.27
C20 PEE F . -31.29 13.83 -3.23
C19 PEE F . -32.03 15.03 -3.78
C18 PEE F . -33.44 15.13 -3.24
C17 PEE F . -33.67 14.57 -1.84
C16 PEE F . -34.89 15.30 -1.32
C15 PEE F . -35.75 14.44 -0.44
C14 PEE F . -35.58 14.49 1.07
C13 PEE F . -36.41 15.67 1.53
C12 PEE F . -37.37 15.56 2.70
C11 PEE F . -38.10 16.90 2.82
C10 PEE F . -38.78 16.87 4.13
O4 PEE F . -39.93 16.58 4.31
O2 PEE F . -37.97 17.17 5.15
C2 PEE F . -37.88 16.41 6.33
C1 PEE F . -38.44 15.00 6.25
O3P PEE F . -39.85 15.00 6.15
P PEE F . -40.84 15.54 7.36
O2P PEE F . -40.38 16.80 7.95
O1P PEE F . -41.47 14.38 8.04
O4P PEE F . -42.16 16.04 6.38
C4 PEE F . -42.96 16.92 7.01
C5 PEE F . -43.97 17.40 5.97
N PEE F . -44.64 18.64 6.54
C3 PEE F . -36.40 16.35 6.66
O3 PEE F . -36.04 15.15 7.23
C30 PEE F . -35.51 15.39 8.51
O5 PEE F . -36.05 16.10 9.34
C31 PEE F . -34.21 14.68 8.70
C32 PEE F . -33.17 15.35 7.86
C33 PEE F . -32.73 16.63 8.50
C34 PEE F . -31.36 16.51 9.15
C35 PEE F . -30.29 16.57 8.09
C36 PEE F . -29.06 15.80 8.50
C37 PEE F . -27.87 16.31 7.73
C38 PEE F . -28.08 16.23 6.22
C39 PEE F . -27.60 14.89 5.69
C40 PEE F . -27.53 14.92 4.16
C41 PEE F . -27.04 13.58 3.63
C42 PEE F . -25.55 13.39 3.82
C43 PEE F . -25.01 12.48 2.72
C44 PEE F . -25.74 12.79 1.42
C45 PEE F . -27.00 11.94 1.28
C46 PEE F . -28.24 12.82 1.15
C47 PEE F . -27.89 14.27 0.93
C P5S G . -51.48 65.28 -37.14
N P5S G . -50.82 65.93 -34.86
O P5S G . -52.47 64.68 -36.68
C1 P5S G . -45.49 61.10 -35.75
C2 P5S G . -46.11 61.74 -36.98
C3 P5S G . -45.83 63.22 -37.09
CA P5S G . -50.86 66.37 -36.27
CB P5S G . -49.46 66.74 -36.74
OG P5S G . -48.52 65.78 -36.20
P12 P5S G . -48.19 64.44 -37.01
O13 P5S G . -47.90 64.81 -38.44
O15 P5S G . -49.25 63.43 -36.69
O16 P5S G . -46.81 63.97 -36.32
C17 P5S G . -43.83 59.48 -35.34
O18 P5S G . -44.24 59.34 -34.22
O19 P5S G . -44.28 60.43 -36.16
C20 P5S G . -42.76 58.66 -35.99
C21 P5S G . -42.24 57.57 -35.11
C22 P5S G . -41.28 56.63 -35.82
C23 P5S G . -40.89 55.41 -35.03
C24 P5S G . -40.05 54.41 -35.79
C25 P5S G . -39.64 53.21 -34.99
C26 P5S G . -38.86 52.18 -35.78
C27 P5S G . -38.35 51.03 -34.95
C28 P5S G . -37.58 50.00 -35.73
C29 P5S G . -36.91 48.95 -34.88
C30 P5S G . -37.85 48.22 -33.96
C31 P5S G . -37.19 47.12 -33.15
C32 P5S G . -36.44 46.12 -33.99
C33 P5S G . -35.85 44.97 -33.21
C34 P5S G . -35.06 44.00 -34.04
C35 P5S G . -34.46 42.86 -33.25
C36 P5S G . -33.66 41.89 -34.09
O37 P5S G . -47.55 61.55 -36.93
C38 P5S G . -48.07 60.41 -37.40
C39 P5S G . -47.06 59.51 -38.05
C40 P5S G . -46.97 58.18 -37.39
C41 P5S G . -45.76 57.39 -37.83
C42 P5S G . -45.65 56.05 -37.17
C43 P5S G . -44.40 55.26 -37.49
C44 P5S G . -44.25 54.01 -36.67
C45 P5S G . -43.13 53.09 -37.12
C46 P5S G . -42.99 51.86 -36.28
O47 P5S G . -49.24 60.15 -37.30
C48 P5S G . -41.99 50.86 -36.79
C49 P5S G . -41.86 49.62 -35.94
C50 P5S G . -40.89 48.60 -36.48
C51 P5S G . -40.81 47.34 -35.65
C52 P5S G . -39.82 46.33 -36.17
C53 P5S G . -39.69 45.09 -35.30
C54 P5S G . -38.69 44.09 -35.79
C55 P5S G . -38.53 42.89 -34.90
C56 P5S G . -37.47 41.92 -35.37
OXT P5S G . -50.95 65.06 -38.25
C23 PLX H . -13.58 -26.41 -46.70
C22 PLX H . -13.21 -26.98 -48.06
C21 PLX H . -13.40 -28.49 -48.09
C20 PLX H . -14.83 -28.86 -47.74
C19 PLX H . -15.06 -30.36 -47.93
C18 PLX H . -16.49 -30.74 -47.56
C17 PLX H . -16.76 -32.20 -47.90
C16 PLX H . -18.15 -32.61 -47.45
C15 PLX H . -18.40 -34.08 -47.73
C14 PLX H . -19.69 -34.56 -47.05
C13 PLX H . -19.84 -36.07 -47.18
C12 PLX H . -21.00 -36.58 -46.34
C11 PLX H . -21.08 -38.10 -46.36
C10 PLX H . -22.25 -38.59 -45.51
C9 PLX H . -22.34 -40.11 -45.55
C8 PLX H . -23.61 -40.59 -44.86
C7 PLX H . -23.78 -42.09 -44.99
C6 PLX H . -25.16 -42.53 -44.51
O7 PLX H . -25.22 -43.97 -44.47
O6 PLX H . -25.40 -42.00 -43.21
C4 PLX H . -26.78 -41.95 -42.89
C3 PLX H . -27.17 -43.19 -42.11
O4 PLX H . -28.57 -43.34 -42.30
P1 PLX H . -29.22 -44.73 -41.87
O1 PLX H . -30.75 -44.61 -42.34
C2 PLX H . -31.68 -45.63 -41.96
C1 PLX H . -32.88 -45.62 -42.91
N1 PLX H . -32.56 -46.35 -44.14
C1C PLX H . -32.48 -47.79 -43.86
C1B PLX H . -33.59 -46.10 -45.14
C1A PLX H . -31.26 -45.89 -44.66
O2 PLX H . -29.20 -44.81 -40.36
C5 PLX H . -27.03 -40.71 -42.05
O8 PLX H . -26.74 -39.56 -42.82
C24 PLX H . -26.61 -38.39 -42.01
O9 PLX H . -27.86 -38.09 -41.39
C25 PLX H . -26.19 -37.22 -42.89
C26 PLX H . -25.84 -35.99 -42.06
C27 PLX H . -25.38 -34.84 -42.96
C28 PLX H . -24.99 -33.61 -42.15
C29 PLX H . -24.40 -32.55 -43.06
C30 PLX H . -23.96 -31.33 -42.25
C31 PLX H . -23.28 -30.30 -43.16
C32 PLX H . -22.77 -29.11 -42.35
C33 PLX H . -21.97 -28.16 -43.23
C34 PLX H . -21.33 -27.05 -42.40
C35 PLX H . -20.32 -26.27 -43.22
C36 PLX H . -19.68 -25.16 -42.38
C37 PLX H . -18.64 -24.39 -43.18
C38 PLX H . -17.50 -25.30 -43.61
C39 PLX H . -16.42 -24.51 -44.33
O3 PLX H . -28.57 -45.82 -42.69
C23 PLX I . -4.54 -50.74 -15.02
C22 PLX I . -5.43 -51.62 -15.87
C21 PLX I . -4.63 -52.69 -16.62
C20 PLX I . -4.34 -52.27 -18.05
C19 PLX I . -3.05 -51.47 -18.18
C18 PLX I . -2.63 -51.33 -19.64
C17 PLX I . -2.30 -52.69 -20.24
C16 PLX I . -2.28 -52.66 -21.76
C15 PLX I . -2.33 -54.07 -22.33
C14 PLX I . -2.90 -54.08 -23.76
C13 PLX I . -3.82 -55.27 -24.07
C12 PLX I . -4.06 -55.46 -25.57
C11 PLX I . -5.24 -56.38 -25.91
C10 PLX I . -5.13 -56.98 -27.32
C9 PLX I . -6.46 -57.40 -27.94
C8 PLX I . -6.24 -57.89 -29.37
C7 PLX I . -7.56 -58.28 -30.06
C6 PLX I . -7.32 -58.85 -31.47
O7 PLX I . -6.47 -59.99 -31.39
O6 PLX I . -8.58 -59.22 -32.03
C4 PLX I . -8.41 -60.03 -33.19
C3 PLX I . -8.81 -61.47 -32.88
O4 PLX I . -10.23 -61.48 -32.72
P1 PLX I . -11.14 -62.67 -33.33
O1 PLX I . -12.57 -62.37 -32.65
C2 PLX I . -13.78 -62.82 -33.25
C1 PLX I . -14.97 -62.45 -32.36
N1 PLX I . -15.06 -60.99 -32.21
C1C PLX I . -14.91 -60.34 -33.53
C1B PLX I . -16.37 -60.64 -31.65
C1A PLX I . -14.01 -60.51 -31.31
O2 PLX I . -10.64 -63.99 -32.80
C5 PLX I . -9.32 -59.53 -34.29
O8 PLX I . -8.91 -58.26 -34.78
C24 PLX I . -9.77 -57.82 -35.82
O9 PLX I . -9.95 -58.88 -36.78
C25 PLX I . -9.16 -56.61 -36.53
C26 PLX I . -7.65 -56.79 -36.70
C27 PLX I . -6.94 -56.51 -35.39
C28 PLX I . -5.57 -57.19 -35.33
C29 PLX I . -5.01 -57.09 -33.92
C30 PLX I . -3.71 -57.90 -33.78
C31 PLX I . -3.27 -57.92 -32.32
C32 PLX I . -1.94 -58.63 -32.14
C33 PLX I . -1.56 -58.68 -30.67
C34 PLX I . -0.08 -59.02 -30.48
C35 PLX I . 0.33 -58.82 -29.03
C36 PLX I . 1.84 -58.90 -28.87
C37 PLX I . 2.25 -58.67 -27.42
C38 PLX I . 3.77 -58.69 -27.28
C39 PLX I . 4.17 -58.59 -25.82
O3 PLX I . -11.26 -62.44 -34.82
C27 PEE J . -11.98 -23.45 -7.92
C26 PEE J . -13.07 -24.13 -7.12
C25 PEE J . -14.46 -23.66 -7.56
C24 PEE J . -15.51 -24.45 -6.81
C23 PEE J . -15.33 -25.94 -7.08
C22 PEE J . -16.31 -26.78 -6.31
C21 PEE J . -16.07 -28.22 -6.67
C20 PEE J . -17.14 -29.14 -6.14
C19 PEE J . -17.10 -30.42 -6.93
C18 PEE J . -18.43 -31.14 -6.96
C17 PEE J . -19.67 -30.26 -6.84
C16 PEE J . -20.78 -31.08 -7.47
C15 PEE J . -22.11 -30.86 -6.80
C14 PEE J . -23.09 -29.84 -7.37
C13 PEE J . -23.84 -30.56 -8.47
C12 PEE J . -25.35 -30.50 -8.57
C11 PEE J . -25.77 -31.42 -9.72
C10 PEE J . -27.18 -31.10 -10.00
O4 PEE J . -28.13 -31.72 -9.58
O2 PEE J . -27.33 -30.02 -10.76
C2 PEE J . -28.23 -28.97 -10.45
C1 PEE J . -28.72 -28.92 -9.01
O3P PEE J . -29.60 -29.98 -8.73
P PEE J . -31.09 -30.15 -9.43
O2P PEE J . -31.05 -29.90 -10.88
O1P PEE J . -32.14 -29.78 -8.47
O4P PEE J . -31.20 -31.85 -9.35
C4 PEE J . -32.10 -32.36 -10.22
C5 PEE J . -31.97 -33.87 -10.15
N PEE J . -32.67 -34.44 -11.36
C3 PEE J . -27.48 -27.69 -10.77
O3 PEE J . -27.79 -26.65 -9.91
C30 PEE J . -28.32 -25.60 -10.64
O5 PEE J . -29.21 -25.73 -11.48
C31 PEE J . -27.67 -24.31 -10.27
C32 PEE J . -26.28 -24.31 -10.81
C33 PEE J . -26.29 -24.05 -12.29
C34 PEE J . -25.85 -22.63 -12.63
C35 PEE J . -24.34 -22.54 -12.55
C36 PEE J . -23.91 -21.13 -12.18
C37 PEE J . -22.48 -20.93 -12.62
C38 PEE J . -21.53 -21.98 -12.03
C39 PEE J . -20.99 -21.48 -10.69
C40 PEE J . -19.83 -22.37 -10.23
C41 PEE J . -19.28 -21.88 -8.90
C42 PEE J . -18.43 -20.62 -9.06
C43 PEE J . -17.38 -20.58 -7.96
C44 PEE J . -16.89 -22.00 -7.69
C45 PEE J . -17.74 -22.68 -6.63
C46 PEE J . -18.38 -23.96 -7.17
C47 PEE J . -17.80 -24.36 -8.51
C P5S K . 0.13 -82.19 -39.20
N P5S K . -1.01 -80.56 -40.68
O P5S K . -0.95 -82.40 -38.62
C1 P5S K . 2.66 -75.59 -36.87
C2 P5S K . 3.20 -77.00 -36.96
C3 P5S K . 3.65 -77.39 -38.34
CA P5S K . 0.05 -81.60 -40.62
CB P5S K . 1.37 -81.01 -41.06
OG P5S K . 1.50 -79.67 -40.52
P12 P5S K . 2.15 -79.45 -39.07
O13 P5S K . 3.43 -80.24 -39.00
O15 P5S K . 1.08 -79.67 -38.04
O16 P5S K . 2.53 -77.89 -39.12
C17 P5S K . 3.28 -73.59 -35.81
O18 P5S K . 2.17 -73.15 -35.95
O19 P5S K . 3.69 -74.74 -36.33
C20 P5S K . 4.37 -72.93 -35.03
C21 P5S K . 3.95 -71.64 -34.39
C22 P5S K . 5.00 -71.06 -33.46
C23 P5S K . 4.54 -69.87 -32.66
C24 P5S K . 5.55 -69.39 -31.63
C25 P5S K . 5.09 -68.19 -30.84
C26 P5S K . 6.07 -67.74 -29.78
C27 P5S K . 5.67 -66.47 -29.08
C28 P5S K . 6.63 -66.04 -28.01
C29 P5S K . 6.34 -64.67 -27.43
C30 P5S K . 4.94 -64.52 -26.88
C31 P5S K . 4.67 -63.18 -26.24
C32 P5S K . 5.67 -62.80 -25.17
C33 P5S K . 5.36 -61.51 -24.47
C34 P5S K . 6.38 -61.10 -23.45
C35 P5S K . 6.07 -59.80 -22.75
C36 P5S K . 7.10 -59.40 -21.72
O37 P5S K . 2.17 -77.94 -36.54
C38 P5S K . 2.02 -78.19 -35.23
C39 P5S K . 3.07 -77.55 -34.36
C40 P5S K . 2.49 -76.62 -33.36
C41 P5S K . 3.53 -75.75 -32.69
C42 P5S K . 2.96 -74.79 -31.69
C43 P5S K . 3.94 -73.83 -31.08
C44 P5S K . 3.30 -72.78 -30.21
C45 P5S K . 4.26 -71.93 -29.42
C46 P5S K . 3.59 -70.88 -28.58
O47 P5S K . 1.13 -78.88 -34.82
C48 P5S K . 4.52 -70.13 -27.66
C49 P5S K . 3.84 -69.09 -26.81
C50 P5S K . 4.77 -68.37 -25.85
C51 P5S K . 4.06 -67.35 -24.98
C52 P5S K . 4.99 -66.61 -24.04
C53 P5S K . 4.29 -65.56 -23.21
C54 P5S K . 5.21 -64.79 -22.29
C55 P5S K . 4.52 -63.70 -21.50
C56 P5S K . 5.45 -62.89 -20.63
OXT P5S K . 1.26 -82.41 -38.74
C23 PLX L . 21.49 -28.69 42.14
C22 PLX L . 22.65 -29.06 43.03
C21 PLX L . 22.36 -28.68 44.47
C20 PLX L . 21.08 -29.35 44.97
C19 PLX L . 20.89 -29.11 46.46
C18 PLX L . 19.60 -29.77 46.95
C17 PLX L . 19.48 -29.64 48.47
C16 PLX L . 18.17 -30.23 48.96
C15 PLX L . 18.02 -30.05 50.46
C14 PLX L . 16.60 -30.40 50.91
C13 PLX L . 16.42 -30.05 52.39
C12 PLX L . 14.95 -30.19 52.79
C11 PLX L . 14.73 -29.73 54.23
C10 PLX L . 13.26 -29.88 54.62
C9 PLX L . 13.04 -29.44 56.06
C8 PLX L . 11.62 -29.75 56.51
C7 PLX L . 11.42 -29.43 57.99
C6 PLX L . 10.08 -29.97 58.47
O7 PLX L . 9.83 -29.48 59.80
O6 PLX L . 9.04 -29.53 57.61
C4 PLX L . 7.88 -30.35 57.70
C3 PLX L . 6.90 -29.72 58.67
O4 PLX L . 6.07 -30.77 59.12
P1 PLX L . 5.15 -30.49 60.40
O1 PLX L . 4.46 -31.91 60.71
C2 PLX L . 3.44 -31.99 61.70
C1 PLX L . 3.32 -33.42 62.23
N1 PLX L . 4.34 -33.68 63.24
C1C PLX L . 4.01 -32.94 64.46
C1B PLX L . 4.40 -35.12 63.52
C1A PLX L . 5.65 -33.23 62.74
O2 PLX L . 4.06 -29.53 59.98
C5 PLX L . 7.25 -30.45 56.33
O8 PLX L . 8.15 -31.11 55.44
C24 PLX L . 7.80 -30.94 54.08
O9 PLX L . 6.53 -31.56 53.83
C25 PLX L . 8.86 -31.58 53.20
C26 PLX L . 8.64 -31.26 51.73
C27 PLX L . 9.74 -31.89 50.88
C28 PLX L . 9.58 -31.55 49.41
C29 PLX L . 10.76 -32.05 48.60
C30 PLX L . 10.63 -31.68 47.12
C31 PLX L . 11.87 -32.11 46.34
C32 PLX L . 11.77 -31.68 44.88
C33 PLX L . 13.07 -31.96 44.15
C34 PLX L . 13.03 -31.40 42.73
C35 PLX L . 14.41 -31.45 42.09
C36 PLX L . 14.37 -30.87 40.67
C37 PLX L . 15.75 -30.88 40.03
C38 PLX L . 16.72 -30.01 40.80
C39 PLX L . 18.07 -29.95 40.11
O3 PLX L . 6.05 -30.14 61.56
C23 PLX M . 1.61 5.52 52.77
C22 PLX M . 1.51 4.67 54.03
C21 PLX M . 2.47 5.16 55.12
C20 PLX M . 3.76 4.35 55.15
C19 PLX M . 4.83 4.91 54.21
C18 PLX M . 6.19 4.28 54.48
C17 PLX M . 6.68 4.63 55.88
C16 PLX M . 7.80 3.71 56.33
C15 PLX M . 8.01 3.81 57.84
C14 PLX M . 8.65 2.55 58.42
C13 PLX M . 8.12 2.13 59.79
C12 PLX M . 9.02 1.11 60.49
C11 PLX M . 8.36 0.39 61.69
C10 PLX M . 9.38 -0.19 62.67
C9 PLX M . 8.88 -1.35 63.51
C8 PLX M . 10.01 -1.89 64.40
C7 PLX M . 9.57 -3.11 65.21
C6 PLX M . 10.68 -3.59 66.15
O7 PLX M . 11.06 -2.54 67.04
O6 PLX M . 10.19 -4.70 66.90
C4 PLX M . 11.05 -4.99 68.00
C3 PLX M . 10.38 -4.60 69.31
O4 PLX M . 9.30 -5.51 69.54
P1 PLX M . 8.98 -6.10 70.99
O1 PLX M . 7.56 -6.83 70.74
C2 PLX M . 7.12 -7.89 71.58
C1 PLX M . 5.72 -8.33 71.17
N1 PLX M . 5.73 -8.82 69.78
C1C PLX M . 6.86 -9.74 69.58
C1B PLX M . 4.47 -9.54 69.52
C1A PLX M . 5.84 -7.69 68.85
O2 PLX M . 8.78 -4.97 71.95
C5 PLX M . 11.30 -6.49 68.07
O8 PLX M . 12.09 -6.95 66.98
C24 PLX M . 12.32 -8.35 67.06
O9 PLX M . 12.75 -8.68 68.38
C25 PLX M . 13.38 -8.76 66.06
C26 PLX M . 14.51 -7.72 66.00
C27 PLX M . 14.07 -6.52 65.19
C28 PLX M . 14.87 -5.27 65.54
C29 PLX M . 14.25 -4.04 64.91
C30 PLX M . 14.92 -2.75 65.37
C31 PLX M . 14.16 -1.55 64.83
C32 PLX M . 14.84 -0.24 65.20
C33 PLX M . 14.02 0.94 64.69
C34 PLX M . 14.84 2.23 64.68
C35 PLX M . 14.09 3.33 63.95
C36 PLX M . 14.99 4.53 63.69
C37 PLX M . 14.24 5.62 62.93
C38 PLX M . 15.16 6.80 62.63
C39 PLX M . 14.39 7.94 62.00
O3 PLX M . 10.01 -7.17 71.29
C27 PEE N . -5.24 -5.10 26.49
C26 PEE N . -6.64 -5.15 27.06
C25 PEE N . -7.20 -6.57 27.01
C24 PEE N . -8.56 -6.59 27.69
C23 PEE N . -8.42 -6.10 29.12
C22 PEE N . -9.74 -6.05 29.83
C21 PEE N . -9.50 -5.59 31.25
C20 PEE N . -10.72 -5.70 32.12
C19 PEE N . -10.27 -5.71 33.57
C18 PEE N . -11.24 -6.42 34.48
C17 PEE N . -12.05 -7.54 33.85
C16 PEE N . -12.46 -8.42 35.01
C15 PEE N . -13.81 -9.05 34.83
C14 PEE N . -13.93 -10.45 34.24
C13 PEE N . -13.73 -11.39 35.41
C12 PEE N . -14.68 -12.56 35.66
C11 PEE N . -14.23 -13.22 36.96
C10 PEE N . -14.95 -14.51 37.02
O4 PEE N . -15.96 -14.73 37.62
O2 PEE N . -14.37 -15.46 36.27
C2 PEE N . -15.07 -16.28 35.37
C1 PEE N . -16.44 -15.78 34.95
O3P PEE N . -17.37 -15.86 36.01
P PEE N . -17.89 -17.29 36.65
O2P PEE N . -16.77 -18.24 36.89
O1P PEE N . -19.26 -17.59 36.18
O4P PEE N . -18.23 -16.73 38.23
C4 PEE N . -18.27 -17.72 39.14
C5 PEE N . -18.42 -17.05 40.50
N PEE N . -18.09 -18.09 41.55
C3 PEE N . -14.17 -16.39 34.16
O3 PEE N . -14.89 -16.46 32.96
C30 PEE N . -14.58 -17.66 32.32
O5 PEE N . -14.59 -18.75 32.87
C31 PEE N . -14.25 -17.42 30.88
C32 PEE N . -12.91 -16.75 30.81
C33 PEE N . -11.82 -17.76 31.05
C34 PEE N . -11.10 -18.14 29.77
C35 PEE N . -10.13 -17.05 29.38
C36 PEE N . -9.93 -17.01 27.88
C37 PEE N . -8.62 -16.31 27.58
C38 PEE N . -8.54 -14.92 28.18
C39 PEE N . -9.08 -13.90 27.18
C40 PEE N . -8.74 -12.48 27.65
C41 PEE N . -9.27 -11.46 26.66
C42 PEE N . -8.43 -11.39 25.39
C43 PEE N . -8.51 -9.98 24.81
C44 PEE N . -8.55 -8.97 25.96
C45 PEE N . -9.98 -8.70 26.40
C46 PEE N . -10.17 -9.04 27.87
C47 PEE N . -8.86 -9.30 28.58
C P5S O . 18.48 5.23 88.98
N P5S O . 18.98 2.95 88.15
O P5S O . 17.31 4.89 89.19
C1 P5S O . 19.31 6.14 81.65
C2 P5S O . 19.57 6.97 82.88
C3 P5S O . 20.83 6.59 83.61
CA P5S O . 19.53 4.11 88.91
CB P5S O . 20.82 4.59 88.26
OG P5S O . 20.68 4.54 86.83
P12 P5S O . 20.09 5.80 86.03
O13 P5S O . 20.81 7.03 86.51
O15 P5S O . 18.59 5.73 86.10
O16 P5S O . 20.57 5.49 84.53
C17 P5S O . 19.20 6.52 79.32
O18 P5S O . 18.61 5.49 79.17
O19 P5S O . 19.72 6.91 80.49
C20 P5S O . 19.45 7.54 78.26
C21 P5S O . 18.86 7.18 76.93
C22 P5S O . 18.97 8.29 75.91
C23 P5S O . 18.22 8.02 74.63
C24 P5S O . 18.21 9.19 73.66
C25 P5S O . 17.48 8.93 72.37
C26 P5S O . 17.43 10.11 71.44
C27 P5S O . 16.80 9.80 70.10
C28 P5S O . 16.72 10.99 69.17
C29 P5S O . 16.27 10.65 67.78
C30 P5S O . 14.96 9.92 67.71
C31 P5S O . 14.47 9.65 66.30
C32 P5S O . 14.42 10.88 65.43
C33 P5S O . 13.85 10.63 64.05
C34 P5S O . 13.84 11.84 63.15
C35 P5S O . 13.29 11.58 61.77
C36 P5S O . 13.29 12.80 60.88
O37 P5S O . 18.45 6.82 83.80
C38 P5S O . 17.36 7.59 83.63
C39 P5S O . 17.52 8.64 82.57
C40 P5S O . 16.52 8.50 81.48
C41 P5S O . 16.85 9.34 80.27
C42 P5S O . 15.85 9.20 79.16
C43 P5S O . 16.19 9.94 77.89
C44 P5S O . 15.25 9.64 76.75
C45 P5S O . 15.43 10.50 75.53
C46 P5S O . 14.49 10.18 74.40
O47 P5S O . 16.38 7.44 84.30
C48 P5S O . 14.55 11.13 73.24
C49 P5S O . 13.59 10.80 72.12
C50 P5S O . 13.62 11.78 70.97
C51 P5S O . 12.63 11.45 69.88
C52 P5S O . 12.66 12.42 68.71
C53 P5S O . 11.72 12.06 67.59
C54 P5S O . 11.77 12.99 66.41
C55 P5S O . 10.86 12.60 65.27
C56 P5S O . 10.96 13.50 64.07
OXT P5S O . 18.89 6.40 88.83
#